data_8RE4
#
_entry.id   8RE4
#
_cell.length_a   1.00
_cell.length_b   1.00
_cell.length_c   1.00
_cell.angle_alpha   90.00
_cell.angle_beta   90.00
_cell.angle_gamma   90.00
#
_symmetry.space_group_name_H-M   'P 1'
#
loop_
_entity.id
_entity.type
_entity.pdbx_description
1 polymer 'DNA-directed RNA polymerase subunit alpha'
2 polymer 'DNA-directed RNA polymerase subunit beta'
3 polymer "DNA-directed RNA polymerase subunit beta'"
4 polymer 'DNA-directed RNA polymerase subunit omega'
5 polymer 'RNA polymerase sigma-54 factor'
6 polymer 'DNA (47-MER)'
7 polymer "RNA (5'-R(P*GP*CP*CP*GP*C)-3')"
8 polymer 'DNA (50-MER)'
9 non-polymer 'MAGNESIUM ION'
10 non-polymer 'ZINC ION'
#
loop_
_entity_poly.entity_id
_entity_poly.type
_entity_poly.pdbx_seq_one_letter_code
_entity_poly.pdbx_strand_id
1 'polypeptide(L)'
;SVTEFLKPRLVDIEQVSSTHAKVTLEPLERGFGHTLGNALRRILLSSMPGCAVTEVEIDGVLHEYSTKEGVQEDILEILL
NLKGLAVRVQGKDEVILTLNKSGIGPVTAADITHDGDVEIVKPQHVICHLTDENASISMRIKVQRGRGYVPASTRIHSEE
DERPIGRLLVDACYSPVERIAYNVEAARVEQRTDLDKLVIEMETNGTIDPEEAIRRAATILAEQLEAFVDLRDVRQPEVK
EEKPEFDPILLRPVDDLELTVRSANCLKAEAIHYIGDLVQRTEVELLKTPNLGKKSLTEIKDVLASRGLSLGMRLENWPP
A
;
A,B
2 'polypeptide(L)'
;MVYSYTEKKRIRKDFGKRPQVLDVPYLLSIQLDSFQKFIEQDPEGQYGLEAAFRSVFPIQSYSGNSELQYVSYRLGEPVF
DVQECQIRGVTYSAPLRVKLRLVIYEREAPEGTVKDIKEQEVYMGEIPLMTDNGTFVINGTERVIVSQLHRSPGVFFDSD
KGKTHSSGKVLYNARIIPYRGSWLDFEFDPKDNLFVRIDRRRKLPATIILRALNYTTEQILDLFFEKVIFEIRDNKLQME
LVPERLRGETASFDIEANGKVYVEKGRRITARHIRQLEKDDVKLIEVPVEYIAGKVVAKDYIDESTGELICAANMELSLD
LLAKLSQSGHKRIETLFTNDLDHGPYISETLRVDPTNDRLSALVEIYRMMRPGEPPTREAAESLFENLFFSEDRYDLSAV
GRMKFNRSLLREEIEGSGILSKDDIIDVMKKLIDIRNGKGEVDDIDHLGNRRIRSVGEMAENQFRVGLVRVERAVKERLS
LGDLDTLMPQDMINAKPISAAVKEFFGSSQLSQFMDQNNPLSEITHKRRISALGPGGLTRERAGFEVRDVHPTHYGRVCP
IETPEGPNIGLINSLSVYAQTNEYGFLETPYRKVTDGVVTDEIHYLSAIEEGNYVIAQANSNLDEEGHFVEDLVTCRSKG
ESSLFSRDQVDYMDVSTQQVVSVGASLIPFLEHDDANRALMGANMQRQAVPTLRADKPLVGTGMERAVAVDSGVTAVAKR
GGVVQYVDASRIVIKVNEDEMYPGEAGIDIYNLTKYTRSNQNTCINQMPCVSLGEPVERGDVLADGPSTDLGELALGQNM
RVAFMPWNGYNFEDSILVSERVVQEDRFTTIHIQELACVSRDTKLGPEEITADIPNVGEAALSKLDESGIVYIGAEVTGG
DILVGKVTPKGETQLTPEEKLLRAIFGEKASDVKDSSLRVPNGVSGTVIDVQVFTRDGVEKDKRALEIEEMQLKQAKKDL
SEELQILEAGLFSRIRAVLVAGGVEAEKLDKLPRDRWLELGLTDEEKQNQLEQLAEQYDELKHEFEKKLEAKRRKITQGD
DLAPGVLKIVKVYLAVKRRIQPGDKMAGRHGNKGVISKINPIEDMPYDENGTPVDIVLNPLGVPSRMNIGQILETHLGMA
AKGIGDKINAMLKQQQEVAKLREFIQRAYDLGADVRQKVDLSTFSDEEVMRLAENLRKGMPIATPVFDGAKEAEIKELLK
LGDLPTSGQIRLYDGRTGEQFERPVTVGYMYMLKLNHLVDDKMHARSTGSYSLVTQQPLGGKAQFGGQRFGEMEVWALEA
YGAAYTLQEMLTVKSDDVNGRTKMYKNIVDGNHQMEPGMPESFNVLLKEIRSLGINIELED
;
C
3 'polypeptide(L)'
;LLKFLKAQTKTEEFDAIKIALASPDMIRSWSFGEVKKPETINYRTFKPERDGLFCARIFGPVKDYECLCGKYKRLKHRGV
ICEKCGVEVTQTKVRRERMGHIELASPTAHIWFLKSLPSRIGLLLDMPLRDIERVLYFESYVVIEGGMTNLERQQILTEE
QYLDALEEFGDEFDAKMGAEAIQALLKSMDLEQECEQLREELNETNSETKRKKLTKRIKLLEAFVQSGNKPEWMILTVLP
VLPPDLRPLVPLDGGRFATSDLNDLYRRVINRNNRLKRLLDLAAPDIIVRNEKRMLQEAVDALLDNGRRGRAITGSNKRP
LKSLADMIKGKQGRFRQNLLGKRVDYSGRSVITVGPYLRLHQCGLPKKMALELFKPFIYGKLELRGLATTIKAAKKMVER
EEAVVWDILDEVIREHPVLLNRAPTLHRLGIQAFEPVLIEGKAIQLHPLVCAAYNADFDGDQMAVHVPLTLEAQLEARAL
MMSTNNILSPANGEPIIVPSQDVVLGLYYMTRDCVNAKGEGMVLTGPKEAERLYRSGLASLHARVKVRITEYEKDANGEL
VAKTSLKDTTVGRAILWMIVPKGLPYSIVNQALGKKAISKMLNTCYRILGLKPTVIFADQIMYTGFAYAARSGASVGIDD
MVIPEKKHEIISEAEAEVAEIQEQFQSGLVTAGERYNKVIDIWAAANDRVSKAMMDNLQTETVINRDGQEEKQVSFNSIY
MMADSGARGSAAQIRQLAGMRGLMAKPDGSIIETPITANFREGLNVLQYFISTHGARKGLADTALKTANSGYLTRRLVDV
AQDLVVTEDDCGTHEGIMMTPVIEGGDVKEPLRDRVLGRVTAEDVLKPGTADILVPRNTLLHEQWCDLLEENSVDAVKVR
SVVSCDTDFGVCAHCYGRDLARGHIINKGEAIGVIAAQSIGEPGTQLTMRTFHIGGAASRAAAESSIQVKNKGSIKLSNV
KSVVNSSGKLVITSRNTELKLIDEFGRTKESYKVPYGAVLAKGDGEQVAGGETVANWDPHTMPVITEVSGFVRFTDMIDG
QTITRQTDELTGLSSLVVLDSAERTAGGKDLRPALKIVDAQGNDVLIPGTDMPAQYFLPGKAIVQLEDGVQISSGDTLAR
IPQESGGTKDITGGLPRVADLFEARRPKEPAILAEISGIVSFGKETKGKRRLVITPVDGSDPYEEMIPKWRQLNVFEGER
VERGDVISDGPEAPHDILRLRGVHAVTRYIVNEVQDVYRLQGVKINDKHIEVIVRQMLRKATIVNAGSSDFLEGEQVEYS
RVKIANRELEANGKVGATYSRDLLGITKASLATESFISAASFQETTRVLTEAAVAGKRDELRGLKENVIVGRLIPAGTGY
AYHQDRMRRRAAG
;
D
4 'polypeptide(L)' ARVTVQDAVEKIGNRFDLVLVAARRARQMQVGGKDPLVPEENDKTTVIALREIEEGLINNQILDVRERQEQQEQ E
5 'polypeptide(L)'
;TAGTPSGNGVDYQDDELPVYQGETTQSLQDYLMWQVELTPFTDTDRAIATSIVDAVDDTGYLTIQIEDIVDSIGDDEIGL
EEVEAVLKRIQRFDPVGVAAKDLRDCLLIQLSQFAKETPWLEEARLIISDHLDLLANHDFRTLMRVTRLKEEVLKEAVNL
IQSLDPRPGQSIQTGEPEYVIPDVLVRKVNDRWVVELNSDSLPRLKINQQYAAMGNSARNDADGQFIRSNLQEARWLIKS
LESANDTLLRVSRCIVEQQQAFFEQGEEYMKPMVLADIAQAVEMHESTISRVTTQKYLHSPRGIFELKYFFSSHVNTEGG
GEASSTAIRALVKKLIAAENPAKPLSDSKLTSMLSEQGIMVARRTVAKYRESLSIPPSNQ
;
M
6 'polydeoxyribonucleotide'
;(DG)(DC)(DT)(DG)(DG)(DC)(DA)(DC)(DG)(DA)(DC)(DT)(DT)(DT)(DT)(DG)(DC)(DA)(DC)(DT)
(DC)(DT)(DA)(DA)(DA)(DT)(DA)(DA)(DT)(DA)(DG)(DA)(DT)(DC)(DA)(DT)(DG)(DC)(DT)(DG)
(DT)(DT)(DG)(DC)(DA)(DC)(DA)
;
N
7 'polyribonucleotide' GCCGC R
8 'polydeoxyribonucleotide'
;(DT)(DG)(DT)(DG)(DC)(DA)(DA)(DC)(DA)(DG)(DC)(DA)(DT)(DG)(DA)(DT)(DC)(DG)(DC)(DG)
(DG)(DC)(DA)(DA)(DG)(DC)(DT)(DG)(DA)(DT)(DC)(DG)(DT)(DG)(DC)(DA)(DA)(DA)(DA)(DG)
(DT)(DC)(DG)(DT)(DG)(DC)(DC)(DA)(DG)(DC)
;
T
#
loop_
_chem_comp.id
_chem_comp.type
_chem_comp.name
_chem_comp.formula
C RNA linking CYTIDINE-5'-MONOPHOSPHATE 'C9 H14 N3 O8 P'
DA DNA linking 2'-DEOXYADENOSINE-5'-MONOPHOSPHATE 'C10 H14 N5 O6 P'
DC DNA linking 2'-DEOXYCYTIDINE-5'-MONOPHOSPHATE 'C9 H14 N3 O7 P'
DG DNA linking 2'-DEOXYGUANOSINE-5'-MONOPHOSPHATE 'C10 H14 N5 O7 P'
DT DNA linking THYMIDINE-5'-MONOPHOSPHATE 'C10 H15 N2 O8 P'
G RNA linking GUANOSINE-5'-MONOPHOSPHATE 'C10 H14 N5 O8 P'
MG non-polymer 'MAGNESIUM ION' 'Mg 2'
ZN non-polymer 'ZINC ION' 'Zn 2'
#
# COMPACT_ATOMS: atom_id res chain seq x y z
N GLU A 4 -7.35 57.03 -37.64
CA GLU A 4 -8.78 56.81 -37.77
C GLU A 4 -9.37 56.26 -36.47
N PHE A 5 -8.51 56.04 -35.48
CA PHE A 5 -8.93 55.61 -34.16
C PHE A 5 -8.66 56.73 -33.15
N LEU A 6 -9.59 56.88 -32.21
CA LEU A 6 -9.37 57.80 -31.10
C LEU A 6 -8.39 57.21 -30.11
N LYS A 7 -7.64 58.09 -29.45
CA LYS A 7 -6.59 57.68 -28.53
C LYS A 7 -7.01 58.00 -27.10
N PRO A 8 -6.96 57.03 -26.19
CA PRO A 8 -7.37 57.31 -24.80
C PRO A 8 -6.47 58.34 -24.13
N ARG A 9 -7.08 59.15 -23.27
CA ARG A 9 -6.37 60.17 -22.52
C ARG A 9 -6.50 59.89 -21.03
N LEU A 10 -5.44 60.18 -20.28
CA LEU A 10 -5.43 59.98 -18.83
C LEU A 10 -6.10 61.19 -18.19
N VAL A 11 -7.39 61.07 -17.89
CA VAL A 11 -8.16 62.13 -17.27
C VAL A 11 -8.89 61.57 -16.05
N ASP A 12 -9.18 62.47 -15.10
CA ASP A 12 -10.01 62.17 -13.94
C ASP A 12 -9.42 60.99 -13.15
N ILE A 13 -8.25 61.24 -12.56
CA ILE A 13 -7.62 60.28 -11.66
C ILE A 13 -7.97 60.70 -10.22
N GLU A 14 -8.77 59.89 -9.55
CA GLU A 14 -9.27 60.22 -8.22
C GLU A 14 -8.84 59.13 -7.24
N GLN A 15 -8.48 59.56 -6.04
CA GLN A 15 -7.87 58.69 -5.03
C GLN A 15 -8.81 58.57 -3.84
N VAL A 16 -9.37 57.38 -3.65
CA VAL A 16 -10.34 57.15 -2.57
C VAL A 16 -9.65 57.19 -1.22
N SER A 17 -8.70 56.29 -1.00
CA SER A 17 -7.96 56.18 0.25
C SER A 17 -6.47 56.21 -0.05
N SER A 18 -5.66 56.04 1.00
CA SER A 18 -4.22 56.00 0.81
C SER A 18 -3.78 54.82 -0.04
N THR A 19 -4.60 53.78 -0.14
CA THR A 19 -4.31 52.59 -0.93
C THR A 19 -5.27 52.43 -2.11
N HIS A 20 -6.55 52.74 -1.92
CA HIS A 20 -7.52 52.67 -3.00
C HIS A 20 -7.40 53.89 -3.92
N ALA A 21 -7.61 53.65 -5.22
CA ALA A 21 -7.53 54.72 -6.20
C ALA A 21 -8.32 54.32 -7.44
N LYS A 22 -8.70 55.32 -8.23
CA LYS A 22 -9.44 55.11 -9.46
C LYS A 22 -8.76 55.88 -10.59
N VAL A 23 -8.65 55.23 -11.75
CA VAL A 23 -8.02 55.81 -12.93
C VAL A 23 -8.99 55.69 -14.09
N THR A 24 -9.17 56.78 -14.83
CA THR A 24 -10.14 56.84 -15.93
C THR A 24 -9.42 57.14 -17.23
N LEU A 25 -9.76 56.38 -18.27
CA LEU A 25 -9.31 56.62 -19.64
C LEU A 25 -10.55 56.93 -20.48
N GLU A 26 -10.76 58.21 -20.76
CA GLU A 26 -12.08 58.66 -21.22
C GLU A 26 -12.41 58.21 -22.64
N PRO A 27 -11.62 58.56 -23.68
CA PRO A 27 -12.03 58.19 -25.03
C PRO A 27 -11.52 56.83 -25.45
N LEU A 28 -12.40 55.95 -25.90
CA LEU A 28 -12.01 54.62 -26.34
C LEU A 28 -12.95 54.17 -27.44
N GLU A 29 -12.43 53.33 -28.33
CA GLU A 29 -13.22 52.81 -29.45
C GLU A 29 -14.09 51.66 -28.95
N ARG A 30 -14.70 50.93 -29.90
CA ARG A 30 -15.71 49.94 -29.54
C ARG A 30 -15.11 48.80 -28.73
N GLY A 31 -14.16 48.08 -29.29
CA GLY A 31 -13.62 46.93 -28.59
C GLY A 31 -12.39 47.16 -27.76
N PHE A 32 -11.73 48.32 -27.91
CA PHE A 32 -10.42 48.51 -27.30
C PHE A 32 -10.46 48.55 -25.79
N GLY A 33 -11.64 48.87 -25.23
CA GLY A 33 -11.79 48.95 -23.77
C GLY A 33 -11.14 47.77 -23.07
N HIS A 34 -11.52 46.55 -23.46
CA HIS A 34 -11.00 45.33 -22.78
C HIS A 34 -9.55 45.06 -23.23
N THR A 35 -9.24 45.33 -24.50
CA THR A 35 -7.88 45.02 -25.01
C THR A 35 -6.87 45.80 -24.18
N LEU A 36 -7.13 47.10 -23.96
CA LEU A 36 -6.25 47.90 -23.08
C LEU A 36 -6.40 47.43 -21.63
N GLY A 37 -7.64 47.15 -21.20
CA GLY A 37 -7.90 46.76 -19.80
C GLY A 37 -7.20 45.46 -19.42
N ASN A 38 -7.72 44.32 -19.85
CA ASN A 38 -7.14 43.04 -19.47
C ASN A 38 -5.62 43.04 -19.60
N ALA A 39 -5.09 43.65 -20.66
CA ALA A 39 -3.63 43.75 -20.78
C ALA A 39 -3.04 44.51 -19.62
N LEU A 40 -3.66 45.64 -19.27
CA LEU A 40 -3.16 46.45 -18.17
C LEU A 40 -3.26 45.71 -16.84
N ARG A 41 -4.35 44.98 -16.61
CA ARG A 41 -4.49 44.24 -15.37
C ARG A 41 -3.42 43.17 -15.25
N ARG A 42 -3.16 42.45 -16.34
CA ARG A 42 -2.13 41.41 -16.30
C ARG A 42 -0.75 42.01 -16.05
N ILE A 43 -0.42 43.10 -16.75
CA ILE A 43 0.89 43.72 -16.55
C ILE A 43 1.05 44.24 -15.14
N LEU A 44 0.01 44.89 -14.61
CA LEU A 44 0.12 45.53 -13.31
C LEU A 44 0.14 44.51 -12.18
N LEU A 45 -0.59 43.39 -12.33
CA LEU A 45 -0.53 42.36 -11.31
C LEU A 45 0.75 41.54 -11.39
N SER A 46 1.36 41.45 -12.58
CA SER A 46 2.52 40.57 -12.72
C SER A 46 3.83 41.28 -12.42
N SER A 47 4.08 42.43 -13.07
CA SER A 47 5.41 43.04 -13.09
C SER A 47 5.35 44.53 -12.75
N MET A 48 5.33 44.83 -11.46
CA MET A 48 5.47 46.19 -10.95
C MET A 48 6.63 46.22 -9.95
N PRO A 49 7.49 47.24 -9.98
CA PRO A 49 8.61 47.28 -9.04
C PRO A 49 8.18 47.68 -7.64
N GLY A 50 8.98 47.29 -6.66
CA GLY A 50 8.69 47.62 -5.27
C GLY A 50 9.88 47.29 -4.39
N CYS A 51 9.72 47.60 -3.11
CA CYS A 51 10.77 47.41 -2.12
C CYS A 51 10.27 46.51 -1.01
N ALA A 52 11.08 45.53 -0.62
CA ALA A 52 10.68 44.55 0.37
C ALA A 52 11.85 44.25 1.31
N VAL A 53 11.51 43.86 2.53
CA VAL A 53 12.52 43.44 3.50
C VAL A 53 13.13 42.13 3.04
N THR A 54 14.47 42.07 3.02
CA THR A 54 15.19 40.92 2.51
C THR A 54 15.81 40.07 3.62
N GLU A 55 16.43 40.70 4.62
CA GLU A 55 16.99 39.95 5.73
C GLU A 55 17.01 40.84 6.97
N VAL A 56 17.06 40.19 8.14
CA VAL A 56 17.02 40.86 9.43
C VAL A 56 18.16 40.34 10.28
N GLU A 57 18.61 41.18 11.23
CA GLU A 57 19.66 40.82 12.17
C GLU A 57 19.24 41.34 13.55
N ILE A 58 18.67 40.45 14.35
CA ILE A 58 18.32 40.79 15.72
C ILE A 58 19.51 40.51 16.62
N ASP A 59 19.63 41.25 17.72
CA ASP A 59 20.82 41.09 18.62
C ASP A 59 20.96 39.64 19.07
N GLY A 60 20.26 39.23 20.13
CA GLY A 60 20.42 37.88 20.69
C GLY A 60 20.04 36.77 19.73
N VAL A 61 18.94 36.92 19.00
CA VAL A 61 18.45 35.81 18.13
C VAL A 61 19.48 35.54 17.03
N LEU A 62 19.75 34.27 16.74
CA LEU A 62 20.69 33.91 15.64
C LEU A 62 19.93 33.15 14.56
N HIS A 63 18.77 32.57 14.90
CA HIS A 63 17.94 31.86 13.89
C HIS A 63 16.47 32.28 14.06
N GLU A 64 15.53 31.46 13.56
CA GLU A 64 14.12 31.85 13.60
C GLU A 64 13.33 31.04 14.62
N TYR A 65 13.81 29.85 14.98
CA TYR A 65 13.08 28.94 15.85
C TYR A 65 13.40 29.15 17.32
N SER A 66 13.78 30.35 17.71
CA SER A 66 14.11 30.68 19.09
C SER A 66 13.09 31.66 19.66
N THR A 67 13.34 32.09 20.89
CA THR A 67 12.52 33.08 21.56
C THR A 67 13.41 34.11 22.22
N LYS A 68 12.86 35.30 22.43
CA LYS A 68 13.57 36.39 23.08
C LYS A 68 12.87 36.72 24.39
N GLU A 69 13.64 36.78 25.47
CA GLU A 69 13.06 37.06 26.78
C GLU A 69 12.57 38.49 26.84
N GLY A 70 11.33 38.67 27.31
CA GLY A 70 10.70 39.97 27.36
C GLY A 70 9.88 40.31 26.14
N VAL A 71 10.01 39.54 25.06
CA VAL A 71 9.24 39.74 23.84
C VAL A 71 8.14 38.70 23.78
N GLN A 72 6.92 39.18 23.51
CA GLN A 72 5.74 38.32 23.55
C GLN A 72 5.70 37.31 22.40
N GLU A 73 6.20 37.67 21.22
CA GLU A 73 6.10 36.84 20.04
C GLU A 73 7.41 36.14 19.74
N ASP A 74 7.31 35.04 18.98
CA ASP A 74 8.48 34.31 18.54
C ASP A 74 9.18 35.06 17.40
N ILE A 75 10.40 34.63 17.09
CA ILE A 75 11.15 35.27 16.02
C ILE A 75 10.47 35.05 14.68
N LEU A 76 9.86 33.88 14.49
CA LEU A 76 9.15 33.61 13.24
C LEU A 76 7.99 34.58 13.04
N GLU A 77 7.24 34.86 14.11
CA GLU A 77 6.13 35.81 14.02
C GLU A 77 6.64 37.22 13.75
N ILE A 78 7.78 37.59 14.35
CA ILE A 78 8.36 38.91 14.08
C ILE A 78 8.77 39.02 12.61
N LEU A 79 9.37 37.98 12.07
CA LEU A 79 9.76 38.00 10.66
C LEU A 79 8.54 38.07 9.75
N LEU A 80 7.47 37.35 10.11
CA LEU A 80 6.24 37.42 9.31
C LEU A 80 5.61 38.80 9.38
N ASN A 81 5.72 39.47 10.53
CA ASN A 81 5.28 40.86 10.63
C ASN A 81 6.13 41.78 9.75
N LEU A 82 7.45 41.60 9.77
CA LEU A 82 8.33 42.43 8.98
C LEU A 82 8.12 42.21 7.49
N LYS A 83 7.69 41.01 7.10
CA LYS A 83 7.39 40.76 5.69
C LYS A 83 6.32 41.69 5.16
N GLY A 84 5.41 42.14 6.02
CA GLY A 84 4.36 43.06 5.65
C GLY A 84 4.70 44.53 5.78
N LEU A 85 5.95 44.86 6.10
CA LEU A 85 6.35 46.25 6.20
C LEU A 85 6.51 46.86 4.81
N ALA A 86 5.87 48.01 4.60
CA ALA A 86 5.89 48.68 3.31
C ALA A 86 6.68 49.98 3.43
N VAL A 87 7.70 50.13 2.59
CA VAL A 87 8.58 51.30 2.60
C VAL A 87 8.74 51.80 1.17
N ARG A 88 9.17 53.06 1.06
CA ARG A 88 9.37 53.73 -0.23
C ARG A 88 10.73 54.41 -0.18
N VAL A 89 11.74 53.77 -0.75
CA VAL A 89 13.09 54.34 -0.74
C VAL A 89 13.33 55.11 -2.03
N GLN A 90 14.25 56.06 -1.98
CA GLN A 90 14.54 56.95 -3.10
C GLN A 90 16.04 56.98 -3.35
N GLY A 91 16.45 56.61 -4.57
CA GLY A 91 17.83 56.71 -4.96
C GLY A 91 18.73 55.60 -4.49
N LYS A 92 18.21 54.61 -3.78
CA LYS A 92 19.00 53.51 -3.26
C LYS A 92 18.25 52.20 -3.45
N ASP A 93 18.99 51.09 -3.36
CA ASP A 93 18.37 49.77 -3.40
C ASP A 93 18.75 48.91 -2.19
N GLU A 94 19.57 49.39 -1.27
CA GLU A 94 20.01 48.55 -0.15
C GLU A 94 20.07 49.35 1.14
N VAL A 95 19.03 50.12 1.44
CA VAL A 95 18.98 50.85 2.70
C VAL A 95 18.93 49.86 3.86
N ILE A 96 19.49 50.26 5.00
CA ILE A 96 19.47 49.47 6.23
C ILE A 96 18.66 50.22 7.27
N LEU A 97 17.60 49.58 7.77
CA LEU A 97 16.68 50.23 8.70
C LEU A 97 16.95 49.78 10.14
N THR A 98 17.81 50.54 10.80
CA THR A 98 18.12 50.29 12.20
C THR A 98 16.91 50.60 13.07
N LEU A 99 16.65 49.74 14.06
CA LEU A 99 15.53 49.93 14.96
C LEU A 99 15.92 49.51 16.36
N ASN A 100 15.80 50.44 17.31
CA ASN A 100 16.04 50.17 18.72
C ASN A 100 14.93 50.77 19.54
N LYS A 101 14.40 49.99 20.50
CA LYS A 101 13.29 50.47 21.36
C LYS A 101 13.24 49.61 22.64
N SER A 102 13.41 50.25 23.81
CA SER A 102 13.33 49.52 25.10
C SER A 102 12.20 50.10 25.94
N GLY A 103 11.35 49.24 26.50
CA GLY A 103 10.24 49.70 27.36
C GLY A 103 9.05 48.76 27.33
N ILE A 104 7.84 49.30 27.15
CA ILE A 104 6.60 48.47 27.15
C ILE A 104 5.72 48.89 25.98
N GLY A 105 4.85 48.00 25.50
CA GLY A 105 3.92 48.33 24.41
C GLY A 105 4.40 47.79 23.07
N PRO A 106 3.53 47.71 22.05
CA PRO A 106 3.91 47.14 20.74
C PRO A 106 4.97 48.01 20.07
N VAL A 107 5.98 47.39 19.44
CA VAL A 107 6.98 48.18 18.67
C VAL A 107 6.48 48.26 17.22
N THR A 108 6.56 49.44 16.60
CA THR A 108 6.02 49.63 15.23
C THR A 108 7.08 50.27 14.33
N ALA A 109 6.81 50.35 13.03
CA ALA A 109 7.76 50.96 12.08
C ALA A 109 8.03 52.42 12.51
N ALA A 110 7.00 53.10 13.01
CA ALA A 110 7.16 54.50 13.49
C ALA A 110 8.51 54.68 14.18
N ASP A 111 8.80 53.87 15.21
CA ASP A 111 10.03 54.06 15.96
C ASP A 111 11.26 53.48 15.27
N ILE A 112 11.15 53.15 13.98
CA ILE A 112 12.35 52.84 13.20
C ILE A 112 13.14 54.12 13.01
N THR A 113 14.46 54.02 13.17
CA THR A 113 15.31 55.20 13.11
C THR A 113 15.14 55.93 11.78
N HIS A 114 14.98 57.25 11.85
CA HIS A 114 14.66 58.08 10.70
C HIS A 114 15.84 58.09 9.74
N ASP A 115 15.72 57.35 8.64
CA ASP A 115 16.74 57.34 7.62
C ASP A 115 16.64 58.59 6.74
N GLY A 116 17.68 58.81 5.95
CA GLY A 116 17.73 59.98 5.07
C GLY A 116 16.55 60.07 4.13
N ASP A 117 16.45 59.14 3.19
CA ASP A 117 15.36 59.11 2.21
C ASP A 117 14.72 57.72 2.26
N VAL A 118 13.84 57.52 3.23
CA VAL A 118 13.06 56.31 3.39
C VAL A 118 11.72 56.70 4.00
N GLU A 119 10.64 56.32 3.35
CA GLU A 119 9.29 56.68 3.80
C GLU A 119 8.54 55.44 4.29
N ILE A 120 8.06 55.50 5.52
CA ILE A 120 7.17 54.48 6.07
C ILE A 120 5.75 54.92 5.79
N VAL A 121 5.04 54.17 4.94
CA VAL A 121 3.73 54.62 4.49
C VAL A 121 2.72 54.57 5.63
N LYS A 122 2.74 53.50 6.42
CA LYS A 122 1.89 53.39 7.60
C LYS A 122 2.74 53.13 8.84
N PRO A 123 2.83 54.10 9.75
CA PRO A 123 3.71 53.92 10.92
C PRO A 123 3.04 53.22 12.10
N GLN A 124 1.78 52.84 11.99
CA GLN A 124 1.09 52.13 13.07
C GLN A 124 1.12 50.62 12.89
N HIS A 125 1.95 50.12 11.98
CA HIS A 125 2.10 48.69 11.72
C HIS A 125 2.97 48.10 12.83
N VAL A 126 2.35 47.30 13.70
CA VAL A 126 3.09 46.70 14.82
C VAL A 126 3.91 45.52 14.31
N ILE A 127 5.06 45.30 14.93
CA ILE A 127 5.92 44.20 14.53
C ILE A 127 6.32 43.37 15.74
N CYS A 128 6.18 43.94 16.94
CA CYS A 128 6.67 43.27 18.14
C CYS A 128 5.97 43.85 19.36
N HIS A 129 6.10 43.13 20.48
CA HIS A 129 5.54 43.54 21.76
C HIS A 129 6.57 43.31 22.86
N LEU A 130 6.62 44.25 23.80
CA LEU A 130 7.52 44.16 24.95
C LEU A 130 6.68 44.00 26.21
N THR A 131 7.15 43.17 27.14
CA THR A 131 6.33 42.73 28.27
C THR A 131 6.92 43.06 29.63
N ASP A 132 8.15 43.56 29.71
CA ASP A 132 8.69 44.02 30.98
C ASP A 132 9.53 45.26 30.75
N GLU A 133 9.69 46.06 31.82
CA GLU A 133 10.35 47.35 31.70
C GLU A 133 11.81 47.21 31.31
N ASN A 134 12.52 46.24 31.88
CA ASN A 134 13.95 46.09 31.64
C ASN A 134 14.23 45.15 30.46
N ALA A 135 13.60 45.44 29.32
CA ALA A 135 13.84 44.68 28.10
C ALA A 135 14.01 45.62 26.93
N SER A 136 14.89 45.26 26.02
CA SER A 136 15.16 46.07 24.84
C SER A 136 15.20 45.17 23.61
N ILE A 137 14.86 45.77 22.47
CA ILE A 137 14.95 45.10 21.18
C ILE A 137 15.77 45.98 20.25
N SER A 138 16.71 45.37 19.53
CA SER A 138 17.55 46.10 18.60
C SER A 138 17.79 45.22 17.38
N MET A 139 17.51 45.75 16.20
CA MET A 139 17.55 44.95 14.98
C MET A 139 17.97 45.82 13.81
N ARG A 140 18.55 45.18 12.80
CA ARG A 140 18.94 45.81 11.56
C ARG A 140 18.20 45.15 10.42
N ILE A 141 17.51 45.95 9.60
CA ILE A 141 16.62 45.45 8.57
C ILE A 141 17.13 45.93 7.22
N LYS A 142 17.35 45.00 6.29
CA LYS A 142 17.80 45.32 4.95
C LYS A 142 16.62 45.30 3.99
N VAL A 143 16.49 46.36 3.19
CA VAL A 143 15.40 46.53 2.24
C VAL A 143 16.00 46.61 0.85
N GLN A 144 15.46 45.82 -0.08
CA GLN A 144 15.93 45.80 -1.45
C GLN A 144 14.78 46.09 -2.40
N ARG A 145 15.13 46.47 -3.62
CA ARG A 145 14.15 46.73 -4.67
C ARG A 145 14.13 45.55 -5.64
N GLY A 146 12.93 45.17 -6.06
CA GLY A 146 12.76 44.03 -6.95
C GLY A 146 11.46 44.07 -7.72
N ARG A 147 11.08 42.97 -8.34
CA ARG A 147 9.93 42.97 -9.23
C ARG A 147 8.88 41.92 -8.89
N GLY A 148 9.28 40.71 -8.52
CA GLY A 148 8.36 39.62 -8.30
C GLY A 148 8.62 38.90 -6.99
N TYR A 149 8.01 37.73 -6.87
CA TYR A 149 8.19 36.90 -5.68
C TYR A 149 9.49 36.12 -5.75
N VAL A 150 10.40 36.40 -4.84
CA VAL A 150 11.68 35.72 -4.76
C VAL A 150 11.78 35.03 -3.40
N PRO A 151 11.58 33.72 -3.35
CA PRO A 151 11.74 33.00 -2.08
C PRO A 151 13.18 33.06 -1.59
N ALA A 152 13.33 33.03 -0.26
CA ALA A 152 14.67 33.08 0.33
C ALA A 152 15.44 31.80 0.06
N SER A 153 14.73 30.66 0.02
CA SER A 153 15.40 29.38 -0.20
C SER A 153 15.88 29.24 -1.64
N THR A 154 15.19 29.87 -2.59
CA THR A 154 15.52 29.68 -3.99
C THR A 154 16.76 30.44 -4.42
N ARG A 155 17.18 31.46 -3.66
CA ARG A 155 18.33 32.26 -4.05
C ARG A 155 19.59 31.73 -3.38
N ILE A 156 20.64 31.55 -4.19
CA ILE A 156 21.90 31.00 -3.71
C ILE A 156 23.07 31.96 -3.92
N HIS A 157 22.98 32.86 -4.90
CA HIS A 157 24.06 33.83 -5.13
C HIS A 157 24.36 34.66 -3.89
N SER A 158 23.38 34.82 -3.00
CA SER A 158 23.62 35.47 -1.72
C SER A 158 24.57 34.66 -0.85
N GLU A 159 24.72 33.36 -1.11
CA GLU A 159 25.63 32.51 -0.38
C GLU A 159 27.03 32.47 -0.99
N GLU A 160 27.27 33.27 -2.04
CA GLU A 160 28.62 33.36 -2.60
C GLU A 160 29.61 33.85 -1.54
N ASP A 161 29.21 34.87 -0.78
CA ASP A 161 29.92 35.26 0.43
C ASP A 161 29.22 34.63 1.62
N GLU A 162 30.01 34.05 2.53
CA GLU A 162 29.44 33.32 3.65
C GLU A 162 28.69 34.28 4.58
N ARG A 163 27.46 33.90 4.94
CA ARG A 163 26.70 34.73 5.87
C ARG A 163 26.89 34.23 7.30
N PRO A 164 27.08 35.12 8.26
CA PRO A 164 27.33 34.68 9.64
C PRO A 164 26.08 34.09 10.27
N ILE A 165 26.30 33.27 11.29
CA ILE A 165 25.19 32.75 12.08
C ILE A 165 24.51 33.90 12.81
N GLY A 166 23.26 34.18 12.43
CA GLY A 166 22.51 35.29 13.06
C GLY A 166 21.63 36.00 12.04
N ARG A 167 21.69 35.58 10.78
CA ARG A 167 20.88 36.22 9.70
C ARG A 167 19.40 35.84 9.85
N LEU A 168 18.49 36.76 9.48
CA LEU A 168 17.04 36.45 9.51
C LEU A 168 16.42 36.86 8.16
N LEU A 169 16.77 36.15 7.10
CA LEU A 169 16.24 36.49 5.74
C LEU A 169 14.74 36.17 5.68
N VAL A 170 13.97 36.95 4.93
CA VAL A 170 12.51 36.69 4.78
C VAL A 170 12.16 36.72 3.28
N ASP A 171 11.20 35.88 2.86
CA ASP A 171 10.78 35.86 1.44
C ASP A 171 10.40 37.27 0.99
N ALA A 172 10.80 37.67 -0.21
CA ALA A 172 10.49 39.00 -0.70
C ALA A 172 9.44 38.90 -1.80
N CYS A 173 8.45 39.78 -1.74
CA CYS A 173 7.38 39.83 -2.72
C CYS A 173 7.54 40.96 -3.73
N TYR A 174 7.98 42.13 -3.29
CA TYR A 174 8.34 43.23 -4.18
C TYR A 174 7.17 43.81 -4.97
N SER A 175 5.98 43.24 -4.83
CA SER A 175 4.86 43.69 -5.64
C SER A 175 3.95 44.60 -4.80
N PRO A 176 3.85 45.88 -5.13
CA PRO A 176 3.00 46.79 -4.37
C PRO A 176 1.51 46.71 -4.68
N VAL A 177 1.11 45.96 -5.70
CA VAL A 177 -0.29 45.88 -6.10
C VAL A 177 -0.93 44.64 -5.48
N GLU A 178 -2.11 44.81 -4.88
CA GLU A 178 -2.78 43.68 -4.23
C GLU A 178 -4.02 43.25 -4.99
N ARG A 179 -4.81 44.20 -5.49
CA ARG A 179 -6.05 43.90 -6.19
C ARG A 179 -6.26 44.90 -7.32
N ILE A 180 -6.75 44.39 -8.44
CA ILE A 180 -7.07 45.25 -9.59
C ILE A 180 -8.38 44.83 -10.21
N ALA A 181 -9.27 45.79 -10.42
CA ALA A 181 -10.52 45.58 -11.12
C ALA A 181 -10.70 46.69 -12.14
N TYR A 182 -11.30 46.34 -13.27
CA TYR A 182 -11.55 47.32 -14.32
C TYR A 182 -12.98 47.12 -14.83
N ASN A 183 -13.53 48.20 -15.39
CA ASN A 183 -14.90 48.19 -15.86
C ASN A 183 -15.03 49.21 -16.99
N VAL A 184 -15.83 48.87 -17.99
CA VAL A 184 -16.00 49.69 -19.18
C VAL A 184 -17.42 50.26 -19.19
N GLU A 185 -17.51 51.58 -19.35
CA GLU A 185 -18.79 52.28 -19.36
C GLU A 185 -18.95 53.00 -20.68
N ALA A 186 -20.12 53.63 -20.86
CA ALA A 186 -20.39 54.42 -22.05
C ALA A 186 -19.94 55.86 -21.81
N ALA A 187 -19.16 56.39 -22.74
CA ALA A 187 -18.65 57.75 -22.60
C ALA A 187 -19.76 58.77 -22.74
N ARG A 188 -19.64 59.87 -22.01
CA ARG A 188 -20.65 60.93 -22.04
C ARG A 188 -20.62 61.74 -23.31
N VAL A 189 -19.63 61.53 -24.18
CA VAL A 189 -19.54 62.26 -25.44
C VAL A 189 -20.76 61.95 -26.29
N GLU A 190 -21.60 62.96 -26.52
CA GLU A 190 -22.83 62.77 -27.27
C GLU A 190 -22.68 63.05 -28.76
N GLN A 191 -21.70 63.87 -29.15
CA GLN A 191 -21.48 64.13 -30.57
C GLN A 191 -21.08 62.86 -31.31
N ARG A 192 -20.21 62.06 -30.72
CA ARG A 192 -19.89 60.76 -31.29
C ARG A 192 -21.03 59.79 -31.04
N THR A 193 -21.16 58.82 -31.96
CA THR A 193 -22.27 57.87 -31.87
C THR A 193 -22.20 57.07 -30.58
N ASP A 194 -21.05 56.46 -30.30
CA ASP A 194 -20.91 55.62 -29.12
C ASP A 194 -19.42 55.40 -28.82
N LEU A 195 -19.00 55.79 -27.62
CA LEU A 195 -17.62 55.63 -27.19
C LEU A 195 -17.60 55.02 -25.79
N ASP A 196 -16.48 54.40 -25.46
CA ASP A 196 -16.33 53.69 -24.20
C ASP A 196 -15.34 54.42 -23.30
N LYS A 197 -15.50 54.22 -22.00
CA LYS A 197 -14.62 54.79 -20.99
C LYS A 197 -14.19 53.67 -20.05
N LEU A 198 -12.89 53.57 -19.79
CA LEU A 198 -12.31 52.52 -18.98
C LEU A 198 -11.94 53.07 -17.61
N VAL A 199 -12.42 52.42 -16.55
CA VAL A 199 -12.15 52.83 -15.17
C VAL A 199 -11.43 51.69 -14.49
N ILE A 200 -10.28 51.98 -13.89
CA ILE A 200 -9.44 50.98 -13.25
C ILE A 200 -9.34 51.30 -11.76
N GLU A 201 -9.68 50.32 -10.92
CA GLU A 201 -9.53 50.43 -9.48
C GLU A 201 -8.37 49.56 -9.04
N MET A 202 -7.37 50.17 -8.40
CA MET A 202 -6.21 49.45 -7.89
C MET A 202 -6.11 49.65 -6.39
N GLU A 203 -5.89 48.56 -5.67
CA GLU A 203 -5.66 48.60 -4.23
C GLU A 203 -4.22 48.16 -4.00
N THR A 204 -3.43 49.02 -3.36
CA THR A 204 -2.00 48.81 -3.20
C THR A 204 -1.64 48.88 -1.72
N ASN A 205 -0.33 48.92 -1.44
CA ASN A 205 0.18 49.10 -0.09
C ASN A 205 0.65 50.52 0.16
N GLY A 206 0.32 51.46 -0.71
CA GLY A 206 0.70 52.85 -0.55
C GLY A 206 2.07 53.21 -1.04
N THR A 207 2.77 52.29 -1.70
CA THR A 207 4.16 52.51 -2.11
C THR A 207 4.28 53.11 -3.51
N ILE A 208 3.38 52.75 -4.43
CA ILE A 208 3.48 53.19 -5.82
C ILE A 208 2.30 54.08 -6.16
N ASP A 209 2.56 55.13 -6.91
CA ASP A 209 1.52 56.05 -7.35
C ASP A 209 0.66 55.38 -8.43
N PRO A 210 -0.64 55.69 -8.48
CA PRO A 210 -1.51 55.09 -9.49
C PRO A 210 -1.16 55.49 -10.91
N GLU A 211 -1.01 56.79 -11.14
CA GLU A 211 -0.66 57.27 -12.48
C GLU A 211 0.70 56.74 -12.91
N GLU A 212 1.67 56.73 -12.00
CA GLU A 212 2.98 56.18 -12.32
C GLU A 212 2.90 54.69 -12.66
N ALA A 213 2.07 53.95 -11.92
CA ALA A 213 1.87 52.53 -12.23
C ALA A 213 1.28 52.33 -13.62
N ILE A 214 0.28 53.15 -13.97
CA ILE A 214 -0.32 53.02 -15.30
C ILE A 214 0.70 53.36 -16.38
N ARG A 215 1.50 54.40 -16.17
CA ARG A 215 2.53 54.76 -17.14
C ARG A 215 3.55 53.62 -17.31
N ARG A 216 3.96 53.02 -16.19
CA ARG A 216 4.93 51.94 -16.26
C ARG A 216 4.36 50.73 -17.01
N ALA A 217 3.11 50.39 -16.75
CA ALA A 217 2.49 49.27 -17.45
C ALA A 217 2.38 49.54 -18.94
N ALA A 218 1.98 50.76 -19.31
CA ALA A 218 1.86 51.10 -20.73
C ALA A 218 3.24 51.06 -21.41
N THR A 219 4.27 51.55 -20.73
CA THR A 219 5.62 51.50 -21.29
C THR A 219 6.07 50.06 -21.51
N ILE A 220 5.80 49.19 -20.53
CA ILE A 220 6.16 47.78 -20.68
C ILE A 220 5.44 47.18 -21.89
N LEU A 221 4.16 47.48 -22.03
CA LEU A 221 3.38 46.95 -23.15
C LEU A 221 3.94 47.44 -24.49
N ALA A 222 4.31 48.72 -24.56
CA ALA A 222 4.85 49.26 -25.81
C ALA A 222 6.19 48.62 -26.16
N GLU A 223 7.08 48.45 -25.17
CA GLU A 223 8.35 47.80 -25.45
C GLU A 223 8.15 46.36 -25.89
N GLN A 224 7.17 45.66 -25.31
CA GLN A 224 6.90 44.29 -25.74
C GLN A 224 6.33 44.25 -27.14
N LEU A 225 5.48 45.23 -27.49
CA LEU A 225 4.90 45.28 -28.83
C LEU A 225 5.90 45.71 -29.89
N GLU A 226 7.02 46.30 -29.48
CA GLU A 226 8.02 46.72 -30.46
C GLU A 226 8.51 45.56 -31.33
N ALA A 227 8.43 44.33 -30.82
CA ALA A 227 8.89 43.17 -31.58
C ALA A 227 7.93 42.76 -32.69
N PHE A 228 6.64 43.03 -32.51
CA PHE A 228 5.62 42.57 -33.49
C PHE A 228 5.34 43.68 -34.52
N VAL A 229 5.73 44.92 -34.21
CA VAL A 229 5.52 46.05 -35.15
C VAL A 229 6.27 45.73 -36.45
N ASP A 230 7.48 45.16 -36.33
CA ASP A 230 8.27 44.76 -37.52
C ASP A 230 8.82 43.35 -37.31
N LEU A 231 7.97 42.32 -37.40
CA LEU A 231 8.44 40.93 -37.15
C LEU A 231 9.51 40.56 -38.19
N ARG A 232 9.27 40.88 -39.46
CA ARG A 232 10.30 40.64 -40.52
C ARG A 232 10.78 39.18 -40.42
N ASP A 233 12.11 38.97 -40.42
CA ASP A 233 12.69 37.61 -40.27
C ASP A 233 11.91 36.61 -41.14
N VAL A 234 12.16 36.62 -42.46
CA VAL A 234 11.48 35.70 -43.37
C VAL A 234 12.16 35.72 -44.73
N GLU A 245 37.56 17.30 -26.70
CA GLU A 245 38.40 18.32 -27.32
C GLU A 245 38.30 19.65 -26.59
N PHE A 246 38.11 19.59 -25.27
CA PHE A 246 37.94 20.79 -24.48
C PHE A 246 38.85 20.81 -23.25
N ASP A 247 39.26 19.64 -22.77
CA ASP A 247 40.05 19.59 -21.56
C ASP A 247 41.43 20.21 -21.81
N PRO A 248 41.93 21.04 -20.89
CA PRO A 248 43.20 21.74 -21.15
C PRO A 248 44.40 20.82 -21.33
N ILE A 249 44.35 19.60 -20.79
CA ILE A 249 45.48 18.68 -20.96
C ILE A 249 45.60 18.28 -22.43
N LEU A 250 44.47 18.21 -23.13
CA LEU A 250 44.48 18.01 -24.57
C LEU A 250 44.84 19.34 -25.23
N LEU A 251 44.76 19.39 -26.57
CA LEU A 251 45.02 20.59 -27.37
C LEU A 251 46.26 21.35 -26.93
N ARG A 252 47.24 20.62 -26.39
CA ARG A 252 48.55 20.98 -25.87
C ARG A 252 49.63 20.58 -26.86
N PRO A 253 50.70 21.38 -27.00
CA PRO A 253 51.79 21.00 -27.91
C PRO A 253 52.36 19.63 -27.59
N VAL A 254 52.63 18.83 -28.61
CA VAL A 254 53.07 17.45 -28.39
C VAL A 254 54.47 17.41 -27.77
N ASP A 255 55.27 18.43 -28.00
CA ASP A 255 56.59 18.51 -27.35
C ASP A 255 56.45 19.04 -25.92
N ASP A 256 55.53 18.46 -25.16
CA ASP A 256 55.37 18.73 -23.75
C ASP A 256 55.43 17.45 -22.92
N LEU A 257 55.60 16.30 -23.57
CA LEU A 257 55.72 15.02 -22.88
C LEU A 257 57.17 14.66 -22.59
N GLU A 258 58.13 15.40 -23.12
CA GLU A 258 59.56 15.13 -22.93
C GLU A 258 59.89 13.70 -23.35
N LEU A 259 59.60 13.41 -24.62
CA LEU A 259 59.83 12.10 -25.19
C LEU A 259 61.28 11.97 -25.64
N THR A 260 61.67 10.76 -26.04
CA THR A 260 63.02 10.52 -26.50
C THR A 260 63.23 11.12 -27.88
N VAL A 261 64.46 11.02 -28.39
CA VAL A 261 64.79 11.60 -29.68
C VAL A 261 64.07 10.87 -30.81
N ARG A 262 64.09 9.52 -30.76
CA ARG A 262 63.52 8.74 -31.85
C ARG A 262 62.02 8.94 -31.97
N SER A 263 61.36 9.27 -30.87
CA SER A 263 59.91 9.51 -30.91
C SER A 263 59.59 10.80 -31.65
N ALA A 264 60.46 11.80 -31.54
CA ALA A 264 60.21 13.10 -32.15
C ALA A 264 60.06 13.00 -33.67
N ASN A 265 60.96 12.27 -34.32
CA ASN A 265 60.83 12.08 -35.76
C ASN A 265 59.64 11.18 -36.09
N CYS A 266 59.42 10.15 -35.27
CA CYS A 266 58.31 9.23 -35.51
C CYS A 266 56.97 9.93 -35.39
N LEU A 267 56.82 10.77 -34.36
CA LEU A 267 55.59 11.52 -34.19
C LEU A 267 55.41 12.53 -35.33
N LYS A 268 56.49 13.17 -35.74
CA LYS A 268 56.43 14.07 -36.89
C LYS A 268 56.11 13.31 -38.18
N ALA A 269 56.68 12.12 -38.33
CA ALA A 269 56.42 11.32 -39.52
C ALA A 269 54.96 10.87 -39.58
N GLU A 270 54.36 10.58 -38.44
CA GLU A 270 52.97 10.15 -38.37
C GLU A 270 52.01 11.31 -38.15
N ALA A 271 52.46 12.54 -38.32
CA ALA A 271 51.62 13.73 -38.23
C ALA A 271 50.93 13.84 -36.87
N ILE A 272 51.66 13.50 -35.81
CA ILE A 272 51.18 13.66 -34.44
C ILE A 272 51.75 14.97 -33.92
N HIS A 273 50.92 16.00 -33.85
CA HIS A 273 51.35 17.32 -33.41
C HIS A 273 50.67 17.81 -32.16
N TYR A 274 49.54 17.24 -31.77
CA TYR A 274 48.82 17.62 -30.55
C TYR A 274 48.76 16.44 -29.61
N ILE A 275 48.28 16.69 -28.38
CA ILE A 275 48.20 15.60 -27.36
C ILE A 275 46.94 14.76 -27.61
N GLY A 276 45.80 15.41 -27.90
CA GLY A 276 44.54 14.67 -28.05
C GLY A 276 44.57 13.67 -29.19
N ASP A 277 45.16 14.03 -30.33
CA ASP A 277 45.15 13.12 -31.51
C ASP A 277 45.91 11.83 -31.16
N LEU A 278 47.00 11.96 -30.39
CA LEU A 278 47.83 10.77 -30.04
C LEU A 278 47.00 9.79 -29.20
N VAL A 279 46.40 10.27 -28.10
CA VAL A 279 45.65 9.38 -27.22
C VAL A 279 44.53 8.65 -27.92
N GLN A 280 44.30 8.92 -29.21
CA GLN A 280 43.27 8.25 -30.00
C GLN A 280 43.84 7.07 -30.77
N ARG A 281 45.10 6.72 -30.50
CA ARG A 281 45.80 5.68 -31.23
C ARG A 281 45.85 4.41 -30.38
N THR A 282 45.42 3.30 -30.97
CA THR A 282 45.47 2.02 -30.26
C THR A 282 46.88 1.44 -30.33
N GLU A 283 47.15 0.47 -29.46
CA GLU A 283 48.47 -0.18 -29.45
C GLU A 283 48.74 -0.91 -30.76
N VAL A 284 47.78 -1.70 -31.24
CA VAL A 284 48.04 -2.60 -32.35
C VAL A 284 48.25 -1.82 -33.65
N GLU A 285 47.61 -0.67 -33.77
CA GLU A 285 47.75 0.11 -35.01
C GLU A 285 48.94 1.07 -34.93
N LEU A 286 49.30 1.50 -33.71
CA LEU A 286 50.48 2.34 -33.56
C LEU A 286 51.77 1.55 -33.67
N LEU A 287 51.73 0.25 -33.34
CA LEU A 287 52.91 -0.60 -33.51
C LEU A 287 53.27 -0.74 -34.99
N LYS A 288 52.28 -0.64 -35.88
CA LYS A 288 52.54 -0.78 -37.31
C LYS A 288 53.37 0.38 -37.86
N THR A 289 53.49 1.47 -37.12
CA THR A 289 54.31 2.58 -37.58
C THR A 289 55.77 2.15 -37.65
N PRO A 290 56.52 2.60 -38.65
CA PRO A 290 57.91 2.14 -38.79
C PRO A 290 58.78 2.56 -37.62
N ASN A 291 59.72 1.67 -37.28
CA ASN A 291 60.75 1.90 -36.25
C ASN A 291 60.18 2.52 -34.98
N LEU A 292 58.96 2.09 -34.61
CA LEU A 292 58.38 2.58 -33.37
C LEU A 292 59.09 2.02 -32.15
N GLY A 293 59.34 0.71 -32.13
CA GLY A 293 60.04 0.08 -31.03
C GLY A 293 59.13 -0.37 -29.91
N LYS A 294 59.26 -1.64 -29.51
CA LYS A 294 58.44 -2.16 -28.42
C LYS A 294 58.76 -1.45 -27.11
N LYS A 295 60.05 -1.26 -26.81
CA LYS A 295 60.44 -0.56 -25.60
C LYS A 295 60.11 0.93 -25.70
N SER A 296 60.28 1.50 -26.89
CA SER A 296 59.96 2.92 -27.07
C SER A 296 58.47 3.16 -26.98
N LEU A 297 57.66 2.20 -27.41
CA LEU A 297 56.21 2.32 -27.26
C LEU A 297 55.82 2.40 -25.79
N THR A 298 56.43 1.55 -24.95
CA THR A 298 56.15 1.62 -23.52
C THR A 298 56.62 2.94 -22.93
N GLU A 299 57.67 3.54 -23.50
CA GLU A 299 58.10 4.87 -23.06
C GLU A 299 57.03 5.91 -23.35
N ILE A 300 56.39 5.81 -24.51
CA ILE A 300 55.28 6.71 -24.83
C ILE A 300 54.15 6.53 -23.84
N LYS A 301 53.79 5.26 -23.57
CA LYS A 301 52.75 4.95 -22.62
C LYS A 301 53.12 5.33 -21.19
N ASP A 302 54.40 5.19 -20.82
CA ASP A 302 54.84 5.54 -19.47
C ASP A 302 54.64 7.04 -19.21
N VAL A 303 54.98 7.87 -20.19
CA VAL A 303 54.82 9.31 -20.02
C VAL A 303 53.35 9.72 -19.98
N LEU A 304 52.53 9.20 -20.89
CA LEU A 304 51.11 9.51 -20.92
C LEU A 304 50.36 8.92 -19.73
N ALA A 305 50.90 7.91 -19.07
CA ALA A 305 50.32 7.36 -17.86
C ALA A 305 50.55 8.25 -16.65
N SER A 306 51.68 8.96 -16.61
CA SER A 306 51.92 9.90 -15.53
C SER A 306 50.96 11.08 -15.60
N ARG A 307 50.46 11.39 -16.80
CA ARG A 307 49.44 12.42 -16.92
C ARG A 307 48.04 11.89 -16.67
N GLY A 308 47.87 10.57 -16.60
CA GLY A 308 46.56 9.98 -16.52
C GLY A 308 45.88 9.72 -17.85
N LEU A 309 46.62 9.77 -18.95
CA LEU A 309 46.04 9.65 -20.29
C LEU A 309 46.43 8.30 -20.91
N SER A 310 45.54 7.33 -20.77
CA SER A 310 45.72 6.06 -21.42
C SER A 310 45.46 6.18 -22.92
N LEU A 311 46.16 5.37 -23.71
CA LEU A 311 45.91 5.30 -25.14
C LEU A 311 44.58 4.60 -25.41
N GLY A 312 43.98 4.93 -26.55
CA GLY A 312 42.72 4.34 -26.93
C GLY A 312 41.49 5.14 -26.59
N MET A 313 41.63 6.42 -26.29
CA MET A 313 40.48 7.26 -25.98
C MET A 313 39.68 7.55 -27.26
N ARG A 314 38.50 8.16 -27.09
CA ARG A 314 37.61 8.41 -28.22
C ARG A 314 37.01 9.82 -28.06
N LEU A 315 37.54 10.76 -28.83
CA LEU A 315 36.93 12.07 -28.93
C LEU A 315 35.99 12.13 -30.13
N GLU A 316 35.15 13.15 -30.16
CA GLU A 316 34.11 13.28 -31.18
C GLU A 316 34.53 14.22 -32.32
N ASN A 317 34.83 15.47 -32.00
CA ASN A 317 35.26 16.44 -32.98
C ASN A 317 36.68 16.91 -32.65
N TRP A 318 37.54 16.95 -33.66
CA TRP A 318 38.93 17.39 -33.47
C TRP A 318 39.20 18.70 -34.20
N PRO A 319 39.28 19.82 -33.49
CA PRO A 319 39.49 21.11 -34.13
C PRO A 319 40.93 21.29 -34.58
N PRO A 320 41.20 22.21 -35.51
CA PRO A 320 42.59 22.45 -35.92
C PRO A 320 43.45 23.04 -34.81
N ALA A 321 42.86 23.65 -33.80
CA ALA A 321 43.62 24.28 -32.72
C ALA A 321 43.74 23.34 -31.52
N SER B 1 18.72 45.26 -13.90
CA SER B 1 17.86 44.22 -13.35
C SER B 1 16.39 44.58 -13.52
N VAL B 2 15.91 45.50 -12.66
CA VAL B 2 14.53 45.95 -12.78
C VAL B 2 14.41 46.85 -14.02
N THR B 3 13.16 47.02 -14.47
CA THR B 3 12.81 47.83 -15.64
C THR B 3 13.32 47.19 -16.92
N GLU B 4 14.04 46.08 -16.81
CA GLU B 4 14.55 45.34 -17.96
C GLU B 4 13.78 44.03 -18.10
N PHE B 5 13.21 43.81 -19.27
CA PHE B 5 12.41 42.62 -19.54
C PHE B 5 12.99 41.87 -20.73
N LEU B 6 12.73 40.57 -20.77
CA LEU B 6 13.18 39.73 -21.87
C LEU B 6 12.48 40.13 -23.16
N LYS B 7 13.24 40.19 -24.25
CA LYS B 7 12.69 40.47 -25.56
C LYS B 7 12.82 39.24 -26.44
N PRO B 8 11.79 38.92 -27.24
CA PRO B 8 11.92 37.76 -28.13
C PRO B 8 12.99 37.99 -29.19
N ARG B 9 13.69 36.91 -29.57
CA ARG B 9 14.73 37.01 -30.62
C ARG B 9 14.73 35.74 -31.46
N LEU B 10 15.26 35.81 -32.68
CA LEU B 10 15.30 34.62 -33.59
C LEU B 10 13.87 34.08 -33.76
N VAL B 11 12.90 34.99 -33.92
CA VAL B 11 11.48 34.57 -34.10
C VAL B 11 11.37 33.79 -35.41
N ASP B 12 10.54 32.75 -35.45
CA ASP B 12 10.43 31.90 -36.66
C ASP B 12 9.07 32.10 -37.33
N ILE B 13 9.05 32.39 -38.64
CA ILE B 13 7.76 32.53 -39.39
C ILE B 13 7.70 31.42 -40.43
N GLU B 14 6.62 30.64 -40.45
CA GLU B 14 6.47 29.52 -41.41
C GLU B 14 5.35 29.86 -42.38
N GLN B 15 5.69 30.29 -43.60
CA GLN B 15 4.64 30.70 -44.53
C GLN B 15 4.20 29.52 -45.39
N VAL B 16 2.91 29.19 -45.28
CA VAL B 16 2.30 28.11 -46.04
C VAL B 16 1.46 28.73 -47.15
N SER B 17 1.70 28.31 -48.38
CA SER B 17 1.05 28.87 -49.57
C SER B 17 1.30 30.37 -49.57
N SER B 18 0.28 31.21 -49.72
CA SER B 18 0.45 32.66 -49.70
C SER B 18 -0.49 33.35 -48.73
N THR B 19 -1.44 32.63 -48.15
CA THR B 19 -2.39 33.21 -47.22
C THR B 19 -2.38 32.55 -45.85
N HIS B 20 -1.46 31.62 -45.59
CA HIS B 20 -1.36 30.94 -44.31
C HIS B 20 0.06 31.12 -43.77
N ALA B 21 0.17 31.50 -42.51
CA ALA B 21 1.46 31.71 -41.89
C ALA B 21 1.44 31.17 -40.46
N LYS B 22 2.62 30.81 -39.97
CA LYS B 22 2.79 30.33 -38.60
C LYS B 22 4.02 31.02 -38.01
N VAL B 23 3.79 31.92 -37.06
CA VAL B 23 4.84 32.75 -36.49
C VAL B 23 5.12 32.29 -35.07
N THR B 24 6.39 32.09 -34.74
CA THR B 24 6.81 31.65 -33.42
C THR B 24 7.77 32.67 -32.83
N LEU B 25 7.48 33.12 -31.62
CA LEU B 25 8.30 34.09 -30.90
C LEU B 25 8.73 33.49 -29.58
N GLU B 26 10.01 33.64 -29.24
CA GLU B 26 10.58 33.01 -28.07
C GLU B 26 11.90 33.69 -27.75
N PRO B 27 12.21 33.95 -26.47
CA PRO B 27 11.40 33.68 -25.27
C PRO B 27 10.61 34.89 -24.79
N LEU B 28 9.64 34.67 -23.91
CA LEU B 28 8.84 35.74 -23.32
C LEU B 28 8.76 35.52 -21.82
N GLU B 29 8.55 36.60 -21.09
CA GLU B 29 8.40 36.47 -19.64
C GLU B 29 7.08 35.76 -19.33
N ARG B 30 7.00 35.25 -18.10
CA ARG B 30 5.85 34.45 -17.70
C ARG B 30 4.57 35.28 -17.77
N GLY B 31 3.59 34.77 -18.52
CA GLY B 31 2.31 35.43 -18.66
C GLY B 31 2.21 36.41 -19.80
N PHE B 32 3.32 36.75 -20.45
CA PHE B 32 3.26 37.73 -21.52
C PHE B 32 2.78 37.14 -22.84
N GLY B 33 2.95 35.83 -23.02
CA GLY B 33 2.44 35.19 -24.21
C GLY B 33 0.93 35.32 -24.33
N HIS B 34 0.23 35.05 -23.23
CA HIS B 34 -1.23 35.18 -23.23
C HIS B 34 -1.65 36.63 -23.43
N THR B 35 -0.98 37.56 -22.76
CA THR B 35 -1.33 38.98 -22.90
C THR B 35 -1.20 39.42 -24.35
N LEU B 36 -0.03 39.17 -24.96
CA LEU B 36 0.21 39.62 -26.32
C LEU B 36 -0.70 38.90 -27.31
N GLY B 37 -0.82 37.58 -27.18
CA GLY B 37 -1.66 36.84 -28.11
C GLY B 37 -3.11 37.25 -28.04
N ASN B 38 -3.64 37.44 -26.83
CA ASN B 38 -5.04 37.83 -26.70
C ASN B 38 -5.28 39.23 -27.25
N ALA B 39 -4.40 40.19 -26.92
CA ALA B 39 -4.59 41.55 -27.44
C ALA B 39 -4.52 41.56 -28.96
N LEU B 40 -3.53 40.87 -29.53
CA LEU B 40 -3.36 40.86 -30.97
C LEU B 40 -4.54 40.17 -31.66
N ARG B 41 -5.01 39.04 -31.12
CA ARG B 41 -6.14 38.36 -31.72
C ARG B 41 -7.39 39.21 -31.66
N ARG B 42 -7.63 39.82 -30.50
CA ARG B 42 -8.87 40.62 -30.30
C ARG B 42 -8.95 41.74 -31.36
N ILE B 43 -7.91 42.57 -31.44
CA ILE B 43 -7.91 43.71 -32.40
C ILE B 43 -8.00 43.17 -33.83
N LEU B 44 -7.25 42.11 -34.12
CA LEU B 44 -7.26 41.50 -35.49
C LEU B 44 -8.66 40.98 -35.81
N LEU B 45 -9.34 40.41 -34.80
CA LEU B 45 -10.66 39.77 -35.05
C LEU B 45 -11.81 40.77 -34.93
N SER B 46 -11.55 42.00 -34.46
CA SER B 46 -12.66 42.92 -34.26
C SER B 46 -12.47 44.30 -34.85
N SER B 47 -11.25 44.82 -34.94
CA SER B 47 -11.02 46.20 -35.37
C SER B 47 -9.89 46.25 -36.38
N MET B 48 -10.21 46.02 -37.65
CA MET B 48 -9.26 46.13 -38.74
C MET B 48 -9.98 46.65 -39.98
N PRO B 49 -9.45 47.69 -40.62
CA PRO B 49 -10.11 48.26 -41.79
C PRO B 49 -10.04 47.33 -42.99
N GLY B 50 -10.99 47.51 -43.90
CA GLY B 50 -11.05 46.73 -45.12
C GLY B 50 -12.35 46.98 -45.85
N CYS B 51 -12.40 46.49 -47.08
CA CYS B 51 -13.55 46.65 -47.95
C CYS B 51 -14.21 45.30 -48.20
N ALA B 52 -15.55 45.29 -48.23
CA ALA B 52 -16.29 44.06 -48.42
C ALA B 52 -17.61 44.36 -49.10
N VAL B 53 -18.17 43.33 -49.74
CA VAL B 53 -19.49 43.46 -50.37
C VAL B 53 -20.55 43.55 -49.28
N THR B 54 -21.43 44.54 -49.41
CA THR B 54 -22.48 44.75 -48.42
C THR B 54 -23.88 44.77 -48.99
N GLU B 55 -24.06 45.11 -50.27
CA GLU B 55 -25.37 45.21 -50.88
C GLU B 55 -25.37 44.51 -52.22
N VAL B 56 -26.49 43.88 -52.57
CA VAL B 56 -26.63 43.14 -53.81
C VAL B 56 -28.01 43.43 -54.40
N GLU B 57 -28.05 43.68 -55.71
CA GLU B 57 -29.29 43.94 -56.42
C GLU B 57 -29.33 43.03 -57.65
N ILE B 58 -30.21 42.03 -57.62
CA ILE B 58 -30.40 41.12 -58.74
C ILE B 58 -31.68 41.50 -59.47
N ASP B 59 -31.60 41.62 -60.79
CA ASP B 59 -32.79 41.88 -61.58
C ASP B 59 -33.75 40.70 -61.50
N GLY B 60 -35.02 40.99 -61.20
CA GLY B 60 -36.02 39.97 -61.00
C GLY B 60 -36.68 40.10 -59.64
N VAL B 61 -36.94 38.96 -59.00
CA VAL B 61 -37.60 38.96 -57.70
C VAL B 61 -36.64 39.48 -56.64
N LEU B 62 -37.12 40.42 -55.83
CA LEU B 62 -36.30 41.06 -54.81
C LEU B 62 -36.58 40.52 -53.41
N HIS B 63 -37.41 39.49 -53.28
CA HIS B 63 -37.65 38.88 -51.99
C HIS B 63 -36.43 38.08 -51.55
N GLU B 64 -36.32 37.87 -50.24
CA GLU B 64 -35.22 37.08 -49.70
C GLU B 64 -35.29 35.64 -50.21
N TYR B 65 -36.48 35.06 -50.24
CA TYR B 65 -36.71 33.76 -50.86
C TYR B 65 -37.29 33.98 -52.25
N SER B 66 -36.54 33.57 -53.27
CA SER B 66 -36.90 33.84 -54.65
C SER B 66 -36.76 32.57 -55.47
N THR B 67 -37.52 32.53 -56.58
CA THR B 67 -37.48 31.38 -57.47
C THR B 67 -36.14 31.25 -58.19
N LYS B 68 -35.33 32.31 -58.20
CA LYS B 68 -34.00 32.30 -58.80
C LYS B 68 -34.04 32.06 -60.30
N GLU B 69 -35.22 32.20 -60.91
CA GLU B 69 -35.46 32.07 -62.36
C GLU B 69 -34.71 30.89 -62.98
N GLY B 70 -34.52 29.81 -62.20
CA GLY B 70 -33.78 28.67 -62.69
C GLY B 70 -32.32 28.96 -62.99
N VAL B 71 -31.61 29.48 -61.99
CA VAL B 71 -30.20 29.83 -62.15
C VAL B 71 -29.34 28.71 -61.59
N GLN B 72 -29.98 27.64 -61.14
CA GLN B 72 -29.39 26.38 -60.66
C GLN B 72 -28.77 26.54 -59.28
N GLU B 73 -28.66 27.76 -58.75
CA GLU B 73 -28.12 27.96 -57.41
C GLU B 73 -29.07 28.89 -56.66
N ASP B 74 -29.43 28.51 -55.44
CA ASP B 74 -30.35 29.33 -54.67
C ASP B 74 -29.74 30.70 -54.40
N ILE B 75 -30.62 31.70 -54.27
CA ILE B 75 -30.17 33.06 -54.00
C ILE B 75 -29.38 33.14 -52.71
N LEU B 76 -29.68 32.27 -51.75
CA LEU B 76 -28.88 32.19 -50.53
C LEU B 76 -27.44 31.82 -50.86
N GLU B 77 -27.25 30.83 -51.74
CA GLU B 77 -25.89 30.47 -52.15
C GLU B 77 -25.23 31.58 -52.96
N ILE B 78 -26.02 32.35 -53.73
CA ILE B 78 -25.46 33.48 -54.47
C ILE B 78 -24.90 34.52 -53.50
N LEU B 79 -25.69 34.85 -52.48
CA LEU B 79 -25.24 35.83 -51.49
C LEU B 79 -24.07 35.28 -50.68
N LEU B 80 -24.04 33.96 -50.47
CA LEU B 80 -22.90 33.35 -49.79
C LEU B 80 -21.63 33.47 -50.63
N ASN B 81 -21.74 33.29 -51.94
CA ASN B 81 -20.58 33.42 -52.82
C ASN B 81 -20.07 34.85 -52.87
N LEU B 82 -20.99 35.83 -52.93
CA LEU B 82 -20.57 37.22 -52.95
C LEU B 82 -20.05 37.68 -51.60
N LYS B 83 -20.42 36.98 -50.53
CA LYS B 83 -19.91 37.31 -49.20
C LYS B 83 -18.40 37.09 -49.12
N GLY B 84 -17.92 36.00 -49.71
CA GLY B 84 -16.51 35.66 -49.67
C GLY B 84 -15.65 36.34 -50.71
N LEU B 85 -16.25 37.13 -51.61
CA LEU B 85 -15.46 37.82 -52.62
C LEU B 85 -14.67 38.95 -51.97
N ALA B 86 -13.37 38.99 -52.25
CA ALA B 86 -12.46 39.95 -51.64
C ALA B 86 -12.00 40.95 -52.70
N VAL B 87 -12.10 42.24 -52.36
CA VAL B 87 -11.74 43.32 -53.28
C VAL B 87 -10.80 44.29 -52.58
N ARG B 88 -10.04 45.02 -53.40
CA ARG B 88 -9.13 46.07 -52.92
C ARG B 88 -9.59 47.39 -53.53
N VAL B 89 -10.38 48.15 -52.76
CA VAL B 89 -10.86 49.44 -53.24
C VAL B 89 -9.82 50.50 -52.94
N GLN B 90 -9.55 51.35 -53.93
CA GLN B 90 -8.50 52.36 -53.83
C GLN B 90 -9.12 53.76 -53.77
N GLY B 91 -8.94 54.44 -52.64
CA GLY B 91 -9.32 55.82 -52.50
C GLY B 91 -10.81 56.13 -52.62
N LYS B 92 -11.65 55.16 -52.31
CA LYS B 92 -13.10 55.33 -52.36
C LYS B 92 -13.70 54.78 -51.07
N ASP B 93 -14.69 55.51 -50.52
CA ASP B 93 -15.43 54.99 -49.38
C ASP B 93 -16.43 53.93 -49.81
N GLU B 94 -16.97 54.06 -51.02
CA GLU B 94 -17.91 53.09 -51.57
C GLU B 94 -17.85 53.14 -53.08
N VAL B 95 -18.25 52.03 -53.71
CA VAL B 95 -18.24 51.91 -55.17
C VAL B 95 -19.21 50.81 -55.58
N ILE B 96 -19.91 51.01 -56.68
CA ILE B 96 -20.91 50.07 -57.17
C ILE B 96 -20.35 49.37 -58.40
N LEU B 97 -20.39 48.03 -58.38
CA LEU B 97 -19.89 47.23 -59.54
C LEU B 97 -21.04 46.39 -60.10
N THR B 98 -21.16 46.31 -61.43
CA THR B 98 -22.28 45.56 -62.05
C THR B 98 -21.72 44.42 -62.92
N LEU B 99 -22.25 43.20 -62.75
CA LEU B 99 -21.81 42.06 -63.58
C LEU B 99 -23.01 41.44 -64.30
N ASN B 100 -22.93 41.29 -65.62
CA ASN B 100 -24.03 40.66 -66.40
C ASN B 100 -23.43 39.54 -67.26
N LYS B 101 -24.07 38.38 -67.34
CA LYS B 101 -23.49 37.24 -68.09
C LYS B 101 -24.57 36.48 -68.88
N SER B 102 -24.24 36.07 -70.11
CA SER B 102 -25.17 35.30 -70.91
C SER B 102 -24.46 34.07 -71.46
N GLY B 103 -25.23 33.02 -71.73
CA GLY B 103 -24.68 31.80 -72.28
C GLY B 103 -24.19 30.84 -71.22
N ILE B 104 -24.33 29.54 -71.48
CA ILE B 104 -24.00 28.52 -70.47
C ILE B 104 -22.54 28.65 -70.09
N GLY B 105 -22.29 28.64 -68.78
CA GLY B 105 -20.95 28.78 -68.24
C GLY B 105 -20.96 29.29 -66.82
N PRO B 106 -19.87 29.05 -66.08
CA PRO B 106 -19.82 29.53 -64.70
C PRO B 106 -19.41 31.00 -64.64
N VAL B 107 -20.14 31.77 -63.85
CA VAL B 107 -19.81 33.17 -63.64
C VAL B 107 -18.68 33.26 -62.63
N THR B 108 -17.55 33.84 -63.06
CA THR B 108 -16.41 34.03 -62.19
C THR B 108 -16.28 35.52 -61.83
N ALA B 109 -15.34 35.81 -60.93
CA ALA B 109 -15.11 37.20 -60.53
C ALA B 109 -14.56 38.04 -61.66
N ALA B 110 -13.88 37.42 -62.64
CA ALA B 110 -13.36 38.16 -63.79
C ALA B 110 -14.47 38.67 -64.70
N ASP B 111 -15.70 38.22 -64.51
CA ASP B 111 -16.83 38.65 -65.34
C ASP B 111 -17.43 39.96 -64.88
N ILE B 112 -17.00 40.50 -63.73
CA ILE B 112 -17.47 41.81 -63.30
C ILE B 112 -16.85 42.88 -64.20
N THR B 113 -17.58 43.98 -64.38
CA THR B 113 -17.10 45.06 -65.22
C THR B 113 -15.82 45.66 -64.64
N HIS B 114 -14.98 46.18 -65.52
CA HIS B 114 -13.65 46.63 -65.13
C HIS B 114 -13.73 48.06 -64.60
N ASP B 115 -13.23 48.26 -63.38
CA ASP B 115 -13.05 49.58 -62.81
C ASP B 115 -11.59 49.72 -62.37
N GLY B 116 -10.97 50.83 -62.75
CA GLY B 116 -9.55 51.02 -62.46
C GLY B 116 -9.23 51.15 -60.99
N ASP B 117 -10.21 51.58 -60.18
CA ASP B 117 -9.99 51.79 -58.76
C ASP B 117 -10.34 50.59 -57.90
N VAL B 118 -10.81 49.50 -58.50
CA VAL B 118 -11.21 48.30 -57.77
C VAL B 118 -10.39 47.13 -58.30
N GLU B 119 -9.78 46.37 -57.39
CA GLU B 119 -8.97 45.21 -57.73
C GLU B 119 -9.62 43.95 -57.18
N ILE B 120 -9.64 42.89 -57.97
CA ILE B 120 -10.16 41.59 -57.57
C ILE B 120 -8.97 40.65 -57.40
N VAL B 121 -8.84 40.07 -56.20
CA VAL B 121 -7.69 39.23 -55.92
C VAL B 121 -7.82 37.82 -56.47
N LYS B 122 -9.05 37.31 -56.59
CA LYS B 122 -9.30 35.95 -57.08
C LYS B 122 -10.29 36.03 -58.23
N PRO B 123 -9.81 36.29 -59.44
CA PRO B 123 -10.72 36.35 -60.59
C PRO B 123 -11.40 35.03 -60.88
N GLN B 124 -10.88 33.91 -60.38
CA GLN B 124 -11.49 32.61 -60.57
C GLN B 124 -12.54 32.28 -59.51
N HIS B 125 -12.81 33.21 -58.59
CA HIS B 125 -13.89 33.02 -57.64
C HIS B 125 -15.22 32.89 -58.36
N VAL B 126 -15.98 31.86 -58.01
CA VAL B 126 -17.22 31.52 -58.71
C VAL B 126 -18.40 32.12 -57.95
N ILE B 127 -19.23 32.89 -58.67
CA ILE B 127 -20.39 33.55 -58.01
C ILE B 127 -21.63 32.68 -58.23
N CYS B 128 -22.06 32.54 -59.49
CA CYS B 128 -23.23 31.68 -59.80
C CYS B 128 -22.91 30.79 -61.00
N HIS B 129 -23.39 29.55 -60.99
CA HIS B 129 -23.20 28.66 -62.17
C HIS B 129 -24.25 29.02 -63.23
N LEU B 130 -24.07 28.52 -64.46
CA LEU B 130 -24.99 28.88 -65.56
C LEU B 130 -26.40 28.38 -65.24
N THR B 131 -27.42 29.03 -65.79
CA THR B 131 -28.83 28.58 -65.58
C THR B 131 -28.99 27.24 -66.30
N ASP B 132 -28.03 26.87 -67.16
CA ASP B 132 -28.12 25.63 -67.96
C ASP B 132 -28.97 25.91 -69.19
N GLU B 133 -29.39 27.17 -69.36
CA GLU B 133 -30.18 27.57 -70.54
C GLU B 133 -29.63 28.89 -71.08
N ASN B 134 -29.90 29.21 -72.34
CA ASN B 134 -29.40 30.47 -72.95
C ASN B 134 -30.05 31.67 -72.24
N ALA B 135 -30.03 31.69 -70.91
CA ALA B 135 -30.65 32.80 -70.13
C ALA B 135 -29.62 33.90 -69.87
N SER B 136 -30.07 35.06 -69.40
CA SER B 136 -29.15 36.20 -69.11
C SER B 136 -29.30 36.61 -67.64
N ILE B 137 -28.19 36.82 -66.94
CA ILE B 137 -28.24 37.25 -65.50
C ILE B 137 -27.66 38.65 -65.37
N SER B 138 -28.37 39.55 -64.68
CA SER B 138 -27.85 40.93 -64.43
C SER B 138 -27.69 41.14 -62.93
N MET B 139 -26.52 41.61 -62.50
CA MET B 139 -26.25 41.75 -61.05
C MET B 139 -25.74 43.16 -60.74
N ARG B 140 -26.10 43.71 -59.58
CA ARG B 140 -25.63 45.06 -59.17
C ARG B 140 -25.11 44.98 -57.73
N ILE B 141 -23.79 44.90 -57.54
CA ILE B 141 -23.21 44.75 -56.17
C ILE B 141 -22.34 45.97 -55.86
N LYS B 142 -22.51 46.55 -54.66
CA LYS B 142 -21.67 47.70 -54.25
C LYS B 142 -20.76 47.25 -53.10
N VAL B 143 -19.47 47.59 -53.17
CA VAL B 143 -18.52 47.24 -52.08
C VAL B 143 -18.19 48.51 -51.29
N GLN B 144 -18.28 48.44 -49.95
CA GLN B 144 -18.00 49.62 -49.10
C GLN B 144 -16.95 49.22 -48.05
N ARG B 145 -16.20 50.20 -47.54
CA ARG B 145 -15.14 49.91 -46.54
C ARG B 145 -15.71 50.09 -45.13
N GLY B 146 -15.06 49.47 -44.13
CA GLY B 146 -15.52 49.56 -42.75
C GLY B 146 -14.51 48.98 -41.82
N ARG B 147 -14.98 48.30 -40.78
CA ARG B 147 -14.11 47.79 -39.74
C ARG B 147 -14.73 46.56 -39.10
N GLY B 148 -13.93 45.51 -38.92
CA GLY B 148 -14.40 44.32 -38.24
C GLY B 148 -15.46 43.55 -39.01
N TYR B 149 -16.36 42.92 -38.26
CA TYR B 149 -17.45 42.14 -38.82
C TYR B 149 -18.78 42.74 -38.36
N VAL B 150 -19.65 43.03 -39.32
CA VAL B 150 -20.95 43.61 -39.06
C VAL B 150 -22.03 42.68 -39.60
N PRO B 151 -22.62 41.84 -38.76
CA PRO B 151 -23.69 40.97 -39.23
C PRO B 151 -24.91 41.77 -39.67
N ALA B 152 -25.65 41.21 -40.63
CA ALA B 152 -26.83 41.88 -41.16
C ALA B 152 -27.99 41.78 -40.17
N SER B 153 -27.84 42.42 -39.01
CA SER B 153 -28.92 42.43 -38.03
C SER B 153 -30.13 43.20 -38.55
N THR B 154 -29.91 44.41 -39.04
CA THR B 154 -30.96 45.20 -39.68
C THR B 154 -30.30 46.28 -40.52
N ARG B 155 -31.08 46.84 -41.45
CA ARG B 155 -30.57 47.88 -42.32
C ARG B 155 -30.62 49.25 -41.65
N ILE B 156 -31.81 49.65 -41.19
CA ILE B 156 -32.02 50.95 -40.55
C ILE B 156 -31.53 52.07 -41.44
N HIS B 157 -31.85 51.99 -42.74
CA HIS B 157 -31.43 52.99 -43.71
C HIS B 157 -32.59 53.33 -44.62
N SER B 158 -32.55 54.54 -45.17
CA SER B 158 -33.57 55.09 -46.07
C SER B 158 -34.92 55.02 -45.34
N GLU B 159 -35.99 54.57 -45.98
CA GLU B 159 -37.29 54.49 -45.34
C GLU B 159 -37.96 53.17 -45.68
N GLU B 160 -38.63 52.58 -44.70
CA GLU B 160 -39.35 51.31 -44.83
C GLU B 160 -38.36 50.25 -45.34
N ASP B 161 -38.68 49.51 -46.40
CA ASP B 161 -37.82 48.46 -46.91
C ASP B 161 -37.06 48.88 -48.16
N GLU B 162 -37.03 50.18 -48.48
CA GLU B 162 -36.37 50.64 -49.70
C GLU B 162 -34.88 50.31 -49.68
N ARG B 163 -34.23 50.51 -48.53
CA ARG B 163 -32.82 50.15 -48.43
C ARG B 163 -32.62 48.66 -48.20
N PRO B 164 -33.38 47.97 -47.34
CA PRO B 164 -33.19 46.52 -47.20
C PRO B 164 -33.28 45.73 -48.49
N ILE B 165 -34.20 46.09 -49.40
CA ILE B 165 -34.28 45.39 -50.68
C ILE B 165 -33.08 45.76 -51.54
N GLY B 166 -32.67 47.02 -51.51
CA GLY B 166 -31.48 47.42 -52.24
C GLY B 166 -30.22 46.82 -51.66
N ARG B 167 -30.13 46.76 -50.33
CA ARG B 167 -28.98 46.16 -49.69
C ARG B 167 -29.00 44.63 -49.73
N LEU B 168 -30.19 44.04 -49.69
CA LEU B 168 -30.39 42.59 -49.59
C LEU B 168 -29.75 41.99 -48.35
N LEU B 169 -29.19 42.82 -47.47
CA LEU B 169 -28.67 42.42 -46.17
C LEU B 169 -27.65 41.30 -46.31
N VAL B 170 -26.54 41.63 -46.96
CA VAL B 170 -25.39 40.74 -47.08
C VAL B 170 -24.47 40.97 -45.89
N ASP B 171 -24.07 39.89 -45.22
CA ASP B 171 -23.15 40.01 -44.10
C ASP B 171 -21.83 40.61 -44.57
N ALA B 172 -21.33 41.59 -43.83
CA ALA B 172 -20.15 42.34 -44.21
C ALA B 172 -18.95 41.88 -43.38
N CYS B 173 -17.90 41.45 -44.06
CA CYS B 173 -16.65 41.05 -43.43
C CYS B 173 -15.57 42.01 -43.90
N TYR B 174 -15.45 43.15 -43.20
CA TYR B 174 -14.47 44.15 -43.58
C TYR B 174 -13.05 43.68 -43.30
N SER B 175 -12.83 43.07 -42.14
CA SER B 175 -11.49 42.66 -41.75
C SER B 175 -10.96 41.58 -42.68
N PRO B 176 -9.74 41.71 -43.19
CA PRO B 176 -9.16 40.71 -44.09
C PRO B 176 -8.50 39.55 -43.37
N VAL B 177 -9.19 39.00 -42.37
CA VAL B 177 -8.68 37.91 -41.56
C VAL B 177 -9.71 36.80 -41.55
N GLU B 178 -9.30 35.60 -41.97
CA GLU B 178 -10.19 34.45 -41.95
C GLU B 178 -10.11 33.72 -40.61
N ARG B 179 -8.90 33.47 -40.12
CA ARG B 179 -8.71 32.80 -38.85
C ARG B 179 -7.49 33.36 -38.15
N ILE B 180 -7.58 33.48 -36.83
CA ILE B 180 -6.44 33.87 -36.00
C ILE B 180 -6.50 33.05 -34.71
N ALA B 181 -5.43 32.29 -34.45
CA ALA B 181 -5.34 31.45 -33.27
C ALA B 181 -3.92 31.51 -32.73
N TYR B 182 -3.80 31.38 -31.41
CA TYR B 182 -2.50 31.41 -30.76
C TYR B 182 -2.42 30.31 -29.71
N ASN B 183 -1.19 29.90 -29.41
CA ASN B 183 -0.91 28.89 -28.40
C ASN B 183 0.33 29.33 -27.63
N VAL B 184 0.32 29.12 -26.32
CA VAL B 184 1.44 29.48 -25.46
C VAL B 184 2.06 28.19 -24.93
N GLU B 185 3.34 27.99 -25.24
CA GLU B 185 4.06 26.79 -24.87
C GLU B 185 5.16 27.12 -23.87
N ALA B 186 5.87 26.09 -23.44
CA ALA B 186 6.92 26.26 -22.44
C ALA B 186 8.28 26.36 -23.11
N ALA B 187 9.01 27.41 -22.77
CA ALA B 187 10.37 27.63 -23.25
C ALA B 187 11.27 27.95 -22.09
N ARG B 188 12.55 27.60 -22.22
CA ARG B 188 13.53 27.85 -21.18
C ARG B 188 14.75 28.53 -21.78
N VAL B 189 15.30 29.49 -21.04
CA VAL B 189 16.48 30.24 -21.46
C VAL B 189 17.40 30.39 -20.24
N GLU B 190 18.70 30.21 -20.49
CA GLU B 190 19.70 29.93 -19.46
C GLU B 190 19.12 29.07 -18.34
N GLN B 191 19.33 29.46 -17.08
CA GLN B 191 18.81 28.69 -15.95
C GLN B 191 17.32 28.86 -15.74
N ARG B 192 16.72 29.90 -16.31
CA ARG B 192 15.29 30.12 -16.16
C ARG B 192 14.50 29.02 -16.85
N THR B 193 13.33 28.70 -16.30
CA THR B 193 12.54 27.59 -16.81
C THR B 193 11.11 28.02 -17.12
N ASP B 194 10.62 29.04 -16.43
CA ASP B 194 9.23 29.49 -16.57
C ASP B 194 9.11 30.69 -17.51
N LEU B 195 9.30 30.42 -18.80
CA LEU B 195 9.13 31.44 -19.83
C LEU B 195 8.05 31.00 -20.79
N ASP B 196 7.54 31.95 -21.57
CA ASP B 196 6.49 31.69 -22.55
C ASP B 196 7.09 31.57 -23.95
N LYS B 197 6.51 30.67 -24.74
CA LYS B 197 6.79 30.57 -26.18
C LYS B 197 5.47 30.73 -26.91
N LEU B 198 5.37 31.77 -27.73
CA LEU B 198 4.13 32.14 -28.39
C LEU B 198 4.15 31.70 -29.84
N VAL B 199 3.09 30.99 -30.25
CA VAL B 199 2.93 30.54 -31.63
C VAL B 199 1.62 31.12 -32.15
N ILE B 200 1.70 31.82 -33.28
CA ILE B 200 0.55 32.49 -33.89
C ILE B 200 0.29 31.83 -35.24
N GLU B 201 -0.97 31.45 -35.46
CA GLU B 201 -1.41 30.88 -36.73
C GLU B 201 -2.53 31.74 -37.29
N MET B 202 -2.31 32.31 -38.47
CA MET B 202 -3.32 33.16 -39.08
C MET B 202 -3.49 32.83 -40.55
N GLU B 203 -4.73 32.93 -41.03
CA GLU B 203 -4.99 32.77 -42.48
C GLU B 203 -5.65 34.08 -42.95
N THR B 204 -5.50 34.45 -44.22
CA THR B 204 -6.02 35.75 -44.69
C THR B 204 -6.92 35.58 -45.92
N ASN B 205 -7.79 36.55 -46.19
CA ASN B 205 -8.66 36.51 -47.40
C ASN B 205 -7.79 36.60 -48.66
N GLY B 206 -6.58 37.13 -48.53
CA GLY B 206 -5.66 37.28 -49.68
C GLY B 206 -5.44 38.73 -50.06
N THR B 207 -6.28 39.64 -49.58
CA THR B 207 -6.07 41.09 -49.83
C THR B 207 -4.76 41.52 -49.17
N ILE B 208 -4.45 40.95 -47.99
CA ILE B 208 -3.22 41.33 -47.24
C ILE B 208 -2.43 40.05 -46.91
N ASP B 209 -1.14 40.20 -46.56
CA ASP B 209 -0.31 39.03 -46.18
C ASP B 209 -0.32 38.87 -44.66
N PRO B 210 -0.46 37.65 -44.11
CA PRO B 210 -0.46 37.42 -42.65
C PRO B 210 0.52 38.29 -41.85
N GLU B 211 1.79 38.34 -42.25
CA GLU B 211 2.79 39.13 -41.54
C GLU B 211 2.44 40.61 -41.56
N GLU B 212 1.92 41.09 -42.69
CA GLU B 212 1.48 42.47 -42.78
C GLU B 212 0.31 42.74 -41.85
N ALA B 213 -0.59 41.76 -41.71
CA ALA B 213 -1.70 41.92 -40.78
C ALA B 213 -1.21 41.99 -39.33
N ILE B 214 -0.24 41.14 -38.98
CA ILE B 214 0.35 41.22 -37.64
C ILE B 214 0.98 42.58 -37.42
N ARG B 215 1.71 43.07 -38.41
CA ARG B 215 2.35 44.38 -38.29
C ARG B 215 1.33 45.49 -38.09
N ARG B 216 0.24 45.48 -38.87
CA ARG B 216 -0.78 46.50 -38.75
C ARG B 216 -1.46 46.45 -37.39
N ALA B 217 -1.80 45.25 -36.92
CA ALA B 217 -2.46 45.12 -35.62
C ALA B 217 -1.57 45.63 -34.50
N ALA B 218 -0.31 45.21 -34.49
CA ALA B 218 0.61 45.70 -33.46
C ALA B 218 0.80 47.20 -33.57
N THR B 219 0.81 47.74 -34.79
CA THR B 219 0.98 49.17 -34.97
C THR B 219 -0.17 49.96 -34.35
N ILE B 220 -1.41 49.56 -34.62
CA ILE B 220 -2.53 50.31 -34.06
C ILE B 220 -2.58 50.13 -32.54
N LEU B 221 -2.25 48.94 -32.04
CA LEU B 221 -2.24 48.75 -30.59
C LEU B 221 -1.18 49.63 -29.92
N ALA B 222 0.00 49.73 -30.53
CA ALA B 222 1.05 50.58 -29.97
C ALA B 222 0.67 52.05 -30.05
N GLU B 223 0.07 52.48 -31.16
CA GLU B 223 -0.36 53.87 -31.27
C GLU B 223 -1.49 54.21 -30.32
N GLN B 224 -2.23 53.21 -29.85
CA GLN B 224 -3.25 53.48 -28.84
C GLN B 224 -2.66 53.86 -27.49
N LEU B 225 -1.40 53.53 -27.22
CA LEU B 225 -0.78 53.77 -25.92
C LEU B 225 0.14 55.00 -25.91
N GLU B 226 0.12 55.80 -26.98
CA GLU B 226 1.08 56.90 -27.07
C GLU B 226 0.84 57.94 -25.98
N ALA B 227 -0.43 58.17 -25.60
CA ALA B 227 -0.73 59.18 -24.60
C ALA B 227 -0.15 58.83 -23.23
N PHE B 228 0.27 57.58 -23.01
CA PHE B 228 0.91 57.18 -21.77
C PHE B 228 2.37 56.81 -21.93
N VAL B 229 2.84 56.54 -23.14
CA VAL B 229 4.24 56.20 -23.36
C VAL B 229 5.06 57.39 -23.88
N ASP B 230 4.41 58.49 -24.25
CA ASP B 230 5.14 59.61 -24.86
C ASP B 230 6.11 60.25 -23.88
N LEU B 231 5.60 60.79 -22.78
CA LEU B 231 6.49 61.40 -21.79
C LEU B 231 7.39 60.36 -21.14
N ARG B 232 6.83 59.19 -20.83
CA ARG B 232 7.62 58.09 -20.26
C ARG B 232 8.21 57.25 -21.40
N ASP B 233 9.11 57.89 -22.14
CA ASP B 233 9.78 57.26 -23.27
C ASP B 233 11.28 57.30 -23.07
N VAL B 234 11.95 56.21 -23.45
CA VAL B 234 13.40 56.15 -23.33
C VAL B 234 14.06 57.21 -24.21
N MET C 1 -20.25 34.69 33.06
CA MET C 1 -21.31 33.77 33.47
C MET C 1 -21.87 33.02 32.26
N VAL C 2 -22.53 33.75 31.36
CA VAL C 2 -23.10 33.11 30.18
C VAL C 2 -21.99 32.62 29.25
N TYR C 3 -20.90 33.39 29.14
CA TYR C 3 -19.76 33.02 28.32
C TYR C 3 -18.47 33.20 29.10
N SER C 4 -17.53 32.29 28.91
CA SER C 4 -16.24 32.38 29.59
C SER C 4 -15.36 33.42 28.91
N TYR C 5 -14.26 33.76 29.61
CA TYR C 5 -13.38 34.82 29.12
C TYR C 5 -12.77 34.47 27.77
N THR C 6 -12.34 33.22 27.61
CA THR C 6 -11.76 32.79 26.33
C THR C 6 -12.82 32.71 25.23
N GLU C 7 -14.08 32.48 25.60
CA GLU C 7 -15.15 32.35 24.62
C GLU C 7 -15.80 33.68 24.28
N LYS C 8 -15.72 34.68 25.17
CA LYS C 8 -16.21 36.00 24.84
C LYS C 8 -15.37 36.68 23.76
N LYS C 9 -14.14 36.21 23.54
CA LYS C 9 -13.27 36.83 22.55
C LYS C 9 -13.75 36.54 21.12
N ARG C 10 -14.32 35.36 20.89
CA ARG C 10 -14.81 35.01 19.55
C ARG C 10 -15.90 33.95 19.74
N ILE C 11 -17.15 34.33 19.52
CA ILE C 11 -18.29 33.45 19.77
C ILE C 11 -18.72 32.83 18.45
N ARG C 12 -18.80 31.50 18.42
CA ARG C 12 -19.33 30.81 17.25
C ARG C 12 -20.84 30.96 17.20
N LYS C 13 -21.37 31.21 16.01
CA LYS C 13 -22.82 31.26 15.82
C LYS C 13 -23.31 29.83 15.64
N ASP C 14 -23.91 29.29 16.70
CA ASP C 14 -24.49 27.95 16.64
C ASP C 14 -25.83 27.98 15.94
N PHE C 15 -26.09 26.94 15.16
CA PHE C 15 -27.38 26.78 14.51
C PHE C 15 -28.27 25.75 15.20
N GLY C 16 -27.77 25.06 16.22
CA GLY C 16 -28.57 24.48 17.28
C GLY C 16 -29.87 23.80 16.93
N LYS C 17 -30.97 24.33 17.47
CA LYS C 17 -32.36 23.90 17.38
C LYS C 17 -32.73 22.81 18.38
N ARG C 18 -31.79 22.27 19.16
CA ARG C 18 -32.15 21.24 20.12
C ARG C 18 -31.35 21.41 21.41
N PRO C 19 -31.98 21.75 22.56
CA PRO C 19 -31.25 21.86 23.83
C PRO C 19 -30.53 20.54 24.16
N GLN C 20 -29.45 20.64 24.96
CA GLN C 20 -28.67 19.41 25.32
C GLN C 20 -28.96 19.04 26.78
N VAL C 21 -29.43 17.82 27.02
CA VAL C 21 -29.76 17.35 28.40
C VAL C 21 -28.48 17.28 29.22
N LEU C 22 -27.40 16.75 28.65
CA LEU C 22 -26.11 16.62 29.38
C LEU C 22 -24.97 17.06 28.46
N ASP C 23 -23.81 17.38 29.05
CA ASP C 23 -22.66 17.88 28.23
C ASP C 23 -21.81 16.70 27.74
N VAL C 24 -20.72 16.99 27.02
CA VAL C 24 -19.86 15.90 26.46
C VAL C 24 -18.79 15.53 27.50
N PRO C 25 -18.42 14.23 27.64
CA PRO C 25 -17.42 13.79 28.61
C PRO C 25 -15.98 14.13 28.19
N TYR C 26 -15.01 13.94 29.09
CA TYR C 26 -13.58 14.27 28.80
C TYR C 26 -13.09 13.45 27.60
N LEU C 27 -13.49 12.18 27.50
CA LEU C 27 -13.13 11.31 26.34
C LEU C 27 -11.79 10.60 26.60
N LEU C 28 -11.03 11.04 27.61
CA LEU C 28 -9.76 10.37 27.97
C LEU C 28 -9.86 9.81 29.39
N SER C 29 -11.03 9.92 30.00
CA SER C 29 -11.23 9.39 31.38
C SER C 29 -10.99 7.88 31.40
N ILE C 30 -11.47 7.18 30.37
CA ILE C 30 -11.28 5.71 30.27
C ILE C 30 -9.86 5.35 30.73
N GLN C 31 -8.84 5.69 29.93
CA GLN C 31 -7.46 5.40 30.29
C GLN C 31 -7.17 5.82 31.72
N LEU C 32 -7.59 7.03 32.09
CA LEU C 32 -7.30 7.53 33.43
C LEU C 32 -8.00 6.71 34.49
N ASP C 33 -9.27 6.36 34.27
CA ASP C 33 -10.00 5.56 35.23
C ASP C 33 -9.37 4.18 35.39
N SER C 34 -8.99 3.56 34.27
CA SER C 34 -8.38 2.24 34.33
C SER C 34 -7.07 2.28 35.13
N PHE C 35 -6.17 3.18 34.77
CA PHE C 35 -4.88 3.20 35.43
C PHE C 35 -5.00 3.63 36.89
N GLN C 36 -5.95 4.52 37.19
CA GLN C 36 -6.19 4.90 38.57
C GLN C 36 -6.69 3.72 39.38
N LYS C 37 -7.57 2.91 38.81
CA LYS C 37 -8.00 1.72 39.50
C LYS C 37 -6.91 0.66 39.58
N PHE C 38 -5.81 0.86 38.83
CA PHE C 38 -4.68 -0.10 38.88
C PHE C 38 -3.68 0.31 39.96
N ILE C 39 -2.99 1.44 39.76
CA ILE C 39 -1.94 1.88 40.73
C ILE C 39 -2.57 2.19 42.10
N GLU C 40 -3.74 2.81 42.14
CA GLU C 40 -4.34 3.23 43.43
C GLU C 40 -4.65 2.00 44.30
N GLN C 41 -4.39 2.09 45.60
CA GLN C 41 -4.68 0.96 46.55
C GLN C 41 -6.17 0.98 46.91
N ASP C 42 -6.69 -0.13 47.43
CA ASP C 42 -8.12 -0.21 47.83
C ASP C 42 -8.22 -0.90 49.20
N PRO C 43 -9.06 -0.39 50.14
CA PRO C 43 -9.24 -1.07 51.43
C PRO C 43 -9.64 -2.53 51.30
N GLU C 44 -10.30 -2.91 50.21
CA GLU C 44 -10.60 -4.29 49.90
C GLU C 44 -9.62 -4.79 48.84
N GLY C 45 -9.82 -6.04 48.38
CA GLY C 45 -8.98 -6.55 47.29
C GLY C 45 -9.67 -6.30 45.95
N GLN C 46 -10.61 -5.35 45.92
CA GLN C 46 -11.38 -5.08 44.68
C GLN C 46 -10.48 -4.53 43.57
N TYR C 47 -9.58 -3.61 43.90
CA TYR C 47 -8.75 -2.96 42.84
C TYR C 47 -7.34 -2.65 43.35
N GLY C 48 -6.39 -2.42 42.43
CA GLY C 48 -5.02 -2.06 42.82
C GLY C 48 -4.12 -3.27 42.92
N LEU C 49 -2.80 -3.06 42.80
CA LEU C 49 -1.84 -4.19 42.98
C LEU C 49 -2.21 -4.91 44.28
N GLU C 50 -3.02 -4.27 45.12
CA GLU C 50 -3.44 -4.89 46.37
C GLU C 50 -4.13 -6.22 46.14
N ALA C 51 -4.98 -6.30 45.10
CA ALA C 51 -5.68 -7.54 44.81
C ALA C 51 -4.71 -8.65 44.44
N ALA C 52 -3.71 -8.33 43.60
CA ALA C 52 -2.71 -9.32 43.23
C ALA C 52 -1.89 -9.76 44.44
N PHE C 53 -1.51 -8.79 45.28
CA PHE C 53 -0.73 -9.12 46.47
C PHE C 53 -1.51 -10.06 47.40
N ARG C 54 -2.81 -9.80 47.58
CA ARG C 54 -3.62 -10.69 48.40
C ARG C 54 -3.85 -12.03 47.72
N SER C 55 -3.90 -12.05 46.38
CA SER C 55 -4.07 -13.31 45.67
C SER C 55 -2.87 -14.22 45.83
N VAL C 56 -1.66 -13.66 45.81
CA VAL C 56 -0.46 -14.48 45.91
C VAL C 56 -0.11 -14.73 47.37
N PHE C 57 0.10 -13.67 48.13
CA PHE C 57 0.47 -13.82 49.53
C PHE C 57 -0.74 -14.23 50.36
N PRO C 58 -0.53 -14.90 51.51
CA PRO C 58 0.75 -15.34 52.08
C PRO C 58 1.28 -16.60 51.41
N ILE C 59 2.59 -16.79 51.40
CA ILE C 59 3.21 -17.96 50.79
C ILE C 59 4.06 -18.65 51.85
N GLN C 60 4.01 -19.99 51.86
CA GLN C 60 4.79 -20.78 52.86
C GLN C 60 5.47 -21.96 52.17
N SER C 61 6.72 -22.26 52.53
CA SER C 61 7.41 -23.44 51.95
C SER C 61 6.77 -24.71 52.50
N TYR C 62 6.80 -25.80 51.72
CA TYR C 62 6.17 -27.08 52.16
C TYR C 62 6.85 -27.55 53.45
N SER C 63 6.06 -27.81 54.50
CA SER C 63 6.61 -28.28 55.79
C SER C 63 7.73 -27.35 56.25
N GLY C 64 7.58 -26.04 56.01
CA GLY C 64 8.66 -25.08 56.35
C GLY C 64 8.37 -24.33 57.63
N ASN C 65 7.21 -24.55 58.26
CA ASN C 65 6.84 -23.77 59.46
C ASN C 65 7.29 -22.32 59.24
N SER C 66 7.18 -21.82 58.00
CA SER C 66 7.62 -20.48 57.68
C SER C 66 6.57 -19.80 56.82
N GLU C 67 6.34 -18.51 57.07
CA GLU C 67 5.29 -17.75 56.39
C GLU C 67 5.85 -16.41 55.92
N LEU C 68 5.26 -15.89 54.85
CA LEU C 68 5.49 -14.52 54.38
C LEU C 68 4.19 -13.74 54.55
N GLN C 69 4.16 -12.86 55.54
CA GLN C 69 2.99 -12.01 55.77
C GLN C 69 3.18 -10.68 55.08
N TYR C 70 2.18 -10.25 54.32
CA TYR C 70 2.22 -9.01 53.54
C TYR C 70 1.36 -7.94 54.19
N VAL C 71 1.93 -6.74 54.30
CA VAL C 71 1.23 -5.59 54.88
C VAL C 71 1.53 -4.35 54.05
N SER C 72 0.55 -3.90 53.27
CA SER C 72 0.57 -2.63 52.57
C SER C 72 1.69 -2.50 51.53
N TYR C 73 1.69 -1.39 50.80
CA TYR C 73 2.68 -1.07 49.78
C TYR C 73 2.64 0.43 49.55
N ARG C 74 3.69 0.95 48.93
CA ARG C 74 3.81 2.38 48.68
C ARG C 74 4.58 2.60 47.39
N LEU C 75 4.17 3.63 46.64
CA LEU C 75 4.82 3.98 45.38
C LEU C 75 5.70 5.21 45.59
N GLY C 76 6.94 5.12 45.12
CA GLY C 76 7.89 6.20 45.31
C GLY C 76 7.70 7.35 44.34
N GLU C 77 8.43 8.43 44.61
CA GLU C 77 8.43 9.65 43.81
C GLU C 77 9.37 9.51 42.63
N PRO C 78 8.92 9.77 41.40
CA PRO C 78 9.81 9.66 40.24
C PRO C 78 10.98 10.63 40.34
N VAL C 79 12.13 10.19 39.81
CA VAL C 79 13.33 11.03 39.85
C VAL C 79 13.36 12.05 38.72
N PHE C 80 12.56 11.85 37.68
CA PHE C 80 12.46 12.80 36.58
C PHE C 80 10.99 13.01 36.24
N ASP C 81 10.67 14.18 35.70
CA ASP C 81 9.32 14.43 35.24
C ASP C 81 9.17 13.93 33.80
N VAL C 82 8.04 14.25 33.17
CA VAL C 82 7.79 13.78 31.81
C VAL C 82 8.77 14.43 30.84
N GLN C 83 9.04 15.73 31.00
CA GLN C 83 9.87 16.43 30.03
C GLN C 83 11.31 15.94 30.06
N GLU C 84 11.91 15.83 31.25
CA GLU C 84 13.28 15.35 31.34
C GLU C 84 13.39 13.91 30.89
N CYS C 85 12.39 13.08 31.22
CA CYS C 85 12.39 11.71 30.74
C CYS C 85 12.36 11.66 29.22
N GLN C 86 11.55 12.51 28.61
CA GLN C 86 11.41 12.51 27.16
C GLN C 86 12.66 13.05 26.48
N ILE C 87 13.36 14.00 27.11
CA ILE C 87 14.57 14.54 26.50
C ILE C 87 15.79 13.67 26.75
N ARG C 88 15.77 12.84 27.80
CA ARG C 88 16.89 11.97 28.12
C ARG C 88 16.75 10.57 27.53
N GLY C 89 15.57 10.19 27.08
CA GLY C 89 15.38 8.86 26.53
C GLY C 89 15.21 7.76 27.54
N VAL C 90 14.66 8.06 28.72
CA VAL C 90 14.45 7.05 29.76
C VAL C 90 12.96 6.84 29.97
N THR C 91 12.60 5.91 30.85
CA THR C 91 11.21 5.56 31.12
C THR C 91 10.73 6.34 32.34
N TYR C 92 9.51 6.88 32.23
CA TYR C 92 8.87 7.62 33.33
C TYR C 92 8.16 6.61 34.22
N SER C 93 8.75 6.31 35.38
CA SER C 93 8.24 5.26 36.26
C SER C 93 8.43 5.69 37.70
N ALA C 94 7.96 4.84 38.62
CA ALA C 94 8.05 5.08 40.04
C ALA C 94 8.53 3.82 40.76
N PRO C 95 9.29 3.97 41.84
CA PRO C 95 9.76 2.79 42.58
C PRO C 95 8.66 2.21 43.46
N LEU C 96 8.56 0.89 43.45
CA LEU C 96 7.53 0.16 44.19
C LEU C 96 8.16 -0.40 45.47
N ARG C 97 7.61 0.03 46.61
CA ARG C 97 8.06 -0.42 47.92
C ARG C 97 6.91 -1.13 48.62
N VAL C 98 7.17 -2.31 49.16
CA VAL C 98 6.16 -3.11 49.84
C VAL C 98 6.73 -3.57 51.19
N LYS C 99 5.92 -3.43 52.24
CA LYS C 99 6.36 -3.91 53.59
C LYS C 99 5.82 -5.33 53.81
N LEU C 100 6.70 -6.26 54.19
CA LEU C 100 6.27 -7.65 54.47
C LEU C 100 7.02 -8.16 55.72
N ARG C 101 6.46 -9.15 56.41
CA ARG C 101 7.07 -9.66 57.66
C ARG C 101 7.33 -11.16 57.53
N LEU C 102 8.43 -11.65 58.12
CA LEU C 102 8.74 -13.11 58.09
C LEU C 102 8.52 -13.68 59.50
N VAL C 103 7.67 -14.71 59.60
CA VAL C 103 7.36 -15.33 60.93
C VAL C 103 7.77 -16.80 60.91
N ILE C 104 8.49 -17.24 61.94
CA ILE C 104 8.94 -18.67 62.02
C ILE C 104 8.02 -19.42 62.99
N TYR C 105 7.37 -20.48 62.52
CA TYR C 105 6.47 -21.25 63.37
C TYR C 105 7.25 -22.34 64.10
N GLU C 106 6.79 -22.64 65.33
CA GLU C 106 7.46 -23.64 66.16
C GLU C 106 7.25 -25.03 65.59
N ARG C 107 8.33 -25.79 65.49
CA ARG C 107 8.22 -27.19 65.06
C ARG C 107 7.66 -28.06 66.17
N GLU C 108 8.11 -27.84 67.41
CA GLU C 108 7.66 -28.67 68.52
C GLU C 108 6.22 -28.36 68.89
N ALA C 109 5.86 -27.07 68.95
CA ALA C 109 4.52 -26.67 69.34
C ALA C 109 3.66 -26.49 68.09
N PRO C 110 2.62 -27.29 67.89
CA PRO C 110 1.75 -27.10 66.71
C PRO C 110 1.05 -25.75 66.75
N GLU C 111 0.95 -25.13 65.59
CA GLU C 111 0.29 -23.83 65.42
C GLU C 111 0.88 -22.74 66.30
N GLY C 112 2.18 -22.82 66.59
CA GLY C 112 2.86 -21.83 67.41
C GLY C 112 4.07 -21.28 66.68
N THR C 113 4.46 -20.06 67.04
CA THR C 113 5.57 -19.36 66.41
C THR C 113 6.66 -19.07 67.43
N VAL C 114 7.89 -18.86 66.93
CA VAL C 114 9.04 -18.59 67.78
C VAL C 114 9.69 -17.26 67.40
N LYS C 115 9.52 -16.83 66.15
CA LYS C 115 10.20 -15.64 65.66
C LYS C 115 9.30 -14.90 64.67
N ASP C 116 9.47 -13.59 64.60
CA ASP C 116 8.67 -12.73 63.72
C ASP C 116 9.50 -11.49 63.41
N ILE C 117 10.06 -11.45 62.21
CA ILE C 117 10.94 -10.35 61.81
C ILE C 117 10.21 -9.42 60.87
N LYS C 118 9.81 -8.26 61.38
CA LYS C 118 9.13 -7.23 60.59
C LYS C 118 10.10 -6.11 60.19
N GLU C 119 11.05 -6.44 59.32
CA GLU C 119 11.95 -5.43 58.79
C GLU C 119 11.21 -4.54 57.79
N GLN C 120 11.81 -3.39 57.48
CA GLN C 120 11.18 -2.39 56.63
C GLN C 120 10.89 -2.90 55.23
N GLU C 121 10.31 -2.03 54.41
CA GLU C 121 9.85 -2.43 53.08
C GLU C 121 11.03 -2.82 52.19
N VAL C 122 10.71 -3.58 51.14
CA VAL C 122 11.70 -4.07 50.18
C VAL C 122 11.33 -3.52 48.81
N TYR C 123 12.32 -3.40 47.93
CA TYR C 123 12.11 -2.79 46.63
C TYR C 123 12.13 -3.86 45.54
N MET C 124 11.08 -3.90 44.72
CA MET C 124 11.11 -4.73 43.52
C MET C 124 10.49 -3.97 42.37
N GLY C 125 11.15 -4.02 41.21
CA GLY C 125 10.59 -3.48 39.99
C GLY C 125 10.36 -1.98 39.98
N GLU C 126 10.01 -1.44 38.81
CA GLU C 126 9.58 -0.06 38.67
C GLU C 126 8.31 -0.05 37.85
N ILE C 127 7.28 0.63 38.36
CA ILE C 127 5.97 0.67 37.72
C ILE C 127 5.92 1.92 36.85
N PRO C 128 5.82 1.79 35.52
CA PRO C 128 5.63 2.97 34.68
C PRO C 128 4.32 3.67 35.00
N LEU C 129 4.37 4.99 35.03
CA LEU C 129 3.21 5.82 35.33
C LEU C 129 2.74 6.52 34.07
N MET C 130 1.42 6.65 33.94
CA MET C 130 0.85 7.36 32.81
C MET C 130 0.74 8.85 33.14
N THR C 131 0.92 9.68 32.11
CA THR C 131 0.91 11.12 32.28
C THR C 131 -0.53 11.62 32.44
N ASP C 132 -0.68 12.93 32.59
CA ASP C 132 -2.00 13.53 32.76
C ASP C 132 -2.85 13.40 31.50
N ASN C 133 -2.25 13.08 30.37
CA ASN C 133 -2.96 12.92 29.11
C ASN C 133 -3.26 11.47 28.76
N GLY C 134 -2.77 10.51 29.55
CA GLY C 134 -3.03 9.12 29.27
C GLY C 134 -2.01 8.46 28.36
N THR C 135 -0.74 8.75 28.58
CA THR C 135 0.34 8.20 27.77
C THR C 135 1.47 7.72 28.68
N PHE C 136 2.25 6.77 28.19
CA PHE C 136 3.33 6.15 28.95
C PHE C 136 4.66 6.46 28.29
N VAL C 137 5.43 7.36 28.91
CA VAL C 137 6.77 7.69 28.40
C VAL C 137 7.69 6.55 28.81
N ILE C 138 7.95 5.62 27.90
CA ILE C 138 8.91 4.54 28.13
C ILE C 138 10.01 4.65 27.09
N ASN C 139 11.26 4.67 27.55
CA ASN C 139 12.42 4.92 26.71
C ASN C 139 12.28 6.23 25.93
N GLY C 140 11.69 7.22 26.57
CA GLY C 140 11.53 8.54 25.98
C GLY C 140 10.61 8.58 24.77
N THR C 141 9.49 7.85 24.81
CA THR C 141 8.52 7.87 23.73
C THR C 141 7.15 8.16 24.32
N GLU C 142 6.07 7.99 23.55
CA GLU C 142 4.73 8.29 24.02
C GLU C 142 3.92 7.03 24.34
N ARG C 143 3.78 6.12 23.39
CA ARG C 143 3.37 4.73 23.65
C ARG C 143 2.02 4.67 24.39
N VAL C 144 0.97 5.03 23.68
CA VAL C 144 -0.38 4.79 24.20
C VAL C 144 -0.68 3.29 24.14
N ILE C 145 -1.48 2.82 25.09
CA ILE C 145 -1.87 1.42 25.19
C ILE C 145 -3.35 1.31 24.86
N VAL C 146 -3.67 0.56 23.83
CA VAL C 146 -5.01 0.51 23.24
C VAL C 146 -5.86 -0.53 23.97
N SER C 147 -7.12 -0.18 24.23
CA SER C 147 -8.05 -1.10 24.87
C SER C 147 -8.43 -2.23 23.92
N GLN C 148 -8.86 -3.34 24.51
CA GLN C 148 -9.17 -4.54 23.75
C GLN C 148 -10.62 -4.97 23.97
N LEU C 149 -11.25 -5.42 22.90
CA LEU C 149 -12.63 -5.90 22.91
C LEU C 149 -12.60 -7.41 22.66
N HIS C 150 -12.89 -8.19 23.69
CA HIS C 150 -12.81 -9.65 23.64
C HIS C 150 -14.12 -10.25 24.12
N ARG C 151 -14.22 -11.57 24.06
CA ARG C 151 -15.40 -12.28 24.54
C ARG C 151 -15.36 -12.41 26.04
N SER C 152 -16.47 -12.10 26.69
CA SER C 152 -16.53 -12.21 28.14
C SER C 152 -16.52 -13.68 28.55
N PRO C 153 -15.86 -14.02 29.64
CA PRO C 153 -15.95 -15.39 30.16
C PRO C 153 -17.39 -15.73 30.55
N GLY C 154 -17.74 -17.00 30.37
CA GLY C 154 -19.09 -17.46 30.66
C GLY C 154 -19.41 -18.68 29.83
N VAL C 155 -20.70 -18.87 29.59
CA VAL C 155 -21.21 -20.00 28.82
C VAL C 155 -21.94 -19.46 27.60
N PHE C 156 -21.70 -20.08 26.44
CA PHE C 156 -22.27 -19.64 25.18
C PHE C 156 -22.74 -20.85 24.38
N PHE C 157 -23.87 -20.70 23.69
CA PHE C 157 -24.44 -21.75 22.88
C PHE C 157 -24.47 -21.33 21.42
N ASP C 158 -24.07 -22.25 20.54
CA ASP C 158 -23.99 -21.96 19.11
C ASP C 158 -24.61 -23.12 18.33
N SER C 159 -24.68 -22.96 17.01
CA SER C 159 -25.29 -23.97 16.15
C SER C 159 -24.54 -24.17 14.84
N ASP C 160 -23.35 -23.57 14.69
CA ASP C 160 -22.50 -23.70 13.49
C ASP C 160 -23.30 -23.55 12.19
N LYS C 161 -24.37 -22.75 12.22
CA LYS C 161 -25.22 -22.40 11.10
C LYS C 161 -25.98 -23.59 10.52
N GLY C 162 -25.78 -24.79 11.04
CA GLY C 162 -26.53 -25.94 10.57
C GLY C 162 -26.13 -26.46 9.21
N LYS C 163 -24.92 -26.16 8.74
CA LYS C 163 -24.42 -26.69 7.47
C LYS C 163 -23.02 -27.26 7.70
N THR C 164 -22.95 -28.47 8.22
CA THR C 164 -21.69 -29.17 8.39
C THR C 164 -21.68 -30.49 7.63
N HIS C 165 -22.73 -31.28 7.78
CA HIS C 165 -22.83 -32.60 7.19
C HIS C 165 -23.58 -32.62 5.86
N SER C 166 -24.00 -31.45 5.37
CA SER C 166 -24.73 -31.31 4.11
C SER C 166 -26.06 -32.06 4.11
N SER C 167 -26.50 -32.55 5.26
CA SER C 167 -27.77 -33.25 5.38
C SER C 167 -28.89 -32.36 5.91
N GLY C 168 -28.62 -31.06 6.09
CA GLY C 168 -29.59 -30.18 6.70
C GLY C 168 -29.72 -30.33 8.20
N LYS C 169 -28.75 -31.00 8.85
CA LYS C 169 -28.81 -31.25 10.28
C LYS C 169 -28.13 -30.10 11.01
N VAL C 170 -28.86 -29.47 11.92
CA VAL C 170 -28.31 -28.40 12.75
C VAL C 170 -27.66 -29.03 13.98
N LEU C 171 -26.39 -28.71 14.20
CA LEU C 171 -25.62 -29.27 15.30
C LEU C 171 -25.43 -28.20 16.35
N TYR C 172 -25.91 -28.45 17.57
CA TYR C 172 -25.85 -27.50 18.66
C TYR C 172 -24.69 -27.83 19.58
N ASN C 173 -23.99 -26.80 20.04
CA ASN C 173 -22.86 -26.98 20.95
C ASN C 173 -22.91 -25.95 22.05
N ALA C 174 -22.29 -26.30 23.17
CA ALA C 174 -22.16 -25.42 24.32
C ALA C 174 -20.69 -25.30 24.70
N ARG C 175 -20.33 -24.13 25.23
CA ARG C 175 -18.93 -23.79 25.46
C ARG C 175 -18.82 -22.97 26.75
N ILE C 176 -17.78 -23.25 27.53
CA ILE C 176 -17.52 -22.52 28.77
C ILE C 176 -16.14 -21.88 28.67
N ILE C 177 -16.09 -20.56 28.85
CA ILE C 177 -14.83 -19.83 28.84
C ILE C 177 -14.56 -19.29 30.24
N PRO C 178 -13.43 -19.62 30.84
CA PRO C 178 -13.02 -18.96 32.08
C PRO C 178 -12.10 -17.79 31.77
N TYR C 179 -11.81 -17.00 32.81
CA TYR C 179 -10.81 -15.95 32.66
C TYR C 179 -9.44 -16.56 32.40
N ARG C 180 -9.10 -17.62 33.13
CA ARG C 180 -7.88 -18.37 32.90
C ARG C 180 -8.15 -19.82 33.26
N GLY C 181 -7.58 -20.73 32.48
CA GLY C 181 -7.76 -22.16 32.69
C GLY C 181 -8.09 -22.84 31.39
N SER C 182 -8.43 -24.12 31.49
CA SER C 182 -8.78 -24.92 30.31
C SER C 182 -10.23 -24.69 29.94
N TRP C 183 -10.57 -25.08 28.71
CA TRP C 183 -11.91 -24.88 28.20
C TRP C 183 -12.73 -26.17 28.26
N LEU C 184 -14.03 -26.03 28.06
CA LEU C 184 -14.97 -27.15 28.10
C LEU C 184 -15.93 -27.04 26.94
N ASP C 185 -16.21 -28.17 26.29
CA ASP C 185 -17.08 -28.19 25.12
C ASP C 185 -18.09 -29.32 25.26
N PHE C 186 -19.30 -29.06 24.80
CA PHE C 186 -20.33 -30.08 24.64
C PHE C 186 -20.89 -29.97 23.23
N GLU C 187 -20.88 -31.08 22.49
CA GLU C 187 -21.27 -31.06 21.09
C GLU C 187 -22.29 -32.15 20.82
N PHE C 188 -22.97 -32.02 19.68
CA PHE C 188 -23.92 -33.01 19.19
C PHE C 188 -23.45 -33.54 17.85
N ASP C 189 -23.28 -34.86 17.76
CA ASP C 189 -22.97 -35.49 16.49
C ASP C 189 -24.25 -35.65 15.67
N PRO C 190 -24.14 -35.92 14.37
CA PRO C 190 -25.35 -36.20 13.58
C PRO C 190 -26.17 -37.36 14.11
N LYS C 191 -25.58 -38.23 14.94
CA LYS C 191 -26.29 -39.33 15.56
C LYS C 191 -26.92 -38.95 16.90
N ASP C 192 -26.81 -37.69 17.31
CA ASP C 192 -27.43 -37.18 18.54
C ASP C 192 -26.91 -37.90 19.78
N ASN C 193 -25.61 -37.76 20.02
CA ASN C 193 -24.97 -38.31 21.21
C ASN C 193 -24.09 -37.23 21.84
N LEU C 194 -24.16 -37.12 23.16
CA LEU C 194 -23.38 -36.09 23.86
C LEU C 194 -21.89 -36.38 23.74
N PHE C 195 -21.14 -35.37 23.30
CA PHE C 195 -19.68 -35.46 23.20
C PHE C 195 -19.06 -34.30 23.95
N VAL C 196 -17.95 -34.58 24.64
CA VAL C 196 -17.25 -33.59 25.43
C VAL C 196 -15.85 -33.43 24.88
N ARG C 197 -15.49 -32.20 24.52
CA ARG C 197 -14.16 -31.86 24.04
C ARG C 197 -13.47 -31.00 25.09
N ILE C 198 -12.59 -31.61 25.88
CA ILE C 198 -11.89 -30.92 26.95
C ILE C 198 -10.60 -30.36 26.37
N ASP C 199 -10.44 -29.04 26.46
CA ASP C 199 -9.21 -28.36 26.05
C ASP C 199 -8.86 -28.66 24.58
N ARG C 200 -9.90 -28.74 23.75
CA ARG C 200 -9.75 -28.95 22.32
C ARG C 200 -9.01 -30.25 22.00
N ARG C 201 -9.27 -31.29 22.79
CA ARG C 201 -8.71 -32.61 22.55
C ARG C 201 -9.67 -33.42 21.67
N ARG C 202 -9.44 -34.73 21.59
CA ARG C 202 -10.32 -35.59 20.83
C ARG C 202 -11.71 -35.66 21.46
N LYS C 203 -12.72 -35.92 20.63
CA LYS C 203 -14.09 -35.97 21.11
C LYS C 203 -14.30 -37.19 21.99
N LEU C 204 -14.89 -36.97 23.17
CA LEU C 204 -15.17 -38.00 24.15
C LEU C 204 -16.61 -37.85 24.62
N PRO C 205 -17.30 -38.94 24.96
CA PRO C 205 -18.71 -38.82 25.33
C PRO C 205 -18.88 -38.28 26.75
N ALA C 206 -20.03 -37.64 26.99
CA ALA C 206 -20.29 -36.96 28.25
C ALA C 206 -20.49 -37.90 29.42
N THR C 207 -20.64 -39.20 29.16
CA THR C 207 -20.90 -40.13 30.26
C THR C 207 -19.69 -40.29 31.17
N ILE C 208 -18.48 -40.22 30.62
CA ILE C 208 -17.29 -40.40 31.46
C ILE C 208 -17.09 -39.20 32.38
N ILE C 209 -17.29 -37.98 31.88
CA ILE C 209 -17.20 -36.82 32.75
C ILE C 209 -18.36 -36.81 33.73
N LEU C 210 -19.52 -37.34 33.33
CA LEU C 210 -20.63 -37.47 34.26
C LEU C 210 -20.29 -38.42 35.40
N ARG C 211 -19.65 -39.56 35.08
CA ARG C 211 -19.33 -40.56 36.09
C ARG C 211 -18.14 -40.16 36.95
N ALA C 212 -17.22 -39.34 36.41
CA ALA C 212 -16.06 -38.92 37.17
C ALA C 212 -16.45 -38.06 38.38
N LEU C 213 -17.69 -37.58 38.38
CA LEU C 213 -18.20 -36.79 39.54
C LEU C 213 -18.93 -37.75 40.48
N ASN C 214 -18.52 -39.04 40.47
CA ASN C 214 -19.17 -40.06 41.34
C ASN C 214 -20.66 -40.16 40.98
N TYR C 215 -21.00 -40.12 39.69
CA TYR C 215 -22.42 -40.29 39.27
C TYR C 215 -22.63 -41.68 38.68
N THR C 216 -23.50 -42.49 39.30
CA THR C 216 -23.81 -43.84 38.76
C THR C 216 -24.77 -43.69 37.58
N THR C 217 -24.80 -44.67 36.67
CA THR C 217 -25.66 -44.59 35.46
C THR C 217 -27.13 -44.50 35.90
N GLU C 218 -27.54 -45.31 36.89
CA GLU C 218 -28.93 -45.25 37.40
C GLU C 218 -29.21 -43.82 37.87
N GLN C 219 -28.44 -43.32 38.83
CA GLN C 219 -28.61 -41.90 39.26
C GLN C 219 -28.67 -41.02 38.02
N ILE C 220 -27.76 -41.26 37.06
CA ILE C 220 -27.70 -40.43 35.82
C ILE C 220 -29.03 -40.57 35.06
N LEU C 221 -29.57 -41.79 35.00
CA LEU C 221 -30.82 -42.02 34.22
C LEU C 221 -31.94 -41.16 34.81
N ASP C 222 -32.07 -41.15 36.13
CA ASP C 222 -33.16 -40.39 36.79
C ASP C 222 -32.99 -38.90 36.50
N LEU C 223 -31.76 -38.38 36.63
CA LEU C 223 -31.48 -36.95 36.34
C LEU C 223 -31.67 -36.69 34.84
N PHE C 224 -31.13 -37.57 33.99
CA PHE C 224 -31.20 -37.36 32.52
C PHE C 224 -32.64 -37.46 32.01
N PHE C 225 -33.42 -38.43 32.50
CA PHE C 225 -34.80 -38.63 31.95
C PHE C 225 -35.82 -38.75 33.08
N GLU C 226 -37.02 -38.20 32.87
CA GLU C 226 -38.11 -38.37 33.87
C GLU C 226 -38.62 -39.81 33.79
N LYS C 227 -38.79 -40.48 34.94
CA LYS C 227 -39.20 -41.87 34.92
C LYS C 227 -40.71 -42.00 35.08
N VAL C 228 -41.26 -43.08 34.50
CA VAL C 228 -42.67 -43.42 34.63
C VAL C 228 -42.77 -44.79 35.27
N ILE C 229 -43.79 -44.98 36.09
CA ILE C 229 -43.94 -46.21 36.87
C ILE C 229 -44.88 -47.16 36.12
N PHE C 230 -44.43 -48.39 35.93
CA PHE C 230 -45.24 -49.44 35.35
C PHE C 230 -45.52 -50.50 36.42
N GLU C 231 -46.79 -50.72 36.72
CA GLU C 231 -47.22 -51.65 37.75
C GLU C 231 -47.92 -52.84 37.12
N ILE C 232 -47.46 -54.04 37.46
CA ILE C 232 -48.04 -55.28 36.94
C ILE C 232 -48.42 -56.13 38.16
N ARG C 233 -49.67 -56.02 38.59
CA ARG C 233 -50.18 -56.76 39.74
C ARG C 233 -51.43 -57.52 39.33
N ASP C 234 -51.47 -58.80 39.68
CA ASP C 234 -52.60 -59.68 39.37
C ASP C 234 -52.88 -59.71 37.87
N ASN C 235 -51.81 -59.68 37.07
CA ASN C 235 -51.85 -59.73 35.61
C ASN C 235 -52.60 -58.56 34.99
N LYS C 236 -52.95 -57.54 35.78
CA LYS C 236 -53.63 -56.37 35.23
C LYS C 236 -52.68 -55.51 34.41
N LEU C 237 -51.47 -55.28 34.94
CA LEU C 237 -50.45 -54.48 34.28
C LEU C 237 -50.99 -53.08 33.95
N GLN C 238 -51.30 -52.34 35.03
CA GLN C 238 -51.85 -51.01 34.88
C GLN C 238 -50.75 -50.01 34.52
N MET C 239 -51.18 -48.86 34.02
CA MET C 239 -50.28 -47.78 33.63
C MET C 239 -50.67 -46.50 34.34
N GLU C 240 -49.68 -45.80 34.89
CA GLU C 240 -49.94 -44.50 35.49
C GLU C 240 -50.25 -43.47 34.41
N LEU C 241 -51.20 -42.59 34.72
CA LEU C 241 -51.67 -41.60 33.75
C LEU C 241 -50.91 -40.29 33.91
N VAL C 242 -50.36 -39.79 32.80
CA VAL C 242 -49.74 -38.47 32.77
C VAL C 242 -50.30 -37.74 31.55
N PRO C 243 -51.50 -37.17 31.66
CA PRO C 243 -52.13 -36.56 30.49
C PRO C 243 -51.34 -35.40 29.89
N GLU C 244 -50.61 -34.64 30.72
CA GLU C 244 -49.85 -33.51 30.20
C GLU C 244 -48.77 -33.97 29.23
N ARG C 245 -48.05 -35.05 29.57
CA ARG C 245 -47.01 -35.56 28.67
C ARG C 245 -47.61 -36.25 27.46
N LEU C 246 -48.75 -36.92 27.62
CA LEU C 246 -49.39 -37.65 26.53
C LEU C 246 -50.09 -36.63 25.63
N ARG C 247 -49.33 -36.03 24.72
CA ARG C 247 -49.85 -35.05 23.78
C ARG C 247 -49.99 -35.64 22.38
N GLY C 248 -48.91 -36.18 21.82
CA GLY C 248 -48.97 -36.82 20.52
C GLY C 248 -48.65 -38.29 20.55
N GLU C 249 -49.66 -39.13 20.34
CA GLU C 249 -49.46 -40.58 20.37
C GLU C 249 -50.62 -41.24 19.64
N THR C 250 -50.42 -42.50 19.28
CA THR C 250 -51.44 -43.31 18.64
C THR C 250 -51.88 -44.41 19.60
N ALA C 251 -53.19 -44.48 19.84
CA ALA C 251 -53.75 -45.46 20.77
C ALA C 251 -53.70 -46.84 20.14
N SER C 252 -52.79 -47.69 20.62
CA SER C 252 -52.69 -49.05 20.09
C SER C 252 -53.86 -49.92 20.50
N PHE C 253 -54.62 -49.52 21.53
CA PHE C 253 -55.77 -50.27 21.98
C PHE C 253 -56.74 -49.32 22.65
N ASP C 254 -57.95 -49.82 22.90
CA ASP C 254 -58.97 -49.01 23.56
C ASP C 254 -58.52 -48.60 24.95
N ILE C 255 -58.70 -47.33 25.28
CA ILE C 255 -58.31 -46.76 26.57
C ILE C 255 -59.59 -46.48 27.35
N GLU C 256 -59.73 -47.13 28.49
CA GLU C 256 -60.91 -47.00 29.33
C GLU C 256 -60.54 -46.36 30.66
N ALA C 257 -61.42 -45.48 31.14
CA ALA C 257 -61.21 -44.76 32.40
C ALA C 257 -62.16 -45.33 33.45
N ASN C 258 -61.59 -46.02 34.44
CA ASN C 258 -62.36 -46.60 35.54
C ASN C 258 -63.46 -47.53 35.01
N GLY C 259 -63.13 -48.31 33.99
CA GLY C 259 -64.07 -49.21 33.37
C GLY C 259 -64.96 -48.59 32.32
N LYS C 260 -64.85 -47.28 32.09
CA LYS C 260 -65.64 -46.58 31.09
C LYS C 260 -64.71 -46.11 29.98
N VAL C 261 -65.13 -46.29 28.73
CA VAL C 261 -64.29 -45.95 27.60
C VAL C 261 -64.07 -44.45 27.56
N TYR C 262 -62.80 -44.04 27.49
CA TYR C 262 -62.43 -42.62 27.40
C TYR C 262 -61.96 -42.25 26.00
N VAL C 263 -60.96 -42.97 25.47
CA VAL C 263 -60.46 -42.75 24.12
C VAL C 263 -60.39 -44.10 23.43
N GLU C 264 -61.01 -44.19 22.25
CA GLU C 264 -61.01 -45.44 21.50
C GLU C 264 -59.64 -45.70 20.89
N LYS C 265 -59.45 -46.93 20.41
CA LYS C 265 -58.20 -47.31 19.77
C LYS C 265 -58.04 -46.55 18.47
N GLY C 266 -56.90 -45.87 18.30
CA GLY C 266 -56.63 -45.14 17.06
C GLY C 266 -57.53 -43.92 16.94
N ARG C 267 -58.28 -43.60 17.99
CA ARG C 267 -59.13 -42.38 17.98
C ARG C 267 -58.21 -41.17 17.79
N ARG C 268 -58.61 -40.21 16.96
CA ARG C 268 -57.72 -39.04 16.67
C ARG C 268 -57.42 -38.32 17.99
N ILE C 269 -56.15 -37.97 18.22
CA ILE C 269 -55.77 -37.24 19.46
C ILE C 269 -56.11 -35.76 19.27
N THR C 270 -56.89 -35.19 20.19
CA THR C 270 -57.29 -33.77 20.08
C THR C 270 -57.06 -33.07 21.42
N ALA C 271 -56.57 -31.83 21.40
CA ALA C 271 -56.41 -31.08 22.67
C ALA C 271 -57.73 -31.19 23.44
N ARG C 272 -58.83 -31.47 22.72
CA ARG C 272 -60.13 -31.62 23.38
C ARG C 272 -60.23 -32.96 24.11
N HIS C 273 -59.75 -34.04 23.49
CA HIS C 273 -59.77 -35.34 24.15
C HIS C 273 -58.86 -35.34 25.38
N ILE C 274 -57.70 -34.72 25.28
CA ILE C 274 -56.79 -34.64 26.43
C ILE C 274 -57.43 -33.85 27.57
N ARG C 275 -58.08 -32.74 27.23
CA ARG C 275 -58.75 -31.94 28.25
C ARG C 275 -59.89 -32.71 28.91
N GLN C 276 -60.65 -33.45 28.10
CA GLN C 276 -61.74 -34.26 28.66
C GLN C 276 -61.20 -35.35 29.58
N LEU C 277 -60.09 -35.99 29.19
CA LEU C 277 -59.48 -37.00 30.04
C LEU C 277 -58.96 -36.40 31.34
N GLU C 278 -58.35 -35.22 31.26
CA GLU C 278 -57.83 -34.57 32.45
C GLU C 278 -58.94 -34.12 33.38
N LYS C 279 -60.08 -33.69 32.82
CA LYS C 279 -61.20 -33.26 33.64
C LYS C 279 -61.73 -34.41 34.49
N ASP C 280 -61.81 -35.61 33.91
CA ASP C 280 -62.26 -36.78 34.66
C ASP C 280 -61.12 -37.30 35.52
N ASP C 281 -61.36 -37.39 36.83
CA ASP C 281 -60.35 -37.88 37.76
C ASP C 281 -60.30 -39.41 37.65
N VAL C 282 -59.20 -39.92 37.12
CA VAL C 282 -59.04 -41.35 36.84
C VAL C 282 -57.80 -41.84 37.54
N LYS C 283 -57.88 -43.06 38.09
CA LYS C 283 -56.73 -43.72 38.69
C LYS C 283 -55.95 -44.47 37.62
N LEU C 284 -55.02 -45.32 38.04
CA LEU C 284 -54.22 -46.09 37.09
C LEU C 284 -55.11 -47.00 36.24
N ILE C 285 -54.77 -47.11 34.96
CA ILE C 285 -55.57 -47.85 33.99
C ILE C 285 -54.70 -48.90 33.32
N GLU C 286 -55.34 -49.99 32.89
CA GLU C 286 -54.63 -51.07 32.23
C GLU C 286 -54.31 -50.69 30.78
N VAL C 287 -53.27 -51.31 30.25
CA VAL C 287 -52.80 -51.06 28.89
C VAL C 287 -52.40 -52.39 28.25
N PRO C 288 -52.29 -52.46 26.90
CA PRO C 288 -51.80 -53.68 26.25
C PRO C 288 -50.36 -53.96 26.67
N VAL C 289 -50.04 -55.22 27.01
CA VAL C 289 -48.68 -55.61 27.45
C VAL C 289 -47.68 -55.35 26.31
N GLU C 290 -48.10 -55.57 25.06
CA GLU C 290 -47.18 -55.45 23.90
C GLU C 290 -46.59 -54.03 23.86
N TYR C 291 -47.33 -53.02 24.30
CA TYR C 291 -46.85 -51.61 24.19
C TYR C 291 -45.54 -51.44 24.96
N ILE C 292 -45.43 -52.05 26.15
CA ILE C 292 -44.22 -51.86 26.99
C ILE C 292 -42.98 -52.40 26.27
N ALA C 293 -43.17 -53.15 25.18
CA ALA C 293 -42.04 -53.76 24.47
C ALA C 293 -40.97 -52.73 24.16
N GLY C 294 -41.37 -51.55 23.70
CA GLY C 294 -40.42 -50.51 23.32
C GLY C 294 -39.87 -49.69 24.47
N LYS C 295 -40.42 -49.84 25.67
CA LYS C 295 -39.95 -49.06 26.81
C LYS C 295 -38.56 -49.51 27.24
N VAL C 296 -37.88 -48.64 27.98
CA VAL C 296 -36.54 -48.89 28.47
C VAL C 296 -36.55 -48.76 29.99
N VAL C 297 -36.05 -49.80 30.68
CA VAL C 297 -36.02 -49.79 32.13
C VAL C 297 -35.07 -48.71 32.64
N ALA C 298 -35.48 -48.00 33.68
CA ALA C 298 -34.67 -46.92 34.26
C ALA C 298 -33.81 -47.42 35.41
N LYS C 299 -34.43 -47.97 36.45
CA LYS C 299 -33.72 -48.42 37.63
C LYS C 299 -33.19 -49.84 37.40
N ASP C 300 -32.67 -50.46 38.46
CA ASP C 300 -32.15 -51.83 38.42
C ASP C 300 -32.81 -52.60 39.56
N TYR C 301 -33.96 -53.19 39.28
CA TYR C 301 -34.71 -53.90 40.32
C TYR C 301 -33.97 -55.16 40.75
N ILE C 302 -34.01 -55.44 42.05
CA ILE C 302 -33.33 -56.57 42.65
C ILE C 302 -34.33 -57.68 42.91
N ASP C 303 -33.89 -58.92 42.75
CA ASP C 303 -34.73 -60.09 43.04
C ASP C 303 -34.55 -60.47 44.51
N GLU C 304 -35.66 -60.58 45.24
CA GLU C 304 -35.60 -60.91 46.65
C GLU C 304 -35.17 -62.34 46.90
N SER C 305 -35.31 -63.23 45.91
CA SER C 305 -34.96 -64.64 46.12
C SER C 305 -33.46 -64.86 46.00
N THR C 306 -32.86 -64.42 44.89
CA THR C 306 -31.45 -64.65 44.62
C THR C 306 -30.78 -63.33 44.27
N GLY C 307 -29.45 -63.32 44.39
CA GLY C 307 -28.69 -62.11 44.09
C GLY C 307 -28.74 -61.72 42.62
N GLU C 308 -29.10 -62.66 41.75
CA GLU C 308 -29.23 -62.36 40.33
C GLU C 308 -30.35 -61.35 40.11
N LEU C 309 -30.09 -60.38 39.23
CA LEU C 309 -31.04 -59.32 38.96
C LEU C 309 -30.79 -58.78 37.56
N ILE C 310 -31.77 -58.02 37.06
CA ILE C 310 -31.65 -57.37 35.76
C ILE C 310 -31.20 -55.95 36.03
N CYS C 311 -29.88 -55.76 36.10
CA CYS C 311 -29.28 -54.46 36.32
C CYS C 311 -28.94 -53.74 35.02
N ALA C 312 -29.29 -54.31 33.88
CA ALA C 312 -28.94 -53.76 32.58
C ALA C 312 -29.81 -52.52 32.31
N ALA C 313 -29.36 -51.39 32.84
CA ALA C 313 -30.01 -50.13 32.55
C ALA C 313 -29.78 -49.74 31.10
N ASN C 314 -30.60 -48.81 30.61
CA ASN C 314 -30.60 -48.36 29.22
C ASN C 314 -30.91 -49.49 28.25
N MET C 315 -31.63 -50.52 28.70
CA MET C 315 -31.97 -51.67 27.89
C MET C 315 -33.47 -51.91 27.94
N GLU C 316 -33.97 -52.59 26.91
CA GLU C 316 -35.39 -52.88 26.79
C GLU C 316 -35.73 -54.13 27.60
N LEU C 317 -36.96 -54.63 27.45
CA LEU C 317 -37.43 -55.80 28.17
C LEU C 317 -37.98 -56.82 27.19
N SER C 318 -37.84 -58.09 27.54
CA SER C 318 -38.31 -59.20 26.72
C SER C 318 -39.55 -59.81 27.33
N LEU C 319 -40.28 -60.58 26.51
CA LEU C 319 -41.47 -61.26 26.97
C LEU C 319 -41.13 -62.29 28.04
N ASP C 320 -40.04 -63.05 27.84
CA ASP C 320 -39.59 -63.98 28.87
C ASP C 320 -39.10 -63.26 30.11
N LEU C 321 -38.60 -62.04 29.96
CA LEU C 321 -38.17 -61.25 31.12
C LEU C 321 -39.35 -60.89 32.00
N LEU C 322 -40.55 -60.76 31.41
CA LEU C 322 -41.73 -60.46 32.21
C LEU C 322 -42.01 -61.57 33.22
N ALA C 323 -41.88 -62.83 32.80
CA ALA C 323 -42.04 -63.94 33.73
C ALA C 323 -40.98 -63.91 34.82
N LYS C 324 -39.74 -63.56 34.46
CA LYS C 324 -38.68 -63.50 35.46
C LYS C 324 -38.96 -62.43 36.51
N LEU C 325 -39.38 -61.24 36.07
CA LEU C 325 -39.67 -60.19 37.04
C LEU C 325 -40.92 -60.49 37.85
N SER C 326 -41.91 -61.16 37.25
CA SER C 326 -43.09 -61.57 38.01
C SER C 326 -42.71 -62.58 39.09
N GLN C 327 -41.85 -63.54 38.74
CA GLN C 327 -41.41 -64.52 39.73
C GLN C 327 -40.57 -63.89 40.83
N SER C 328 -39.74 -62.90 40.46
CA SER C 328 -38.92 -62.21 41.45
C SER C 328 -39.75 -61.33 42.38
N GLY C 329 -41.01 -61.09 42.08
CA GLY C 329 -41.86 -60.27 42.91
C GLY C 329 -41.89 -58.80 42.57
N HIS C 330 -41.39 -58.42 41.40
CA HIS C 330 -41.35 -57.01 40.99
C HIS C 330 -42.76 -56.56 40.61
N LYS C 331 -43.47 -55.95 41.56
CA LYS C 331 -44.80 -55.45 41.28
C LYS C 331 -44.76 -54.14 40.50
N ARG C 332 -43.80 -53.28 40.81
CA ARG C 332 -43.66 -51.99 40.15
C ARG C 332 -42.34 -51.93 39.39
N ILE C 333 -42.40 -51.48 38.15
CA ILE C 333 -41.22 -51.38 37.29
C ILE C 333 -41.04 -49.92 36.88
N GLU C 334 -39.82 -49.41 37.07
CA GLU C 334 -39.51 -48.02 36.78
C GLU C 334 -38.87 -47.93 35.40
N THR C 335 -39.49 -47.15 34.50
CA THR C 335 -38.97 -46.91 33.17
C THR C 335 -38.97 -45.41 32.91
N LEU C 336 -38.02 -44.96 32.09
CA LEU C 336 -37.89 -43.54 31.81
C LEU C 336 -39.00 -43.10 30.86
N PHE C 337 -38.93 -41.85 30.41
CA PHE C 337 -40.03 -41.28 29.62
C PHE C 337 -40.22 -42.03 28.30
N THR C 338 -39.12 -42.32 27.60
CA THR C 338 -39.15 -43.01 26.31
C THR C 338 -40.06 -42.32 25.30
N ASN C 339 -40.32 -41.03 25.49
CA ASN C 339 -41.24 -40.28 24.65
C ASN C 339 -40.46 -39.31 23.76
N ASP C 340 -40.84 -39.25 22.48
CA ASP C 340 -40.22 -38.33 21.53
C ASP C 340 -41.34 -37.51 20.87
N LEU C 341 -41.77 -36.45 21.57
CA LEU C 341 -42.57 -35.39 20.98
C LEU C 341 -41.86 -34.05 21.09
N ASP C 342 -41.45 -33.67 22.29
CA ASP C 342 -40.51 -32.59 22.52
C ASP C 342 -39.20 -33.07 23.11
N HIS C 343 -39.26 -33.98 24.08
CA HIS C 343 -38.07 -34.63 24.60
C HIS C 343 -37.51 -35.61 23.58
N GLY C 344 -36.32 -36.13 23.88
CA GLY C 344 -35.66 -37.05 22.98
C GLY C 344 -34.70 -37.99 23.68
N PRO C 345 -34.24 -39.01 22.97
CA PRO C 345 -33.29 -39.97 23.55
C PRO C 345 -31.89 -39.39 23.60
N TYR C 346 -31.46 -39.00 24.79
CA TYR C 346 -30.12 -38.47 24.98
C TYR C 346 -29.54 -39.12 26.23
N ILE C 347 -28.24 -38.90 26.44
CA ILE C 347 -27.51 -39.44 27.60
C ILE C 347 -27.47 -40.97 27.54
N SER C 348 -28.64 -41.60 27.44
CA SER C 348 -28.70 -43.06 27.40
C SER C 348 -27.93 -43.61 26.21
N GLU C 349 -28.03 -42.96 25.05
CA GLU C 349 -27.25 -43.38 23.89
C GLU C 349 -25.77 -43.22 24.16
N THR C 350 -25.37 -42.10 24.78
CA THR C 350 -23.98 -41.92 25.17
C THR C 350 -23.57 -42.96 26.20
N LEU C 351 -24.50 -43.37 27.07
CA LEU C 351 -24.21 -44.45 28.01
C LEU C 351 -23.95 -45.75 27.26
N ARG C 352 -24.71 -46.02 26.19
CA ARG C 352 -24.48 -47.21 25.39
C ARG C 352 -23.18 -47.12 24.61
N VAL C 353 -22.71 -45.90 24.34
CA VAL C 353 -21.47 -45.75 23.57
C VAL C 353 -20.27 -46.23 24.36
N ASP C 354 -20.16 -45.82 25.62
CA ASP C 354 -19.01 -46.14 26.45
C ASP C 354 -19.42 -46.95 27.67
N PRO C 355 -18.75 -48.06 27.94
CA PRO C 355 -19.16 -48.92 29.07
C PRO C 355 -18.49 -48.64 30.40
N THR C 356 -17.58 -47.67 30.48
CA THR C 356 -16.97 -47.33 31.76
C THR C 356 -18.03 -46.85 32.74
N ASN C 357 -18.17 -47.56 33.86
CA ASN C 357 -19.21 -47.27 34.84
C ASN C 357 -18.65 -47.01 36.23
N ASP C 358 -17.35 -46.72 36.34
CA ASP C 358 -16.71 -46.48 37.63
C ASP C 358 -15.98 -45.14 37.59
N ARG C 359 -15.88 -44.51 38.76
CA ARG C 359 -15.15 -43.26 38.87
C ARG C 359 -13.68 -43.45 38.49
N LEU C 360 -13.07 -44.52 38.96
CA LEU C 360 -11.67 -44.79 38.62
C LEU C 360 -11.52 -45.06 37.13
N SER C 361 -12.46 -45.79 36.53
CA SER C 361 -12.39 -46.07 35.09
C SER C 361 -12.51 -44.78 34.29
N ALA C 362 -13.44 -43.90 34.65
CA ALA C 362 -13.58 -42.63 33.95
C ALA C 362 -12.35 -41.76 34.12
N LEU C 363 -11.79 -41.73 35.34
CA LEU C 363 -10.61 -40.91 35.60
C LEU C 363 -9.42 -41.39 34.78
N VAL C 364 -9.20 -42.71 34.76
CA VAL C 364 -8.06 -43.24 33.99
C VAL C 364 -8.30 -43.03 32.50
N GLU C 365 -9.55 -43.15 32.05
CA GLU C 365 -9.86 -42.92 30.64
C GLU C 365 -9.55 -41.49 30.24
N ILE C 366 -9.97 -40.52 31.05
CA ILE C 366 -9.75 -39.12 30.71
C ILE C 366 -8.26 -38.78 30.81
N TYR C 367 -7.56 -39.37 31.78
CA TYR C 367 -6.12 -39.14 31.89
C TYR C 367 -5.38 -39.69 30.67
N ARG C 368 -5.76 -40.88 30.20
CA ARG C 368 -5.11 -41.44 29.02
C ARG C 368 -5.46 -40.63 27.76
N MET C 369 -6.72 -40.20 27.63
CA MET C 369 -7.14 -39.50 26.43
C MET C 369 -6.52 -38.11 26.34
N MET C 370 -6.56 -37.35 27.43
CA MET C 370 -6.00 -36.01 27.41
C MET C 370 -4.48 -36.03 27.44
N ARG C 371 -3.89 -36.94 28.21
CA ARG C 371 -2.44 -37.12 28.22
C ARG C 371 -2.10 -38.51 27.69
N PRO C 372 -1.63 -38.64 26.45
CA PRO C 372 -1.39 -39.96 25.87
C PRO C 372 -0.08 -40.61 26.27
N GLY C 373 0.57 -40.15 27.34
CA GLY C 373 1.86 -40.70 27.74
C GLY C 373 1.78 -41.89 28.67
N GLU C 374 2.46 -41.80 29.80
CA GLU C 374 2.52 -42.91 30.73
C GLU C 374 1.16 -43.16 31.38
N PRO C 375 0.74 -44.41 31.52
CA PRO C 375 -0.50 -44.69 32.22
C PRO C 375 -0.40 -44.28 33.68
N PRO C 376 -1.51 -43.91 34.29
CA PRO C 376 -1.49 -43.40 35.66
C PRO C 376 -1.53 -44.51 36.71
N THR C 377 -1.34 -44.10 37.96
CA THR C 377 -1.31 -45.00 39.10
C THR C 377 -2.37 -44.60 40.14
N ARG C 378 -3.56 -44.24 39.66
CA ARG C 378 -4.72 -43.90 40.49
C ARG C 378 -4.50 -42.54 41.15
N GLU C 379 -3.29 -42.00 41.05
CA GLU C 379 -2.97 -40.69 41.59
C GLU C 379 -2.75 -39.64 40.52
N ALA C 380 -2.13 -40.00 39.40
CA ALA C 380 -1.96 -39.05 38.31
C ALA C 380 -3.30 -38.61 37.75
N ALA C 381 -4.21 -39.56 37.50
CA ALA C 381 -5.54 -39.20 37.01
C ALA C 381 -6.31 -38.38 38.03
N GLU C 382 -6.24 -38.78 39.30
CA GLU C 382 -6.96 -38.05 40.35
C GLU C 382 -6.46 -36.62 40.46
N SER C 383 -5.14 -36.41 40.35
CA SER C 383 -4.61 -35.06 40.41
C SER C 383 -4.95 -34.27 39.16
N LEU C 384 -4.85 -34.93 37.99
CA LEU C 384 -5.10 -34.22 36.70
C LEU C 384 -6.53 -33.67 36.67
N PHE C 385 -7.51 -34.46 37.10
CA PHE C 385 -8.92 -34.03 37.02
C PHE C 385 -9.11 -32.75 37.85
N GLU C 386 -8.50 -32.71 39.04
CA GLU C 386 -8.60 -31.51 39.91
C GLU C 386 -7.92 -30.33 39.22
N ASN C 387 -6.78 -30.58 38.56
CA ASN C 387 -6.04 -29.49 37.87
C ASN C 387 -6.89 -28.91 36.74
N LEU C 388 -7.60 -29.77 36.00
CA LEU C 388 -8.41 -29.31 34.84
C LEU C 388 -9.39 -28.22 35.28
N PHE C 389 -10.37 -28.58 36.11
CA PHE C 389 -11.40 -27.64 36.52
C PHE C 389 -11.46 -27.62 38.04
N PHE C 390 -12.31 -26.73 38.57
CA PHE C 390 -12.53 -26.55 40.01
C PHE C 390 -11.25 -26.68 40.84
N SER C 391 -10.18 -26.02 40.41
CA SER C 391 -8.95 -25.89 41.18
C SER C 391 -8.73 -24.41 41.46
N GLU C 392 -8.43 -24.09 42.72
CA GLU C 392 -8.35 -22.69 43.15
C GLU C 392 -7.31 -21.90 42.35
N ASP C 393 -6.23 -22.56 41.95
CA ASP C 393 -5.14 -21.87 41.27
C ASP C 393 -5.15 -22.09 39.76
N ARG C 394 -5.44 -23.32 39.32
CA ARG C 394 -5.30 -23.65 37.90
C ARG C 394 -6.43 -23.05 37.07
N TYR C 395 -7.66 -23.05 37.60
CA TYR C 395 -8.83 -22.65 36.85
C TYR C 395 -9.58 -21.58 37.64
N ASP C 396 -10.00 -20.51 36.97
CA ASP C 396 -10.74 -19.45 37.63
C ASP C 396 -11.58 -18.67 36.64
N LEU C 397 -12.89 -18.66 36.85
CA LEU C 397 -13.76 -17.70 36.20
C LEU C 397 -13.73 -16.39 36.97
N SER C 398 -13.73 -15.29 36.24
CA SER C 398 -13.73 -13.99 36.89
C SER C 398 -15.10 -13.72 37.50
N ALA C 399 -15.19 -12.59 38.22
CA ALA C 399 -16.48 -12.15 38.71
C ALA C 399 -17.45 -11.85 37.57
N VAL C 400 -16.91 -11.42 36.42
CA VAL C 400 -17.73 -11.25 35.23
C VAL C 400 -18.19 -12.59 34.69
N GLY C 401 -17.28 -13.56 34.68
CA GLY C 401 -17.63 -14.88 34.18
C GLY C 401 -18.70 -15.55 35.00
N ARG C 402 -18.60 -15.46 36.33
CA ARG C 402 -19.62 -16.04 37.19
C ARG C 402 -20.97 -15.34 36.99
N MET C 403 -20.96 -14.02 36.87
CA MET C 403 -22.20 -13.30 36.66
C MET C 403 -22.86 -13.71 35.35
N LYS C 404 -22.07 -13.79 34.28
CA LYS C 404 -22.62 -14.20 32.98
C LYS C 404 -23.12 -15.64 33.03
N PHE C 405 -22.37 -16.51 33.72
CA PHE C 405 -22.76 -17.91 33.85
C PHE C 405 -24.10 -18.04 34.56
N ASN C 406 -24.27 -17.32 35.66
CA ASN C 406 -25.53 -17.37 36.39
C ASN C 406 -26.67 -16.75 35.58
N ARG C 407 -26.39 -15.66 34.86
CA ARG C 407 -27.42 -15.01 34.06
C ARG C 407 -27.91 -15.92 32.95
N SER C 408 -27.00 -16.64 32.30
CA SER C 408 -27.38 -17.48 31.17
C SER C 408 -28.21 -18.68 31.62
N LEU C 409 -28.07 -19.11 32.87
CA LEU C 409 -28.83 -20.24 33.40
C LEU C 409 -30.00 -19.80 34.26
N LEU C 410 -30.31 -18.50 34.28
CA LEU C 410 -31.46 -17.95 35.00
C LEU C 410 -31.42 -18.29 36.49
N ARG C 411 -30.39 -17.77 37.14
CA ARG C 411 -30.22 -17.92 38.59
C ARG C 411 -30.37 -16.57 39.26
N GLU C 412 -31.04 -16.54 40.40
CA GLU C 412 -31.26 -15.29 41.12
C GLU C 412 -29.95 -14.70 41.61
N GLU C 413 -29.07 -15.53 42.15
CA GLU C 413 -27.82 -15.04 42.71
C GLU C 413 -26.86 -14.61 41.61
N ILE C 414 -26.10 -13.55 41.88
CA ILE C 414 -25.11 -13.04 40.93
C ILE C 414 -23.70 -13.45 41.33
N GLU C 415 -23.35 -13.28 42.61
CA GLU C 415 -22.04 -13.67 43.08
C GLU C 415 -21.94 -15.18 43.25
N GLY C 416 -20.72 -15.67 43.38
CA GLY C 416 -20.49 -17.09 43.53
C GLY C 416 -19.01 -17.40 43.55
N SER C 417 -18.71 -18.69 43.57
CA SER C 417 -17.31 -19.12 43.57
C SER C 417 -16.71 -18.95 42.18
N GLY C 418 -15.39 -18.78 42.15
CA GLY C 418 -14.68 -18.64 40.89
C GLY C 418 -14.45 -19.93 40.14
N ILE C 419 -14.78 -21.07 40.75
CA ILE C 419 -14.64 -22.37 40.11
C ILE C 419 -16.03 -22.99 39.98
N LEU C 420 -16.18 -23.80 38.93
CA LEU C 420 -17.46 -24.45 38.67
C LEU C 420 -17.62 -25.69 39.54
N SER C 421 -18.85 -25.96 39.96
CA SER C 421 -19.15 -27.07 40.83
C SER C 421 -19.79 -28.21 40.03
N LYS C 422 -20.26 -29.22 40.75
CA LYS C 422 -20.93 -30.34 40.09
C LYS C 422 -22.23 -29.91 39.43
N ASP C 423 -22.97 -29.01 40.07
CA ASP C 423 -24.28 -28.59 39.56
C ASP C 423 -24.15 -27.72 38.31
N ASP C 424 -23.05 -26.98 38.17
CA ASP C 424 -22.91 -26.09 37.03
C ASP C 424 -22.84 -26.86 35.71
N ILE C 425 -22.04 -27.92 35.67
CA ILE C 425 -21.93 -28.72 34.44
C ILE C 425 -23.25 -29.42 34.15
N ILE C 426 -23.94 -29.88 35.19
CA ILE C 426 -25.25 -30.49 35.01
C ILE C 426 -26.22 -29.49 34.37
N ASP C 427 -26.22 -28.26 34.88
CA ASP C 427 -27.13 -27.25 34.36
C ASP C 427 -26.79 -26.89 32.92
N VAL C 428 -25.50 -26.79 32.60
CA VAL C 428 -25.09 -26.48 31.23
C VAL C 428 -25.54 -27.59 30.29
N MET C 429 -25.33 -28.85 30.66
CA MET C 429 -25.75 -29.96 29.82
C MET C 429 -27.26 -29.99 29.66
N LYS C 430 -28.00 -29.74 30.74
CA LYS C 430 -29.45 -29.73 30.66
C LYS C 430 -29.95 -28.62 29.75
N LYS C 431 -29.36 -27.43 29.85
CA LYS C 431 -29.75 -26.33 28.97
C LYS C 431 -29.44 -26.64 27.52
N LEU C 432 -28.27 -27.22 27.25
CA LEU C 432 -27.94 -27.60 25.88
C LEU C 432 -28.91 -28.62 25.34
N ILE C 433 -29.28 -29.61 26.15
CA ILE C 433 -30.25 -30.62 25.71
C ILE C 433 -31.60 -29.97 25.43
N ASP C 434 -32.04 -29.08 26.32
CA ASP C 434 -33.32 -28.41 26.13
C ASP C 434 -33.33 -27.52 24.90
N ILE C 435 -32.18 -26.95 24.53
CA ILE C 435 -32.11 -26.08 23.37
C ILE C 435 -32.52 -26.84 22.11
N ARG C 436 -32.01 -28.06 21.95
CA ARG C 436 -32.41 -28.87 20.79
C ARG C 436 -33.88 -29.25 20.86
N ASN C 437 -34.39 -29.57 22.05
CA ASN C 437 -35.78 -30.01 22.19
C ASN C 437 -36.78 -28.95 21.77
N GLY C 438 -36.38 -27.68 21.72
CA GLY C 438 -37.26 -26.62 21.28
C GLY C 438 -37.29 -25.43 22.22
N LYS C 439 -37.20 -25.69 23.52
CA LYS C 439 -37.17 -24.61 24.49
C LYS C 439 -35.80 -23.93 24.49
N GLY C 440 -35.79 -22.61 24.45
CA GLY C 440 -34.56 -21.85 24.40
C GLY C 440 -34.13 -21.53 22.97
N GLU C 441 -33.08 -20.72 22.87
CA GLU C 441 -32.59 -20.28 21.58
C GLU C 441 -31.10 -20.02 21.66
N VAL C 442 -30.47 -19.99 20.49
CA VAL C 442 -29.04 -19.74 20.36
C VAL C 442 -28.78 -18.24 20.48
N ASP C 443 -27.65 -17.89 21.09
CA ASP C 443 -27.30 -16.48 21.31
C ASP C 443 -26.32 -15.99 20.25
N ASP C 444 -26.27 -14.67 20.10
CA ASP C 444 -25.40 -14.04 19.12
C ASP C 444 -24.02 -13.82 19.71
N ILE C 445 -22.98 -14.15 18.94
CA ILE C 445 -21.62 -14.01 19.43
C ILE C 445 -21.11 -12.60 19.21
N ASP C 446 -21.66 -11.89 18.23
CA ASP C 446 -21.27 -10.52 17.93
C ASP C 446 -22.12 -9.49 18.67
N HIS C 447 -23.10 -9.94 19.46
CA HIS C 447 -23.87 -9.04 20.30
C HIS C 447 -22.95 -8.34 21.28
N LEU C 448 -23.13 -7.03 21.43
CA LEU C 448 -22.24 -6.26 22.30
C LEU C 448 -22.46 -6.55 23.78
N GLY C 449 -23.50 -7.30 24.12
CA GLY C 449 -23.64 -7.79 25.48
C GLY C 449 -22.82 -9.01 25.81
N ASN C 450 -22.21 -9.64 24.80
CA ASN C 450 -21.32 -10.77 24.99
C ASN C 450 -19.85 -10.39 24.81
N ARG C 451 -19.56 -9.15 24.43
CA ARG C 451 -18.21 -8.70 24.17
C ARG C 451 -17.79 -7.71 25.25
N ARG C 452 -16.66 -7.99 25.88
CA ARG C 452 -16.16 -7.23 27.02
C ARG C 452 -14.98 -6.37 26.60
N ILE C 453 -14.61 -5.42 27.45
CA ILE C 453 -13.53 -4.49 27.17
C ILE C 453 -12.49 -4.58 28.27
N ARG C 454 -11.23 -4.76 27.88
CA ARG C 454 -10.08 -4.71 28.78
C ARG C 454 -9.27 -3.45 28.48
N SER C 455 -9.00 -2.65 29.50
CA SER C 455 -8.19 -1.46 29.35
C SER C 455 -6.79 -1.71 29.93
N VAL C 456 -5.99 -0.65 30.00
CA VAL C 456 -4.58 -0.80 30.37
C VAL C 456 -4.42 -1.28 31.81
N GLY C 457 -5.29 -0.85 32.73
CA GLY C 457 -5.13 -1.23 34.13
C GLY C 457 -5.27 -2.72 34.34
N GLU C 458 -6.25 -3.35 33.68
CA GLU C 458 -6.48 -4.77 33.87
C GLU C 458 -5.35 -5.61 33.27
N MET C 459 -4.86 -5.23 32.09
CA MET C 459 -3.73 -5.94 31.49
C MET C 459 -2.47 -5.79 32.33
N ALA C 460 -2.23 -4.59 32.86
CA ALA C 460 -1.09 -4.39 33.75
C ALA C 460 -1.23 -5.25 34.99
N GLU C 461 -2.43 -5.36 35.54
CA GLU C 461 -2.65 -6.22 36.71
C GLU C 461 -2.38 -7.67 36.38
N ASN C 462 -2.81 -8.13 35.21
CA ASN C 462 -2.57 -9.53 34.82
C ASN C 462 -1.07 -9.80 34.70
N GLN C 463 -0.34 -8.89 34.06
CA GLN C 463 1.10 -9.09 33.91
C GLN C 463 1.81 -9.07 35.26
N PHE C 464 1.39 -8.14 36.13
CA PHE C 464 1.98 -8.08 37.49
C PHE C 464 1.79 -9.43 38.17
N ARG C 465 0.62 -10.05 37.99
CA ARG C 465 0.33 -11.35 38.67
C ARG C 465 1.31 -12.41 38.17
N VAL C 466 1.59 -12.46 36.88
CA VAL C 466 2.48 -13.52 36.33
C VAL C 466 3.87 -13.32 36.95
N GLY C 467 4.32 -12.07 37.06
CA GLY C 467 5.61 -11.80 37.73
C GLY C 467 5.53 -12.21 39.19
N LEU C 468 4.40 -11.92 39.85
CA LEU C 468 4.21 -12.36 41.26
C LEU C 468 4.32 -13.88 41.32
N VAL C 469 3.53 -14.58 40.52
CA VAL C 469 3.53 -16.05 40.57
C VAL C 469 4.94 -16.57 40.29
N ARG C 470 5.60 -15.98 39.30
CA ARG C 470 6.98 -16.39 38.95
C ARG C 470 7.88 -16.20 40.18
N VAL C 471 7.89 -15.00 40.74
CA VAL C 471 8.76 -14.69 41.92
C VAL C 471 8.35 -15.60 43.10
N GLU C 472 7.04 -15.80 43.27
CA GLU C 472 6.55 -16.61 44.43
C GLU C 472 7.14 -18.02 44.33
N ARG C 473 7.16 -18.59 43.11
CA ARG C 473 7.75 -19.94 42.91
C ARG C 473 9.14 -19.96 43.53
N ALA C 474 10.05 -19.12 43.04
CA ALA C 474 11.42 -19.09 43.55
C ALA C 474 11.47 -18.83 45.05
N VAL C 475 10.50 -18.07 45.58
CA VAL C 475 10.47 -17.78 47.01
C VAL C 475 10.24 -19.04 47.82
N LYS C 476 9.38 -19.94 47.30
CA LYS C 476 9.01 -21.13 48.06
C LYS C 476 10.23 -22.01 48.35
N GLU C 477 11.14 -22.13 47.38
CA GLU C 477 12.28 -23.05 47.54
C GLU C 477 13.22 -22.59 48.66
N ARG C 478 13.51 -21.30 48.74
CA ARG C 478 14.55 -20.85 49.65
C ARG C 478 14.04 -20.77 51.09
N LEU C 479 12.73 -20.83 51.28
CA LEU C 479 12.20 -20.97 52.63
C LEU C 479 12.57 -22.33 53.23
N SER C 480 12.68 -23.35 52.39
CA SER C 480 13.08 -24.66 52.86
C SER C 480 14.51 -24.64 53.39
N LEU C 481 15.40 -23.90 52.72
CA LEU C 481 16.80 -23.81 53.11
C LEU C 481 17.13 -22.48 53.78
N GLY C 482 16.11 -21.82 54.33
CA GLY C 482 16.32 -20.48 54.91
C GLY C 482 16.44 -20.52 56.43
N ASP C 483 17.56 -20.03 56.96
CA ASP C 483 17.77 -19.98 58.43
C ASP C 483 17.05 -18.74 58.98
N LEU C 484 16.95 -18.63 60.31
CA LEU C 484 16.26 -17.47 60.95
C LEU C 484 16.97 -16.17 60.54
N ASP C 485 18.29 -16.21 60.35
CA ASP C 485 19.06 -15.01 59.97
C ASP C 485 18.54 -14.49 58.63
N THR C 486 18.03 -15.38 57.77
CA THR C 486 17.57 -14.97 56.42
C THR C 486 16.52 -13.86 56.57
N LEU C 487 16.57 -12.85 55.70
CA LEU C 487 15.62 -11.70 55.78
C LEU C 487 14.84 -11.61 54.46
N MET C 488 13.70 -10.94 54.47
CA MET C 488 12.85 -10.85 53.25
C MET C 488 13.73 -10.51 52.03
N PRO C 489 14.48 -9.38 52.01
CA PRO C 489 15.40 -9.10 50.91
C PRO C 489 16.32 -10.27 50.59
N GLN C 490 16.68 -11.07 51.60
CA GLN C 490 17.45 -12.28 51.41
C GLN C 490 16.58 -13.52 51.27
N ASP C 491 15.26 -13.34 51.16
CA ASP C 491 14.31 -14.43 50.98
C ASP C 491 13.90 -14.55 49.51
N MET C 492 14.85 -14.37 48.61
CA MET C 492 14.60 -14.38 47.17
C MET C 492 13.57 -13.32 46.78
N ILE C 493 13.94 -12.06 46.99
CA ILE C 493 13.10 -10.92 46.63
C ILE C 493 12.79 -11.02 45.14
N ASN C 494 13.82 -11.30 44.34
CA ASN C 494 13.67 -11.55 42.90
C ASN C 494 12.94 -10.38 42.23
N ALA C 495 13.60 -9.22 42.25
CA ALA C 495 13.04 -8.06 41.57
C ALA C 495 13.11 -8.22 40.06
N LYS C 496 13.96 -9.12 39.57
CA LYS C 496 14.18 -9.31 38.15
C LYS C 496 12.93 -9.78 37.40
N PRO C 497 12.23 -10.83 37.85
CA PRO C 497 11.06 -11.29 37.08
C PRO C 497 9.93 -10.27 37.00
N ILE C 498 9.63 -9.58 38.10
CA ILE C 498 8.52 -8.63 38.11
C ILE C 498 8.79 -7.49 37.14
N SER C 499 9.97 -6.88 37.25
CA SER C 499 10.32 -5.78 36.37
C SER C 499 10.44 -6.25 34.93
N ALA C 500 10.96 -7.46 34.72
CA ALA C 500 11.06 -8.00 33.37
C ALA C 500 9.69 -8.14 32.73
N ALA C 501 8.73 -8.71 33.45
CA ALA C 501 7.38 -8.87 32.91
C ALA C 501 6.72 -7.53 32.66
N VAL C 502 6.88 -6.58 33.59
CA VAL C 502 6.25 -5.28 33.45
C VAL C 502 6.80 -4.55 32.23
N LYS C 503 8.12 -4.53 32.08
CA LYS C 503 8.72 -3.85 30.93
C LYS C 503 8.42 -4.59 29.63
N GLU C 504 8.30 -5.92 29.68
CA GLU C 504 7.91 -6.67 28.49
C GLU C 504 6.52 -6.27 28.03
N PHE C 505 5.58 -6.15 28.97
CA PHE C 505 4.23 -5.75 28.60
C PHE C 505 4.19 -4.32 28.10
N PHE C 506 4.85 -3.40 28.80
CA PHE C 506 4.71 -1.99 28.47
C PHE C 506 5.47 -1.61 27.21
N GLY C 507 6.63 -2.21 26.98
CA GLY C 507 7.43 -1.85 25.83
C GLY C 507 7.11 -2.61 24.56
N SER C 508 7.18 -3.93 24.61
CA SER C 508 7.02 -4.77 23.42
C SER C 508 5.74 -5.58 23.57
N SER C 509 4.63 -5.00 23.12
CA SER C 509 3.34 -5.68 23.13
C SER C 509 2.57 -5.25 21.89
N GLN C 510 1.54 -6.03 21.54
CA GLN C 510 0.71 -5.73 20.35
C GLN C 510 -0.10 -4.45 20.59
N LEU C 511 -0.67 -4.29 21.78
CA LEU C 511 -1.55 -3.12 22.06
C LEU C 511 -0.71 -1.92 22.50
N SER C 512 0.60 -2.10 22.65
CA SER C 512 1.49 -0.96 23.00
C SER C 512 2.17 -0.43 21.73
N GLN C 513 1.94 0.84 21.40
CA GLN C 513 2.52 1.43 20.16
C GLN C 513 2.61 2.96 20.30
N PHE C 514 3.39 3.60 19.42
CA PHE C 514 3.56 5.07 19.47
C PHE C 514 2.21 5.76 19.25
N MET C 515 1.94 6.84 19.98
CA MET C 515 0.68 7.60 19.76
C MET C 515 0.86 8.51 18.54
N ASP C 516 -0.10 8.50 17.62
CA ASP C 516 -0.04 9.38 16.42
C ASP C 516 -0.02 10.84 16.87
N GLN C 517 1.04 11.59 16.53
CA GLN C 517 1.14 12.98 17.04
C GLN C 517 1.06 13.99 15.90
N ASN C 518 0.45 13.63 14.77
CA ASN C 518 0.26 14.60 13.66
C ASN C 518 -0.62 15.75 14.15
N ASN C 519 -1.69 15.44 14.89
CA ASN C 519 -2.66 16.46 15.33
C ASN C 519 -3.15 16.13 16.73
N PRO C 520 -3.79 17.06 17.48
CA PRO C 520 -4.35 16.72 18.80
C PRO C 520 -5.50 15.71 18.63
N LEU C 521 -6.32 15.89 17.60
CA LEU C 521 -7.48 14.98 17.36
C LEU C 521 -6.96 13.56 17.08
N SER C 522 -5.88 13.45 16.32
CA SER C 522 -5.31 12.12 15.99
C SER C 522 -4.89 11.42 17.28
N GLU C 523 -4.25 12.16 18.19
CA GLU C 523 -3.84 11.59 19.49
C GLU C 523 -5.09 11.15 20.26
N ILE C 524 -6.14 11.98 20.24
CA ILE C 524 -7.40 11.65 20.97
C ILE C 524 -7.99 10.36 20.40
N THR C 525 -8.03 10.25 19.07
CA THR C 525 -8.65 9.05 18.43
C THR C 525 -7.86 7.81 18.82
N HIS C 526 -6.52 7.90 18.83
CA HIS C 526 -5.66 6.75 19.21
C HIS C 526 -5.92 6.39 20.68
N LYS C 527 -6.07 7.39 21.54
CA LYS C 527 -6.32 7.15 22.99
C LYS C 527 -7.68 6.45 23.16
N ARG C 528 -8.70 6.90 22.42
CA ARG C 528 -10.04 6.26 22.49
C ARG C 528 -10.18 5.28 21.32
N ARG C 529 -9.47 4.16 21.37
CA ARG C 529 -9.48 3.20 20.27
C ARG C 529 -9.68 1.81 20.83
N ILE C 530 -10.51 1.01 20.16
CA ILE C 530 -10.88 -0.32 20.64
C ILE C 530 -10.47 -1.33 19.59
N SER C 531 -9.73 -2.35 20.00
CA SER C 531 -9.16 -3.34 19.09
C SER C 531 -9.68 -4.73 19.43
N ALA C 532 -10.00 -5.51 18.41
CA ALA C 532 -10.40 -6.90 18.57
C ALA C 532 -9.22 -7.85 18.51
N LEU C 533 -8.03 -7.37 18.16
CA LEU C 533 -6.84 -8.19 18.06
C LEU C 533 -6.12 -8.21 19.40
N GLY C 534 -4.89 -8.72 19.42
CA GLY C 534 -4.13 -8.81 20.63
C GLY C 534 -3.97 -10.24 21.11
N PRO C 535 -3.38 -10.42 22.30
CA PRO C 535 -3.19 -11.79 22.80
C PRO C 535 -4.49 -12.57 22.95
N GLY C 536 -5.45 -12.06 23.70
CA GLY C 536 -6.72 -12.74 23.86
C GLY C 536 -7.71 -12.51 22.75
N GLY C 537 -7.33 -11.78 21.70
CA GLY C 537 -8.24 -11.48 20.62
C GLY C 537 -8.19 -12.48 19.48
N LEU C 538 -8.68 -12.04 18.33
CA LEU C 538 -8.74 -12.86 17.13
C LEU C 538 -7.80 -12.32 16.07
N THR C 539 -7.17 -13.22 15.32
CA THR C 539 -6.25 -12.82 14.26
C THR C 539 -7.03 -12.34 13.03
N ARG C 540 -6.33 -11.61 12.16
CA ARG C 540 -6.99 -10.96 11.03
C ARG C 540 -7.62 -11.99 10.08
N GLU C 541 -6.83 -12.98 9.64
CA GLU C 541 -7.36 -13.99 8.75
C GLU C 541 -8.40 -14.86 9.43
N ARG C 542 -8.29 -15.02 10.75
CA ARG C 542 -9.28 -15.78 11.49
C ARG C 542 -10.60 -15.04 11.64
N ALA C 543 -10.66 -13.78 11.26
CA ALA C 543 -11.91 -13.02 11.31
C ALA C 543 -12.77 -13.38 10.10
N GLY C 544 -14.04 -12.99 10.14
CA GLY C 544 -14.95 -13.27 9.05
C GLY C 544 -15.80 -12.05 8.78
N PHE C 545 -16.70 -12.19 7.80
CA PHE C 545 -17.53 -11.07 7.40
C PHE C 545 -18.42 -10.59 8.54
N GLU C 546 -19.01 -11.53 9.28
CA GLU C 546 -20.00 -11.14 10.29
C GLU C 546 -19.34 -10.47 11.50
N VAL C 547 -18.07 -10.79 11.76
CA VAL C 547 -17.37 -10.16 12.88
C VAL C 547 -17.14 -8.68 12.57
N ARG C 548 -16.88 -8.36 11.31
CA ARG C 548 -16.52 -7.00 10.90
C ARG C 548 -17.73 -6.20 10.44
N ASP C 549 -18.94 -6.63 10.76
CA ASP C 549 -20.15 -5.95 10.33
C ASP C 549 -20.65 -5.01 11.42
N VAL C 550 -21.53 -4.10 11.04
CA VAL C 550 -22.18 -3.21 12.00
C VAL C 550 -23.34 -3.96 12.64
N HIS C 551 -23.31 -4.06 13.96
CA HIS C 551 -24.36 -4.73 14.73
C HIS C 551 -25.35 -3.70 15.26
N PRO C 552 -26.64 -4.04 15.38
CA PRO C 552 -27.61 -3.07 15.90
C PRO C 552 -27.33 -2.63 17.33
N THR C 553 -26.56 -3.40 18.08
CA THR C 553 -26.17 -3.01 19.43
C THR C 553 -24.98 -2.06 19.46
N HIS C 554 -24.42 -1.72 18.30
CA HIS C 554 -23.35 -0.74 18.19
C HIS C 554 -23.85 0.69 18.26
N TYR C 555 -25.13 0.90 18.56
CA TYR C 555 -25.79 2.19 18.32
C TYR C 555 -25.07 3.35 18.99
N GLY C 556 -25.06 3.39 20.32
CA GLY C 556 -24.44 4.51 21.01
C GLY C 556 -23.14 4.14 21.70
N ARG C 557 -22.52 3.04 21.25
CA ARG C 557 -21.28 2.57 21.92
C ARG C 557 -20.08 2.75 20.99
N VAL C 558 -20.17 2.23 19.76
CA VAL C 558 -19.06 2.40 18.77
C VAL C 558 -19.61 3.06 17.50
N CYS C 559 -18.94 4.10 17.01
CA CYS C 559 -19.38 4.81 15.79
C CYS C 559 -19.33 3.86 14.59
N PRO C 560 -20.33 3.83 13.70
CA PRO C 560 -20.32 2.98 12.52
C PRO C 560 -19.65 3.65 11.31
N ILE C 561 -18.78 4.63 11.56
CA ILE C 561 -18.11 5.32 10.48
C ILE C 561 -16.61 5.10 10.56
N GLU C 562 -16.02 5.40 11.72
CA GLU C 562 -14.57 5.41 11.84
C GLU C 562 -14.04 4.00 12.00
N THR C 563 -13.28 3.53 11.00
CA THR C 563 -12.66 2.22 10.98
C THR C 563 -11.65 2.17 9.84
N PRO C 564 -10.55 1.42 9.97
CA PRO C 564 -9.59 1.32 8.87
C PRO C 564 -10.19 0.63 7.65
N GLU C 565 -9.50 0.76 6.52
CA GLU C 565 -10.10 0.36 5.24
C GLU C 565 -9.73 -1.06 4.82
N GLY C 566 -8.45 -1.33 4.60
CA GLY C 566 -8.10 -2.57 3.93
C GLY C 566 -8.16 -3.85 4.74
N PRO C 567 -7.14 -4.11 5.54
CA PRO C 567 -7.07 -5.40 6.23
C PRO C 567 -7.75 -5.41 7.59
N ASN C 568 -7.81 -4.27 8.25
CA ASN C 568 -8.32 -4.16 9.62
C ASN C 568 -9.75 -3.64 9.66
N ILE C 569 -10.45 -3.62 8.53
CA ILE C 569 -11.79 -3.07 8.50
C ILE C 569 -12.70 -3.90 9.41
N GLY C 570 -13.48 -3.21 10.24
CA GLY C 570 -14.39 -3.85 11.16
C GLY C 570 -13.75 -4.45 12.39
N LEU C 571 -12.42 -4.42 12.50
CA LEU C 571 -11.73 -4.98 13.65
C LEU C 571 -11.14 -3.92 14.57
N ILE C 572 -10.98 -2.69 14.09
CA ILE C 572 -10.57 -1.56 14.91
C ILE C 572 -11.70 -0.56 14.90
N ASN C 573 -12.16 -0.18 16.11
CA ASN C 573 -13.30 0.70 16.25
C ASN C 573 -12.94 1.85 17.18
N SER C 574 -13.86 2.80 17.30
CA SER C 574 -13.71 3.93 18.19
C SER C 574 -14.95 4.07 19.05
N LEU C 575 -14.74 4.54 20.29
CA LEU C 575 -15.86 4.85 21.16
C LEU C 575 -16.71 5.97 20.59
N SER C 576 -18.01 5.85 20.79
CA SER C 576 -18.91 6.98 20.54
C SER C 576 -18.68 8.05 21.61
N VAL C 577 -19.12 9.27 21.31
CA VAL C 577 -18.73 10.42 22.13
C VAL C 577 -19.25 10.32 23.55
N TYR C 578 -20.38 9.63 23.75
CA TYR C 578 -21.00 9.55 25.07
C TYR C 578 -20.83 8.19 25.75
N ALA C 579 -20.32 7.21 25.01
CA ALA C 579 -20.22 5.82 25.53
C ALA C 579 -19.40 5.74 26.82
N GLN C 580 -19.72 4.77 27.69
CA GLN C 580 -18.95 4.55 28.94
C GLN C 580 -18.85 3.05 29.18
N THR C 581 -17.93 2.60 30.04
CA THR C 581 -17.72 1.13 30.23
C THR C 581 -18.28 0.69 31.59
N ASN C 582 -18.88 -0.51 31.65
CA ASN C 582 -19.45 -1.05 32.91
C ASN C 582 -18.32 -1.48 33.84
N GLU C 583 -18.61 -1.62 35.14
CA GLU C 583 -17.59 -2.10 36.10
C GLU C 583 -17.16 -3.51 35.66
N TYR C 584 -18.12 -4.34 35.24
CA TYR C 584 -17.76 -5.68 34.71
C TYR C 584 -16.92 -5.47 33.43
N GLY C 585 -17.31 -4.47 32.63
CA GLY C 585 -16.54 -4.16 31.41
C GLY C 585 -17.42 -4.20 30.16
N PHE C 586 -18.65 -3.70 30.26
CA PHE C 586 -19.53 -3.69 29.10
C PHE C 586 -19.92 -2.26 28.76
N LEU C 587 -20.01 -1.96 27.47
CA LEU C 587 -20.23 -0.61 27.00
C LEU C 587 -21.64 -0.13 27.33
N GLU C 588 -21.75 1.15 27.72
CA GLU C 588 -23.00 1.75 28.13
C GLU C 588 -23.22 3.05 27.36
N THR C 589 -24.48 3.47 27.26
CA THR C 589 -24.83 4.74 26.65
C THR C 589 -25.96 5.37 27.45
N PRO C 590 -25.96 6.69 27.58
CA PRO C 590 -26.98 7.36 28.40
C PRO C 590 -28.28 7.64 27.66
N TYR C 591 -29.37 7.56 28.41
CA TYR C 591 -30.70 7.86 27.90
C TYR C 591 -31.45 8.69 28.94
N ARG C 592 -32.43 9.46 28.47
CA ARG C 592 -33.27 10.26 29.34
C ARG C 592 -34.53 9.48 29.68
N LYS C 593 -34.84 9.39 30.97
CA LYS C 593 -36.04 8.68 31.42
C LYS C 593 -37.29 9.40 30.93
N VAL C 594 -38.34 8.63 30.67
CA VAL C 594 -39.64 9.15 30.29
C VAL C 594 -40.67 8.62 31.28
N THR C 595 -41.35 9.53 31.97
CA THR C 595 -42.40 9.18 32.92
C THR C 595 -43.72 9.71 32.39
N ASP C 596 -44.71 8.82 32.26
CA ASP C 596 -46.01 9.24 31.67
C ASP C 596 -45.76 9.68 30.22
N GLY C 597 -46.25 10.87 29.86
CA GLY C 597 -46.06 11.40 28.49
C GLY C 597 -44.96 12.46 28.43
N VAL C 598 -44.25 12.68 29.54
CA VAL C 598 -43.23 13.76 29.58
C VAL C 598 -41.85 13.17 29.91
N VAL C 599 -40.82 13.54 29.13
CA VAL C 599 -39.43 13.06 29.41
C VAL C 599 -38.90 13.80 30.64
N THR C 600 -38.05 13.15 31.43
CA THR C 600 -37.44 13.80 32.63
C THR C 600 -35.93 13.98 32.39
N ASP C 601 -35.32 15.02 32.99
CA ASP C 601 -33.92 15.28 32.77
C ASP C 601 -32.99 14.30 33.48
N GLU C 602 -33.53 13.33 34.22
CA GLU C 602 -32.68 12.32 34.83
C GLU C 602 -32.18 11.35 33.75
N ILE C 603 -30.93 10.92 33.90
CA ILE C 603 -30.21 10.20 32.87
C ILE C 603 -29.76 8.85 33.41
N HIS C 604 -30.05 7.80 32.65
CA HIS C 604 -29.68 6.43 33.00
C HIS C 604 -28.75 5.87 31.94
N TYR C 605 -27.79 5.06 32.36
CA TYR C 605 -26.86 4.40 31.45
C TYR C 605 -27.28 2.94 31.28
N LEU C 606 -27.50 2.53 30.03
CA LEU C 606 -28.04 1.22 29.72
C LEU C 606 -27.07 0.44 28.84
N SER C 607 -26.84 -0.83 29.20
CA SER C 607 -25.98 -1.69 28.35
C SER C 607 -26.82 -2.17 27.15
N ALA C 608 -26.25 -3.05 26.31
CA ALA C 608 -26.98 -3.48 25.09
C ALA C 608 -28.29 -4.19 25.49
N ILE C 609 -28.22 -5.08 26.47
CA ILE C 609 -29.44 -5.82 26.93
C ILE C 609 -30.42 -4.82 27.53
N GLU C 610 -29.93 -3.86 28.33
CA GLU C 610 -30.82 -2.90 29.01
C GLU C 610 -31.56 -2.06 27.97
N GLU C 611 -30.84 -1.57 26.95
CA GLU C 611 -31.47 -0.72 25.91
C GLU C 611 -32.49 -1.56 25.13
N GLY C 612 -32.16 -2.81 24.82
CA GLY C 612 -33.07 -3.66 24.04
C GLY C 612 -34.39 -3.88 24.75
N ASN C 613 -34.35 -4.01 26.08
CA ASN C 613 -35.58 -4.27 26.87
C ASN C 613 -36.59 -3.11 26.75
N TYR C 614 -36.11 -1.86 26.72
CA TYR C 614 -37.05 -0.71 26.75
C TYR C 614 -37.28 -0.10 25.36
N VAL C 615 -38.40 0.61 25.17
CA VAL C 615 -38.66 1.31 23.93
C VAL C 615 -38.02 2.68 24.03
N ILE C 616 -37.04 2.95 23.17
CA ILE C 616 -36.24 4.16 23.24
C ILE C 616 -36.60 5.06 22.08
N ALA C 617 -37.00 6.30 22.38
CA ALA C 617 -37.40 7.26 21.35
C ALA C 617 -36.15 7.80 20.65
N GLN C 618 -36.35 8.62 19.63
CA GLN C 618 -35.28 9.18 18.83
C GLN C 618 -34.93 10.57 19.32
N ALA C 619 -33.69 10.99 19.06
CA ALA C 619 -33.23 12.29 19.53
C ALA C 619 -33.98 13.43 18.86
N ASN C 620 -34.30 13.27 17.58
CA ASN C 620 -34.93 14.34 16.80
C ASN C 620 -36.46 14.28 16.81
N SER C 621 -37.04 14.03 17.98
CA SER C 621 -38.48 14.00 18.15
C SER C 621 -38.90 15.23 18.94
N ASN C 622 -39.83 16.00 18.39
CA ASN C 622 -40.18 17.30 18.92
C ASN C 622 -40.84 17.18 20.30
N LEU C 623 -40.60 18.19 21.13
CA LEU C 623 -41.13 18.24 22.48
C LEU C 623 -41.82 19.58 22.72
N ASP C 624 -42.59 19.65 23.81
CA ASP C 624 -43.29 20.86 24.19
C ASP C 624 -42.54 21.57 25.31
N GLU C 625 -43.12 22.67 25.79
CA GLU C 625 -42.52 23.40 26.90
C GLU C 625 -42.51 22.57 28.18
N GLU C 626 -43.58 21.82 28.43
CA GLU C 626 -43.67 20.97 29.60
C GLU C 626 -42.91 19.65 29.42
N GLY C 627 -42.40 19.38 28.23
CA GLY C 627 -41.68 18.15 27.97
C GLY C 627 -42.47 17.07 27.26
N HIS C 628 -43.70 17.38 26.83
CA HIS C 628 -44.56 16.37 26.18
C HIS C 628 -44.32 16.37 24.66
N PHE C 629 -44.35 15.19 24.04
CA PHE C 629 -44.09 15.09 22.58
C PHE C 629 -45.16 15.89 21.81
N VAL C 630 -44.73 16.68 20.83
CA VAL C 630 -45.69 17.47 20.00
C VAL C 630 -46.55 16.49 19.19
N GLU C 631 -45.95 15.40 18.71
CA GLU C 631 -46.68 14.43 17.84
C GLU C 631 -46.97 13.14 18.62
N ASP C 632 -48.22 12.67 18.57
CA ASP C 632 -48.60 11.42 19.28
C ASP C 632 -47.66 10.28 18.83
N LEU C 633 -47.78 9.84 17.58
CA LEU C 633 -46.95 8.73 17.11
C LEU C 633 -45.51 9.17 16.96
N VAL C 634 -44.60 8.44 17.58
CA VAL C 634 -43.17 8.78 17.59
C VAL C 634 -42.38 7.58 17.10
N THR C 635 -41.19 7.84 16.57
CA THR C 635 -40.33 6.77 16.09
C THR C 635 -39.41 6.28 17.21
N CYS C 636 -39.29 4.96 17.34
CA CYS C 636 -38.55 4.38 18.44
C CYS C 636 -37.83 3.12 17.96
N ARG C 637 -36.98 2.58 18.83
CA ARG C 637 -36.35 1.29 18.63
C ARG C 637 -36.79 0.37 19.76
N SER C 638 -37.40 -0.76 19.41
CA SER C 638 -37.95 -1.68 20.42
C SER C 638 -37.02 -2.86 20.69
N LYS C 639 -36.76 -3.68 19.68
CA LYS C 639 -35.84 -4.81 19.81
C LYS C 639 -35.10 -4.96 18.48
N GLY C 640 -33.99 -4.24 18.35
CA GLY C 640 -33.20 -4.31 17.13
C GLY C 640 -33.93 -3.86 15.88
N GLU C 641 -35.08 -3.21 16.03
CA GLU C 641 -35.89 -2.77 14.90
C GLU C 641 -36.33 -1.34 15.16
N SER C 642 -37.17 -0.82 14.28
CA SER C 642 -37.67 0.55 14.43
C SER C 642 -39.05 0.64 13.80
N SER C 643 -39.96 1.35 14.47
CA SER C 643 -41.33 1.50 13.99
C SER C 643 -42.00 2.60 14.81
N LEU C 644 -43.27 2.84 14.51
CA LEU C 644 -44.04 3.89 15.17
C LEU C 644 -44.68 3.36 16.44
N PHE C 645 -44.57 4.16 17.51
CA PHE C 645 -45.19 3.80 18.81
C PHE C 645 -45.84 5.07 19.38
N SER C 646 -46.78 4.92 20.33
CA SER C 646 -47.38 6.11 20.98
C SER C 646 -46.35 6.73 21.94
N ARG C 647 -46.52 8.02 22.28
CA ARG C 647 -45.53 8.72 23.13
C ARG C 647 -45.45 8.01 24.49
N ASP C 648 -46.59 7.57 25.04
CA ASP C 648 -46.60 6.86 26.34
C ASP C 648 -45.78 5.56 26.22
N GLN C 649 -45.82 4.91 25.06
CA GLN C 649 -45.10 3.62 24.86
C GLN C 649 -43.61 3.83 25.12
N VAL C 650 -43.06 4.98 24.69
CA VAL C 650 -41.60 5.23 24.85
C VAL C 650 -41.26 5.22 26.34
N ASP C 651 -40.11 4.64 26.71
CA ASP C 651 -39.68 4.58 28.12
C ASP C 651 -38.40 5.41 28.27
N TYR C 652 -37.68 5.62 27.16
CA TYR C 652 -36.44 6.37 27.19
C TYR C 652 -36.32 7.19 25.92
N MET C 653 -35.45 8.20 25.96
CA MET C 653 -35.23 9.07 24.76
C MET C 653 -33.73 9.21 24.50
N ASP C 654 -33.33 9.25 23.22
CA ASP C 654 -31.89 9.45 22.88
C ASP C 654 -31.46 10.82 23.43
N VAL C 655 -30.35 10.87 24.15
CA VAL C 655 -29.88 12.15 24.75
C VAL C 655 -29.50 13.13 23.64
N SER C 656 -28.79 12.65 22.61
CA SER C 656 -28.33 13.56 21.52
C SER C 656 -28.21 12.77 20.20
N THR C 657 -28.34 13.47 19.06
CA THR C 657 -28.17 12.81 17.74
C THR C 657 -26.72 12.32 17.61
N GLN C 658 -25.75 13.12 18.06
CA GLN C 658 -24.32 12.75 17.94
C GLN C 658 -24.07 11.43 18.68
N GLN C 659 -24.96 11.04 19.59
CA GLN C 659 -24.76 9.81 20.41
C GLN C 659 -24.23 8.67 19.53
N VAL C 660 -24.50 8.71 18.21
CA VAL C 660 -24.10 7.59 17.31
C VAL C 660 -22.86 7.98 16.49
N VAL C 661 -22.26 9.14 16.76
CA VAL C 661 -21.12 9.61 15.92
C VAL C 661 -19.85 9.71 16.79
N SER C 662 -18.71 9.30 16.24
CA SER C 662 -17.41 9.37 16.98
C SER C 662 -16.95 10.83 17.08
N VAL C 663 -16.04 11.12 18.01
CA VAL C 663 -15.57 12.53 18.21
C VAL C 663 -14.93 13.01 16.90
N GLY C 664 -14.13 12.15 16.25
CA GLY C 664 -13.50 12.53 14.97
C GLY C 664 -14.53 12.80 13.90
N ALA C 665 -15.58 11.97 13.83
CA ALA C 665 -16.66 12.19 12.84
C ALA C 665 -17.52 13.38 13.28
N SER C 666 -17.71 13.54 14.59
CA SER C 666 -18.45 14.69 15.09
C SER C 666 -17.94 16.01 14.52
N LEU C 667 -16.78 16.00 13.88
CA LEU C 667 -16.15 17.21 13.38
C LEU C 667 -16.41 17.44 11.90
N ILE C 668 -17.24 16.62 11.27
CA ILE C 668 -17.60 16.79 9.86
C ILE C 668 -18.88 17.62 9.80
N PRO C 669 -18.84 18.86 9.32
CA PRO C 669 -20.09 19.60 9.13
C PRO C 669 -20.88 19.09 7.94
N PHE C 670 -22.20 19.08 8.10
CA PHE C 670 -23.12 18.51 7.12
C PHE C 670 -22.81 17.04 6.85
N LEU C 671 -22.56 16.29 7.93
CA LEU C 671 -22.23 14.88 7.79
C LEU C 671 -23.40 14.09 7.21
N GLU C 672 -24.62 14.42 7.60
CA GLU C 672 -25.80 13.69 7.15
C GLU C 672 -26.07 13.86 5.66
N HIS C 673 -25.35 14.78 5.01
CA HIS C 673 -25.49 14.95 3.54
C HIS C 673 -24.30 14.26 2.85
N ASP C 674 -23.58 13.40 3.59
CA ASP C 674 -22.39 12.70 3.03
C ASP C 674 -22.64 11.19 3.07
N ASP C 675 -22.11 10.46 2.08
CA ASP C 675 -22.26 8.98 2.08
C ASP C 675 -21.48 8.40 3.27
N ALA C 676 -22.02 7.39 3.94
CA ALA C 676 -21.37 6.85 5.16
C ALA C 676 -19.98 6.28 4.82
N ASN C 677 -19.88 5.50 3.74
CA ASN C 677 -18.58 4.91 3.33
C ASN C 677 -17.63 6.04 2.93
N ARG C 678 -18.15 7.05 2.22
CA ARG C 678 -17.31 8.21 1.82
C ARG C 678 -16.90 8.98 3.08
N ALA C 679 -17.85 9.22 3.98
CA ALA C 679 -17.55 9.95 5.23
C ALA C 679 -16.41 9.23 5.95
N LEU C 680 -16.44 7.90 5.97
CA LEU C 680 -15.34 7.12 6.58
C LEU C 680 -14.00 7.69 6.09
N MET C 681 -13.88 7.91 4.78
CA MET C 681 -12.63 8.43 4.22
C MET C 681 -12.29 9.80 4.80
N GLY C 682 -13.30 10.68 4.92
CA GLY C 682 -13.03 12.00 5.46
C GLY C 682 -12.58 11.97 6.91
N ALA C 683 -13.24 11.15 7.73
CA ALA C 683 -12.84 11.02 9.13
C ALA C 683 -11.44 10.44 9.25
N ASN C 684 -11.10 9.45 8.42
CA ASN C 684 -9.76 8.88 8.45
C ASN C 684 -8.72 9.89 8.02
N MET C 685 -9.01 10.68 6.98
CA MET C 685 -8.04 11.64 6.46
C MET C 685 -7.89 12.86 7.35
N GLN C 686 -8.88 13.13 8.21
CA GLN C 686 -8.75 14.26 9.12
C GLN C 686 -7.60 14.10 10.11
N ARG C 687 -7.21 12.87 10.43
CA ARG C 687 -6.16 12.61 11.41
C ARG C 687 -4.76 12.59 10.81
N GLN C 688 -4.63 12.75 9.49
CA GLN C 688 -3.33 12.79 8.84
C GLN C 688 -2.84 14.21 8.56
N ALA C 689 -3.65 15.21 8.87
CA ALA C 689 -3.27 16.60 8.60
C ALA C 689 -2.10 17.03 9.49
N VAL C 690 -1.21 17.84 8.92
CA VAL C 690 -0.03 18.33 9.61
C VAL C 690 -0.25 19.79 9.94
N PRO C 691 0.08 20.24 11.16
CA PRO C 691 -0.11 21.66 11.49
C PRO C 691 0.80 22.57 10.67
N THR C 692 0.26 23.72 10.29
CA THR C 692 0.96 24.65 9.43
C THR C 692 1.65 25.72 10.27
N LEU C 693 2.20 26.73 9.60
CA LEU C 693 2.93 27.79 10.29
C LEU C 693 2.03 28.56 11.24
N ARG C 694 0.81 28.87 10.82
CA ARG C 694 -0.15 29.58 11.63
C ARG C 694 -1.49 28.84 11.59
N ALA C 695 -2.09 28.65 12.76
CA ALA C 695 -3.39 28.01 12.84
C ALA C 695 -4.48 28.94 12.35
N ASP C 696 -5.47 28.36 11.68
CA ASP C 696 -6.61 29.10 11.15
C ASP C 696 -7.89 28.35 11.52
N LYS C 697 -8.80 29.05 12.20
CA LYS C 697 -10.03 28.43 12.67
C LYS C 697 -10.90 28.00 11.49
N PRO C 698 -11.71 26.97 11.67
CA PRO C 698 -12.74 26.65 10.66
C PRO C 698 -13.81 27.74 10.63
N LEU C 699 -14.13 28.20 9.43
CA LEU C 699 -15.27 29.11 9.28
C LEU C 699 -16.58 28.37 9.49
N VAL C 700 -16.65 27.11 9.08
CA VAL C 700 -17.81 26.25 9.31
C VAL C 700 -17.35 25.12 10.21
N GLY C 701 -18.01 24.97 11.35
CA GLY C 701 -17.66 23.94 12.30
C GLY C 701 -18.85 23.16 12.78
N THR C 702 -18.69 22.42 13.87
CA THR C 702 -19.77 21.65 14.47
C THR C 702 -19.96 21.92 15.95
N GLY C 703 -19.07 22.70 16.56
CA GLY C 703 -19.13 22.97 17.98
C GLY C 703 -18.35 22.02 18.86
N MET C 704 -17.68 21.03 18.29
CA MET C 704 -16.88 20.09 19.05
C MET C 704 -15.39 20.41 19.05
N GLU C 705 -14.99 21.52 18.44
CA GLU C 705 -13.56 21.84 18.34
C GLU C 705 -12.97 22.22 19.69
N ARG C 706 -13.76 22.90 20.53
CA ARG C 706 -13.25 23.32 21.83
C ARG C 706 -13.00 22.13 22.74
N ALA C 707 -13.92 21.16 22.75
CA ALA C 707 -13.75 19.99 23.59
C ALA C 707 -12.51 19.20 23.19
N VAL C 708 -12.33 18.99 21.89
CA VAL C 708 -11.16 18.25 21.42
C VAL C 708 -9.88 19.01 21.73
N ALA C 709 -9.88 20.33 21.52
CA ALA C 709 -8.67 21.11 21.77
C ALA C 709 -8.28 21.09 23.24
N VAL C 710 -9.25 21.24 24.14
CA VAL C 710 -8.93 21.31 25.57
C VAL C 710 -8.65 19.94 26.17
N ASP C 711 -9.49 18.94 25.89
CA ASP C 711 -9.34 17.63 26.51
C ASP C 711 -8.11 16.86 26.04
N SER C 712 -7.49 17.27 24.94
CA SER C 712 -6.32 16.57 24.43
C SER C 712 -5.06 16.88 25.23
N GLY C 713 -5.07 17.92 26.05
CA GLY C 713 -3.88 18.28 26.80
C GLY C 713 -2.81 18.97 25.98
N VAL C 714 -3.15 19.47 24.79
CA VAL C 714 -2.17 20.11 23.94
C VAL C 714 -1.99 21.58 24.32
N THR C 715 -3.08 22.24 24.73
CA THR C 715 -3.03 23.63 25.15
C THR C 715 -2.58 23.73 26.60
N ALA C 716 -2.41 24.96 27.07
CA ALA C 716 -2.11 25.25 28.48
C ALA C 716 -3.39 25.83 29.08
N VAL C 717 -3.91 25.17 30.09
CA VAL C 717 -5.19 25.53 30.71
C VAL C 717 -4.94 26.01 32.13
N ALA C 718 -5.53 27.16 32.47
CA ALA C 718 -5.36 27.74 33.81
C ALA C 718 -5.98 26.82 34.85
N LYS C 719 -5.13 26.23 35.71
CA LYS C 719 -5.63 25.30 36.70
C LYS C 719 -6.30 26.02 37.87
N ARG C 720 -5.77 27.17 38.27
CA ARG C 720 -6.32 27.93 39.38
C ARG C 720 -6.23 29.42 39.02
N GLY C 721 -6.71 29.77 37.83
CA GLY C 721 -6.42 31.08 37.26
C GLY C 721 -6.93 32.23 38.11
N GLY C 722 -6.06 33.23 38.28
CA GLY C 722 -6.40 34.52 38.87
C GLY C 722 -6.29 35.66 37.88
N VAL C 723 -5.20 36.41 37.95
CA VAL C 723 -4.93 37.54 37.06
C VAL C 723 -3.54 37.37 36.48
N VAL C 724 -3.40 37.59 35.16
CA VAL C 724 -2.12 37.41 34.50
C VAL C 724 -1.16 38.52 34.92
N GLN C 725 0.01 38.13 35.42
CA GLN C 725 1.01 39.07 35.92
C GLN C 725 2.15 39.30 34.94
N TYR C 726 2.71 38.24 34.37
CA TYR C 726 3.80 38.36 33.40
C TYR C 726 3.55 37.42 32.24
N VAL C 727 3.80 37.92 31.03
CA VAL C 727 3.63 37.13 29.81
C VAL C 727 4.92 37.19 29.01
N ASP C 728 5.17 36.11 28.27
CA ASP C 728 6.37 35.98 27.47
C ASP C 728 6.11 34.86 26.48
N ALA C 729 6.99 34.75 25.47
CA ALA C 729 6.85 33.69 24.50
C ALA C 729 7.16 32.32 25.08
N SER C 730 7.68 32.24 26.30
CA SER C 730 8.08 30.96 26.88
C SER C 730 7.50 30.74 28.27
N ARG C 731 7.01 31.80 28.91
CA ARG C 731 6.49 31.69 30.27
C ARG C 731 5.23 32.52 30.43
N ILE C 732 4.35 32.06 31.32
CA ILE C 732 3.18 32.81 31.75
C ILE C 732 3.09 32.69 33.27
N VAL C 733 3.02 33.83 33.96
CA VAL C 733 2.89 33.87 35.40
C VAL C 733 1.55 34.51 35.76
N ILE C 734 0.80 33.84 36.61
CA ILE C 734 -0.56 34.25 36.97
C ILE C 734 -0.61 34.49 38.48
N LYS C 735 -1.11 35.66 38.88
CA LYS C 735 -1.31 35.96 40.30
C LYS C 735 -2.68 35.45 40.71
N VAL C 736 -2.70 34.38 41.52
CA VAL C 736 -3.94 33.72 41.87
C VAL C 736 -4.82 34.65 42.69
N ASN C 737 -6.13 34.62 42.41
CA ASN C 737 -7.08 35.43 43.15
C ASN C 737 -7.07 35.06 44.63
N GLU C 738 -7.32 36.07 45.47
CA GLU C 738 -7.30 35.85 46.92
C GLU C 738 -8.57 35.20 47.44
N ASP C 739 -9.63 35.12 46.63
CA ASP C 739 -10.87 34.50 47.10
C ASP C 739 -10.67 33.02 47.39
N GLU C 740 -9.75 32.38 46.66
CA GLU C 740 -9.35 31.00 46.92
C GLU C 740 -7.83 30.95 46.99
N MET C 741 -7.32 30.37 48.07
CA MET C 741 -5.88 30.31 48.30
C MET C 741 -5.58 29.19 49.29
N TYR C 742 -4.33 28.75 49.28
CA TYR C 742 -3.86 27.77 50.25
C TYR C 742 -3.16 28.51 51.37
N PRO C 743 -3.61 28.39 52.62
CA PRO C 743 -3.02 29.19 53.69
C PRO C 743 -1.52 28.91 53.85
N GLY C 744 -0.77 29.98 54.11
CA GLY C 744 0.67 29.87 54.23
C GLY C 744 1.39 29.86 52.91
N GLU C 745 2.47 30.65 52.83
CA GLU C 745 3.36 30.77 51.67
C GLU C 745 2.69 31.40 50.45
N ALA C 746 1.41 31.77 50.54
CA ALA C 746 0.66 32.40 49.44
C ALA C 746 0.81 31.54 48.20
N GLY C 747 1.21 32.08 47.07
CA GLY C 747 1.45 31.29 45.87
C GLY C 747 1.07 31.98 44.57
N ILE C 748 1.79 31.63 43.50
CA ILE C 748 1.51 32.08 42.15
C ILE C 748 1.60 30.87 41.21
N ASP C 749 1.11 31.05 39.99
CA ASP C 749 1.08 29.98 39.01
C ASP C 749 2.09 30.27 37.91
N ILE C 750 2.94 29.28 37.63
CA ILE C 750 3.97 29.38 36.60
C ILE C 750 3.69 28.34 35.53
N TYR C 751 3.62 28.78 34.28
CA TYR C 751 3.41 27.91 33.14
C TYR C 751 4.58 28.06 32.18
N ASN C 752 5.28 26.96 31.90
CA ASN C 752 6.41 27.00 30.93
C ASN C 752 5.89 26.53 29.57
N LEU C 753 5.56 27.48 28.68
CA LEU C 753 4.99 27.11 27.36
C LEU C 753 6.01 26.30 26.57
N THR C 754 5.55 25.23 25.89
CA THR C 754 6.47 24.36 25.11
C THR C 754 6.87 25.08 23.82
N LYS C 755 8.17 25.14 23.54
CA LYS C 755 8.64 25.76 22.26
C LYS C 755 8.78 24.67 21.20
N TYR C 756 9.44 24.98 20.07
CA TYR C 756 9.55 24.00 18.97
C TYR C 756 10.15 22.70 19.53
N THR C 757 9.55 21.55 19.19
CA THR C 757 10.02 20.24 19.72
C THR C 757 9.59 19.13 18.77
N ARG C 758 10.34 18.02 18.72
CA ARG C 758 10.01 16.95 17.80
C ARG C 758 8.80 16.17 18.29
N SER C 759 7.98 15.72 17.36
CA SER C 759 6.88 14.81 17.64
C SER C 759 7.22 13.42 17.11
N ASN C 760 6.36 12.45 17.41
CA ASN C 760 6.62 11.08 17.01
C ASN C 760 6.68 10.93 15.50
N GLN C 761 6.02 11.82 14.76
CA GLN C 761 6.00 11.80 13.31
C GLN C 761 6.92 12.87 12.71
N ASN C 762 7.86 13.38 13.50
CA ASN C 762 8.86 14.37 13.10
C ASN C 762 8.27 15.73 12.76
N THR C 763 7.02 15.99 13.15
CA THR C 763 6.50 17.34 13.04
C THR C 763 6.92 18.18 14.23
N CYS C 764 6.42 19.40 14.30
CA CYS C 764 6.80 20.34 15.35
C CYS C 764 5.61 20.61 16.26
N ILE C 765 5.88 20.59 17.57
CA ILE C 765 4.88 20.95 18.57
C ILE C 765 5.36 22.20 19.28
N ASN C 766 4.55 23.27 19.21
CA ASN C 766 4.90 24.58 19.73
C ASN C 766 3.69 25.18 20.41
N GLN C 767 3.93 26.03 21.40
CA GLN C 767 2.86 26.69 22.15
C GLN C 767 3.08 28.19 22.14
N MET C 768 2.00 28.94 21.91
CA MET C 768 2.04 30.39 21.90
C MET C 768 0.96 30.96 22.82
N PRO C 769 1.27 31.99 23.59
CA PRO C 769 0.29 32.53 24.54
C PRO C 769 -0.88 33.19 23.85
N CYS C 770 -2.03 33.17 24.55
CA CYS C 770 -3.23 33.84 24.07
C CYS C 770 -3.57 35.09 24.87
N VAL C 771 -2.94 35.30 26.02
CA VAL C 771 -3.21 36.43 26.90
C VAL C 771 -2.11 37.46 26.73
N SER C 772 -2.46 38.74 26.96
CA SER C 772 -1.52 39.83 26.68
C SER C 772 -0.84 40.36 27.93
N LEU C 773 -1.60 40.93 28.87
CA LEU C 773 -1.05 41.44 30.13
C LEU C 773 -2.17 41.94 31.03
N GLY C 774 -2.07 41.68 32.33
CA GLY C 774 -3.08 42.14 33.27
C GLY C 774 -4.48 41.67 32.95
N GLU C 775 -4.62 40.56 32.24
CA GLU C 775 -5.91 40.06 31.80
C GLU C 775 -6.51 39.16 32.86
N PRO C 776 -7.77 39.38 33.26
CA PRO C 776 -8.42 38.45 34.18
C PRO C 776 -8.54 37.07 33.56
N VAL C 777 -8.37 36.04 34.40
CA VAL C 777 -8.38 34.66 33.94
C VAL C 777 -9.20 33.84 34.93
N GLU C 778 -10.18 33.10 34.41
CA GLU C 778 -11.00 32.21 35.22
C GLU C 778 -10.49 30.79 35.13
N ARG C 779 -11.00 29.94 36.01
CA ARG C 779 -10.58 28.54 36.03
C ARG C 779 -11.00 27.84 34.75
N GLY C 780 -10.09 27.07 34.16
CA GLY C 780 -10.36 26.36 32.94
C GLY C 780 -10.17 27.16 31.67
N ASP C 781 -9.71 28.40 31.77
CA ASP C 781 -9.42 29.20 30.58
C ASP C 781 -8.16 28.70 29.90
N VAL C 782 -8.06 29.00 28.61
CA VAL C 782 -6.91 28.60 27.79
C VAL C 782 -5.93 29.75 27.76
N LEU C 783 -4.69 29.49 28.17
CA LEU C 783 -3.65 30.51 28.22
C LEU C 783 -2.78 30.48 26.97
N ALA C 784 -2.34 29.30 26.56
CA ALA C 784 -1.54 29.14 25.35
C ALA C 784 -2.07 27.96 24.55
N ASP C 785 -2.10 28.11 23.23
CA ASP C 785 -2.57 27.05 22.35
C ASP C 785 -1.38 26.32 21.74
N GLY C 786 -1.55 25.02 21.51
CA GLY C 786 -0.51 24.21 20.96
C GLY C 786 -0.59 24.10 19.44
N PRO C 787 -0.04 23.02 18.89
CA PRO C 787 -0.07 22.84 17.44
C PRO C 787 -1.49 22.71 16.91
N SER C 788 -1.76 23.40 15.80
CA SER C 788 -3.06 23.39 15.13
C SER C 788 -4.20 23.69 16.10
N THR C 789 -4.11 24.84 16.75
CA THR C 789 -5.14 25.32 17.67
C THR C 789 -5.18 26.84 17.60
N ASP C 790 -6.39 27.40 17.61
CA ASP C 790 -6.59 28.84 17.44
C ASP C 790 -7.57 29.33 18.50
N LEU C 791 -7.05 30.02 19.51
CA LEU C 791 -7.85 30.55 20.63
C LEU C 791 -8.62 29.43 21.34
N GLY C 792 -7.99 28.26 21.44
CA GLY C 792 -8.62 27.14 22.13
C GLY C 792 -9.54 26.30 21.28
N GLU C 793 -9.55 26.48 19.96
CA GLU C 793 -10.35 25.68 19.06
C GLU C 793 -9.44 24.88 18.13
N LEU C 794 -9.83 23.65 17.85
CA LEU C 794 -9.07 22.80 16.94
C LEU C 794 -9.09 23.39 15.54
N ALA C 795 -7.89 23.70 15.01
CA ALA C 795 -7.74 24.37 13.73
C ALA C 795 -6.64 23.63 12.95
N LEU C 796 -7.03 22.61 12.20
CA LEU C 796 -6.07 21.70 11.57
C LEU C 796 -5.94 21.93 10.07
N GLY C 797 -6.55 22.98 9.52
CA GLY C 797 -6.42 23.30 8.12
C GLY C 797 -6.49 24.79 7.86
N GLN C 798 -6.86 25.19 6.64
CA GLN C 798 -6.98 26.61 6.34
C GLN C 798 -8.20 26.83 5.44
N ASN C 799 -8.72 28.05 5.48
CA ASN C 799 -9.93 28.43 4.74
C ASN C 799 -9.54 28.94 3.35
N MET C 800 -9.90 28.18 2.33
CA MET C 800 -9.55 28.50 0.95
C MET C 800 -10.78 29.01 0.19
N ARG C 801 -10.56 29.99 -0.67
CA ARG C 801 -11.59 30.47 -1.59
C ARG C 801 -11.56 29.59 -2.83
N VAL C 802 -12.63 28.84 -3.06
CA VAL C 802 -12.66 27.76 -4.04
C VAL C 802 -13.75 28.05 -5.07
N ALA C 803 -13.42 27.79 -6.34
CA ALA C 803 -14.40 27.74 -7.41
C ALA C 803 -14.53 26.31 -7.90
N PHE C 804 -15.76 25.90 -8.23
CA PHE C 804 -16.04 24.54 -8.69
C PHE C 804 -16.24 24.57 -10.21
N MET C 805 -15.17 24.36 -10.96
CA MET C 805 -15.24 24.37 -12.41
C MET C 805 -14.07 23.58 -13.00
N PRO C 806 -14.19 23.09 -14.22
CA PRO C 806 -13.02 22.54 -14.91
C PRO C 806 -12.15 23.65 -15.48
N TRP C 807 -10.83 23.50 -15.33
CA TRP C 807 -9.88 24.52 -15.79
C TRP C 807 -8.81 23.88 -16.66
N ASN C 808 -9.11 23.73 -17.95
CA ASN C 808 -8.13 23.38 -18.98
C ASN C 808 -7.40 22.07 -18.70
N GLY C 809 -8.05 21.15 -18.00
CA GLY C 809 -7.47 19.86 -17.75
C GLY C 809 -6.51 19.80 -16.58
N TYR C 810 -6.35 20.88 -15.83
CA TYR C 810 -5.41 20.88 -14.71
C TYR C 810 -6.05 20.44 -13.40
N ASN C 811 -7.35 20.21 -13.38
CA ASN C 811 -8.02 19.52 -12.28
C ASN C 811 -8.71 18.25 -12.75
N PHE C 812 -8.20 17.66 -13.83
CA PHE C 812 -8.70 16.39 -14.33
C PHE C 812 -8.50 15.30 -13.30
N GLU C 813 -9.51 14.45 -13.15
CA GLU C 813 -9.60 13.44 -12.08
C GLU C 813 -9.66 14.19 -10.76
N ASP C 814 -8.75 13.95 -9.82
CA ASP C 814 -8.76 14.61 -8.53
C ASP C 814 -7.67 15.67 -8.41
N SER C 815 -7.11 16.13 -9.53
CA SER C 815 -6.06 17.14 -9.47
C SER C 815 -6.61 18.45 -8.92
N ILE C 816 -5.74 19.22 -8.27
CA ILE C 816 -6.10 20.48 -7.64
C ILE C 816 -5.22 21.58 -8.23
N LEU C 817 -5.86 22.64 -8.71
CA LEU C 817 -5.15 23.81 -9.24
C LEU C 817 -5.09 24.89 -8.17
N VAL C 818 -3.87 25.25 -7.77
CA VAL C 818 -3.61 26.16 -6.67
C VAL C 818 -2.99 27.44 -7.21
N SER C 819 -3.38 28.57 -6.65
CA SER C 819 -2.82 29.84 -7.06
C SER C 819 -1.47 30.08 -6.40
N GLU C 820 -0.72 31.03 -6.94
CA GLU C 820 0.57 31.39 -6.37
C GLU C 820 0.44 32.23 -5.10
N ARG C 821 -0.70 32.88 -4.89
CA ARG C 821 -0.92 33.64 -3.67
C ARG C 821 -0.96 32.74 -2.44
N VAL C 822 -1.39 31.49 -2.60
CA VAL C 822 -1.35 30.53 -1.50
C VAL C 822 0.09 30.23 -1.10
N VAL C 823 0.97 30.08 -2.10
CA VAL C 823 2.37 29.78 -1.81
C VAL C 823 3.07 30.99 -1.22
N GLN C 824 2.79 32.18 -1.75
CA GLN C 824 3.45 33.39 -1.27
C GLN C 824 3.10 33.71 0.16
N GLU C 825 1.87 33.43 0.57
CA GLU C 825 1.39 33.75 1.91
C GLU C 825 1.75 32.69 2.94
N ASP C 826 2.52 31.68 2.55
CA ASP C 826 3.06 30.66 3.43
C ASP C 826 1.97 29.82 4.10
N ARG C 827 0.77 29.82 3.53
CA ARG C 827 -0.24 28.88 3.96
C ARG C 827 0.13 27.47 3.49
N PHE C 828 -0.17 26.49 4.32
CA PHE C 828 0.20 25.09 4.08
C PHE C 828 1.70 24.87 4.11
N THR C 829 2.43 25.68 4.88
CA THR C 829 3.86 25.50 5.11
C THR C 829 4.07 24.94 6.50
N THR C 830 4.85 23.86 6.60
CA THR C 830 5.04 23.14 7.85
C THR C 830 6.50 23.13 8.25
N ILE C 831 6.74 22.92 9.54
CA ILE C 831 8.08 22.79 10.10
C ILE C 831 8.29 21.34 10.50
N HIS C 832 9.41 20.76 10.06
CA HIS C 832 9.74 19.37 10.36
C HIS C 832 11.06 19.33 11.12
N ILE C 833 11.09 18.57 12.21
CA ILE C 833 12.24 18.51 13.11
C ILE C 833 12.76 17.09 13.15
N GLN C 834 14.07 16.93 13.02
CA GLN C 834 14.72 15.63 12.96
C GLN C 834 15.76 15.54 14.07
N GLU C 835 16.06 14.31 14.49
CA GLU C 835 16.99 14.07 15.59
C GLU C 835 18.09 13.13 15.12
N LEU C 836 19.34 13.58 15.26
CA LEU C 836 20.52 12.78 14.98
C LEU C 836 21.37 12.68 16.25
N ALA C 837 21.94 11.51 16.49
CA ALA C 837 22.69 11.24 17.71
C ALA C 837 24.03 10.61 17.39
N CYS C 838 25.02 10.92 18.24
CA CYS C 838 26.36 10.35 18.13
C CYS C 838 26.80 9.89 19.52
N VAL C 839 27.29 8.65 19.60
CA VAL C 839 27.69 8.09 20.92
C VAL C 839 29.17 7.67 20.86
N SER C 840 29.92 7.94 21.94
CA SER C 840 31.34 7.52 22.00
C SER C 840 31.47 6.37 23.02
N ARG C 841 32.11 5.27 22.62
CA ARG C 841 32.25 4.09 23.52
C ARG C 841 33.70 3.62 23.53
N ASP C 842 34.17 3.10 24.67
CA ASP C 842 35.56 2.59 24.77
C ASP C 842 35.71 1.38 23.84
N THR C 843 36.88 1.23 23.21
CA THR C 843 37.11 0.12 22.25
C THR C 843 38.40 -0.62 22.63
N LYS C 844 38.63 -1.80 22.05
CA LYS C 844 39.85 -2.58 22.36
C LYS C 844 41.06 -1.72 22.03
N LEU C 845 41.01 -0.96 20.94
CA LEU C 845 42.12 -0.03 20.60
C LEU C 845 42.24 1.01 21.71
N GLY C 846 41.12 1.48 22.24
CA GLY C 846 41.13 2.47 23.34
C GLY C 846 39.85 3.28 23.37
N PRO C 847 39.75 4.35 24.20
CA PRO C 847 38.56 5.21 24.22
C PRO C 847 38.37 5.94 22.90
N GLU C 848 37.10 6.24 22.61
CA GLU C 848 36.70 6.97 21.41
C GLU C 848 36.49 8.43 21.83
N GLU C 849 37.32 9.33 21.31
CA GLU C 849 37.30 10.71 21.75
C GLU C 849 36.55 11.60 20.75
N ILE C 850 35.92 12.64 21.28
CA ILE C 850 35.20 13.63 20.49
C ILE C 850 36.01 14.91 20.51
N THR C 851 36.50 15.33 19.34
CA THR C 851 37.39 16.48 19.24
C THR C 851 37.08 17.29 17.99
N ALA C 852 37.44 18.57 18.05
CA ALA C 852 37.26 19.45 16.90
C ALA C 852 38.25 19.11 15.79
N ASP C 853 39.48 18.78 16.15
CA ASP C 853 40.47 18.44 15.14
C ASP C 853 40.18 17.05 14.58
N ILE C 854 40.31 16.93 13.26
CA ILE C 854 40.02 15.70 12.53
C ILE C 854 41.14 15.44 11.53
N PRO C 855 41.74 14.27 11.51
CA PRO C 855 42.78 14.00 10.51
C PRO C 855 42.20 13.91 9.10
N ASN C 856 43.00 14.33 8.12
CA ASN C 856 42.67 14.21 6.69
C ASN C 856 41.34 14.90 6.36
N VAL C 857 41.09 16.05 6.99
CA VAL C 857 39.90 16.85 6.68
C VAL C 857 40.32 18.31 6.63
N GLY C 858 39.84 19.01 5.59
CA GLY C 858 40.20 20.40 5.40
C GLY C 858 39.52 21.32 6.40
N GLU C 859 39.99 22.58 6.42
CA GLU C 859 39.45 23.59 7.33
C GLU C 859 37.99 23.90 7.01
N ALA C 860 37.59 23.73 5.76
CA ALA C 860 36.24 24.06 5.33
C ALA C 860 35.17 23.25 6.08
N ALA C 861 35.44 21.97 6.32
CA ALA C 861 34.49 21.16 7.07
C ALA C 861 34.48 21.49 8.55
N LEU C 862 35.55 22.08 9.08
CA LEU C 862 35.62 22.45 10.49
C LEU C 862 35.19 23.89 10.75
N SER C 863 34.66 24.59 9.75
CA SER C 863 34.26 25.98 9.94
C SER C 863 33.13 26.12 10.95
N LYS C 864 32.18 25.18 10.94
CA LYS C 864 30.98 25.27 11.74
C LYS C 864 31.09 24.53 13.08
N LEU C 865 32.28 23.99 13.38
CA LEU C 865 32.42 23.16 14.60
C LEU C 865 32.83 24.02 15.80
N ASP C 866 32.44 23.61 17.02
CA ASP C 866 32.84 24.35 18.24
C ASP C 866 34.24 23.88 18.65
N GLU C 867 34.80 24.45 19.72
CA GLU C 867 36.12 24.01 20.21
C GLU C 867 36.05 22.52 20.54
N SER C 868 34.94 22.07 21.15
CA SER C 868 34.75 20.63 21.44
C SER C 868 34.68 19.84 20.11
N GLY C 869 34.06 20.44 19.09
CA GLY C 869 33.92 19.76 17.78
C GLY C 869 32.48 19.49 17.45
N ILE C 870 31.59 20.44 17.74
CA ILE C 870 30.13 20.26 17.49
C ILE C 870 29.63 21.46 16.68
N VAL C 871 28.63 21.25 15.81
CA VAL C 871 28.11 22.35 14.95
C VAL C 871 27.58 23.47 15.84
N TYR C 872 27.86 24.73 15.47
CA TYR C 872 27.39 25.89 16.27
C TYR C 872 25.87 25.95 16.24
N ILE C 873 25.26 26.35 17.37
CA ILE C 873 23.78 26.50 17.41
C ILE C 873 23.36 27.54 16.37
N GLY C 874 22.37 27.21 15.54
CA GLY C 874 21.92 28.12 14.50
C GLY C 874 22.62 27.93 13.17
N ALA C 875 23.58 27.01 13.07
CA ALA C 875 24.25 26.76 11.81
C ALA C 875 23.29 26.09 10.83
N GLU C 876 23.44 26.43 9.55
CA GLU C 876 22.65 25.83 8.49
C GLU C 876 23.49 24.77 7.78
N VAL C 877 23.02 23.52 7.82
CA VAL C 877 23.79 22.38 7.36
C VAL C 877 23.04 21.71 6.21
N THR C 878 23.82 21.27 5.22
CA THR C 878 23.25 20.60 4.05
C THR C 878 24.18 19.46 3.65
N GLY C 879 23.63 18.53 2.87
CA GLY C 879 24.44 17.47 2.31
C GLY C 879 25.08 16.62 3.38
N GLY C 880 26.40 16.47 3.29
CA GLY C 880 27.14 15.64 4.23
C GLY C 880 28.04 16.42 5.16
N ASP C 881 27.56 17.55 5.67
CA ASP C 881 28.34 18.35 6.60
C ASP C 881 28.55 17.58 7.91
N ILE C 882 29.62 17.95 8.62
CA ILE C 882 30.01 17.29 9.86
C ILE C 882 29.29 17.95 11.02
N LEU C 883 28.62 17.13 11.84
CA LEU C 883 27.92 17.63 13.02
C LEU C 883 28.75 17.50 14.29
N VAL C 884 29.23 16.29 14.58
CA VAL C 884 30.08 16.04 15.73
C VAL C 884 31.35 15.36 15.24
N GLY C 885 32.50 15.84 15.71
CA GLY C 885 33.78 15.26 15.33
C GLY C 885 34.24 14.18 16.29
N LYS C 886 34.32 12.95 15.80
CA LYS C 886 34.70 11.80 16.61
C LYS C 886 35.79 11.02 15.90
N VAL C 887 36.77 10.54 16.66
CA VAL C 887 37.88 9.75 16.14
C VAL C 887 37.99 8.48 16.97
N THR C 888 38.14 7.35 16.30
CA THR C 888 38.35 6.08 16.98
C THR C 888 39.81 5.65 16.84
N PRO C 889 40.42 5.06 17.87
CA PRO C 889 41.82 4.67 17.75
C PRO C 889 42.00 3.39 16.95
N LYS C 890 43.16 3.29 16.31
CA LYS C 890 43.52 2.11 15.53
C LYS C 890 44.55 1.28 16.29
N GLY C 891 44.69 0.02 15.88
CA GLY C 891 45.62 -0.87 16.54
C GLY C 891 46.93 -1.01 15.81
N GLU C 892 48.01 -0.60 16.48
CA GLU C 892 49.34 -0.68 15.88
C GLU C 892 50.41 -0.68 16.97
N THR C 893 51.30 -1.68 16.94
CA THR C 893 52.38 -1.80 17.92
C THR C 893 53.72 -2.05 17.26
N GLN C 894 53.75 -2.31 15.96
CA GLN C 894 54.99 -2.50 15.21
C GLN C 894 55.26 -1.21 14.43
N LEU C 895 56.28 -0.47 14.87
CA LEU C 895 56.59 0.83 14.22
C LEU C 895 57.51 0.59 13.02
N THR C 896 56.93 0.53 11.82
CA THR C 896 57.75 0.36 10.59
C THR C 896 58.55 1.64 10.36
N PRO C 897 59.72 1.61 9.70
CA PRO C 897 60.54 2.81 9.51
C PRO C 897 59.71 3.84 8.74
N GLU C 898 58.93 3.37 7.76
CA GLU C 898 58.03 4.29 7.00
C GLU C 898 57.00 4.87 7.96
N GLU C 899 56.45 4.05 8.85
CA GLU C 899 55.46 4.53 9.86
C GLU C 899 56.16 5.56 10.75
N LYS C 900 57.39 5.27 11.18
CA LYS C 900 58.15 6.24 12.01
C LYS C 900 58.38 7.50 11.18
N LEU C 901 58.70 7.34 9.89
CA LEU C 901 58.88 8.51 8.99
C LEU C 901 57.56 9.27 8.92
N LEU C 902 56.44 8.56 8.69
CA LEU C 902 55.15 9.23 8.68
C LEU C 902 54.89 9.99 9.98
N ARG C 903 55.21 9.39 11.12
CA ARG C 903 55.08 10.10 12.38
C ARG C 903 56.07 11.25 12.49
N ALA C 904 57.22 11.15 11.82
CA ALA C 904 58.20 12.22 11.89
C ALA C 904 57.74 13.46 11.12
N ILE C 905 57.33 13.28 9.86
CA ILE C 905 56.88 14.43 9.09
C ILE C 905 55.54 14.97 9.58
N PHE C 906 54.57 14.09 9.87
CA PHE C 906 53.24 14.51 10.26
C PHE C 906 53.07 14.44 11.77
N GLY C 907 51.85 14.64 12.25
CA GLY C 907 51.60 14.64 13.68
C GLY C 907 51.94 13.31 14.33
N GLU C 908 51.91 13.31 15.66
CA GLU C 908 52.27 12.12 16.42
C GLU C 908 51.37 10.94 16.03
N LYS C 909 50.07 11.18 15.94
CA LYS C 909 49.17 10.12 15.51
C LYS C 909 49.39 9.76 14.04
N ALA C 910 49.88 10.71 13.24
CA ALA C 910 50.08 10.52 11.81
C ALA C 910 48.80 10.02 11.14
N SER C 911 47.65 10.52 11.61
CA SER C 911 46.35 10.11 11.12
C SER C 911 46.11 8.60 11.27
N ASP C 912 46.67 8.00 12.32
CA ASP C 912 46.40 6.59 12.60
C ASP C 912 44.96 6.40 13.06
N VAL C 913 44.44 7.38 13.81
CA VAL C 913 43.08 7.32 14.33
C VAL C 913 42.11 7.48 13.16
N LYS C 914 41.14 6.58 13.07
CA LYS C 914 40.19 6.62 11.97
C LYS C 914 39.16 7.72 12.22
N ASP C 915 38.37 8.01 11.18
CA ASP C 915 37.34 9.03 11.22
C ASP C 915 35.98 8.36 11.26
N SER C 916 35.28 8.48 12.38
CA SER C 916 33.90 8.01 12.53
C SER C 916 33.12 9.16 13.14
N SER C 917 32.66 10.08 12.30
CA SER C 917 31.98 11.29 12.74
C SER C 917 30.54 11.28 12.28
N LEU C 918 29.71 12.02 13.01
CA LEU C 918 28.31 12.20 12.64
C LEU C 918 28.22 13.24 11.53
N ARG C 919 27.88 12.79 10.33
CA ARG C 919 27.64 13.67 9.20
C ARG C 919 26.15 13.67 8.86
N VAL C 920 25.69 14.79 8.31
CA VAL C 920 24.28 14.86 7.90
C VAL C 920 24.05 13.88 6.75
N PRO C 921 23.02 13.04 6.81
CA PRO C 921 22.74 12.14 5.68
C PRO C 921 22.32 12.95 4.45
N ASN C 922 22.62 12.41 3.26
CA ASN C 922 22.29 13.10 2.04
C ASN C 922 20.78 13.23 1.88
N GLY C 923 20.34 14.33 1.31
CA GLY C 923 18.92 14.63 1.21
C GLY C 923 18.32 15.25 2.44
N VAL C 924 19.17 15.60 3.41
CA VAL C 924 18.67 16.17 4.70
C VAL C 924 19.25 17.58 4.88
N SER C 925 18.42 18.62 4.71
CA SER C 925 18.89 20.00 4.97
C SER C 925 18.27 20.49 6.28
N GLY C 926 19.09 20.88 7.24
CA GLY C 926 18.57 21.27 8.56
C GLY C 926 19.34 22.41 9.19
N THR C 927 18.74 23.11 10.16
CA THR C 927 19.45 24.20 10.88
C THR C 927 19.66 23.76 12.33
N VAL C 928 20.86 23.97 12.89
CA VAL C 928 21.12 23.48 14.26
C VAL C 928 20.10 24.15 15.19
N ILE C 929 19.40 23.35 16.01
CA ILE C 929 18.32 23.91 16.87
C ILE C 929 18.67 23.65 18.35
N ASP C 930 19.06 22.41 18.68
CA ASP C 930 19.30 22.08 20.11
C ASP C 930 20.36 20.99 20.23
N VAL C 931 21.38 21.20 21.07
CA VAL C 931 22.38 20.17 21.31
C VAL C 931 22.23 19.71 22.76
N GLN C 932 22.34 18.40 22.98
CA GLN C 932 21.96 17.75 24.22
C GLN C 932 23.08 16.84 24.71
N VAL C 933 24.29 17.40 24.85
CA VAL C 933 25.44 16.61 25.31
C VAL C 933 25.17 15.99 26.67
N PHE C 934 25.42 14.70 26.78
CA PHE C 934 25.33 13.95 28.04
C PHE C 934 26.68 13.31 28.33
N THR C 935 27.10 13.38 29.59
CA THR C 935 28.46 12.99 29.97
C THR C 935 28.42 11.94 31.07
N ARG C 936 29.35 10.98 30.98
CA ARG C 936 29.47 9.92 31.97
C ARG C 936 30.03 10.46 33.28
N ASP C 937 29.63 9.83 34.38
CA ASP C 937 30.11 10.22 35.70
C ASP C 937 31.58 9.86 35.87
N GLY C 938 32.42 10.86 36.11
CA GLY C 938 33.84 10.62 36.29
C GLY C 938 34.69 11.16 35.16
N VAL C 939 34.22 10.97 33.92
CA VAL C 939 34.97 11.47 32.77
C VAL C 939 34.85 12.99 32.71
N GLU C 940 35.81 13.62 32.05
CA GLU C 940 35.86 15.07 31.98
C GLU C 940 34.62 15.64 31.30
N LYS C 941 34.04 16.67 31.91
CA LYS C 941 32.86 17.30 31.35
C LYS C 941 33.21 18.00 30.04
N ASP C 942 32.32 17.87 29.06
CA ASP C 942 32.53 18.48 27.76
C ASP C 942 32.52 20.00 27.88
N LYS C 943 33.34 20.67 27.07
CA LYS C 943 33.44 22.13 27.13
C LYS C 943 32.10 22.79 26.82
N ARG C 944 31.34 22.22 25.89
CA ARG C 944 30.02 22.74 25.59
C ARG C 944 29.04 22.45 26.72
N ALA C 945 29.28 21.36 27.46
CA ALA C 945 28.32 20.91 28.46
C ALA C 945 28.10 21.93 29.57
N LEU C 946 29.18 22.58 30.04
CA LEU C 946 29.04 23.55 31.12
C LEU C 946 28.11 24.69 30.73
N GLU C 947 28.09 25.06 29.44
CA GLU C 947 27.16 26.09 28.99
C GLU C 947 25.72 25.65 29.17
N ILE C 948 25.41 24.40 28.81
CA ILE C 948 24.06 23.87 29.00
C ILE C 948 23.72 23.86 30.49
N GLU C 949 24.68 23.45 31.33
CA GLU C 949 24.44 23.46 32.77
C GLU C 949 24.15 24.87 33.28
N GLU C 950 24.90 25.86 32.79
CA GLU C 950 24.68 27.25 33.19
C GLU C 950 23.30 27.74 32.78
N MET C 951 22.88 27.42 31.56
CA MET C 951 21.53 27.80 31.15
C MET C 951 20.48 27.14 32.03
N GLN C 952 20.68 25.86 32.34
CA GLN C 952 19.73 25.15 33.19
C GLN C 952 19.61 25.79 34.57
N LEU C 953 20.73 26.03 35.24
CA LEU C 953 20.65 26.57 36.59
C LEU C 953 20.16 28.01 36.57
N LYS C 954 20.51 28.77 35.54
CA LYS C 954 20.02 30.14 35.43
C LYS C 954 18.51 30.16 35.32
N GLN C 955 17.94 29.28 34.47
CA GLN C 955 16.49 29.21 34.37
C GLN C 955 15.87 28.74 35.67
N ALA C 956 16.53 27.81 36.37
CA ALA C 956 16.02 27.31 37.65
C ALA C 956 15.91 28.44 38.67
N LYS C 957 16.99 29.19 38.88
CA LYS C 957 16.92 30.30 39.83
C LYS C 957 15.97 31.39 39.35
N LYS C 958 15.88 31.62 38.04
CA LYS C 958 14.99 32.66 37.53
C LYS C 958 13.53 32.34 37.86
N ASP C 959 13.12 31.09 37.65
CA ASP C 959 11.74 30.73 37.96
C ASP C 959 11.55 30.35 39.44
N LEU C 960 12.63 30.27 40.20
CA LEU C 960 12.52 29.96 41.63
C LEU C 960 12.47 31.20 42.50
N SER C 961 13.13 32.29 42.11
CA SER C 961 13.24 33.46 42.96
C SER C 961 11.95 34.27 43.04
N GLU C 962 10.97 34.01 42.18
CA GLU C 962 9.75 34.83 42.17
C GLU C 962 8.94 34.63 43.45
N GLU C 963 8.73 33.38 43.85
CA GLU C 963 8.00 33.12 45.09
C GLU C 963 8.76 33.67 46.30
N LEU C 964 10.08 33.54 46.30
CA LEU C 964 10.86 34.10 47.40
C LEU C 964 10.72 35.62 47.46
N GLN C 965 10.74 36.29 46.31
CA GLN C 965 10.58 37.74 46.29
C GLN C 965 9.20 38.13 46.80
N ILE C 966 8.15 37.41 46.38
CA ILE C 966 6.81 37.72 46.85
C ILE C 966 6.70 37.51 48.36
N LEU C 967 7.26 36.42 48.86
CA LEU C 967 7.19 36.14 50.30
C LEU C 967 7.95 37.17 51.11
N GLU C 968 9.14 37.58 50.64
CA GLU C 968 9.90 38.59 51.36
C GLU C 968 9.21 39.96 51.27
N ALA C 969 8.53 40.24 50.16
CA ALA C 969 7.75 41.48 50.09
C ALA C 969 6.61 41.47 51.09
N GLY C 970 5.94 40.32 51.23
CA GLY C 970 4.90 40.22 52.24
C GLY C 970 5.44 40.37 53.66
N LEU C 971 6.58 39.77 53.94
CA LEU C 971 7.21 39.92 55.25
C LEU C 971 7.60 41.37 55.51
N PHE C 972 8.14 42.05 54.49
CA PHE C 972 8.49 43.46 54.63
C PHE C 972 7.24 44.31 54.88
N SER C 973 6.14 44.00 54.20
CA SER C 973 4.89 44.72 54.44
C SER C 973 4.41 44.52 55.86
N ARG C 974 4.48 43.28 56.37
CA ARG C 974 4.08 43.03 57.76
C ARG C 974 4.97 43.80 58.73
N ILE C 975 6.28 43.80 58.49
CA ILE C 975 7.20 44.52 59.37
C ILE C 975 6.93 46.02 59.32
N ARG C 976 6.66 46.56 58.13
CA ARG C 976 6.35 47.97 58.00
C ARG C 976 5.06 48.32 58.73
N ALA C 977 4.05 47.47 58.64
CA ALA C 977 2.81 47.71 59.39
C ALA C 977 3.07 47.68 60.88
N VAL C 978 3.87 46.72 61.35
CA VAL C 978 4.16 46.61 62.78
C VAL C 978 4.88 47.86 63.28
N LEU C 979 5.89 48.33 62.52
CA LEU C 979 6.60 49.53 62.92
C LEU C 979 5.75 50.79 62.76
N VAL C 980 4.75 50.76 61.87
CA VAL C 980 3.81 51.87 61.79
C VAL C 980 2.94 51.91 63.04
N ALA C 981 2.57 50.73 63.57
CA ALA C 981 1.77 50.68 64.79
C ALA C 981 2.47 51.38 65.95
N GLY C 982 3.79 51.39 65.96
CA GLY C 982 4.52 52.07 67.02
C GLY C 982 5.92 52.50 66.61
N GLY C 983 6.25 53.76 66.87
CA GLY C 983 7.55 54.30 66.51
C GLY C 983 7.79 54.34 65.01
N VAL C 984 6.81 54.83 64.26
CA VAL C 984 6.90 54.88 62.81
C VAL C 984 7.80 56.03 62.38
N GLU C 985 8.79 55.74 61.55
CA GLU C 985 9.64 56.75 60.94
C GLU C 985 9.28 57.03 59.50
N ALA C 986 8.32 56.31 58.93
CA ALA C 986 7.79 56.54 57.58
C ALA C 986 8.94 56.37 56.58
N GLU C 987 9.20 57.38 55.74
CA GLU C 987 10.25 57.26 54.74
C GLU C 987 11.62 57.06 55.38
N LYS C 988 11.83 57.61 56.57
CA LYS C 988 13.09 57.37 57.27
C LYS C 988 13.25 55.89 57.61
N LEU C 989 12.18 55.25 58.07
CA LEU C 989 12.23 53.82 58.33
C LEU C 989 12.41 53.03 57.04
N ASP C 990 11.75 53.45 55.95
CA ASP C 990 11.85 52.73 54.69
C ASP C 990 13.20 52.88 54.02
N LYS C 991 13.93 53.96 54.31
CA LYS C 991 15.22 54.17 53.64
C LYS C 991 16.28 53.20 54.16
N LEU C 992 16.35 53.00 55.48
CA LEU C 992 17.37 52.14 56.06
C LEU C 992 16.99 50.68 55.86
N PRO C 993 17.89 49.84 55.34
CA PRO C 993 17.57 48.43 55.15
C PRO C 993 17.46 47.67 56.48
N ARG C 994 17.06 46.41 56.42
CA ARG C 994 16.85 45.58 57.60
C ARG C 994 15.86 46.21 58.57
N ASP C 995 14.85 46.90 58.01
CA ASP C 995 13.83 47.60 58.79
C ASP C 995 14.45 48.62 59.75
N ARG C 996 15.54 49.25 59.33
CA ARG C 996 16.29 50.20 60.16
C ARG C 996 16.70 49.56 61.48
N TRP C 997 17.47 48.48 61.36
CA TRP C 997 17.89 47.67 62.51
C TRP C 997 16.69 47.20 63.32
N LEU C 998 15.65 46.74 62.62
CA LEU C 998 14.41 46.25 63.23
C LEU C 998 13.74 47.33 64.08
N GLU C 999 13.96 48.59 63.73
CA GLU C 999 13.37 49.74 64.43
C GLU C 999 13.65 49.70 65.93
N LEU C 1000 14.89 49.32 66.28
CA LEU C 1000 15.33 49.17 67.67
C LEU C 1000 14.40 48.17 68.35
N GLY C 1001 13.88 48.46 69.53
CA GLY C 1001 12.97 47.55 70.20
C GLY C 1001 11.58 48.13 70.39
N LEU C 1002 11.51 49.45 70.56
CA LEU C 1002 10.26 50.19 70.78
C LEU C 1002 9.62 49.62 72.05
N THR C 1003 8.36 49.21 72.02
CA THR C 1003 7.74 48.61 73.19
C THR C 1003 8.30 47.22 73.46
N ASP C 1004 8.17 46.79 74.72
CA ASP C 1004 8.68 45.48 75.10
C ASP C 1004 7.96 44.36 74.37
N GLU C 1005 6.64 44.49 74.22
CA GLU C 1005 5.86 43.44 73.54
C GLU C 1005 6.27 43.32 72.07
N GLU C 1006 6.46 44.46 71.39
CA GLU C 1006 6.85 44.42 69.99
C GLU C 1006 8.24 43.82 69.81
N LYS C 1007 9.18 44.20 70.67
CA LYS C 1007 10.54 43.66 70.57
C LYS C 1007 10.58 42.17 70.87
N GLN C 1008 9.86 41.73 71.92
CA GLN C 1008 9.92 40.34 72.33
C GLN C 1008 9.10 39.43 71.42
N ASN C 1009 7.99 39.92 70.88
CA ASN C 1009 7.08 39.10 70.10
C ASN C 1009 7.07 39.44 68.62
N GLN C 1010 6.87 40.70 68.26
CA GLN C 1010 6.71 41.06 66.85
C GLN C 1010 8.05 40.99 66.12
N LEU C 1011 9.03 41.78 66.55
CA LEU C 1011 10.30 41.85 65.84
C LEU C 1011 11.03 40.51 65.87
N GLU C 1012 11.02 39.84 67.01
CA GLU C 1012 11.71 38.56 67.13
C GLU C 1012 11.11 37.52 66.20
N GLN C 1013 9.78 37.44 66.16
CA GLN C 1013 9.12 36.49 65.27
C GLN C 1013 9.38 36.85 63.81
N LEU C 1014 9.36 38.14 63.48
CA LEU C 1014 9.62 38.56 62.12
C LEU C 1014 11.03 38.16 61.68
N ALA C 1015 12.01 38.39 62.54
CA ALA C 1015 13.39 38.00 62.23
C ALA C 1015 13.53 36.50 62.11
N GLU C 1016 12.85 35.75 62.98
CA GLU C 1016 12.91 34.29 62.91
C GLU C 1016 12.31 33.79 61.60
N GLN C 1017 11.17 34.34 61.20
CA GLN C 1017 10.56 33.94 59.93
C GLN C 1017 11.44 34.31 58.76
N TYR C 1018 12.06 35.50 58.80
CA TYR C 1018 12.98 35.90 57.74
C TYR C 1018 14.13 34.91 57.61
N ASP C 1019 14.76 34.57 58.73
CA ASP C 1019 15.90 33.65 58.70
C ASP C 1019 15.48 32.27 58.21
N GLU C 1020 14.35 31.77 58.70
CA GLU C 1020 13.88 30.45 58.28
C GLU C 1020 13.57 30.43 56.79
N LEU C 1021 12.91 31.49 56.28
CA LEU C 1021 12.59 31.55 54.86
C LEU C 1021 13.85 31.61 54.02
N LYS C 1022 14.83 32.42 54.43
CA LYS C 1022 16.07 32.51 53.68
C LYS C 1022 16.80 31.18 53.66
N HIS C 1023 16.86 30.50 54.81
CA HIS C 1023 17.51 29.20 54.87
C HIS C 1023 16.80 28.18 53.98
N GLU C 1024 15.46 28.17 54.01
CA GLU C 1024 14.72 27.23 53.20
C GLU C 1024 14.93 27.48 51.72
N PHE C 1025 14.90 28.76 51.30
CA PHE C 1025 15.12 29.08 49.90
C PHE C 1025 16.53 28.70 49.47
N GLU C 1026 17.53 28.99 50.31
CA GLU C 1026 18.90 28.63 49.97
C GLU C 1026 19.07 27.11 49.86
N LYS C 1027 18.46 26.36 50.77
CA LYS C 1027 18.53 24.91 50.71
C LYS C 1027 17.87 24.37 49.46
N LYS C 1028 16.70 24.91 49.10
CA LYS C 1028 16.01 24.46 47.90
C LYS C 1028 16.82 24.77 46.65
N LEU C 1029 17.40 25.96 46.57
CA LEU C 1029 18.22 26.33 45.43
C LEU C 1029 19.46 25.44 45.33
N GLU C 1030 20.11 25.16 46.47
CA GLU C 1030 21.28 24.30 46.46
C GLU C 1030 20.91 22.88 46.03
N ALA C 1031 19.77 22.37 46.50
CA ALA C 1031 19.33 21.04 46.10
C ALA C 1031 19.06 20.99 44.60
N LYS C 1032 18.40 22.02 44.06
CA LYS C 1032 18.14 22.06 42.62
C LYS C 1032 19.45 22.12 41.84
N ARG C 1033 20.40 22.94 42.30
CA ARG C 1033 21.69 23.04 41.63
C ARG C 1033 22.43 21.70 41.65
N ARG C 1034 22.44 21.03 42.80
CA ARG C 1034 23.10 19.74 42.90
C ARG C 1034 22.44 18.70 42.00
N LYS C 1035 21.10 18.76 41.88
CA LYS C 1035 20.40 17.87 40.98
C LYS C 1035 20.78 18.15 39.52
N ILE C 1036 20.90 19.43 39.18
CA ILE C 1036 21.21 19.83 37.77
C ILE C 1036 22.56 19.22 37.37
N THR C 1037 23.62 19.55 38.10
CA THR C 1037 24.98 19.04 37.73
C THR C 1037 25.22 17.69 38.41
N GLN C 1038 25.04 16.59 37.68
CA GLN C 1038 25.28 15.24 38.23
C GLN C 1038 25.83 14.33 37.13
N GLY C 1039 26.67 13.35 37.49
CA GLY C 1039 27.19 12.41 36.49
C GLY C 1039 26.05 11.55 35.93
N ASP C 1040 26.00 11.39 34.61
CA ASP C 1040 24.91 10.60 33.97
C ASP C 1040 25.30 9.12 34.02
N ASP C 1041 24.55 8.31 34.79
CA ASP C 1041 24.84 6.88 34.81
C ASP C 1041 24.42 6.30 33.47
N LEU C 1042 25.41 6.07 32.60
CA LEU C 1042 25.15 5.56 31.26
C LEU C 1042 25.41 4.06 31.20
N ALA C 1043 25.28 3.50 30.00
CA ALA C 1043 25.59 2.10 29.76
C ALA C 1043 27.09 1.89 30.00
N PRO C 1044 27.50 0.69 30.42
CA PRO C 1044 28.93 0.48 30.72
C PRO C 1044 29.85 0.81 29.57
N GLY C 1045 29.49 0.43 28.35
CA GLY C 1045 30.31 0.78 27.20
C GLY C 1045 30.28 2.27 26.89
N VAL C 1046 29.10 2.89 27.02
CA VAL C 1046 28.90 4.25 26.55
C VAL C 1046 29.73 5.23 27.38
N LEU C 1047 30.39 6.14 26.70
CA LEU C 1047 31.23 7.16 27.32
C LEU C 1047 30.65 8.56 27.21
N LYS C 1048 29.98 8.87 26.10
CA LYS C 1048 29.40 10.19 25.89
C LYS C 1048 28.36 10.10 24.79
N ILE C 1049 27.26 10.84 24.95
CA ILE C 1049 26.19 10.91 23.98
C ILE C 1049 25.93 12.35 23.62
N VAL C 1050 25.89 12.66 22.32
CA VAL C 1050 25.60 13.99 21.82
C VAL C 1050 24.42 13.90 20.86
N LYS C 1051 23.40 14.71 21.10
CA LYS C 1051 22.17 14.70 20.31
C LYS C 1051 22.00 16.04 19.61
N VAL C 1052 21.69 16.00 18.32
CA VAL C 1052 21.57 17.18 17.49
C VAL C 1052 20.18 17.21 16.84
N TYR C 1053 19.53 18.36 16.87
CA TYR C 1053 18.19 18.54 16.33
C TYR C 1053 18.24 19.49 15.16
N LEU C 1054 17.59 19.12 14.06
CA LEU C 1054 17.54 19.93 12.85
C LEU C 1054 16.10 20.33 12.55
N ALA C 1055 15.92 21.53 12.02
CA ALA C 1055 14.60 22.05 11.67
C ALA C 1055 14.59 22.52 10.23
N VAL C 1056 13.58 22.12 9.48
CA VAL C 1056 13.43 22.48 8.07
C VAL C 1056 12.01 22.95 7.82
N LYS C 1057 11.84 23.74 6.76
CA LYS C 1057 10.54 24.22 6.33
C LYS C 1057 10.16 23.53 5.03
N ARG C 1058 8.94 22.99 4.97
CA ARG C 1058 8.48 22.27 3.75
C ARG C 1058 7.62 23.21 2.90
N ARG C 1059 8.17 23.68 1.77
CA ARG C 1059 7.39 24.54 0.84
C ARG C 1059 6.27 23.70 0.20
N ILE C 1060 5.08 24.28 0.05
CA ILE C 1060 3.96 23.55 -0.64
C ILE C 1060 4.34 23.33 -2.10
N GLN C 1061 4.04 22.15 -2.65
CA GLN C 1061 4.43 21.82 -4.05
C GLN C 1061 3.34 20.95 -4.69
N PRO C 1062 3.29 20.82 -6.04
CA PRO C 1062 2.21 20.09 -6.71
C PRO C 1062 2.17 18.60 -6.31
N GLY C 1063 3.34 17.95 -6.26
CA GLY C 1063 3.37 16.51 -5.92
C GLY C 1063 2.79 16.25 -4.54
N ASP C 1064 2.34 17.31 -3.86
CA ASP C 1064 1.82 17.15 -2.50
C ASP C 1064 0.32 16.85 -2.50
N LYS C 1065 -0.14 16.19 -1.44
CA LYS C 1065 -1.51 15.71 -1.35
C LYS C 1065 -2.33 16.55 -0.38
N MET C 1066 -3.54 16.92 -0.82
CA MET C 1066 -4.42 17.79 -0.06
C MET C 1066 -5.79 17.16 0.02
N ALA C 1067 -6.59 17.57 1.01
CA ALA C 1067 -7.92 17.01 1.14
C ALA C 1067 -8.82 17.95 1.93
N GLY C 1068 -10.12 17.86 1.64
CA GLY C 1068 -11.14 18.36 2.54
C GLY C 1068 -11.62 17.26 3.47
N ARG C 1069 -12.52 17.63 4.36
CA ARG C 1069 -13.00 16.70 5.38
C ARG C 1069 -14.34 16.07 5.01
N HIS C 1070 -14.56 15.88 3.72
CA HIS C 1070 -15.73 15.18 3.21
C HIS C 1070 -15.35 13.97 2.36
N GLY C 1071 -14.09 13.53 2.44
CA GLY C 1071 -13.61 12.47 1.60
C GLY C 1071 -13.11 12.91 0.24
N ASN C 1072 -12.89 14.21 0.03
CA ASN C 1072 -12.45 14.74 -1.26
C ASN C 1072 -10.96 15.02 -1.19
N LYS C 1073 -10.15 14.09 -1.68
CA LYS C 1073 -8.71 14.23 -1.68
C LYS C 1073 -8.21 14.47 -3.10
N GLY C 1074 -6.98 14.97 -3.19
CA GLY C 1074 -6.34 15.14 -4.48
C GLY C 1074 -4.96 15.70 -4.30
N VAL C 1075 -4.16 15.56 -5.35
CA VAL C 1075 -2.81 16.12 -5.36
C VAL C 1075 -2.82 17.37 -6.22
N ILE C 1076 -1.84 18.23 -5.98
CA ILE C 1076 -1.74 19.48 -6.72
C ILE C 1076 -1.19 19.19 -8.11
N SER C 1077 -1.78 19.82 -9.11
CA SER C 1077 -1.30 19.62 -10.48
C SER C 1077 -0.48 20.79 -11.00
N LYS C 1078 -0.71 21.99 -10.49
CA LYS C 1078 -0.07 23.18 -11.02
C LYS C 1078 -0.24 24.31 -10.03
N ILE C 1079 0.80 25.13 -9.91
CA ILE C 1079 0.76 26.38 -9.14
C ILE C 1079 0.75 27.53 -10.14
N ASN C 1080 -0.38 28.14 -10.29
CA ASN C 1080 -0.80 29.12 -11.27
C ASN C 1080 -0.48 30.53 -10.81
N PRO C 1081 0.08 31.36 -11.69
CA PRO C 1081 0.28 32.78 -11.36
C PRO C 1081 -1.05 33.48 -11.12
N ILE C 1082 -0.98 34.55 -10.32
CA ILE C 1082 -2.19 35.16 -9.78
C ILE C 1082 -3.05 35.78 -10.89
N GLU C 1083 -2.42 36.22 -11.98
CA GLU C 1083 -3.18 36.87 -13.03
C GLU C 1083 -3.93 35.88 -13.91
N ASP C 1084 -3.70 34.58 -13.75
CA ASP C 1084 -4.36 33.57 -14.58
C ASP C 1084 -5.60 32.98 -13.91
N MET C 1085 -5.75 33.11 -12.59
CA MET C 1085 -6.90 32.53 -11.93
C MET C 1085 -8.18 33.29 -12.25
N PRO C 1086 -9.33 32.60 -12.23
CA PRO C 1086 -10.61 33.28 -12.40
C PRO C 1086 -10.83 34.30 -11.30
N TYR C 1087 -11.47 35.42 -11.66
CA TYR C 1087 -11.75 36.50 -10.74
C TYR C 1087 -13.17 36.98 -10.95
N ASP C 1088 -13.73 37.61 -9.93
CA ASP C 1088 -15.10 38.10 -9.98
C ASP C 1088 -15.12 39.57 -10.38
N GLU C 1089 -16.29 40.20 -10.29
CA GLU C 1089 -16.45 41.57 -10.77
C GLU C 1089 -15.65 42.58 -9.95
N ASN C 1090 -15.35 42.28 -8.69
CA ASN C 1090 -14.54 43.15 -7.85
C ASN C 1090 -13.05 42.93 -8.06
N GLY C 1091 -12.66 41.99 -8.92
CA GLY C 1091 -11.27 41.73 -9.18
C GLY C 1091 -10.60 40.77 -8.22
N THR C 1092 -11.35 40.10 -7.36
CA THR C 1092 -10.77 39.18 -6.39
C THR C 1092 -10.69 37.78 -7.01
N PRO C 1093 -9.49 37.21 -7.15
CA PRO C 1093 -9.38 35.87 -7.71
C PRO C 1093 -9.62 34.79 -6.66
N VAL C 1094 -9.82 33.56 -7.16
CA VAL C 1094 -9.99 32.41 -6.28
C VAL C 1094 -8.63 31.83 -5.96
N ASP C 1095 -8.55 31.05 -4.89
CA ASP C 1095 -7.31 30.40 -4.47
C ASP C 1095 -7.17 28.99 -5.01
N ILE C 1096 -8.26 28.24 -5.07
CA ILE C 1096 -8.27 26.85 -5.50
C ILE C 1096 -9.34 26.68 -6.57
N VAL C 1097 -9.11 25.78 -7.52
CA VAL C 1097 -10.11 25.38 -8.49
C VAL C 1097 -10.32 23.88 -8.36
N LEU C 1098 -11.55 23.46 -8.12
CA LEU C 1098 -11.90 22.07 -7.91
C LEU C 1098 -12.85 21.60 -9.00
N ASN C 1099 -12.73 20.34 -9.37
CA ASN C 1099 -13.53 19.77 -10.45
C ASN C 1099 -14.95 19.51 -9.98
N PRO C 1100 -15.98 19.96 -10.69
CA PRO C 1100 -17.35 19.60 -10.30
C PRO C 1100 -17.67 18.13 -10.50
N LEU C 1101 -16.92 17.44 -11.37
CA LEU C 1101 -17.24 16.05 -11.68
C LEU C 1101 -17.01 15.10 -10.51
N GLY C 1102 -16.22 15.52 -9.52
CA GLY C 1102 -15.97 14.66 -8.38
C GLY C 1102 -17.11 14.58 -7.39
N VAL C 1103 -18.07 15.50 -7.48
CA VAL C 1103 -19.16 15.56 -6.52
C VAL C 1103 -20.28 14.56 -6.81
N PRO C 1104 -20.89 14.56 -8.01
CA PRO C 1104 -22.14 13.80 -8.17
C PRO C 1104 -21.98 12.29 -8.10
N SER C 1105 -20.84 11.76 -8.52
CA SER C 1105 -20.61 10.32 -8.45
C SER C 1105 -20.09 9.87 -7.10
N ARG C 1106 -19.68 10.80 -6.24
CA ARG C 1106 -19.26 10.49 -4.88
C ARG C 1106 -20.33 10.75 -3.85
N MET C 1107 -21.37 11.50 -4.20
CA MET C 1107 -22.44 11.88 -3.28
C MET C 1107 -21.88 12.66 -2.09
N ASN C 1108 -21.00 13.61 -2.39
CA ASN C 1108 -20.40 14.50 -1.41
C ASN C 1108 -21.12 15.85 -1.40
N ILE C 1109 -22.35 15.83 -0.91
CA ILE C 1109 -23.14 17.06 -0.93
C ILE C 1109 -22.73 18.02 0.18
N GLY C 1110 -22.09 17.52 1.24
CA GLY C 1110 -21.60 18.40 2.28
C GLY C 1110 -20.54 19.38 1.79
N GLN C 1111 -19.82 19.00 0.73
CA GLN C 1111 -18.89 19.92 0.08
C GLN C 1111 -19.58 21.22 -0.31
N ILE C 1112 -20.68 21.10 -1.05
CA ILE C 1112 -21.36 22.27 -1.61
C ILE C 1112 -21.98 23.11 -0.50
N LEU C 1113 -22.62 22.46 0.48
CA LEU C 1113 -23.23 23.18 1.58
C LEU C 1113 -22.18 23.91 2.41
N GLU C 1114 -21.05 23.26 2.67
CA GLU C 1114 -19.96 23.91 3.39
C GLU C 1114 -19.42 25.09 2.61
N THR C 1115 -19.29 24.95 1.29
CA THR C 1115 -18.83 26.06 0.46
C THR C 1115 -19.79 27.24 0.52
N HIS C 1116 -21.09 26.99 0.43
CA HIS C 1116 -22.08 28.06 0.48
C HIS C 1116 -22.07 28.74 1.85
N LEU C 1117 -22.01 27.96 2.92
CA LEU C 1117 -22.01 28.54 4.26
C LEU C 1117 -20.72 29.31 4.53
N GLY C 1118 -19.60 28.84 4.01
CA GLY C 1118 -18.36 29.59 4.14
C GLY C 1118 -18.43 30.91 3.38
N MET C 1119 -19.07 30.91 2.21
CA MET C 1119 -19.29 32.15 1.50
C MET C 1119 -20.11 33.13 2.35
N ALA C 1120 -21.17 32.63 2.99
CA ALA C 1120 -21.98 33.49 3.84
C ALA C 1120 -21.19 34.03 5.03
N ALA C 1121 -20.41 33.17 5.68
CA ALA C 1121 -19.62 33.58 6.83
C ALA C 1121 -18.59 34.63 6.46
N LYS C 1122 -17.89 34.42 5.34
CA LYS C 1122 -16.92 35.41 4.90
C LYS C 1122 -17.60 36.70 4.46
N GLY C 1123 -18.82 36.63 3.93
CA GLY C 1123 -19.54 37.85 3.60
C GLY C 1123 -19.85 38.69 4.84
N ILE C 1124 -20.30 38.03 5.91
CA ILE C 1124 -20.57 38.75 7.16
C ILE C 1124 -19.28 39.35 7.70
N GLY C 1125 -18.20 38.58 7.69
CA GLY C 1125 -16.92 39.12 8.11
C GLY C 1125 -16.46 40.30 7.27
N ASP C 1126 -16.75 40.24 5.96
CA ASP C 1126 -16.40 41.34 5.07
C ASP C 1126 -17.17 42.60 5.41
N LYS C 1127 -18.46 42.46 5.72
CA LYS C 1127 -19.25 43.61 6.14
C LYS C 1127 -18.68 44.23 7.41
N ILE C 1128 -18.32 43.39 8.38
CA ILE C 1128 -17.77 43.89 9.64
C ILE C 1128 -16.43 44.59 9.38
N ASN C 1129 -15.59 44.02 8.52
CA ASN C 1129 -14.31 44.64 8.19
C ASN C 1129 -14.51 45.99 7.54
N ALA C 1130 -15.47 46.09 6.61
CA ALA C 1130 -15.74 47.37 5.97
C ALA C 1130 -16.22 48.40 6.98
N MET C 1131 -17.07 47.99 7.92
CA MET C 1131 -17.52 48.91 8.97
C MET C 1131 -16.36 49.36 9.84
N LEU C 1132 -15.42 48.45 10.16
CA LEU C 1132 -14.29 48.82 10.99
C LEU C 1132 -13.31 49.72 10.27
N LYS C 1133 -13.21 49.60 8.94
CA LYS C 1133 -12.29 50.45 8.19
C LYS C 1133 -12.68 51.92 8.29
N GLN C 1134 -13.98 52.22 8.20
CA GLN C 1134 -14.45 53.59 8.20
C GLN C 1134 -14.65 54.15 9.61
N GLN C 1135 -14.26 53.40 10.64
CA GLN C 1135 -14.30 53.87 12.03
C GLN C 1135 -15.71 54.32 12.43
N GLN C 1136 -16.70 53.51 12.07
CA GLN C 1136 -18.07 53.79 12.45
C GLN C 1136 -18.22 53.64 13.97
N GLU C 1137 -19.19 54.39 14.52
CA GLU C 1137 -19.39 54.38 15.96
C GLU C 1137 -19.89 53.03 16.44
N VAL C 1138 -19.59 52.73 17.71
CA VAL C 1138 -19.77 51.38 18.25
C VAL C 1138 -21.24 50.96 18.24
N ALA C 1139 -22.16 51.91 18.31
CA ALA C 1139 -23.57 51.56 18.47
C ALA C 1139 -24.09 50.73 17.30
N LYS C 1140 -23.87 51.21 16.07
CA LYS C 1140 -24.43 50.52 14.92
C LYS C 1140 -23.64 49.26 14.57
N LEU C 1141 -22.34 49.24 14.88
CA LEU C 1141 -21.59 47.98 14.73
C LEU C 1141 -22.14 46.92 15.68
N ARG C 1142 -22.42 47.30 16.92
CA ARG C 1142 -23.07 46.40 17.87
C ARG C 1142 -24.43 45.96 17.36
N GLU C 1143 -25.19 46.88 16.76
CA GLU C 1143 -26.50 46.55 16.22
C GLU C 1143 -26.38 45.51 15.11
N PHE C 1144 -25.41 45.67 14.21
CA PHE C 1144 -25.24 44.72 13.11
C PHE C 1144 -24.78 43.35 13.63
N ILE C 1145 -23.85 43.34 14.60
CA ILE C 1145 -23.42 42.08 15.18
C ILE C 1145 -24.59 41.36 15.84
N GLN C 1146 -25.42 42.11 16.57
CA GLN C 1146 -26.61 41.53 17.18
C GLN C 1146 -27.55 40.96 16.13
N ARG C 1147 -27.75 41.70 15.03
CA ARG C 1147 -28.64 41.24 13.97
C ARG C 1147 -28.12 39.96 13.34
N ALA C 1148 -26.79 39.83 13.22
CA ALA C 1148 -26.22 38.63 12.63
C ALA C 1148 -26.28 37.45 13.58
N TYR C 1149 -26.18 37.70 14.89
CA TYR C 1149 -26.08 36.60 15.85
C TYR C 1149 -27.43 35.94 16.09
N ASP C 1150 -28.51 36.72 16.09
CA ASP C 1150 -29.83 36.17 16.39
C ASP C 1150 -30.60 35.76 15.15
N LEU C 1151 -29.90 35.48 14.05
CA LEU C 1151 -30.53 35.04 12.81
C LEU C 1151 -30.72 33.53 12.85
N GLY C 1152 -31.73 33.05 12.13
CA GLY C 1152 -32.00 31.63 12.08
C GLY C 1152 -33.46 31.29 12.28
N ALA C 1153 -33.76 30.01 12.52
CA ALA C 1153 -35.13 29.53 12.71
C ALA C 1153 -35.20 28.82 14.05
N ASP C 1154 -35.43 29.61 15.11
CA ASP C 1154 -35.57 29.10 16.47
C ASP C 1154 -34.34 28.32 16.92
N VAL C 1155 -33.18 28.96 16.88
CA VAL C 1155 -31.96 28.32 17.33
C VAL C 1155 -31.81 28.50 18.84
N ARG C 1156 -31.14 27.53 19.48
CA ARG C 1156 -31.06 27.55 20.97
C ARG C 1156 -30.08 28.62 21.45
N GLN C 1157 -28.95 28.78 20.75
CA GLN C 1157 -27.91 29.77 21.14
C GLN C 1157 -28.53 31.16 21.27
N LYS C 1158 -28.57 31.71 22.48
CA LYS C 1158 -29.09 33.10 22.66
C LYS C 1158 -27.94 33.99 23.13
N VAL C 1159 -27.55 34.98 22.33
CA VAL C 1159 -26.47 35.93 22.73
C VAL C 1159 -26.98 37.36 22.55
N ASP C 1160 -26.88 38.19 23.59
CA ASP C 1160 -27.29 39.62 23.49
C ASP C 1160 -26.09 40.51 23.81
N LEU C 1161 -25.82 41.49 22.96
CA LEU C 1161 -24.67 42.41 23.18
C LEU C 1161 -25.03 43.42 24.28
N SER C 1162 -26.28 43.39 24.76
CA SER C 1162 -26.69 44.37 25.76
C SER C 1162 -25.87 44.21 27.04
N THR C 1163 -25.61 42.98 27.46
CA THR C 1163 -24.79 42.69 28.62
C THR C 1163 -23.31 42.63 28.29
N PHE C 1164 -22.91 43.15 27.13
CA PHE C 1164 -21.52 43.12 26.68
C PHE C 1164 -20.87 44.47 26.94
N SER C 1165 -19.63 44.45 27.42
CA SER C 1165 -18.90 45.69 27.62
C SER C 1165 -18.65 46.37 26.28
N ASP C 1166 -18.59 47.71 26.31
CA ASP C 1166 -18.39 48.46 25.07
C ASP C 1166 -17.05 48.13 24.44
N GLU C 1167 -16.00 48.03 25.25
CA GLU C 1167 -14.69 47.63 24.73
C GLU C 1167 -14.72 46.19 24.24
N GLU C 1168 -15.42 45.31 24.96
CA GLU C 1168 -15.47 43.90 24.57
C GLU C 1168 -16.17 43.73 23.22
N VAL C 1169 -17.09 44.63 22.90
CA VAL C 1169 -17.74 44.58 21.59
C VAL C 1169 -16.73 44.85 20.48
N MET C 1170 -15.86 45.84 20.69
CA MET C 1170 -14.81 46.19 19.73
C MET C 1170 -13.85 45.02 19.54
N ARG C 1171 -13.44 44.39 20.64
CA ARG C 1171 -12.51 43.27 20.59
C ARG C 1171 -13.13 42.08 19.85
N LEU C 1172 -14.40 41.79 20.14
CA LEU C 1172 -15.08 40.72 19.43
C LEU C 1172 -15.19 41.02 17.94
N ALA C 1173 -15.53 42.28 17.60
CA ALA C 1173 -15.65 42.65 16.20
C ALA C 1173 -14.32 42.51 15.47
N GLU C 1174 -13.22 42.90 16.12
CA GLU C 1174 -11.91 42.73 15.51
C GLU C 1174 -11.54 41.26 15.40
N ASN C 1175 -12.01 40.43 16.32
CA ASN C 1175 -11.68 39.01 16.27
C ASN C 1175 -12.42 38.31 15.14
N LEU C 1176 -13.68 38.66 14.90
CA LEU C 1176 -14.44 38.10 13.78
C LEU C 1176 -14.47 39.04 12.59
N ARG C 1177 -13.38 39.77 12.37
CA ARG C 1177 -13.27 40.66 11.21
C ARG C 1177 -13.02 39.86 9.92
N LYS C 1178 -12.31 38.74 10.03
CA LYS C 1178 -12.08 37.91 8.85
C LYS C 1178 -13.35 37.17 8.42
N GLY C 1179 -14.06 36.60 9.37
CA GLY C 1179 -15.30 35.91 9.06
C GLY C 1179 -15.97 35.46 10.34
N MET C 1180 -17.27 35.19 10.22
CA MET C 1180 -18.07 34.74 11.35
C MET C 1180 -17.95 33.23 11.47
N PRO C 1181 -17.41 32.69 12.57
CA PRO C 1181 -17.28 31.24 12.72
C PRO C 1181 -18.59 30.53 13.05
N ILE C 1182 -19.31 30.08 12.03
CA ILE C 1182 -20.56 29.36 12.20
C ILE C 1182 -20.31 27.95 12.75
N ALA C 1183 -21.30 27.38 13.43
CA ALA C 1183 -21.21 26.03 13.97
C ALA C 1183 -22.51 25.28 13.69
N THR C 1184 -22.42 24.18 12.95
CA THR C 1184 -23.59 23.37 12.59
C THR C 1184 -23.44 21.96 13.15
N PRO C 1185 -24.15 21.59 14.21
CA PRO C 1185 -23.97 20.26 14.81
C PRO C 1185 -24.29 19.15 13.81
N VAL C 1186 -23.93 17.93 14.22
CA VAL C 1186 -23.72 16.85 13.26
C VAL C 1186 -25.01 16.50 12.52
N PHE C 1187 -26.03 16.05 13.25
CA PHE C 1187 -27.29 15.67 12.64
C PHE C 1187 -28.38 16.70 12.88
N ASP C 1188 -28.07 17.80 13.54
CA ASP C 1188 -29.02 18.85 13.88
C ASP C 1188 -28.33 20.19 13.60
N GLY C 1189 -28.41 20.64 12.35
CA GLY C 1189 -27.67 21.82 11.96
C GLY C 1189 -28.41 22.75 11.03
N ALA C 1190 -27.65 23.54 10.26
CA ALA C 1190 -28.24 24.53 9.38
C ALA C 1190 -29.00 23.87 8.23
N LYS C 1191 -30.00 24.59 7.74
CA LYS C 1191 -30.79 24.17 6.59
C LYS C 1191 -30.57 25.15 5.45
N GLU C 1192 -31.07 24.79 4.26
CA GLU C 1192 -30.84 25.61 3.08
C GLU C 1192 -31.42 27.00 3.24
N ALA C 1193 -32.61 27.11 3.82
CA ALA C 1193 -33.25 28.41 3.99
C ALA C 1193 -32.43 29.31 4.91
N GLU C 1194 -31.87 28.75 5.99
CA GLU C 1194 -31.05 29.54 6.89
C GLU C 1194 -29.77 30.03 6.22
N ILE C 1195 -29.13 29.15 5.44
CA ILE C 1195 -27.96 29.57 4.67
C ILE C 1195 -28.33 30.69 3.71
N LYS C 1196 -29.51 30.58 3.10
CA LYS C 1196 -29.93 31.59 2.13
C LYS C 1196 -30.18 32.94 2.80
N GLU C 1197 -30.80 32.94 3.98
CA GLU C 1197 -31.04 34.23 4.64
C GLU C 1197 -29.75 34.82 5.19
N LEU C 1198 -28.79 33.97 5.60
CA LEU C 1198 -27.48 34.49 5.98
C LEU C 1198 -26.77 35.11 4.77
N LEU C 1199 -26.90 34.48 3.61
CA LEU C 1199 -26.36 35.05 2.38
C LEU C 1199 -27.01 36.40 2.07
N LYS C 1200 -28.32 36.49 2.22
CA LYS C 1200 -29.02 37.76 2.02
C LYS C 1200 -28.52 38.83 2.98
N LEU C 1201 -28.35 38.48 4.25
CA LEU C 1201 -27.86 39.44 5.23
C LEU C 1201 -26.44 39.89 4.88
N GLY C 1202 -25.65 39.01 4.26
CA GLY C 1202 -24.34 39.40 3.78
C GLY C 1202 -24.31 40.12 2.46
N ASP C 1203 -25.47 40.36 1.84
CA ASP C 1203 -25.58 41.01 0.54
C ASP C 1203 -24.88 40.21 -0.56
N LEU C 1204 -25.26 38.94 -0.67
CA LEU C 1204 -24.67 38.01 -1.62
C LEU C 1204 -25.78 37.29 -2.37
N PRO C 1205 -25.48 36.77 -3.57
CA PRO C 1205 -26.51 36.02 -4.31
C PRO C 1205 -26.99 34.80 -3.52
N THR C 1206 -28.30 34.55 -3.61
CA THR C 1206 -28.91 33.50 -2.81
C THR C 1206 -28.59 32.11 -3.36
N SER C 1207 -28.30 32.01 -4.66
CA SER C 1207 -27.99 30.72 -5.25
C SER C 1207 -26.59 30.23 -4.89
N GLY C 1208 -25.73 31.11 -4.40
CA GLY C 1208 -24.35 30.74 -4.12
C GLY C 1208 -23.44 30.73 -5.32
N GLN C 1209 -23.89 31.23 -6.46
CA GLN C 1209 -23.11 31.26 -7.68
C GLN C 1209 -22.97 32.69 -8.17
N ILE C 1210 -21.75 33.04 -8.59
CA ILE C 1210 -21.44 34.40 -9.03
C ILE C 1210 -20.87 34.35 -10.44
N ARG C 1211 -20.67 35.53 -11.00
CA ARG C 1211 -20.07 35.67 -12.32
C ARG C 1211 -18.54 35.68 -12.20
N LEU C 1212 -17.87 34.91 -13.06
CA LEU C 1212 -16.42 34.79 -13.04
C LEU C 1212 -15.86 35.14 -14.41
N TYR C 1213 -14.63 35.63 -14.43
CA TYR C 1213 -13.96 36.04 -15.65
C TYR C 1213 -12.66 35.28 -15.81
N ASP C 1214 -12.33 34.94 -17.06
CA ASP C 1214 -11.07 34.27 -17.33
C ASP C 1214 -9.91 35.23 -17.12
N GLY C 1215 -8.92 34.81 -16.34
CA GLY C 1215 -7.79 35.66 -16.06
C GLY C 1215 -6.85 35.85 -17.23
N ARG C 1216 -6.89 34.95 -18.22
CA ARG C 1216 -5.97 35.00 -19.35
C ARG C 1216 -6.54 35.79 -20.51
N THR C 1217 -7.85 35.77 -20.70
CA THR C 1217 -8.48 36.47 -21.81
C THR C 1217 -9.42 37.57 -21.37
N GLY C 1218 -9.90 37.56 -20.13
CA GLY C 1218 -10.84 38.55 -19.66
C GLY C 1218 -12.28 38.28 -20.00
N GLU C 1219 -12.58 37.18 -20.70
CA GLU C 1219 -13.94 36.86 -21.07
C GLU C 1219 -14.70 36.24 -19.90
N GLN C 1220 -15.99 36.49 -19.87
CA GLN C 1220 -16.88 35.97 -18.84
C GLN C 1220 -17.25 34.54 -19.18
N PHE C 1221 -17.22 33.66 -18.17
CA PHE C 1221 -17.67 32.30 -18.37
C PHE C 1221 -19.18 32.27 -18.56
N GLU C 1222 -19.65 31.34 -19.39
CA GLU C 1222 -21.06 31.32 -19.76
C GLU C 1222 -21.96 31.12 -18.54
N ARG C 1223 -21.84 29.97 -17.89
CA ARG C 1223 -22.69 29.67 -16.75
C ARG C 1223 -22.13 30.30 -15.47
N PRO C 1224 -22.97 30.63 -14.46
CA PRO C 1224 -22.48 31.14 -13.19
C PRO C 1224 -21.68 30.03 -12.50
N VAL C 1225 -20.56 30.39 -11.85
CA VAL C 1225 -19.69 29.35 -11.21
C VAL C 1225 -19.76 29.51 -9.69
N THR C 1226 -20.00 28.41 -8.97
CA THR C 1226 -20.11 28.46 -7.50
C THR C 1226 -18.78 28.91 -6.91
N VAL C 1227 -18.80 29.91 -6.03
CA VAL C 1227 -17.55 30.38 -5.35
C VAL C 1227 -17.84 30.53 -3.85
N GLY C 1228 -16.93 30.06 -3.00
CA GLY C 1228 -17.16 30.13 -1.55
C GLY C 1228 -15.90 29.86 -0.76
N TYR C 1229 -16.03 29.27 0.44
CA TYR C 1229 -14.87 29.01 1.28
C TYR C 1229 -14.96 27.59 1.83
N MET C 1230 -13.85 26.86 1.73
CA MET C 1230 -13.81 25.47 2.15
C MET C 1230 -12.56 25.25 2.99
N TYR C 1231 -12.67 24.35 3.95
CA TYR C 1231 -11.56 24.03 4.83
C TYR C 1231 -10.71 22.93 4.20
N MET C 1232 -9.46 23.25 3.89
CA MET C 1232 -8.58 22.34 3.18
C MET C 1232 -7.41 21.95 4.07
N LEU C 1233 -7.05 20.67 4.03
CA LEU C 1233 -5.98 20.14 4.85
C LEU C 1233 -4.81 19.71 3.98
N LYS C 1234 -3.63 19.74 4.58
CA LYS C 1234 -2.41 19.22 3.96
C LYS C 1234 -2.03 17.94 4.69
N LEU C 1235 -2.00 16.83 3.97
CA LEU C 1235 -1.77 15.53 4.58
C LEU C 1235 -0.27 15.22 4.60
N ASN C 1236 0.08 14.15 5.32
CA ASN C 1236 1.48 13.80 5.55
C ASN C 1236 2.07 12.95 4.43
N HIS C 1237 1.58 13.16 3.20
CA HIS C 1237 2.14 12.44 2.03
C HIS C 1237 2.85 13.45 1.12
N LEU C 1238 4.18 13.36 1.00
CA LEU C 1238 4.95 14.37 0.22
C LEU C 1238 5.81 13.70 -0.84
N VAL C 1239 5.98 14.35 -2.00
CA VAL C 1239 6.83 13.80 -3.10
C VAL C 1239 8.28 13.69 -2.61
N ASP C 1240 8.73 14.64 -1.78
CA ASP C 1240 10.12 14.62 -1.28
C ASP C 1240 10.34 13.32 -0.51
N ASP C 1241 9.35 12.93 0.30
CA ASP C 1241 9.44 11.65 1.06
C ASP C 1241 9.02 10.50 0.14
N LYS C 1242 8.73 10.80 -1.13
CA LYS C 1242 8.27 9.78 -2.08
C LYS C 1242 8.83 10.04 -3.46
N MET C 1243 10.13 10.30 -3.55
CA MET C 1243 10.84 10.38 -4.83
C MET C 1243 12.15 9.65 -4.66
N HIS C 1244 12.35 8.61 -5.47
CA HIS C 1244 13.52 7.75 -5.37
C HIS C 1244 13.90 7.31 -6.77
N ALA C 1245 15.20 7.27 -7.04
CA ALA C 1245 15.73 6.81 -8.31
C ALA C 1245 17.09 6.18 -8.05
N ARG C 1246 17.32 5.01 -8.62
CA ARG C 1246 18.60 4.33 -8.47
C ARG C 1246 19.13 3.91 -9.84
N SER C 1247 20.44 4.06 -10.02
CA SER C 1247 21.14 3.47 -11.17
C SER C 1247 21.87 2.19 -10.78
N THR C 1248 22.65 2.24 -9.70
CA THR C 1248 23.39 1.09 -9.22
C THR C 1248 23.80 1.35 -7.78
N GLY C 1249 23.63 0.36 -6.91
CA GLY C 1249 24.00 0.52 -5.52
C GLY C 1249 24.55 -0.75 -4.92
N SER C 1250 24.05 -1.13 -3.74
CA SER C 1250 24.47 -2.35 -3.09
C SER C 1250 23.50 -3.49 -3.42
N TYR C 1251 23.94 -4.73 -3.18
CA TYR C 1251 23.09 -5.90 -3.52
C TYR C 1251 23.07 -6.88 -2.35
N SER C 1252 21.98 -7.65 -2.22
CA SER C 1252 21.89 -8.67 -1.15
C SER C 1252 22.97 -9.74 -1.38
N LEU C 1253 23.60 -10.21 -0.31
CA LEU C 1253 24.63 -11.29 -0.43
C LEU C 1253 23.96 -12.53 -1.02
N VAL C 1254 22.73 -12.81 -0.62
CA VAL C 1254 22.00 -14.01 -1.13
C VAL C 1254 21.21 -13.62 -2.38
N THR C 1255 21.39 -14.36 -3.49
CA THR C 1255 20.65 -14.11 -4.76
C THR C 1255 21.31 -12.98 -5.56
N GLN C 1256 22.28 -12.28 -4.96
CA GLN C 1256 23.02 -11.22 -5.70
C GLN C 1256 22.02 -10.24 -6.33
N GLN C 1257 20.97 -9.87 -5.60
CA GLN C 1257 19.91 -8.98 -6.18
C GLN C 1257 19.86 -7.67 -5.38
N PRO C 1258 19.58 -6.52 -6.02
CA PRO C 1258 19.59 -5.22 -5.35
C PRO C 1258 18.64 -5.18 -4.17
N LEU C 1259 18.97 -4.34 -3.20
CA LEU C 1259 18.13 -4.18 -2.03
C LEU C 1259 16.83 -3.47 -2.39
N GLY C 1260 15.92 -3.39 -1.45
CA GLY C 1260 14.61 -2.82 -1.70
C GLY C 1260 14.28 -1.71 -0.72
N GLY C 1261 13.63 -0.68 -1.24
CA GLY C 1261 13.15 0.42 -0.44
C GLY C 1261 14.10 1.59 -0.43
N LYS C 1262 13.54 2.80 -0.35
CA LYS C 1262 14.33 3.99 -0.11
C LYS C 1262 14.90 3.95 1.30
N ALA C 1263 15.80 4.88 1.59
CA ALA C 1263 16.58 4.92 2.83
C ALA C 1263 17.58 3.76 2.84
N GLN C 1264 17.54 2.97 1.77
CA GLN C 1264 18.51 1.92 1.54
C GLN C 1264 19.01 1.94 0.10
N PHE C 1265 18.56 2.91 -0.71
CA PHE C 1265 18.92 3.03 -2.12
C PHE C 1265 18.62 1.75 -2.89
N GLY C 1266 17.37 1.30 -2.80
CA GLY C 1266 16.97 0.07 -3.45
C GLY C 1266 16.43 0.25 -4.85
N GLY C 1267 16.13 -0.86 -5.51
CA GLY C 1267 15.52 -0.81 -6.81
C GLY C 1267 14.07 -1.23 -6.74
N GLN C 1268 13.33 -0.89 -7.78
CA GLN C 1268 11.91 -1.20 -7.86
C GLN C 1268 11.79 -2.68 -8.20
N ARG C 1269 10.83 -3.35 -7.57
CA ARG C 1269 10.63 -4.77 -7.82
C ARG C 1269 9.84 -4.99 -9.11
N PHE C 1270 10.40 -5.80 -10.00
CA PHE C 1270 9.71 -6.22 -11.22
C PHE C 1270 9.01 -7.54 -10.94
N GLY C 1271 7.76 -7.47 -10.52
CA GLY C 1271 7.06 -8.65 -10.03
C GLY C 1271 6.60 -9.59 -11.13
N GLU C 1272 5.77 -10.55 -10.72
CA GLU C 1272 5.29 -11.57 -11.64
C GLU C 1272 4.35 -11.00 -12.69
N MET C 1273 3.47 -10.09 -12.30
CA MET C 1273 2.51 -9.52 -13.24
C MET C 1273 3.21 -8.62 -14.26
N GLU C 1274 4.28 -7.94 -13.85
CA GLU C 1274 5.07 -7.17 -14.79
C GLU C 1274 5.69 -8.06 -15.86
N VAL C 1275 6.20 -9.22 -15.44
CA VAL C 1275 6.77 -10.16 -16.38
C VAL C 1275 5.68 -10.74 -17.30
N TRP C 1276 4.48 -10.98 -16.75
CA TRP C 1276 3.38 -11.41 -17.59
C TRP C 1276 3.04 -10.37 -18.65
N ALA C 1277 3.04 -9.10 -18.27
CA ALA C 1277 2.77 -8.03 -19.24
C ALA C 1277 3.85 -7.97 -20.31
N LEU C 1278 5.11 -8.11 -19.92
CA LEU C 1278 6.19 -8.11 -20.90
C LEU C 1278 6.07 -9.30 -21.86
N GLU C 1279 5.70 -10.47 -21.33
CA GLU C 1279 5.46 -11.64 -22.18
C GLU C 1279 4.31 -11.39 -23.14
N ALA C 1280 3.24 -10.75 -22.66
CA ALA C 1280 2.08 -10.48 -23.50
C ALA C 1280 2.44 -9.51 -24.63
N TYR C 1281 3.31 -8.53 -24.34
CA TYR C 1281 3.76 -7.61 -25.39
C TYR C 1281 4.60 -8.33 -26.43
N GLY C 1282 5.33 -9.37 -26.03
CA GLY C 1282 6.32 -10.00 -26.88
C GLY C 1282 7.70 -9.39 -26.80
N ALA C 1283 7.98 -8.62 -25.75
CA ALA C 1283 9.25 -7.92 -25.61
C ALA C 1283 10.25 -8.84 -24.91
N ALA C 1284 10.90 -9.68 -25.70
CA ALA C 1284 11.78 -10.70 -25.13
C ALA C 1284 13.10 -10.10 -24.64
N TYR C 1285 13.65 -9.13 -25.39
CA TYR C 1285 14.95 -8.57 -25.02
C TYR C 1285 14.85 -7.67 -23.80
N THR C 1286 13.76 -6.92 -23.70
CA THR C 1286 13.51 -6.14 -22.49
C THR C 1286 13.40 -7.04 -21.27
N LEU C 1287 12.69 -8.17 -21.40
CA LEU C 1287 12.54 -9.09 -20.29
C LEU C 1287 13.87 -9.74 -19.92
N GLN C 1288 14.66 -10.12 -20.92
CA GLN C 1288 15.95 -10.74 -20.64
C GLN C 1288 16.90 -9.75 -19.95
N GLU C 1289 16.86 -8.49 -20.36
CA GLU C 1289 17.69 -7.48 -19.71
C GLU C 1289 17.20 -7.17 -18.30
N MET C 1290 15.90 -7.32 -18.05
CA MET C 1290 15.40 -7.13 -16.66
C MET C 1290 15.75 -8.38 -15.84
N LEU C 1291 15.46 -9.58 -16.36
CA LEU C 1291 15.68 -10.83 -15.59
C LEU C 1291 17.17 -11.11 -15.33
N THR C 1292 18.05 -10.90 -16.30
CA THR C 1292 19.48 -11.29 -16.11
C THR C 1292 20.32 -10.11 -15.60
N VAL C 1293 21.22 -9.59 -16.44
CA VAL C 1293 22.06 -8.41 -16.07
C VAL C 1293 21.14 -7.32 -15.50
N LYS C 1294 21.69 -6.38 -14.73
CA LYS C 1294 20.89 -5.25 -14.18
C LYS C 1294 20.03 -5.79 -13.03
N SER C 1295 20.32 -7.01 -12.58
CA SER C 1295 19.53 -7.62 -11.48
C SER C 1295 20.37 -8.64 -10.70
N ASP C 1296 20.75 -9.76 -11.34
CA ASP C 1296 21.48 -10.80 -10.63
C ASP C 1296 22.69 -11.35 -11.36
N ASP C 1297 22.92 -10.97 -12.61
CA ASP C 1297 24.13 -11.38 -13.33
C ASP C 1297 25.30 -10.56 -12.81
N VAL C 1298 26.19 -11.20 -12.05
CA VAL C 1298 27.27 -10.45 -11.40
C VAL C 1298 28.26 -9.92 -12.44
N ASN C 1299 28.66 -10.76 -13.39
CA ASN C 1299 29.52 -10.31 -14.49
C ASN C 1299 28.78 -9.51 -15.53
N GLY C 1300 27.52 -9.87 -15.80
CA GLY C 1300 26.74 -9.13 -16.77
C GLY C 1300 26.52 -7.68 -16.38
N ARG C 1301 26.34 -7.42 -15.09
CA ARG C 1301 26.17 -6.04 -14.63
C ARG C 1301 27.38 -5.19 -14.99
N THR C 1302 28.58 -5.65 -14.67
CA THR C 1302 29.77 -4.86 -14.94
C THR C 1302 30.05 -4.75 -16.43
N LYS C 1303 29.81 -5.83 -17.19
CA LYS C 1303 30.00 -5.76 -18.63
C LYS C 1303 29.05 -4.76 -19.27
N MET C 1304 27.78 -4.77 -18.83
CA MET C 1304 26.80 -3.83 -19.35
C MET C 1304 27.16 -2.39 -18.99
N TYR C 1305 27.61 -2.17 -17.75
CA TYR C 1305 28.02 -0.82 -17.35
C TYR C 1305 29.17 -0.33 -18.20
N LYS C 1306 30.18 -1.18 -18.42
CA LYS C 1306 31.32 -0.79 -19.24
C LYS C 1306 30.89 -0.50 -20.68
N ASN C 1307 30.01 -1.33 -21.24
CA ASN C 1307 29.52 -1.11 -22.59
C ASN C 1307 28.76 0.21 -22.70
N ILE C 1308 27.92 0.52 -21.72
CA ILE C 1308 27.15 1.75 -21.75
C ILE C 1308 28.08 2.95 -21.67
N VAL C 1309 29.10 2.88 -20.81
CA VAL C 1309 30.06 3.98 -20.71
C VAL C 1309 30.82 4.12 -22.04
N ASP C 1310 31.09 3.01 -22.71
CA ASP C 1310 31.73 3.05 -24.02
C ASP C 1310 30.77 3.35 -25.16
N GLY C 1311 29.48 3.49 -24.88
CA GLY C 1311 28.50 3.75 -25.92
C GLY C 1311 28.29 2.60 -26.88
N ASN C 1312 28.21 1.38 -26.38
CA ASN C 1312 28.01 0.20 -27.19
C ASN C 1312 26.58 -0.34 -27.13
N HIS C 1313 26.00 -0.40 -25.93
CA HIS C 1313 24.58 -0.84 -25.77
C HIS C 1313 24.38 -2.30 -26.22
N GLN C 1314 25.20 -3.23 -25.73
CA GLN C 1314 25.02 -4.67 -26.04
C GLN C 1314 24.89 -5.43 -24.71
N MET C 1315 23.84 -6.24 -24.54
CA MET C 1315 23.57 -6.92 -23.24
C MET C 1315 24.63 -7.96 -22.89
N GLU C 1316 24.96 -8.88 -23.79
CA GLU C 1316 25.89 -9.98 -23.44
C GLU C 1316 25.38 -10.66 -22.17
N PRO C 1317 24.17 -11.26 -22.16
CA PRO C 1317 23.58 -11.83 -20.94
C PRO C 1317 24.21 -13.16 -20.46
N GLY C 1318 24.17 -13.41 -19.15
CA GLY C 1318 24.70 -14.67 -18.60
C GLY C 1318 23.65 -15.43 -17.80
N MET C 1319 24.05 -16.09 -16.72
CA MET C 1319 23.10 -16.88 -15.88
C MET C 1319 22.92 -16.20 -14.52
N PRO C 1320 21.68 -16.01 -14.03
CA PRO C 1320 21.42 -15.40 -12.72
C PRO C 1320 21.99 -16.23 -11.59
N GLU C 1321 22.42 -15.55 -10.52
CA GLU C 1321 22.95 -16.24 -9.36
C GLU C 1321 21.85 -16.90 -8.53
N SER C 1322 20.61 -16.42 -8.65
CA SER C 1322 19.52 -17.01 -7.89
C SER C 1322 19.25 -18.44 -8.32
N PHE C 1323 19.40 -18.72 -9.62
CA PHE C 1323 19.22 -20.10 -10.08
C PHE C 1323 20.33 -21.01 -9.57
N ASN C 1324 21.55 -20.49 -9.46
CA ASN C 1324 22.63 -21.27 -8.86
C ASN C 1324 22.35 -21.54 -7.39
N VAL C 1325 21.82 -20.54 -6.67
CA VAL C 1325 21.43 -20.74 -5.28
C VAL C 1325 20.35 -21.82 -5.18
N LEU C 1326 19.39 -21.80 -6.10
CA LEU C 1326 18.34 -22.82 -6.11
C LEU C 1326 18.92 -24.21 -6.37
N LEU C 1327 19.85 -24.32 -7.33
CA LEU C 1327 20.47 -25.61 -7.60
C LEU C 1327 21.21 -26.14 -6.39
N LYS C 1328 21.94 -25.25 -5.69
CA LYS C 1328 22.65 -25.68 -4.48
C LYS C 1328 21.67 -26.09 -3.40
N GLU C 1329 20.56 -25.35 -3.26
CA GLU C 1329 19.56 -25.68 -2.24
C GLU C 1329 18.91 -27.03 -2.51
N ILE C 1330 18.61 -27.31 -3.77
CA ILE C 1330 17.99 -28.59 -4.12
C ILE C 1330 18.98 -29.72 -3.97
N ARG C 1331 20.24 -29.50 -4.35
CA ARG C 1331 21.27 -30.52 -4.16
C ARG C 1331 21.52 -30.78 -2.69
N SER C 1332 21.30 -29.78 -1.84
CA SER C 1332 21.47 -29.95 -0.40
C SER C 1332 20.41 -30.89 0.19
N LEU C 1333 19.35 -31.16 -0.56
CA LEU C 1333 18.44 -32.24 -0.22
C LEU C 1333 19.03 -33.54 -0.78
N GLY C 1334 18.24 -34.60 -0.81
CA GLY C 1334 18.76 -35.82 -1.41
C GLY C 1334 18.63 -35.91 -2.90
N ILE C 1335 18.29 -34.80 -3.57
CA ILE C 1335 17.93 -34.81 -4.98
C ILE C 1335 19.11 -34.28 -5.80
N ASN C 1336 19.45 -34.98 -6.86
CA ASN C 1336 20.52 -34.58 -7.77
C ASN C 1336 19.90 -33.90 -8.98
N ILE C 1337 20.23 -32.63 -9.19
CA ILE C 1337 19.73 -31.84 -10.30
C ILE C 1337 20.92 -31.27 -11.07
N GLU C 1338 20.86 -31.38 -12.40
CA GLU C 1338 22.01 -31.08 -13.23
C GLU C 1338 21.56 -30.38 -14.51
N LEU C 1339 22.51 -29.72 -15.17
CA LEU C 1339 22.30 -29.13 -16.49
C LEU C 1339 22.98 -30.00 -17.54
N GLU C 1340 22.18 -30.61 -18.41
CA GLU C 1340 22.74 -31.36 -19.52
C GLU C 1340 23.27 -30.43 -20.60
N ASP C 1341 24.05 -31.00 -21.51
CA ASP C 1341 24.62 -30.26 -22.62
C ASP C 1341 23.87 -30.59 -23.91
N LEU D 1 52.10 -19.94 -16.56
CA LEU D 1 50.85 -20.30 -15.89
C LEU D 1 50.12 -19.06 -15.40
N LEU D 2 49.73 -18.18 -16.34
CA LEU D 2 49.03 -16.92 -15.95
C LEU D 2 47.97 -16.58 -17.00
N LYS D 3 47.20 -15.51 -16.77
CA LYS D 3 46.15 -15.06 -17.74
C LYS D 3 45.01 -16.07 -17.77
N PHE D 4 44.88 -16.89 -16.72
CA PHE D 4 43.76 -17.86 -16.65
C PHE D 4 42.43 -17.10 -16.55
N LEU D 5 41.40 -17.56 -17.28
CA LEU D 5 40.08 -16.89 -17.26
C LEU D 5 39.02 -17.87 -16.78
N LYS D 6 38.80 -17.95 -15.46
CA LYS D 6 37.84 -18.91 -14.92
C LYS D 6 36.44 -18.33 -14.82
N ALA D 7 36.32 -17.01 -14.65
CA ALA D 7 35.01 -16.38 -14.61
C ALA D 7 34.31 -16.45 -15.96
N GLN D 8 35.06 -16.29 -17.04
CA GLN D 8 34.47 -16.36 -18.38
C GLN D 8 33.95 -17.76 -18.68
N THR D 9 34.75 -18.79 -18.41
CA THR D 9 34.33 -20.16 -18.66
C THR D 9 33.28 -20.64 -17.68
N LYS D 10 32.98 -19.87 -16.63
CA LYS D 10 31.93 -20.24 -15.69
C LYS D 10 30.57 -20.32 -16.39
N THR D 11 30.39 -19.57 -17.48
CA THR D 11 29.20 -19.68 -18.30
C THR D 11 29.43 -20.78 -19.34
N GLU D 12 28.77 -21.92 -19.17
CA GLU D 12 28.91 -23.04 -20.07
C GLU D 12 27.56 -23.33 -20.73
N GLU D 13 27.63 -23.80 -21.98
CA GLU D 13 26.42 -24.13 -22.71
C GLU D 13 25.69 -25.29 -22.04
N PHE D 14 24.37 -25.24 -22.06
CA PHE D 14 23.56 -26.28 -21.44
C PHE D 14 22.21 -26.34 -22.11
N ASP D 15 21.46 -27.39 -21.80
CA ASP D 15 20.09 -27.57 -22.27
C ASP D 15 19.48 -28.72 -21.48
N ALA D 16 18.17 -28.66 -21.30
CA ALA D 16 17.38 -29.79 -20.78
C ALA D 16 17.86 -30.21 -19.38
N ILE D 17 17.59 -29.32 -18.42
CA ILE D 17 17.80 -29.64 -17.00
C ILE D 17 17.19 -31.00 -16.68
N LYS D 18 17.95 -31.84 -16.00
CA LYS D 18 17.47 -33.15 -15.56
C LYS D 18 17.47 -33.21 -14.04
N ILE D 19 16.73 -34.18 -13.50
CA ILE D 19 16.58 -34.36 -12.07
C ILE D 19 16.56 -35.86 -11.78
N ALA D 20 17.20 -36.27 -10.69
CA ALA D 20 17.26 -37.67 -10.31
C ALA D 20 17.63 -37.78 -8.84
N LEU D 21 17.61 -39.02 -8.34
CA LEU D 21 18.03 -39.30 -6.98
C LEU D 21 19.55 -39.32 -6.89
N ALA D 22 20.05 -38.96 -5.71
CA ALA D 22 21.48 -38.86 -5.46
C ALA D 22 21.95 -40.09 -4.69
N SER D 23 22.92 -40.80 -5.24
CA SER D 23 23.54 -41.91 -4.56
C SER D 23 24.55 -41.40 -3.53
N PRO D 24 24.93 -42.23 -2.55
CA PRO D 24 25.97 -41.79 -1.60
C PRO D 24 27.28 -41.44 -2.28
N ASP D 25 27.67 -42.18 -3.31
CA ASP D 25 28.88 -41.85 -4.04
C ASP D 25 28.75 -40.52 -4.76
N MET D 26 27.58 -40.26 -5.34
CA MET D 26 27.36 -38.97 -5.99
C MET D 26 27.43 -37.82 -5.00
N ILE D 27 26.87 -38.00 -3.81
CA ILE D 27 26.93 -36.96 -2.78
C ILE D 27 28.37 -36.74 -2.34
N ARG D 28 29.13 -37.82 -2.16
CA ARG D 28 30.54 -37.68 -1.80
C ARG D 28 31.34 -37.01 -2.91
N SER D 29 30.93 -37.17 -4.16
CA SER D 29 31.64 -36.55 -5.28
C SER D 29 31.53 -35.03 -5.21
N TRP D 30 30.36 -34.51 -4.86
CA TRP D 30 30.21 -33.07 -4.69
C TRP D 30 31.06 -32.55 -3.55
N SER D 31 31.13 -33.33 -2.46
CA SER D 31 31.71 -32.85 -1.21
C SER D 31 33.18 -32.52 -1.36
N PHE D 32 33.57 -31.37 -0.80
CA PHE D 32 34.97 -30.98 -0.71
C PHE D 32 35.59 -31.31 0.65
N GLY D 33 34.81 -31.91 1.55
CA GLY D 33 35.34 -32.26 2.85
C GLY D 33 34.23 -32.80 3.73
N GLU D 34 34.60 -33.16 4.96
CA GLU D 34 33.67 -33.73 5.92
C GLU D 34 33.55 -32.82 7.12
N VAL D 35 32.31 -32.53 7.52
CA VAL D 35 32.05 -31.66 8.66
C VAL D 35 31.86 -32.53 9.90
N LYS D 36 32.62 -32.23 10.96
CA LYS D 36 32.63 -33.07 12.14
C LYS D 36 32.42 -32.33 13.46
N LYS D 37 32.48 -30.99 13.42
CA LYS D 37 32.31 -30.17 14.65
C LYS D 37 31.13 -29.22 14.44
N PRO D 38 30.10 -29.20 15.31
CA PRO D 38 28.99 -28.24 15.18
C PRO D 38 29.37 -26.82 15.61
N GLU D 39 30.64 -26.43 15.46
CA GLU D 39 31.06 -25.04 15.79
C GLU D 39 31.48 -24.32 14.50
N THR D 40 30.75 -23.27 14.12
CA THR D 40 31.06 -22.50 12.89
C THR D 40 32.37 -21.73 13.07
N ILE D 41 32.55 -21.06 14.22
CA ILE D 41 33.76 -20.21 14.43
C ILE D 41 34.09 -20.16 15.93
N ASN D 42 35.31 -19.71 16.27
CA ASN D 42 35.71 -19.60 17.70
C ASN D 42 35.92 -18.13 18.07
N TYR D 43 35.45 -17.71 19.25
CA TYR D 43 35.65 -16.34 19.69
C TYR D 43 37.04 -16.11 20.26
N ARG D 44 37.83 -17.18 20.42
CA ARG D 44 39.22 -17.05 20.81
C ARG D 44 40.00 -16.21 19.81
N THR D 45 39.83 -16.49 18.51
CA THR D 45 40.57 -15.80 17.47
C THR D 45 39.68 -15.25 16.36
N PHE D 46 38.37 -15.48 16.43
CA PHE D 46 37.42 -14.96 15.44
C PHE D 46 37.77 -15.43 14.03
N LYS D 47 38.08 -16.70 13.91
CA LYS D 47 38.37 -17.36 12.64
C LYS D 47 37.45 -18.57 12.52
N PRO D 48 37.15 -19.01 11.30
CA PRO D 48 36.33 -20.21 11.14
C PRO D 48 36.97 -21.43 11.80
N GLU D 49 36.22 -22.07 12.70
CA GLU D 49 36.76 -23.21 13.44
C GLU D 49 37.05 -24.37 12.51
N ARG D 50 38.09 -25.13 12.84
CA ARG D 50 38.53 -26.24 11.99
C ARG D 50 37.52 -27.39 12.03
N ASP D 51 37.27 -27.97 10.86
CA ASP D 51 36.34 -29.08 10.69
C ASP D 51 34.95 -28.74 11.21
N GLY D 52 34.53 -27.49 11.04
CA GLY D 52 33.24 -27.04 11.51
C GLY D 52 32.29 -26.70 10.38
N LEU D 53 31.15 -26.14 10.75
CA LEU D 53 30.15 -25.74 9.75
C LEU D 53 30.68 -24.63 8.87
N PHE D 54 31.35 -23.65 9.46
CA PHE D 54 32.07 -22.62 8.71
C PHE D 54 33.54 -22.94 8.85
N CYS D 55 34.14 -23.46 7.78
CA CYS D 55 35.52 -23.89 7.83
C CYS D 55 36.26 -23.33 6.62
N ALA D 56 37.58 -23.23 6.75
CA ALA D 56 38.42 -22.73 5.68
C ALA D 56 39.19 -23.83 4.96
N ARG D 57 39.51 -24.92 5.66
CA ARG D 57 40.17 -26.05 5.01
C ARG D 57 39.30 -26.59 3.89
N ILE D 58 38.02 -26.76 4.17
CA ILE D 58 37.03 -26.99 3.14
C ILE D 58 36.22 -25.70 2.98
N PHE D 59 35.43 -25.63 1.92
CA PHE D 59 34.63 -24.49 1.49
C PHE D 59 35.49 -23.36 0.92
N GLY D 60 36.81 -23.43 1.02
CA GLY D 60 37.67 -22.43 0.44
C GLY D 60 38.09 -21.36 1.43
N PRO D 61 38.91 -20.42 0.98
CA PRO D 61 39.45 -19.39 1.86
C PRO D 61 38.37 -18.40 2.29
N VAL D 62 38.76 -17.47 3.16
CA VAL D 62 37.84 -16.51 3.74
C VAL D 62 38.16 -15.07 3.38
N LYS D 63 39.34 -14.79 2.82
CA LYS D 63 39.69 -13.42 2.45
C LYS D 63 40.59 -13.47 1.21
N ASP D 64 39.97 -13.30 0.03
CA ASP D 64 40.66 -13.19 -1.23
C ASP D 64 41.69 -14.30 -1.43
N TYR D 65 42.85 -13.95 -1.99
CA TYR D 65 43.89 -14.92 -2.29
C TYR D 65 44.79 -15.23 -1.10
N GLU D 66 44.45 -14.74 0.09
CA GLU D 66 45.20 -15.10 1.29
C GLU D 66 44.67 -16.42 1.85
N CYS D 67 45.54 -17.13 2.55
CA CYS D 67 45.18 -18.36 3.24
C CYS D 67 45.36 -18.16 4.74
N LEU D 68 44.76 -19.07 5.51
CA LEU D 68 44.85 -18.99 6.96
C LEU D 68 46.31 -19.06 7.40
N CYS D 69 46.60 -18.46 8.56
CA CYS D 69 47.90 -18.32 9.20
C CYS D 69 48.90 -17.53 8.35
N GLY D 70 48.52 -17.10 7.15
CA GLY D 70 49.32 -16.15 6.39
C GLY D 70 50.58 -16.69 5.76
N LYS D 71 50.69 -18.02 5.65
CA LYS D 71 51.88 -18.61 5.03
C LYS D 71 51.98 -18.24 3.56
N TYR D 72 50.85 -18.31 2.84
CA TYR D 72 50.78 -17.97 1.43
C TYR D 72 49.64 -16.99 1.23
N LYS D 73 49.97 -15.70 1.13
CA LYS D 73 48.96 -14.65 0.94
C LYS D 73 49.40 -13.72 -0.19
N ARG D 74 49.07 -14.10 -1.43
CA ARG D 74 49.22 -13.27 -2.62
C ARG D 74 48.54 -13.96 -3.79
N LEU D 75 48.38 -13.22 -4.90
CA LEU D 75 47.86 -13.83 -6.12
C LEU D 75 48.95 -14.56 -6.87
N LYS D 76 50.21 -14.32 -6.51
CA LYS D 76 51.33 -15.06 -7.11
C LYS D 76 51.18 -16.55 -6.86
N HIS D 77 50.69 -16.92 -5.68
CA HIS D 77 50.38 -18.31 -5.40
C HIS D 77 49.00 -18.65 -5.95
N ARG D 78 48.91 -19.77 -6.67
CA ARG D 78 47.64 -20.19 -7.25
C ARG D 78 47.49 -21.69 -7.07
N GLY D 79 46.36 -22.09 -6.49
CA GLY D 79 46.14 -23.51 -6.25
C GLY D 79 47.18 -24.13 -5.34
N VAL D 80 47.62 -23.39 -4.34
CA VAL D 80 48.63 -23.86 -3.39
C VAL D 80 47.92 -24.21 -2.09
N ILE D 81 48.15 -25.43 -1.60
CA ILE D 81 47.58 -25.92 -0.36
C ILE D 81 48.66 -25.78 0.70
N CYS D 82 48.41 -24.94 1.70
CA CYS D 82 49.39 -24.72 2.75
C CYS D 82 49.55 -25.98 3.60
N GLU D 83 50.77 -26.20 4.10
CA GLU D 83 51.03 -27.36 4.93
C GLU D 83 50.39 -27.22 6.30
N LYS D 84 50.46 -26.03 6.89
CA LYS D 84 49.89 -25.82 8.22
C LYS D 84 48.37 -25.93 8.19
N CYS D 85 47.74 -25.42 7.14
CA CYS D 85 46.29 -25.49 6.99
C CYS D 85 45.96 -25.79 5.54
N GLY D 86 45.02 -26.71 5.32
CA GLY D 86 44.70 -27.13 3.96
C GLY D 86 44.01 -26.06 3.14
N VAL D 87 43.92 -24.84 3.65
CA VAL D 87 43.29 -23.74 2.93
C VAL D 87 44.06 -23.46 1.65
N GLU D 88 43.34 -23.31 0.53
CA GLU D 88 44.00 -23.07 -0.78
C GLU D 88 43.83 -21.61 -1.18
N VAL D 89 44.88 -21.00 -1.75
CA VAL D 89 44.76 -19.59 -2.25
C VAL D 89 43.70 -19.59 -3.36
N THR D 90 42.73 -18.67 -3.29
CA THR D 90 41.62 -18.66 -4.28
C THR D 90 40.93 -17.29 -4.27
N GLN D 91 39.98 -17.06 -5.18
CA GLN D 91 39.21 -15.78 -5.16
C GLN D 91 38.44 -15.70 -3.84
N THR D 92 37.99 -16.84 -3.30
CA THR D 92 37.25 -16.89 -2.00
C THR D 92 35.73 -16.88 -2.27
N LYS D 93 35.32 -16.63 -3.52
CA LYS D 93 33.88 -16.71 -3.86
C LYS D 93 33.46 -18.18 -3.80
N VAL D 94 34.41 -19.09 -4.01
CA VAL D 94 34.15 -20.51 -3.93
C VAL D 94 33.37 -20.89 -2.68
N ARG D 95 33.24 -19.97 -1.73
CA ARG D 95 32.45 -20.22 -0.53
C ARG D 95 30.97 -20.39 -0.86
N ARG D 96 30.55 -20.02 -2.06
CA ARG D 96 29.18 -20.22 -2.51
C ARG D 96 28.98 -21.50 -3.30
N GLU D 97 30.04 -22.23 -3.59
CA GLU D 97 29.96 -23.38 -4.49
C GLU D 97 30.31 -24.70 -3.83
N ARG D 98 31.39 -24.76 -3.05
CA ARG D 98 31.81 -26.00 -2.43
C ARG D 98 30.78 -26.45 -1.39
N MET D 99 30.48 -27.75 -1.39
CA MET D 99 29.33 -28.27 -0.65
C MET D 99 29.69 -28.87 0.70
N GLY D 100 30.47 -29.95 0.70
CA GLY D 100 30.81 -30.63 1.97
C GLY D 100 29.77 -31.69 2.33
N HIS D 101 30.17 -32.74 3.04
CA HIS D 101 29.23 -33.85 3.37
C HIS D 101 29.43 -34.28 4.83
N ILE D 102 28.40 -34.86 5.45
CA ILE D 102 28.53 -35.39 6.85
C ILE D 102 27.99 -36.82 6.90
N GLU D 103 28.71 -37.72 7.57
CA GLU D 103 28.26 -39.13 7.70
C GLU D 103 27.15 -39.21 8.75
N LEU D 104 26.29 -40.24 8.67
CA LEU D 104 25.14 -40.36 9.61
C LEU D 104 25.41 -41.45 10.66
N ALA D 105 26.53 -42.16 10.55
CA ALA D 105 26.86 -43.25 11.50
C ALA D 105 25.64 -44.16 11.71
N SER D 106 24.67 -44.09 10.81
CA SER D 106 23.44 -44.88 10.92
C SER D 106 22.46 -44.36 9.87
N PRO D 107 21.94 -45.23 9.01
CA PRO D 107 21.05 -44.76 7.94
C PRO D 107 19.77 -44.14 8.50
N THR D 108 19.33 -43.06 7.85
CA THR D 108 18.06 -42.43 8.18
C THR D 108 17.21 -42.30 6.92
N ALA D 109 15.91 -42.13 7.08
CA ALA D 109 14.99 -42.09 5.96
C ALA D 109 14.74 -40.65 5.55
N HIS D 110 14.55 -40.42 4.25
CA HIS D 110 14.22 -39.11 3.74
C HIS D 110 12.75 -38.78 4.02
N ILE D 111 12.49 -37.66 4.68
CA ILE D 111 11.12 -37.23 4.93
C ILE D 111 10.41 -36.87 3.63
N TRP D 112 11.17 -36.56 2.58
CA TRP D 112 10.58 -36.25 1.27
C TRP D 112 9.80 -37.45 0.72
N PHE D 113 10.36 -38.64 0.84
CA PHE D 113 9.80 -39.85 0.27
C PHE D 113 9.02 -40.68 1.28
N LEU D 114 9.29 -40.49 2.57
CA LEU D 114 8.51 -41.19 3.59
C LEU D 114 7.18 -40.50 3.84
N LYS D 115 7.21 -39.23 4.23
CA LYS D 115 6.02 -38.52 4.71
C LYS D 115 5.43 -37.72 3.56
N SER D 116 4.68 -38.42 2.71
CA SER D 116 3.87 -37.79 1.67
C SER D 116 2.67 -38.70 1.43
N LEU D 117 1.51 -38.12 1.15
CA LEU D 117 0.30 -38.94 1.02
C LEU D 117 0.43 -40.03 -0.05
N PRO D 118 0.97 -39.77 -1.26
CA PRO D 118 1.38 -40.86 -2.15
C PRO D 118 2.83 -41.29 -1.92
N SER D 119 3.10 -41.78 -0.71
CA SER D 119 4.47 -42.12 -0.31
C SER D 119 5.08 -43.14 -1.25
N ARG D 120 6.19 -42.78 -1.89
CA ARG D 120 6.81 -43.65 -2.87
C ARG D 120 7.43 -44.88 -2.21
N ILE D 121 7.99 -44.69 -1.01
CA ILE D 121 8.56 -45.84 -0.26
C ILE D 121 7.40 -46.75 0.18
N GLY D 122 6.39 -46.18 0.84
CA GLY D 122 5.26 -46.99 1.35
C GLY D 122 4.50 -47.67 0.24
N LEU D 123 4.19 -46.95 -0.84
CA LEU D 123 3.47 -47.54 -1.99
C LEU D 123 4.36 -48.61 -2.64
N LEU D 124 5.66 -48.34 -2.74
CA LEU D 124 6.61 -49.35 -3.30
C LEU D 124 6.56 -50.57 -2.39
N LEU D 125 6.60 -50.37 -1.07
CA LEU D 125 6.50 -51.49 -0.09
C LEU D 125 5.10 -52.10 -0.20
N ASP D 126 4.08 -51.27 -0.47
CA ASP D 126 2.66 -51.76 -0.55
C ASP D 126 2.13 -51.88 0.88
N MET D 127 3.01 -52.00 1.88
CA MET D 127 2.57 -52.06 3.26
C MET D 127 2.30 -50.66 3.78
N PRO D 128 1.37 -50.53 4.73
CA PRO D 128 0.83 -49.19 5.06
C PRO D 128 1.88 -48.24 5.60
N LEU D 129 1.64 -46.95 5.37
CA LEU D 129 2.54 -45.91 5.87
C LEU D 129 2.60 -45.91 7.39
N ARG D 130 1.50 -46.29 8.05
CA ARG D 130 1.53 -46.41 9.51
C ARG D 130 2.53 -47.46 9.95
N ASP D 131 2.56 -48.60 9.25
CA ASP D 131 3.53 -49.64 9.58
C ASP D 131 4.96 -49.15 9.41
N ILE D 132 5.24 -48.44 8.32
CA ILE D 132 6.57 -47.92 8.08
C ILE D 132 6.95 -46.92 9.17
N GLU D 133 6.03 -46.04 9.54
CA GLU D 133 6.31 -45.08 10.59
C GLU D 133 6.59 -45.77 11.92
N ARG D 134 5.83 -46.82 12.24
CA ARG D 134 6.09 -47.56 13.48
C ARG D 134 7.46 -48.22 13.45
N VAL D 135 7.84 -48.81 12.31
CA VAL D 135 9.15 -49.46 12.21
C VAL D 135 10.27 -48.42 12.26
N LEU D 136 10.08 -47.28 11.61
CA LEU D 136 11.15 -46.30 11.48
C LEU D 136 11.56 -45.72 12.82
N TYR D 137 10.69 -45.80 13.82
CA TYR D 137 10.97 -45.26 15.15
C TYR D 137 11.02 -46.34 16.23
N PHE D 138 11.43 -47.55 15.88
CA PHE D 138 11.78 -48.62 16.80
C PHE D 138 10.63 -49.06 17.69
N GLU D 139 9.39 -48.76 17.33
CA GLU D 139 8.25 -49.23 18.11
C GLU D 139 7.97 -50.69 17.87
N SER D 140 8.20 -51.17 16.64
CA SER D 140 7.93 -52.55 16.28
C SER D 140 9.01 -53.04 15.33
N TYR D 141 9.08 -54.36 15.19
CA TYR D 141 10.05 -55.01 14.31
C TYR D 141 9.39 -55.39 12.99
N VAL D 142 10.22 -55.61 11.98
CA VAL D 142 9.80 -56.17 10.70
C VAL D 142 10.81 -57.25 10.35
N VAL D 143 10.37 -58.51 10.39
CA VAL D 143 11.26 -59.63 10.09
C VAL D 143 11.47 -59.68 8.58
N ILE D 144 12.64 -60.17 8.17
CA ILE D 144 12.96 -60.35 6.76
C ILE D 144 13.54 -61.75 6.57
N GLU D 145 13.41 -62.26 5.35
CA GLU D 145 13.80 -63.62 4.99
C GLU D 145 13.04 -64.57 5.89
N GLY D 146 13.69 -65.45 6.65
CA GLY D 146 12.97 -66.36 7.52
C GLY D 146 12.09 -67.35 6.78
N GLY D 147 12.60 -67.93 5.69
CA GLY D 147 11.79 -68.86 4.91
C GLY D 147 11.48 -70.14 5.66
N MET D 148 12.43 -70.64 6.45
CA MET D 148 12.21 -71.90 7.17
C MET D 148 11.09 -71.77 8.19
N THR D 149 11.05 -70.67 8.92
CA THR D 149 10.03 -70.48 9.95
C THR D 149 8.72 -70.00 9.32
N ASN D 150 7.66 -70.01 10.13
CA ASN D 150 6.35 -69.61 9.67
C ASN D 150 6.21 -68.10 9.48
N LEU D 151 7.20 -67.32 9.90
CA LEU D 151 7.12 -65.87 9.76
C LEU D 151 7.15 -65.46 8.31
N GLU D 152 6.37 -64.44 7.97
CA GLU D 152 6.26 -63.95 6.61
C GLU D 152 7.40 -63.00 6.28
N ARG D 153 7.48 -62.59 5.01
CA ARG D 153 8.58 -61.74 4.56
C ARG D 153 8.45 -60.32 5.10
N GLN D 154 7.22 -59.85 5.29
CA GLN D 154 6.97 -58.49 5.77
C GLN D 154 6.13 -58.50 7.03
N GLN D 155 6.46 -59.37 7.97
CA GLN D 155 5.73 -59.45 9.23
C GLN D 155 5.93 -58.17 10.04
N ILE D 156 4.93 -57.87 10.88
CA ILE D 156 4.95 -56.64 11.67
C ILE D 156 4.98 -57.00 13.15
N LEU D 157 5.66 -58.11 13.46
CA LEU D 157 5.74 -58.59 14.84
C LEU D 157 6.33 -57.51 15.75
N THR D 158 5.74 -57.37 16.93
CA THR D 158 6.14 -56.37 17.90
C THR D 158 7.22 -56.91 18.83
N GLU D 159 7.50 -56.19 19.91
CA GLU D 159 8.56 -56.59 20.83
C GLU D 159 8.24 -57.92 21.51
N GLU D 160 7.01 -58.05 22.03
CA GLU D 160 6.62 -59.30 22.68
C GLU D 160 6.64 -60.47 21.70
N GLN D 161 6.12 -60.24 20.49
CA GLN D 161 6.19 -61.27 19.46
C GLN D 161 7.63 -61.58 19.09
N TYR D 162 8.51 -60.57 19.13
CA TYR D 162 9.93 -60.81 18.87
C TYR D 162 10.54 -61.72 19.92
N LEU D 163 10.23 -61.48 21.19
CA LEU D 163 10.74 -62.36 22.25
C LEU D 163 10.17 -63.76 22.11
N ASP D 164 8.89 -63.87 21.77
CA ASP D 164 8.29 -65.19 21.57
C ASP D 164 8.96 -65.94 20.43
N ALA D 165 9.22 -65.25 19.31
CA ALA D 165 9.89 -65.88 18.19
C ALA D 165 11.32 -66.29 18.55
N LEU D 166 12.02 -65.44 19.30
CA LEU D 166 13.37 -65.79 19.74
C LEU D 166 13.36 -67.03 20.63
N GLU D 167 12.37 -67.12 21.53
CA GLU D 167 12.26 -68.30 22.38
C GLU D 167 11.93 -69.54 21.55
N GLU D 168 11.07 -69.40 20.55
CA GLU D 168 10.62 -70.55 19.75
C GLU D 168 11.51 -70.78 18.54
N PHE D 169 11.61 -69.80 17.64
CA PHE D 169 12.36 -69.99 16.41
C PHE D 169 13.86 -69.91 16.63
N GLY D 170 14.31 -69.08 17.56
CA GLY D 170 15.74 -68.91 17.78
C GLY D 170 16.44 -68.29 16.59
N ASP D 171 17.22 -69.08 15.87
CA ASP D 171 17.85 -68.61 14.65
C ASP D 171 16.81 -68.53 13.53
N GLU D 172 17.29 -68.19 12.33
CA GLU D 172 16.51 -68.05 11.10
C GLU D 172 15.54 -66.87 11.16
N PHE D 173 15.49 -66.12 12.26
CA PHE D 173 14.65 -64.95 12.37
C PHE D 173 15.52 -63.70 12.32
N ASP D 174 15.33 -62.90 11.27
CA ASP D 174 16.11 -61.68 11.06
C ASP D 174 15.16 -60.50 11.10
N ALA D 175 15.13 -59.79 12.23
CA ALA D 175 14.28 -58.61 12.38
C ALA D 175 15.10 -57.47 12.96
N LYS D 176 14.93 -56.28 12.38
CA LYS D 176 15.59 -55.08 12.85
C LYS D 176 14.53 -54.00 13.08
N MET D 177 14.69 -53.22 14.13
CA MET D 177 13.70 -52.20 14.47
C MET D 177 14.04 -50.82 13.96
N GLY D 178 15.12 -50.66 13.18
CA GLY D 178 15.57 -49.36 12.73
C GLY D 178 15.31 -49.12 11.25
N ALA D 179 15.81 -47.96 10.80
CA ALA D 179 15.77 -47.63 9.38
C ALA D 179 16.67 -48.53 8.55
N GLU D 180 17.61 -49.23 9.19
CA GLU D 180 18.43 -50.19 8.46
C GLU D 180 17.61 -51.39 7.99
N ALA D 181 16.53 -51.71 8.69
CA ALA D 181 15.67 -52.81 8.25
C ALA D 181 14.99 -52.48 6.93
N ILE D 182 14.46 -51.26 6.81
CA ILE D 182 13.78 -50.86 5.58
C ILE D 182 14.76 -50.80 4.42
N GLN D 183 15.97 -50.28 4.67
CA GLN D 183 16.99 -50.28 3.62
C GLN D 183 17.36 -51.70 3.22
N ALA D 184 17.49 -52.60 4.20
CA ALA D 184 17.86 -53.98 3.90
C ALA D 184 16.80 -54.67 3.05
N LEU D 185 15.53 -54.47 3.38
CA LEU D 185 14.47 -55.11 2.59
C LEU D 185 14.18 -54.36 1.30
N LEU D 186 14.65 -53.11 1.18
CA LEU D 186 14.58 -52.41 -0.09
C LEU D 186 15.66 -52.89 -1.05
N LYS D 187 16.82 -53.24 -0.51
CA LYS D 187 17.91 -53.75 -1.35
C LYS D 187 17.61 -55.16 -1.86
N SER D 188 16.94 -55.98 -1.05
CA SER D 188 16.71 -57.37 -1.39
C SER D 188 15.66 -57.57 -2.47
N MET D 189 14.88 -56.53 -2.79
CA MET D 189 13.83 -56.68 -3.78
C MET D 189 14.38 -56.71 -5.19
N ASP D 190 13.79 -57.55 -6.03
CA ASP D 190 14.12 -57.62 -7.45
C ASP D 190 12.95 -57.00 -8.21
N LEU D 191 13.23 -55.89 -8.90
CA LEU D 191 12.16 -55.11 -9.51
C LEU D 191 11.54 -55.81 -10.71
N GLU D 192 12.36 -56.50 -11.52
CA GLU D 192 11.86 -57.08 -12.76
C GLU D 192 10.87 -58.21 -12.49
N GLN D 193 11.23 -59.16 -11.62
CA GLN D 193 10.34 -60.28 -11.35
C GLN D 193 9.08 -59.82 -10.63
N GLU D 194 9.23 -58.85 -9.73
CA GLU D 194 8.06 -58.35 -8.94
C GLU D 194 7.08 -57.64 -9.88
N CYS D 195 7.56 -56.67 -10.66
CA CYS D 195 6.66 -55.88 -11.54
C CYS D 195 5.98 -56.82 -12.55
N GLU D 196 6.75 -57.77 -13.12
CA GLU D 196 6.18 -58.71 -14.12
C GLU D 196 5.11 -59.56 -13.45
N GLN D 197 5.36 -60.02 -12.22
CA GLN D 197 4.37 -60.86 -11.49
C GLN D 197 3.10 -60.03 -11.25
N LEU D 198 3.27 -58.76 -10.86
CA LEU D 198 2.10 -57.87 -10.62
C LEU D 198 1.34 -57.68 -11.95
N ARG D 199 2.08 -57.49 -13.04
CA ARG D 199 1.45 -57.29 -14.37
C ARG D 199 0.68 -58.57 -14.73
N GLU D 200 1.27 -59.73 -14.46
CA GLU D 200 0.61 -61.03 -14.77
C GLU D 200 -0.69 -61.11 -13.96
N GLU D 201 -0.64 -60.70 -12.69
CA GLU D 201 -1.85 -60.73 -11.83
C GLU D 201 -2.86 -59.69 -12.35
N LEU D 202 -2.40 -58.46 -12.58
CA LEU D 202 -3.30 -57.40 -13.04
C LEU D 202 -4.12 -57.86 -14.24
N ASN D 203 -3.48 -58.51 -15.21
CA ASN D 203 -4.21 -58.94 -16.39
C ASN D 203 -5.04 -60.20 -16.13
N GLU D 204 -4.63 -61.05 -15.19
CA GLU D 204 -5.37 -62.28 -14.92
C GLU D 204 -6.70 -61.98 -14.24
N THR D 205 -6.68 -61.12 -13.22
CA THR D 205 -7.88 -60.79 -12.45
C THR D 205 -8.19 -59.32 -12.61
N ASN D 206 -9.43 -59.01 -12.93
CA ASN D 206 -9.87 -57.64 -13.18
C ASN D 206 -10.93 -57.23 -12.17
N SER D 207 -10.70 -56.11 -11.50
CA SER D 207 -11.64 -55.54 -10.56
C SER D 207 -11.35 -54.06 -10.42
N GLU D 208 -12.41 -53.25 -10.35
CA GLU D 208 -12.24 -51.80 -10.36
C GLU D 208 -11.54 -51.28 -9.12
N THR D 209 -11.50 -52.06 -8.03
CA THR D 209 -10.84 -51.63 -6.81
C THR D 209 -9.33 -51.84 -6.88
N LYS D 210 -8.90 -53.08 -7.14
CA LYS D 210 -7.47 -53.38 -7.16
C LYS D 210 -6.80 -52.86 -8.43
N ARG D 211 -7.55 -52.56 -9.48
CA ARG D 211 -6.94 -52.16 -10.74
C ARG D 211 -6.11 -50.89 -10.58
N LYS D 212 -6.64 -49.90 -9.85
CA LYS D 212 -5.92 -48.64 -9.70
C LYS D 212 -4.63 -48.82 -8.91
N LYS D 213 -4.68 -49.54 -7.79
CA LYS D 213 -3.48 -49.76 -6.99
C LYS D 213 -2.44 -50.56 -7.78
N LEU D 214 -2.88 -51.60 -8.48
CA LEU D 214 -1.96 -52.39 -9.28
C LEU D 214 -1.32 -51.54 -10.38
N THR D 215 -2.11 -50.72 -11.06
CA THR D 215 -1.57 -49.88 -12.13
C THR D 215 -0.58 -48.87 -11.58
N LYS D 216 -0.88 -48.27 -10.43
CA LYS D 216 0.06 -47.34 -9.82
C LYS D 216 1.37 -48.04 -9.46
N ARG D 217 1.28 -49.26 -8.93
CA ARG D 217 2.50 -49.99 -8.59
C ARG D 217 3.32 -50.33 -9.83
N ILE D 218 2.67 -50.76 -10.91
CA ILE D 218 3.40 -51.02 -12.15
C ILE D 218 4.06 -49.75 -12.66
N LYS D 219 3.33 -48.63 -12.56
CA LYS D 219 3.88 -47.33 -13.04
C LYS D 219 5.15 -46.98 -12.25
N LEU D 220 5.06 -46.97 -10.92
CA LEU D 220 6.21 -46.56 -10.09
C LEU D 220 7.40 -47.51 -10.34
N LEU D 221 7.15 -48.81 -10.41
CA LEU D 221 8.25 -49.79 -10.58
C LEU D 221 8.94 -49.51 -11.92
N GLU D 222 8.16 -49.30 -12.98
CA GLU D 222 8.74 -49.01 -14.32
C GLU D 222 9.53 -47.69 -14.26
N ALA D 223 8.97 -46.68 -13.59
CA ALA D 223 9.68 -45.39 -13.44
C ALA D 223 11.09 -45.66 -12.91
N PHE D 224 11.20 -46.39 -11.80
CA PHE D 224 12.52 -46.68 -11.19
C PHE D 224 13.37 -47.48 -12.18
N VAL D 225 12.77 -48.50 -12.82
CA VAL D 225 13.52 -49.36 -13.79
C VAL D 225 13.93 -48.51 -15.00
N GLN D 226 13.04 -47.64 -15.49
CA GLN D 226 13.33 -46.86 -16.72
C GLN D 226 14.14 -45.59 -16.37
N SER D 227 14.45 -45.38 -15.09
CA SER D 227 15.16 -44.17 -14.71
C SER D 227 16.60 -44.43 -14.32
N GLY D 228 16.95 -45.67 -13.97
CA GLY D 228 18.28 -45.97 -13.52
C GLY D 228 18.54 -45.74 -12.05
N ASN D 229 17.53 -45.31 -11.29
CA ASN D 229 17.70 -45.10 -9.86
C ASN D 229 17.80 -46.45 -9.14
N LYS D 230 18.01 -46.37 -7.83
CA LYS D 230 18.02 -47.54 -6.97
C LYS D 230 17.11 -47.26 -5.78
N PRO D 231 16.17 -48.15 -5.47
CA PRO D 231 15.24 -47.87 -4.36
C PRO D 231 15.93 -47.72 -3.02
N GLU D 232 17.14 -48.25 -2.86
CA GLU D 232 17.83 -48.10 -1.58
C GLU D 232 18.33 -46.67 -1.37
N TRP D 233 18.32 -45.82 -2.40
CA TRP D 233 18.80 -44.45 -2.25
C TRP D 233 17.81 -43.53 -1.57
N MET D 234 16.57 -44.00 -1.34
CA MET D 234 15.61 -43.17 -0.57
C MET D 234 16.21 -42.97 0.83
N ILE D 235 16.56 -44.07 1.51
CA ILE D 235 17.24 -43.95 2.83
C ILE D 235 18.66 -43.44 2.57
N LEU D 236 19.18 -42.56 3.44
CA LEU D 236 20.52 -41.96 3.22
C LEU D 236 21.43 -42.25 4.42
N THR D 237 22.67 -42.67 4.16
CA THR D 237 23.65 -42.90 5.27
C THR D 237 24.61 -41.71 5.35
N VAL D 238 24.46 -40.72 4.47
CA VAL D 238 25.32 -39.51 4.48
C VAL D 238 24.41 -38.28 4.42
N LEU D 239 24.99 -37.08 4.30
CA LEU D 239 24.17 -35.88 4.28
C LEU D 239 24.98 -34.71 3.72
N PRO D 240 24.60 -34.15 2.57
CA PRO D 240 25.30 -32.96 2.07
C PRO D 240 24.95 -31.73 2.89
N VAL D 241 25.86 -30.76 2.89
CA VAL D 241 25.66 -29.51 3.61
C VAL D 241 25.81 -28.34 2.64
N LEU D 242 25.12 -27.24 2.97
CA LEU D 242 25.08 -26.09 2.09
C LEU D 242 26.38 -25.31 2.16
N PRO D 243 26.77 -24.64 1.08
CA PRO D 243 27.92 -23.75 1.14
C PRO D 243 27.69 -22.65 2.15
N PRO D 244 28.75 -22.24 2.88
CA PRO D 244 28.54 -21.31 3.99
C PRO D 244 27.98 -19.95 3.59
N ASP D 245 28.32 -19.46 2.40
CA ASP D 245 27.88 -18.13 2.01
C ASP D 245 26.39 -18.07 1.73
N LEU D 246 25.75 -19.22 1.50
CA LEU D 246 24.31 -19.26 1.31
C LEU D 246 23.53 -19.34 2.61
N ARG D 247 24.25 -19.57 3.72
CA ARG D 247 23.60 -19.72 5.05
C ARG D 247 24.42 -18.97 6.10
N PRO D 248 24.77 -17.68 5.89
CA PRO D 248 25.64 -16.97 6.85
C PRO D 248 24.93 -16.64 8.16
N LEU D 249 25.65 -16.73 9.29
CA LEU D 249 25.06 -16.37 10.61
C LEU D 249 24.92 -14.84 10.68
N VAL D 250 24.03 -14.34 11.55
CA VAL D 250 23.78 -12.88 11.67
C VAL D 250 24.75 -12.26 12.68
N PRO D 251 25.38 -11.10 12.39
CA PRO D 251 26.27 -10.43 13.34
C PRO D 251 25.51 -9.73 14.47
N LEU D 252 26.19 -9.44 15.58
CA LEU D 252 25.55 -8.78 16.75
C LEU D 252 26.41 -7.60 17.21
N ASP D 253 25.88 -6.76 18.10
CA ASP D 253 26.63 -5.57 18.59
C ASP D 253 27.95 -6.05 19.19
N GLY D 254 29.03 -5.30 18.96
CA GLY D 254 30.36 -5.74 19.43
C GLY D 254 30.96 -6.73 18.45
N GLY D 255 31.24 -7.96 18.90
CA GLY D 255 31.73 -8.97 17.99
C GLY D 255 30.94 -10.26 17.99
N ARG D 256 29.82 -10.29 18.71
CA ARG D 256 29.05 -11.51 18.85
C ARG D 256 28.31 -11.84 17.56
N PHE D 257 28.10 -13.14 17.32
CA PHE D 257 27.42 -13.63 16.14
C PHE D 257 26.28 -14.56 16.56
N ALA D 258 25.14 -14.44 15.89
CA ALA D 258 23.99 -15.29 16.16
C ALA D 258 23.80 -16.27 14.99
N THR D 259 23.63 -17.54 15.31
CA THR D 259 23.46 -18.56 14.28
C THR D 259 22.04 -18.50 13.72
N SER D 260 21.95 -18.52 12.39
CA SER D 260 20.65 -18.53 11.73
C SER D 260 19.96 -19.87 11.92
N ASP D 261 18.66 -19.88 11.64
CA ASP D 261 17.85 -21.08 11.88
C ASP D 261 18.29 -22.25 11.03
N LEU D 262 18.94 -21.98 9.88
CA LEU D 262 19.47 -23.07 9.08
C LEU D 262 20.66 -23.73 9.76
N ASN D 263 21.52 -22.94 10.40
CA ASN D 263 22.70 -23.49 11.05
C ASN D 263 22.35 -24.25 12.32
N ASP D 264 21.27 -23.86 13.00
CA ASP D 264 20.86 -24.55 14.21
C ASP D 264 20.51 -26.00 13.93
N LEU D 265 19.78 -26.26 12.84
CA LEU D 265 19.42 -27.62 12.49
C LEU D 265 20.67 -28.46 12.16
N TYR D 266 21.62 -27.86 11.43
CA TYR D 266 22.85 -28.57 11.12
C TYR D 266 23.64 -28.89 12.38
N ARG D 267 23.73 -27.93 13.31
CA ARG D 267 24.44 -28.18 14.55
C ARG D 267 23.78 -29.27 15.37
N ARG D 268 22.45 -29.27 15.42
CA ARG D 268 21.72 -30.33 16.13
C ARG D 268 21.99 -31.68 15.51
N VAL D 269 21.95 -31.77 14.18
CA VAL D 269 22.20 -33.04 13.50
C VAL D 269 23.61 -33.52 13.78
N ILE D 270 24.59 -32.61 13.70
CA ILE D 270 25.99 -32.99 13.91
C ILE D 270 26.21 -33.46 15.34
N ASN D 271 25.63 -32.74 16.31
CA ASN D 271 25.79 -33.11 17.71
C ASN D 271 25.21 -34.49 17.98
N ARG D 272 24.00 -34.74 17.48
CA ARG D 272 23.37 -36.04 17.68
C ARG D 272 24.18 -37.15 17.02
N ASN D 273 24.64 -36.91 15.79
CA ASN D 273 25.43 -37.91 15.08
C ASN D 273 26.72 -38.23 15.82
N ASN D 274 27.42 -37.20 16.31
CA ASN D 274 28.66 -37.41 17.03
C ASN D 274 28.42 -38.20 18.32
N ARG D 275 27.36 -37.84 19.06
CA ARG D 275 27.08 -38.55 20.30
C ARG D 275 26.72 -40.00 20.05
N LEU D 276 25.91 -40.26 19.01
CA LEU D 276 25.59 -41.64 18.66
C LEU D 276 26.82 -42.43 18.23
N LYS D 277 27.70 -41.79 17.44
CA LYS D 277 28.91 -42.46 16.99
C LYS D 277 29.81 -42.82 18.17
N ARG D 278 29.98 -41.89 19.11
CA ARG D 278 30.82 -42.16 20.28
C ARG D 278 30.21 -43.25 21.17
N LEU D 279 28.89 -43.20 21.37
CA LEU D 279 28.24 -44.16 22.24
C LEU D 279 28.16 -45.55 21.61
N LEU D 280 28.18 -45.63 20.27
CA LEU D 280 28.11 -46.93 19.61
C LEU D 280 29.40 -47.72 19.80
N ASP D 281 30.52 -47.03 19.99
CA ASP D 281 31.80 -47.70 20.23
C ASP D 281 31.95 -48.18 21.66
N LEU D 282 31.11 -47.71 22.57
CA LEU D 282 31.19 -48.08 23.98
C LEU D 282 30.35 -49.32 24.32
N ALA D 283 29.72 -49.94 23.32
CA ALA D 283 28.88 -51.12 23.53
C ALA D 283 27.78 -50.83 24.55
N ALA D 284 27.12 -49.70 24.36
CA ALA D 284 26.06 -49.27 25.26
C ALA D 284 24.85 -50.20 25.15
N PRO D 285 23.99 -50.24 26.17
CA PRO D 285 22.78 -51.06 26.08
C PRO D 285 21.89 -50.61 24.93
N ASP D 286 21.18 -51.58 24.35
CA ASP D 286 20.43 -51.34 23.12
C ASP D 286 19.34 -50.29 23.29
N ILE D 287 18.83 -50.08 24.51
CA ILE D 287 17.77 -49.09 24.71
C ILE D 287 18.30 -47.69 24.43
N ILE D 288 19.47 -47.36 24.98
CA ILE D 288 20.05 -46.04 24.76
C ILE D 288 20.44 -45.85 23.30
N VAL D 289 20.95 -46.91 22.67
CA VAL D 289 21.30 -46.84 21.25
C VAL D 289 20.06 -46.58 20.41
N ARG D 290 18.95 -47.26 20.71
CA ARG D 290 17.71 -47.04 19.98
C ARG D 290 17.19 -45.62 20.18
N ASN D 291 17.26 -45.12 21.42
CA ASN D 291 16.84 -43.75 21.68
C ASN D 291 17.68 -42.76 20.86
N GLU D 292 18.99 -42.97 20.83
CA GLU D 292 19.86 -42.08 20.07
C GLU D 292 19.58 -42.15 18.57
N LYS D 293 19.36 -43.35 18.05
CA LYS D 293 19.04 -43.48 16.63
C LYS D 293 17.74 -42.79 16.28
N ARG D 294 16.70 -42.95 17.12
CA ARG D 294 15.43 -42.27 16.87
C ARG D 294 15.60 -40.75 16.93
N MET D 295 16.38 -40.26 17.90
CA MET D 295 16.57 -38.82 18.01
C MET D 295 17.34 -38.26 16.83
N LEU D 296 18.34 -39.01 16.34
CA LEU D 296 19.06 -38.58 15.14
C LEU D 296 18.16 -38.56 13.91
N GLN D 297 17.30 -39.57 13.77
CA GLN D 297 16.35 -39.58 12.67
C GLN D 297 15.40 -38.38 12.75
N GLU D 298 14.91 -38.06 13.93
CA GLU D 298 14.07 -36.88 14.12
C GLU D 298 14.80 -35.58 13.80
N ALA D 299 16.07 -35.47 14.20
CA ALA D 299 16.85 -34.28 13.85
C ALA D 299 17.02 -34.12 12.36
N VAL D 300 17.32 -35.21 11.65
CA VAL D 300 17.46 -35.14 10.20
C VAL D 300 16.14 -34.76 9.55
N ASP D 301 15.03 -35.34 10.02
CA ASP D 301 13.72 -34.99 9.48
C ASP D 301 13.41 -33.51 9.70
N ALA D 302 13.75 -32.99 10.88
CA ALA D 302 13.54 -31.57 11.14
C ALA D 302 14.39 -30.69 10.24
N LEU D 303 15.63 -31.11 9.97
CA LEU D 303 16.49 -30.34 9.09
C LEU D 303 15.93 -30.30 7.67
N LEU D 304 15.51 -31.44 7.13
CA LEU D 304 15.03 -31.49 5.76
C LEU D 304 13.69 -30.77 5.59
N ASP D 305 12.72 -31.05 6.46
CA ASP D 305 11.40 -30.43 6.40
C ASP D 305 10.87 -30.30 7.83
N ASN D 306 11.09 -29.13 8.43
CA ASN D 306 10.62 -28.91 9.79
C ASN D 306 9.10 -28.82 9.80
N GLY D 307 8.50 -29.35 10.87
CA GLY D 307 7.06 -29.40 10.98
C GLY D 307 6.41 -30.66 10.44
N ARG D 308 7.20 -31.58 9.89
CA ARG D 308 6.70 -32.85 9.39
C ARG D 308 7.00 -33.96 10.39
N ARG D 309 6.06 -34.92 10.47
CA ARG D 309 6.15 -36.05 11.39
C ARG D 309 6.40 -35.56 12.82
N GLY D 310 5.41 -34.85 13.38
CA GLY D 310 5.48 -34.35 14.72
C GLY D 310 5.28 -32.86 14.75
N ARG D 311 5.76 -32.23 15.82
CA ARG D 311 5.70 -30.78 15.93
C ARG D 311 6.96 -30.18 15.31
N ALA D 312 7.06 -28.85 15.31
CA ALA D 312 8.13 -28.14 14.65
C ALA D 312 9.10 -27.61 15.70
N ILE D 313 10.39 -27.83 15.47
CA ILE D 313 11.42 -27.28 16.35
C ILE D 313 11.41 -25.76 16.21
N THR D 314 11.43 -25.08 17.36
CA THR D 314 11.42 -23.62 17.39
C THR D 314 12.73 -23.12 18.01
N GLY D 315 13.03 -21.86 17.74
CA GLY D 315 14.25 -21.21 18.18
C GLY D 315 14.07 -20.49 19.51
N SER D 316 14.82 -19.40 19.68
CA SER D 316 14.73 -18.62 20.90
C SER D 316 13.30 -18.11 21.13
N ASN D 317 12.71 -17.54 20.08
CA ASN D 317 11.30 -17.20 20.13
C ASN D 317 10.46 -18.41 19.72
N LYS D 318 9.16 -18.31 19.93
CA LYS D 318 8.26 -19.45 19.75
C LYS D 318 7.70 -19.50 18.33
N ARG D 319 8.61 -19.57 17.37
CA ARG D 319 8.27 -19.79 15.97
C ARG D 319 9.18 -20.85 15.37
N PRO D 320 8.67 -21.64 14.43
CA PRO D 320 9.46 -22.75 13.90
C PRO D 320 10.68 -22.28 13.14
N LEU D 321 11.73 -23.10 13.18
CA LEU D 321 12.96 -22.83 12.44
C LEU D 321 12.71 -23.09 10.96
N LYS D 322 13.24 -22.22 10.10
CA LYS D 322 13.12 -22.41 8.67
C LYS D 322 14.07 -23.50 8.19
N SER D 323 13.52 -24.54 7.58
CA SER D 323 14.28 -25.69 7.13
C SER D 323 14.62 -25.53 5.65
N LEU D 324 15.24 -26.57 5.08
CA LEU D 324 15.61 -26.53 3.66
C LEU D 324 14.38 -26.44 2.78
N ALA D 325 13.29 -27.13 3.16
CA ALA D 325 12.08 -27.11 2.35
C ALA D 325 11.36 -25.78 2.48
N ASP D 326 11.44 -25.14 3.65
CA ASP D 326 10.81 -23.81 3.83
C ASP D 326 11.51 -22.76 2.95
N MET D 327 12.50 -23.17 2.14
CA MET D 327 13.29 -22.16 1.37
C MET D 327 13.00 -22.22 -0.13
N ILE D 328 12.34 -23.29 -0.61
CA ILE D 328 12.15 -23.44 -2.08
C ILE D 328 10.64 -23.44 -2.40
N LYS D 329 9.79 -23.22 -1.41
CA LYS D 329 8.32 -23.31 -1.64
C LYS D 329 7.60 -22.09 -1.07
N GLY D 330 6.42 -21.76 -1.61
CA GLY D 330 5.63 -20.65 -1.08
C GLY D 330 5.91 -19.33 -1.77
N LYS D 331 5.17 -18.28 -1.40
CA LYS D 331 5.37 -16.94 -2.01
C LYS D 331 6.74 -16.38 -1.63
N GLN D 332 7.22 -16.68 -0.41
CA GLN D 332 8.54 -16.17 0.06
C GLN D 332 9.67 -17.09 -0.42
N GLY D 333 9.34 -18.16 -1.14
CA GLY D 333 10.36 -19.08 -1.68
C GLY D 333 11.12 -18.49 -2.85
N ARG D 334 12.25 -19.10 -3.24
CA ARG D 334 13.10 -18.56 -4.33
C ARG D 334 12.32 -18.50 -5.65
N PHE D 335 11.50 -19.52 -5.93
CA PHE D 335 10.79 -19.58 -7.23
C PHE D 335 9.87 -18.36 -7.42
N ARG D 336 9.18 -17.91 -6.37
CA ARG D 336 8.22 -16.80 -6.53
C ARG D 336 8.84 -15.46 -6.15
N GLN D 337 9.86 -15.48 -5.28
CA GLN D 337 10.47 -14.21 -4.79
C GLN D 337 11.67 -13.85 -5.65
N ASN D 338 12.78 -14.59 -5.54
CA ASN D 338 14.04 -14.26 -6.27
C ASN D 338 13.85 -14.40 -7.78
N LEU D 339 13.15 -15.45 -8.24
CA LEU D 339 12.99 -15.69 -9.70
C LEU D 339 11.52 -15.53 -10.08
N LEU D 340 11.23 -15.24 -11.35
CA LEU D 340 9.84 -14.97 -11.81
C LEU D 340 9.52 -13.53 -11.39
N GLY D 341 10.35 -12.98 -10.49
CA GLY D 341 10.22 -11.58 -10.04
C GLY D 341 11.54 -11.15 -9.43
N LYS D 342 11.99 -9.92 -9.67
CA LYS D 342 13.33 -9.52 -9.17
C LYS D 342 13.40 -8.01 -9.04
N ARG D 343 14.13 -7.50 -8.04
CA ARG D 343 14.30 -6.06 -7.99
C ARG D 343 15.41 -5.71 -8.97
N VAL D 344 15.30 -4.56 -9.61
CA VAL D 344 16.15 -4.23 -10.76
C VAL D 344 16.76 -2.86 -10.57
N ASP D 345 17.94 -2.66 -11.14
CA ASP D 345 18.55 -1.34 -11.18
C ASP D 345 17.93 -0.50 -12.28
N TYR D 346 18.31 0.78 -12.31
CA TYR D 346 17.76 1.77 -13.24
C TYR D 346 16.25 1.88 -13.09
N SER D 347 15.81 2.16 -11.86
CA SER D 347 14.39 2.18 -11.50
C SER D 347 14.11 3.41 -10.64
N GLY D 348 12.91 3.96 -10.80
CA GLY D 348 12.52 5.11 -10.01
C GLY D 348 11.07 5.01 -9.56
N ARG D 349 10.63 6.04 -8.84
CA ARG D 349 9.27 6.05 -8.30
C ARG D 349 8.94 7.43 -7.75
N SER D 350 7.74 7.93 -8.05
CA SER D 350 7.20 9.08 -7.34
C SER D 350 5.71 9.20 -7.66
N VAL D 351 5.09 10.24 -7.06
CA VAL D 351 3.70 10.56 -7.31
C VAL D 351 3.52 11.05 -8.74
N ILE D 352 2.31 10.83 -9.28
CA ILE D 352 1.97 11.27 -10.62
C ILE D 352 0.98 12.43 -10.55
N THR D 353 1.16 13.39 -11.44
CA THR D 353 0.21 14.45 -11.69
C THR D 353 -0.24 14.38 -13.15
N VAL D 354 -1.06 15.33 -13.56
CA VAL D 354 -1.60 15.38 -14.91
C VAL D 354 -0.81 16.38 -15.74
N GLY D 355 -0.56 16.04 -17.00
CA GLY D 355 -0.05 16.99 -17.95
C GLY D 355 -0.96 17.11 -19.16
N PRO D 356 -1.68 18.21 -19.26
CA PRO D 356 -2.60 18.38 -20.41
C PRO D 356 -1.91 18.93 -21.65
N TYR D 357 -0.72 19.50 -21.50
CA TYR D 357 0.05 19.96 -22.64
C TYR D 357 0.77 18.82 -23.34
N LEU D 358 0.75 17.63 -22.76
CA LEU D 358 1.55 16.52 -23.25
C LEU D 358 0.94 15.92 -24.51
N ARG D 359 1.81 15.47 -25.40
CA ARG D 359 1.40 14.62 -26.51
C ARG D 359 1.18 13.20 -25.99
N LEU D 360 0.55 12.38 -26.83
CA LEU D 360 0.17 11.03 -26.40
C LEU D 360 1.40 10.16 -26.15
N HIS D 361 2.46 10.36 -26.94
CA HIS D 361 3.67 9.55 -26.79
C HIS D 361 4.64 10.12 -25.77
N GLN D 362 4.28 11.19 -25.07
CA GLN D 362 5.18 11.89 -24.17
C GLN D 362 4.77 11.69 -22.71
N CYS D 363 5.76 11.82 -21.84
CA CYS D 363 5.55 11.86 -20.39
C CYS D 363 6.53 12.83 -19.78
N GLY D 364 6.16 13.40 -18.63
CA GLY D 364 6.98 14.37 -17.95
C GLY D 364 7.82 13.74 -16.85
N LEU D 365 9.13 13.74 -17.05
CA LEU D 365 10.05 13.13 -16.11
C LEU D 365 10.74 14.19 -15.26
N PRO D 366 10.72 14.07 -13.94
CA PRO D 366 11.48 15.01 -13.11
C PRO D 366 12.96 14.95 -13.46
N LYS D 367 13.56 16.14 -13.57
CA LYS D 367 14.96 16.20 -13.98
C LYS D 367 15.90 15.70 -12.88
N LYS D 368 15.42 15.60 -11.65
CA LYS D 368 16.23 15.05 -10.58
C LYS D 368 16.26 13.51 -10.62
N MET D 369 15.18 12.88 -11.08
CA MET D 369 15.23 11.44 -11.31
C MET D 369 16.23 11.10 -12.40
N ALA D 370 16.11 11.74 -13.56
CA ALA D 370 17.14 11.66 -14.58
C ALA D 370 18.40 12.27 -13.99
N LEU D 371 19.54 12.02 -14.61
CA LEU D 371 20.87 12.32 -14.07
C LEU D 371 21.22 11.29 -13.00
N GLU D 372 20.24 10.48 -12.62
CA GLU D 372 20.49 9.30 -11.81
C GLU D 372 20.12 8.03 -12.55
N LEU D 373 18.94 7.99 -13.18
CA LEU D 373 18.59 6.86 -14.02
C LEU D 373 19.51 6.73 -15.24
N PHE D 374 20.11 7.83 -15.70
CA PHE D 374 20.92 7.84 -16.91
C PHE D 374 22.37 8.19 -16.61
N LYS D 375 22.86 7.83 -15.42
CA LYS D 375 24.22 8.19 -15.04
C LYS D 375 25.29 7.57 -15.94
N PRO D 376 25.27 6.27 -16.27
CA PRO D 376 26.30 5.75 -17.19
C PRO D 376 26.29 6.39 -18.56
N PHE D 377 25.12 6.72 -19.08
CA PHE D 377 25.04 7.41 -20.36
C PHE D 377 25.67 8.80 -20.27
N ILE D 378 25.44 9.49 -19.16
CA ILE D 378 26.03 10.82 -18.96
C ILE D 378 27.54 10.71 -18.82
N TYR D 379 28.02 9.69 -18.12
CA TYR D 379 29.46 9.47 -18.03
C TYR D 379 30.07 9.24 -19.41
N GLY D 380 29.41 8.41 -20.22
CA GLY D 380 29.92 8.15 -21.55
C GLY D 380 29.95 9.38 -22.43
N LYS D 381 28.90 10.19 -22.38
CA LYS D 381 28.88 11.41 -23.19
C LYS D 381 29.88 12.44 -22.69
N LEU D 382 30.07 12.53 -21.37
CA LEU D 382 31.08 13.43 -20.82
C LEU D 382 32.47 13.03 -21.26
N GLU D 383 32.78 11.73 -21.22
CA GLU D 383 34.11 11.29 -21.63
C GLU D 383 34.30 11.36 -23.14
N LEU D 384 33.21 11.27 -23.90
CA LEU D 384 33.31 11.29 -25.35
C LEU D 384 33.57 12.69 -25.88
N ARG D 385 33.02 13.71 -25.22
CA ARG D 385 33.12 15.08 -25.69
C ARG D 385 34.38 15.79 -25.22
N GLY D 386 35.26 15.10 -24.49
CA GLY D 386 36.49 15.69 -24.03
C GLY D 386 36.37 16.53 -22.78
N LEU D 387 35.18 16.65 -22.20
CA LEU D 387 35.04 17.38 -20.95
C LEU D 387 35.74 16.66 -19.80
N ALA D 388 35.65 15.33 -19.78
CA ALA D 388 36.29 14.51 -18.77
C ALA D 388 37.19 13.49 -19.46
N THR D 389 38.42 13.38 -18.98
CA THR D 389 39.35 12.40 -19.56
C THR D 389 39.22 11.06 -18.84
N THR D 390 39.16 11.08 -17.51
CA THR D 390 39.04 9.88 -16.70
C THR D 390 37.61 9.73 -16.19
N ILE D 391 37.27 8.50 -15.79
CA ILE D 391 35.95 8.24 -15.23
C ILE D 391 35.79 8.95 -13.90
N LYS D 392 36.88 9.11 -13.14
CA LYS D 392 36.82 9.85 -11.88
C LYS D 392 36.42 11.30 -12.10
N ALA D 393 36.98 11.93 -13.15
CA ALA D 393 36.63 13.31 -13.45
C ALA D 393 35.16 13.45 -13.80
N ALA D 394 34.64 12.51 -14.60
CA ALA D 394 33.22 12.55 -14.96
C ALA D 394 32.33 12.35 -13.75
N LYS D 395 32.71 11.42 -12.86
CA LYS D 395 31.94 11.21 -11.65
C LYS D 395 31.93 12.45 -10.76
N LYS D 396 33.08 13.10 -10.60
CA LYS D 396 33.14 14.32 -9.81
C LYS D 396 32.32 15.44 -10.45
N MET D 397 32.36 15.54 -11.78
CA MET D 397 31.59 16.58 -12.46
C MET D 397 30.09 16.35 -12.30
N VAL D 398 29.66 15.09 -12.37
CA VAL D 398 28.24 14.80 -12.19
C VAL D 398 27.82 15.06 -10.74
N GLU D 399 28.70 14.75 -9.79
CA GLU D 399 28.37 14.97 -8.39
C GLU D 399 28.14 16.45 -8.09
N ARG D 400 28.88 17.34 -8.77
CA ARG D 400 28.70 18.77 -8.56
C ARG D 400 27.54 19.35 -9.38
N GLU D 401 27.04 18.63 -10.37
CA GLU D 401 25.91 19.04 -11.20
C GLU D 401 26.11 20.45 -11.78
N GLU D 402 27.11 20.56 -12.65
CA GLU D 402 27.33 21.78 -13.39
C GLU D 402 26.32 21.89 -14.55
N ALA D 403 26.28 23.07 -15.17
CA ALA D 403 25.29 23.33 -16.21
C ALA D 403 25.53 22.48 -17.46
N VAL D 404 26.80 22.27 -17.81
CA VAL D 404 27.11 21.45 -18.97
C VAL D 404 26.63 20.02 -18.76
N VAL D 405 26.55 19.58 -17.50
CA VAL D 405 26.01 18.26 -17.21
C VAL D 405 24.52 18.23 -17.54
N TRP D 406 23.81 19.33 -17.26
CA TRP D 406 22.40 19.39 -17.63
C TRP D 406 22.20 19.42 -19.14
N ASP D 407 23.09 20.12 -19.85
CA ASP D 407 23.03 20.09 -21.31
C ASP D 407 23.26 18.68 -21.85
N ILE D 408 24.23 17.98 -21.27
CA ILE D 408 24.52 16.58 -21.71
C ILE D 408 23.32 15.70 -21.38
N LEU D 409 22.69 15.91 -20.22
CA LEU D 409 21.54 15.06 -19.80
C LEU D 409 20.40 15.21 -20.80
N ASP D 410 20.16 16.43 -21.29
CA ASP D 410 19.03 16.66 -22.23
C ASP D 410 19.27 15.85 -23.50
N GLU D 411 20.51 15.85 -24.00
CA GLU D 411 20.85 15.07 -25.23
C GLU D 411 20.65 13.57 -24.95
N VAL D 412 21.01 13.13 -23.73
CA VAL D 412 20.82 11.70 -23.34
C VAL D 412 19.33 11.38 -23.41
N ILE D 413 18.47 12.33 -23.03
CA ILE D 413 16.99 12.10 -23.00
C ILE D 413 16.40 12.50 -24.36
N ARG D 414 17.22 12.89 -25.33
CA ARG D 414 16.69 13.37 -26.62
C ARG D 414 15.88 12.28 -27.33
N GLU D 415 16.36 11.03 -27.34
CA GLU D 415 15.64 9.96 -28.09
C GLU D 415 15.84 8.61 -27.40
N HIS D 416 15.34 8.47 -26.18
CA HIS D 416 15.46 7.23 -25.43
C HIS D 416 14.15 6.98 -24.70
N PRO D 417 13.33 6.02 -25.12
CA PRO D 417 12.04 5.83 -24.46
C PRO D 417 12.20 5.25 -23.06
N VAL D 418 11.15 5.43 -22.27
CA VAL D 418 11.14 5.02 -20.87
C VAL D 418 9.83 4.30 -20.61
N LEU D 419 9.79 3.47 -19.56
CA LEU D 419 8.61 2.69 -19.23
C LEU D 419 8.06 3.12 -17.88
N LEU D 420 6.75 3.36 -17.83
CA LEU D 420 6.04 3.64 -16.59
C LEU D 420 5.10 2.49 -16.27
N ASN D 421 5.02 2.13 -15.00
CA ASN D 421 4.25 0.98 -14.57
C ASN D 421 3.52 1.31 -13.27
N ARG D 422 2.27 0.89 -13.18
CA ARG D 422 1.46 1.06 -11.98
C ARG D 422 1.34 -0.27 -11.25
N ALA D 423 1.34 -0.20 -9.92
CA ALA D 423 1.69 -1.36 -9.09
C ALA D 423 0.80 -2.58 -9.31
N PRO D 424 -0.54 -2.48 -9.31
CA PRO D 424 -1.32 -3.68 -9.67
C PRO D 424 -1.50 -3.85 -11.18
N THR D 425 -0.48 -4.48 -11.80
CA THR D 425 -0.50 -4.64 -13.28
C THR D 425 -1.42 -5.81 -13.66
N LEU D 426 -2.74 -5.57 -13.73
CA LEU D 426 -3.70 -6.62 -14.14
C LEU D 426 -3.44 -7.02 -15.59
N HIS D 427 -3.09 -6.05 -16.45
CA HIS D 427 -2.86 -6.35 -17.89
C HIS D 427 -1.56 -5.70 -18.37
N ARG D 428 -1.15 -5.99 -19.61
CA ARG D 428 0.11 -5.41 -20.16
C ARG D 428 -0.02 -3.89 -20.25
N LEU D 429 -1.25 -3.38 -20.37
CA LEU D 429 -1.44 -1.90 -20.36
C LEU D 429 -0.99 -1.38 -18.99
N GLY D 430 -0.64 -2.29 -18.08
CA GLY D 430 -0.14 -1.89 -16.75
C GLY D 430 1.16 -1.11 -16.88
N ILE D 431 1.99 -1.46 -17.86
CA ILE D 431 3.25 -0.68 -18.11
C ILE D 431 3.23 -0.23 -19.58
N GLN D 432 3.51 1.06 -19.83
CA GLN D 432 3.49 1.60 -21.22
C GLN D 432 4.77 2.41 -21.47
N ALA D 433 5.19 2.52 -22.73
CA ALA D 433 6.43 3.24 -23.07
C ALA D 433 6.13 4.71 -23.39
N PHE D 434 7.07 5.61 -23.09
CA PHE D 434 6.89 7.02 -23.36
C PHE D 434 8.24 7.64 -23.66
N GLU D 435 8.20 8.80 -24.33
CA GLU D 435 9.39 9.59 -24.53
C GLU D 435 9.48 10.61 -23.41
N PRO D 436 10.48 10.55 -22.54
CA PRO D 436 10.52 11.45 -21.39
C PRO D 436 10.72 12.90 -21.80
N VAL D 437 10.04 13.78 -21.08
CA VAL D 437 10.21 15.23 -21.20
C VAL D 437 10.68 15.73 -19.85
N LEU D 438 11.83 16.40 -19.82
CA LEU D 438 12.41 16.82 -18.55
C LEU D 438 11.65 18.01 -17.99
N ILE D 439 11.26 17.91 -16.73
CA ILE D 439 10.50 18.95 -16.06
C ILE D 439 11.18 19.29 -14.74
N GLU D 440 10.90 20.48 -14.23
CA GLU D 440 11.38 20.92 -12.92
C GLU D 440 10.31 20.58 -11.90
N GLY D 441 10.63 19.70 -10.97
CA GLY D 441 9.64 19.25 -10.00
C GLY D 441 10.03 17.91 -9.44
N LYS D 442 9.07 17.25 -8.78
CA LYS D 442 9.34 15.95 -8.19
C LYS D 442 8.25 14.94 -8.47
N ALA D 443 7.34 15.23 -9.39
CA ALA D 443 6.24 14.34 -9.69
C ALA D 443 6.20 14.04 -11.19
N ILE D 444 5.86 12.80 -11.53
CA ILE D 444 5.76 12.39 -12.92
C ILE D 444 4.47 12.91 -13.52
N GLN D 445 4.55 13.51 -14.71
CA GLN D 445 3.38 14.03 -15.41
C GLN D 445 2.88 12.99 -16.39
N LEU D 446 1.61 12.63 -16.28
CA LEU D 446 1.02 11.57 -17.08
C LEU D 446 -0.06 12.14 -17.99
N HIS D 447 -0.11 11.62 -19.21
CA HIS D 447 -1.11 12.02 -20.18
C HIS D 447 -2.49 11.61 -19.71
N PRO D 448 -3.50 12.49 -19.78
CA PRO D 448 -4.84 12.12 -19.29
C PRO D 448 -5.54 11.02 -20.10
N LEU D 449 -5.12 10.73 -21.33
CA LEU D 449 -5.84 9.75 -22.13
C LEU D 449 -5.45 8.31 -21.78
N VAL D 450 -4.31 8.10 -21.12
CA VAL D 450 -3.90 6.75 -20.72
C VAL D 450 -4.31 6.40 -19.31
N CYS D 451 -4.99 7.31 -18.60
CA CYS D 451 -5.33 7.07 -17.21
C CYS D 451 -6.31 5.91 -17.06
N ALA D 452 -7.28 5.81 -17.97
CA ALA D 452 -8.24 4.72 -17.91
C ALA D 452 -7.56 3.37 -18.09
N ALA D 453 -6.65 3.27 -19.06
CA ALA D 453 -5.93 2.02 -19.28
C ALA D 453 -5.06 1.68 -18.09
N TYR D 454 -4.44 2.68 -17.47
CA TYR D 454 -3.67 2.44 -16.26
C TYR D 454 -4.54 2.25 -15.02
N ASN D 455 -5.83 2.60 -15.09
CA ASN D 455 -6.71 2.66 -13.92
C ASN D 455 -6.12 3.58 -12.86
N ALA D 456 -5.60 4.72 -13.31
CA ALA D 456 -4.90 5.66 -12.46
C ALA D 456 -5.72 6.94 -12.31
N ASP D 457 -5.60 7.56 -11.15
CA ASP D 457 -6.17 8.89 -10.90
C ASP D 457 -5.20 9.66 -10.01
N PHE D 458 -5.35 10.98 -10.00
CA PHE D 458 -4.37 11.84 -9.35
C PHE D 458 -4.85 12.26 -7.96
N ASP D 459 -4.90 11.26 -7.08
CA ASP D 459 -5.24 11.48 -5.68
C ASP D 459 -4.26 10.76 -4.76
N GLY D 460 -3.04 10.52 -5.22
CA GLY D 460 -2.03 9.86 -4.43
C GLY D 460 -1.37 8.66 -5.08
N ASP D 461 -1.71 8.31 -6.33
CA ASP D 461 -1.08 7.17 -6.99
C ASP D 461 0.37 7.47 -7.34
N GLN D 462 1.18 6.42 -7.35
CA GLN D 462 2.58 6.50 -7.77
C GLN D 462 2.85 5.47 -8.85
N MET D 463 3.85 5.75 -9.68
CA MET D 463 4.29 4.82 -10.71
C MET D 463 5.79 4.59 -10.59
N ALA D 464 6.25 3.48 -11.17
CA ALA D 464 7.65 3.15 -11.26
C ALA D 464 8.16 3.50 -12.66
N VAL D 465 9.46 3.74 -12.76
CA VAL D 465 10.12 4.12 -14.00
C VAL D 465 11.24 3.13 -14.27
N HIS D 466 11.33 2.64 -15.50
CA HIS D 466 12.38 1.72 -15.91
C HIS D 466 13.03 2.20 -17.20
N VAL D 467 14.34 1.99 -17.32
CA VAL D 467 15.08 2.47 -18.52
C VAL D 467 15.57 1.27 -19.35
N PRO D 468 15.20 1.15 -20.63
CA PRO D 468 15.68 0.06 -21.48
C PRO D 468 17.03 0.44 -22.11
N LEU D 469 18.13 0.11 -21.43
CA LEU D 469 19.48 0.50 -21.94
C LEU D 469 19.99 -0.55 -22.94
N THR D 470 19.21 -0.84 -23.98
CA THR D 470 19.67 -1.79 -25.04
C THR D 470 19.07 -1.38 -26.38
N LEU D 471 19.84 -1.52 -27.46
CA LEU D 471 19.31 -1.21 -28.83
C LEU D 471 18.05 -2.04 -29.04
N GLU D 472 18.07 -3.32 -28.67
CA GLU D 472 16.92 -4.20 -28.83
C GLU D 472 15.78 -3.77 -27.91
N ALA D 473 16.10 -3.44 -26.65
CA ALA D 473 15.07 -3.05 -25.71
C ALA D 473 14.46 -1.69 -26.07
N GLN D 474 15.30 -0.76 -26.52
CA GLN D 474 14.80 0.53 -26.97
C GLN D 474 13.84 0.38 -28.15
N LEU D 475 14.22 -0.47 -29.12
CA LEU D 475 13.36 -0.71 -30.28
C LEU D 475 12.06 -1.40 -29.88
N GLU D 476 12.15 -2.39 -28.99
CA GLU D 476 10.94 -3.05 -28.49
C GLU D 476 10.01 -2.08 -27.78
N ALA D 477 10.56 -1.17 -26.98
CA ALA D 477 9.75 -0.13 -26.36
C ALA D 477 9.12 0.79 -27.38
N ARG D 478 9.85 1.14 -28.44
CA ARG D 478 9.30 2.04 -29.44
C ARG D 478 8.30 1.33 -30.36
N ALA D 479 8.56 0.07 -30.70
CA ALA D 479 7.73 -0.63 -31.68
C ALA D 479 6.58 -1.43 -31.08
N LEU D 480 6.68 -1.83 -29.82
CA LEU D 480 5.67 -2.69 -29.22
C LEU D 480 4.93 -2.04 -28.06
N MET D 481 5.60 -1.24 -27.24
CA MET D 481 5.07 -0.84 -25.95
C MET D 481 4.73 0.64 -25.85
N MET D 482 4.89 1.40 -26.92
CA MET D 482 4.55 2.82 -26.90
C MET D 482 3.04 2.99 -26.78
N SER D 483 2.64 4.12 -26.21
CA SER D 483 1.21 4.38 -26.01
C SER D 483 0.48 4.54 -27.33
N THR D 484 1.13 5.15 -28.32
CA THR D 484 0.50 5.32 -29.63
C THR D 484 0.38 4.01 -30.39
N ASN D 485 0.99 2.93 -29.89
CA ASN D 485 0.87 1.63 -30.53
C ASN D 485 -0.38 0.88 -30.06
N ASN D 486 -0.63 0.88 -28.75
CA ASN D 486 -1.72 0.10 -28.17
C ASN D 486 -2.89 1.04 -27.87
N ILE D 487 -3.75 1.23 -28.87
CA ILE D 487 -4.94 2.04 -28.76
C ILE D 487 -6.18 1.18 -28.57
N LEU D 488 -6.24 0.02 -29.22
CA LEU D 488 -7.34 -0.92 -29.06
C LEU D 488 -7.02 -1.89 -27.94
N SER D 489 -8.01 -2.21 -27.13
CA SER D 489 -7.81 -3.15 -26.03
C SER D 489 -7.73 -4.57 -26.56
N PRO D 490 -6.72 -5.35 -26.17
CA PRO D 490 -6.62 -6.72 -26.66
C PRO D 490 -7.51 -7.68 -25.88
N ALA D 491 -8.74 -7.26 -25.58
CA ALA D 491 -9.72 -8.09 -24.93
C ALA D 491 -11.06 -8.10 -25.64
N ASN D 492 -11.47 -6.97 -26.21
CA ASN D 492 -12.66 -6.88 -27.03
C ASN D 492 -12.43 -6.16 -28.34
N GLY D 493 -11.32 -5.46 -28.52
CA GLY D 493 -11.06 -4.69 -29.72
C GLY D 493 -11.53 -3.26 -29.65
N GLU D 494 -12.27 -2.87 -28.63
CA GLU D 494 -12.74 -1.50 -28.52
C GLU D 494 -11.57 -0.58 -28.16
N PRO D 495 -11.65 0.72 -28.48
CA PRO D 495 -10.57 1.64 -28.10
C PRO D 495 -10.44 1.82 -26.60
N ILE D 496 -9.24 1.59 -26.07
CA ILE D 496 -9.02 1.70 -24.63
C ILE D 496 -8.54 3.10 -24.28
N ILE D 497 -7.98 3.82 -25.24
CA ILE D 497 -7.50 5.18 -25.03
C ILE D 497 -8.54 6.12 -25.61
N VAL D 498 -9.49 6.55 -24.77
CA VAL D 498 -10.63 7.34 -25.23
C VAL D 498 -10.83 8.55 -24.33
N PRO D 499 -11.45 9.63 -24.82
CA PRO D 499 -11.77 10.77 -23.96
C PRO D 499 -12.76 10.40 -22.87
N SER D 500 -12.63 11.08 -21.73
CA SER D 500 -13.53 10.88 -20.61
C SER D 500 -13.53 12.15 -19.75
N GLN D 501 -14.55 12.25 -18.91
CA GLN D 501 -14.67 13.32 -17.88
C GLN D 501 -14.75 14.67 -18.57
N ASP D 502 -13.79 15.59 -18.35
CA ASP D 502 -13.93 16.95 -18.84
C ASP D 502 -13.93 17.02 -20.36
N VAL D 503 -13.20 16.14 -21.02
CA VAL D 503 -13.20 16.12 -22.47
C VAL D 503 -14.61 15.81 -22.99
N VAL D 504 -15.25 14.79 -22.41
CA VAL D 504 -16.60 14.43 -22.81
C VAL D 504 -17.57 15.57 -22.50
N LEU D 505 -17.43 16.18 -21.33
CA LEU D 505 -18.33 17.28 -20.96
C LEU D 505 -18.18 18.46 -21.92
N GLY D 506 -16.94 18.82 -22.28
CA GLY D 506 -16.73 19.93 -23.18
C GLY D 506 -17.24 19.66 -24.59
N LEU D 507 -17.00 18.45 -25.09
CA LEU D 507 -17.52 18.09 -26.41
C LEU D 507 -19.04 18.04 -26.40
N TYR D 508 -19.64 17.54 -25.33
CA TYR D 508 -21.10 17.50 -25.22
C TYR D 508 -21.68 18.91 -25.18
N TYR D 509 -21.06 19.81 -24.43
CA TYR D 509 -21.55 21.19 -24.35
C TYR D 509 -21.38 21.93 -25.66
N MET D 510 -20.28 21.67 -26.38
CA MET D 510 -20.06 22.35 -27.65
C MET D 510 -21.12 21.98 -28.68
N THR D 511 -21.48 20.70 -28.75
CA THR D 511 -22.39 20.20 -29.80
C THR D 511 -23.80 20.03 -29.23
N ARG D 512 -24.38 21.14 -28.82
CA ARG D 512 -25.75 21.19 -28.34
C ARG D 512 -26.49 22.30 -29.06
N ASP D 513 -27.81 22.31 -28.94
CA ASP D 513 -28.64 23.29 -29.62
C ASP D 513 -29.53 24.00 -28.62
N CYS D 514 -29.88 25.24 -28.93
CA CYS D 514 -30.84 26.03 -28.17
C CYS D 514 -31.86 26.62 -29.15
N VAL D 515 -33.13 26.60 -28.77
CA VAL D 515 -34.19 26.99 -29.71
C VAL D 515 -34.07 28.47 -30.06
N ASN D 516 -33.65 29.31 -29.12
CA ASN D 516 -33.46 30.74 -29.36
C ASN D 516 -32.13 31.14 -28.76
N ALA D 517 -31.21 31.60 -29.59
CA ALA D 517 -29.87 31.97 -29.15
C ALA D 517 -29.32 32.99 -30.13
N LYS D 518 -28.20 33.60 -29.77
CA LYS D 518 -27.58 34.60 -30.63
C LYS D 518 -27.17 33.99 -31.96
N GLY D 519 -27.86 34.38 -33.01
CA GLY D 519 -27.68 33.74 -34.30
C GLY D 519 -28.78 32.71 -34.54
N GLU D 520 -29.53 32.87 -35.62
CA GLU D 520 -30.63 31.97 -35.92
C GLU D 520 -30.76 31.91 -37.45
N GLY D 521 -30.53 30.73 -38.02
CA GLY D 521 -30.64 30.56 -39.48
C GLY D 521 -29.53 31.31 -40.20
N MET D 522 -28.52 31.74 -39.46
CA MET D 522 -27.39 32.50 -40.06
C MET D 522 -26.69 31.61 -41.08
N VAL D 523 -26.29 32.17 -42.22
CA VAL D 523 -25.57 31.38 -43.26
C VAL D 523 -24.10 31.82 -43.25
N LEU D 524 -23.19 30.86 -43.13
CA LEU D 524 -21.74 31.20 -43.02
C LEU D 524 -20.97 30.54 -44.16
N THR D 525 -19.88 31.15 -44.63
CA THR D 525 -19.14 30.59 -45.80
C THR D 525 -18.24 29.45 -45.33
N GLY D 526 -17.70 29.53 -44.11
CA GLY D 526 -16.77 28.49 -43.62
C GLY D 526 -16.92 28.22 -42.13
N PRO D 527 -16.51 27.04 -41.63
CA PRO D 527 -16.54 26.73 -40.19
C PRO D 527 -15.61 27.70 -39.44
N LYS D 528 -14.49 28.07 -40.07
CA LYS D 528 -13.56 29.05 -39.44
C LYS D 528 -14.30 30.36 -39.21
N GLU D 529 -15.17 30.76 -40.15
CA GLU D 529 -15.98 31.99 -39.97
C GLU D 529 -16.89 31.80 -38.75
N ALA D 530 -17.48 30.61 -38.59
CA ALA D 530 -18.32 30.33 -37.41
C ALA D 530 -17.46 30.45 -36.15
N GLU D 531 -16.24 29.91 -36.20
CA GLU D 531 -15.31 30.04 -35.04
C GLU D 531 -14.98 31.52 -34.84
N ARG D 532 -14.75 32.24 -35.95
CA ARG D 532 -14.43 33.69 -35.86
C ARG D 532 -15.61 34.45 -35.25
N LEU D 533 -16.82 34.15 -35.72
CA LEU D 533 -18.05 34.81 -35.17
C LEU D 533 -18.22 34.37 -33.72
N TYR D 534 -17.96 33.10 -33.42
CA TYR D 534 -18.09 32.58 -32.03
C TYR D 534 -17.11 33.31 -31.12
N ARG D 535 -15.87 33.51 -31.59
CA ARG D 535 -14.85 34.25 -30.79
C ARG D 535 -15.36 35.69 -30.60
N SER D 536 -15.94 36.27 -31.66
CA SER D 536 -16.53 37.63 -31.56
C SER D 536 -17.81 37.56 -30.73
N GLY D 537 -18.35 36.36 -30.51
CA GLY D 537 -19.62 36.21 -29.77
C GLY D 537 -20.82 36.29 -30.71
N LEU D 538 -20.57 36.60 -31.99
CA LEU D 538 -21.65 36.66 -32.99
C LEU D 538 -22.27 35.26 -33.16
N ALA D 539 -21.44 34.23 -33.14
CA ALA D 539 -21.93 32.84 -33.34
C ALA D 539 -22.01 32.12 -31.99
N SER D 540 -23.14 31.46 -31.72
CA SER D 540 -23.32 30.70 -30.45
C SER D 540 -23.34 29.20 -30.73
N LEU D 541 -22.57 28.42 -29.97
CA LEU D 541 -22.50 26.96 -30.20
C LEU D 541 -23.91 26.38 -30.03
N HIS D 542 -24.64 26.83 -29.01
CA HIS D 542 -26.04 26.37 -28.81
C HIS D 542 -26.89 26.84 -29.99
N ALA D 543 -26.66 28.05 -30.48
CA ALA D 543 -27.45 28.59 -31.61
C ALA D 543 -27.28 27.69 -32.83
N ARG D 544 -28.37 27.44 -33.57
CA ARG D 544 -28.30 26.57 -34.78
C ARG D 544 -28.30 27.45 -36.02
N VAL D 545 -27.26 27.33 -36.86
CA VAL D 545 -27.13 28.19 -38.07
C VAL D 545 -26.60 27.34 -39.22
N LYS D 546 -26.83 27.79 -40.47
CA LYS D 546 -26.37 27.03 -41.66
C LYS D 546 -25.00 27.55 -42.11
N VAL D 547 -24.05 26.65 -42.36
CA VAL D 547 -22.71 27.07 -42.86
C VAL D 547 -22.36 26.21 -44.09
N ARG D 548 -21.65 26.79 -45.06
CA ARG D 548 -21.20 26.00 -46.24
C ARG D 548 -20.29 24.87 -45.75
N ILE D 549 -20.54 23.63 -46.15
CA ILE D 549 -19.74 22.48 -45.62
C ILE D 549 -19.27 21.60 -46.79
N THR D 550 -18.11 20.94 -46.61
CA THR D 550 -17.56 20.05 -47.67
C THR D 550 -17.14 18.72 -47.03
N GLU D 551 -17.14 17.63 -47.81
CA GLU D 551 -16.77 16.29 -47.26
C GLU D 551 -15.91 15.54 -48.27
N TYR D 552 -15.10 14.57 -47.79
CA TYR D 552 -14.25 13.74 -48.69
C TYR D 552 -14.66 12.29 -48.54
N GLU D 553 -14.85 11.58 -49.66
CA GLU D 553 -15.35 10.17 -49.60
C GLU D 553 -14.28 9.20 -50.09
N LYS D 554 -14.06 8.10 -49.35
CA LYS D 554 -13.11 7.08 -49.75
C LYS D 554 -13.73 6.06 -50.70
N ASP D 555 -14.95 6.31 -51.19
CA ASP D 555 -15.63 5.32 -52.02
C ASP D 555 -14.84 5.02 -53.29
N ALA D 556 -14.27 6.05 -53.92
CA ALA D 556 -13.32 5.82 -55.00
C ALA D 556 -12.13 5.02 -54.46
N ASN D 557 -11.73 3.99 -55.19
CA ASN D 557 -10.73 3.05 -54.70
C ASN D 557 -9.43 3.75 -54.36
N GLY D 558 -9.13 3.85 -53.07
CA GLY D 558 -7.93 4.53 -52.62
C GLY D 558 -7.85 5.98 -53.04
N GLU D 559 -9.01 6.66 -53.02
CA GLU D 559 -9.07 8.09 -53.41
C GLU D 559 -10.21 8.77 -52.64
N LEU D 560 -10.03 10.04 -52.25
CA LEU D 560 -11.09 10.78 -51.53
C LEU D 560 -11.72 11.81 -52.48
N VAL D 561 -13.05 11.84 -52.55
CA VAL D 561 -13.75 12.77 -53.49
C VAL D 561 -14.40 13.90 -52.68
N ALA D 562 -14.12 15.16 -53.06
CA ALA D 562 -14.70 16.32 -52.34
C ALA D 562 -16.21 16.38 -52.59
N LYS D 563 -16.97 16.88 -51.60
CA LYS D 563 -18.44 17.02 -51.73
C LYS D 563 -18.86 18.25 -50.93
N THR D 564 -19.09 19.38 -51.60
CA THR D 564 -19.44 20.64 -50.88
C THR D 564 -20.96 20.83 -50.86
N SER D 565 -21.58 20.69 -49.69
CA SER D 565 -23.04 20.91 -49.57
C SER D 565 -23.36 21.78 -48.35
N LEU D 566 -24.16 22.84 -48.53
CA LEU D 566 -24.59 23.66 -47.37
C LEU D 566 -25.45 22.76 -46.47
N LYS D 567 -25.22 22.80 -45.16
CA LYS D 567 -25.96 21.86 -44.27
C LYS D 567 -26.50 22.57 -43.02
N ASP D 568 -27.56 22.01 -42.42
CA ASP D 568 -28.11 22.59 -41.17
C ASP D 568 -27.27 22.05 -40.00
N THR D 569 -26.97 22.89 -39.01
CA THR D 569 -26.12 22.47 -37.90
C THR D 569 -26.08 23.61 -36.88
N THR D 570 -25.18 23.51 -35.91
CA THR D 570 -24.95 24.56 -34.94
C THR D 570 -23.54 25.10 -35.09
N VAL D 571 -23.27 26.21 -34.39
CA VAL D 571 -21.95 26.85 -34.47
C VAL D 571 -20.89 25.94 -33.89
N GLY D 572 -21.17 25.31 -32.75
CA GLY D 572 -20.20 24.45 -32.11
C GLY D 572 -19.85 23.21 -32.94
N ARG D 573 -20.85 22.64 -33.61
CA ARG D 573 -20.59 21.49 -34.46
C ARG D 573 -19.68 21.86 -35.64
N ALA D 574 -19.94 23.01 -36.25
CA ALA D 574 -19.08 23.47 -37.34
C ALA D 574 -17.67 23.75 -36.84
N ILE D 575 -17.54 24.32 -35.64
CA ILE D 575 -16.23 24.59 -35.07
C ILE D 575 -15.48 23.28 -34.82
N LEU D 576 -16.18 22.27 -34.29
CA LEU D 576 -15.54 20.98 -34.05
C LEU D 576 -15.19 20.26 -35.35
N TRP D 577 -15.92 20.53 -36.43
CA TRP D 577 -15.63 19.89 -37.71
C TRP D 577 -14.23 20.19 -38.22
N MET D 578 -13.63 21.31 -37.80
CA MET D 578 -12.29 21.69 -38.23
C MET D 578 -11.20 20.76 -37.70
N ILE D 579 -11.53 19.90 -36.74
CA ILE D 579 -10.57 18.99 -36.14
C ILE D 579 -10.60 17.61 -36.80
N VAL D 580 -11.76 17.22 -37.33
CA VAL D 580 -11.98 15.90 -37.93
C VAL D 580 -11.09 15.71 -39.15
N PRO D 581 -10.42 14.57 -39.29
CA PRO D 581 -9.63 14.31 -40.49
C PRO D 581 -10.50 13.99 -41.70
N LYS D 582 -9.91 14.15 -42.89
CA LYS D 582 -10.65 13.93 -44.13
C LYS D 582 -10.99 12.46 -44.31
N GLY D 583 -12.15 12.21 -44.91
CA GLY D 583 -12.64 10.87 -45.09
C GLY D 583 -13.72 10.44 -44.11
N LEU D 584 -14.11 11.30 -43.18
CA LEU D 584 -15.16 10.98 -42.24
C LEU D 584 -16.41 11.78 -42.58
N PRO D 585 -17.61 11.22 -42.44
CA PRO D 585 -18.82 11.95 -42.81
C PRO D 585 -19.07 13.12 -41.87
N TYR D 586 -19.85 14.09 -42.34
CA TYR D 586 -20.21 15.20 -41.46
C TYR D 586 -21.27 14.78 -40.45
N SER D 587 -21.97 13.67 -40.70
CA SER D 587 -23.02 13.23 -39.80
C SER D 587 -22.45 12.73 -38.47
N ILE D 588 -21.12 12.58 -38.40
CA ILE D 588 -20.46 12.05 -37.21
C ILE D 588 -20.39 13.12 -36.12
N VAL D 589 -20.54 14.39 -36.51
CA VAL D 589 -20.35 15.49 -35.52
C VAL D 589 -21.67 16.21 -35.24
N ASN D 590 -22.70 15.97 -36.06
CA ASN D 590 -24.03 16.58 -35.78
C ASN D 590 -24.73 15.71 -34.73
N GLN D 591 -24.15 15.63 -33.52
CA GLN D 591 -24.73 14.80 -32.45
C GLN D 591 -24.18 15.28 -31.10
N ALA D 592 -24.77 14.81 -29.99
CA ALA D 592 -24.31 15.22 -28.64
C ALA D 592 -22.89 14.72 -28.39
N LEU D 593 -22.45 13.68 -29.10
CA LEU D 593 -21.12 13.08 -28.82
C LEU D 593 -21.09 12.66 -27.34
N GLY D 594 -22.17 12.02 -26.88
CA GLY D 594 -22.28 11.65 -25.45
C GLY D 594 -21.30 10.55 -25.03
N LYS D 595 -20.01 10.72 -25.30
CA LYS D 595 -19.03 9.76 -24.78
C LYS D 595 -19.14 8.38 -25.43
N LYS D 596 -20.23 8.13 -26.15
CA LYS D 596 -20.34 6.94 -26.98
C LYS D 596 -20.12 7.26 -28.45
N ALA D 597 -20.62 8.42 -28.89
CA ALA D 597 -20.28 8.91 -30.22
C ALA D 597 -18.79 9.20 -30.34
N ILE D 598 -18.14 9.60 -29.25
CA ILE D 598 -16.71 9.89 -29.32
C ILE D 598 -15.90 8.62 -29.51
N SER D 599 -16.21 7.57 -28.74
CA SER D 599 -15.56 6.28 -28.95
C SER D 599 -15.88 5.73 -30.33
N LYS D 600 -17.12 5.89 -30.79
CA LYS D 600 -17.48 5.40 -32.11
C LYS D 600 -16.73 6.13 -33.21
N MET D 601 -16.57 7.44 -33.10
CA MET D 601 -15.86 8.17 -34.14
C MET D 601 -14.37 7.85 -34.12
N LEU D 602 -13.81 7.62 -32.92
CA LEU D 602 -12.43 7.15 -32.85
C LEU D 602 -12.28 5.80 -33.53
N ASN D 603 -13.21 4.89 -33.29
CA ASN D 603 -13.14 3.56 -33.90
C ASN D 603 -13.29 3.64 -35.42
N THR D 604 -14.22 4.45 -35.92
CA THR D 604 -14.39 4.61 -37.35
C THR D 604 -13.15 5.23 -37.99
N CYS D 605 -12.56 6.23 -37.32
CA CYS D 605 -11.34 6.82 -37.85
C CYS D 605 -10.21 5.79 -37.91
N TYR D 606 -10.09 4.95 -36.88
CA TYR D 606 -9.06 3.92 -36.91
C TYR D 606 -9.31 2.92 -38.03
N ARG D 607 -10.56 2.53 -38.23
CA ARG D 607 -10.86 1.50 -39.23
C ARG D 607 -10.79 2.02 -40.66
N ILE D 608 -11.02 3.32 -40.88
CA ILE D 608 -11.03 3.87 -42.23
C ILE D 608 -9.68 4.47 -42.61
N LEU D 609 -9.00 5.14 -41.67
CA LEU D 609 -7.85 5.97 -41.99
C LEU D 609 -6.52 5.37 -41.56
N GLY D 610 -6.45 4.76 -40.38
CA GLY D 610 -5.19 4.19 -39.93
C GLY D 610 -4.84 4.53 -38.50
N LEU D 611 -3.55 4.55 -38.17
CA LEU D 611 -3.16 4.76 -36.74
C LEU D 611 -2.65 6.18 -36.52
N LYS D 612 -1.77 6.66 -37.40
CA LYS D 612 -1.17 8.01 -37.19
C LYS D 612 -2.28 9.08 -37.17
N PRO D 613 -3.27 9.05 -38.09
CA PRO D 613 -4.37 10.02 -38.07
C PRO D 613 -5.22 9.92 -36.79
N THR D 614 -5.55 8.69 -36.38
CA THR D 614 -6.41 8.51 -35.19
C THR D 614 -5.65 9.02 -33.95
N VAL D 615 -4.34 8.78 -33.88
CA VAL D 615 -3.53 9.24 -32.72
C VAL D 615 -3.59 10.77 -32.67
N ILE D 616 -3.47 11.43 -33.82
CA ILE D 616 -3.55 12.92 -33.88
C ILE D 616 -4.97 13.33 -33.50
N PHE D 617 -5.97 12.81 -34.21
CA PHE D 617 -7.36 13.13 -33.92
C PHE D 617 -7.66 13.05 -32.43
N ALA D 618 -7.15 12.02 -31.76
CA ALA D 618 -7.39 11.89 -30.32
C ALA D 618 -6.73 13.02 -29.54
N ASP D 619 -5.50 13.37 -29.91
CA ASP D 619 -4.84 14.49 -29.23
C ASP D 619 -5.62 15.79 -29.43
N GLN D 620 -6.05 16.06 -30.67
CA GLN D 620 -6.81 17.27 -30.95
C GLN D 620 -8.13 17.28 -30.18
N ILE D 621 -8.80 16.12 -30.12
CA ILE D 621 -10.06 16.02 -29.42
C ILE D 621 -9.88 16.35 -27.94
N MET D 622 -8.83 15.80 -27.32
CA MET D 622 -8.64 16.05 -25.90
C MET D 622 -8.34 17.53 -25.65
N TYR D 623 -7.52 18.15 -26.53
CA TYR D 623 -7.24 19.58 -26.39
C TYR D 623 -8.52 20.41 -26.48
N THR D 624 -9.31 20.22 -27.54
CA THR D 624 -10.48 21.08 -27.74
C THR D 624 -11.56 20.81 -26.70
N GLY D 625 -11.70 19.55 -26.27
CA GLY D 625 -12.63 19.26 -25.20
C GLY D 625 -12.27 19.96 -23.90
N PHE D 626 -10.98 19.93 -23.54
CA PHE D 626 -10.55 20.63 -22.33
C PHE D 626 -10.81 22.12 -22.45
N ALA D 627 -10.47 22.71 -23.59
CA ALA D 627 -10.61 24.16 -23.75
C ALA D 627 -12.07 24.60 -23.64
N TYR D 628 -12.98 23.89 -24.31
CA TYR D 628 -14.37 24.31 -24.28
C TYR D 628 -15.06 23.94 -22.98
N ALA D 629 -14.63 22.87 -22.30
CA ALA D 629 -15.14 22.60 -20.97
C ALA D 629 -14.74 23.70 -19.99
N ALA D 630 -13.51 24.21 -20.11
CA ALA D 630 -13.11 25.33 -19.29
C ALA D 630 -13.92 26.58 -19.64
N ARG D 631 -14.14 26.83 -20.92
CA ARG D 631 -14.87 28.03 -21.33
C ARG D 631 -16.32 27.99 -20.86
N SER D 632 -16.91 26.79 -20.77
CA SER D 632 -18.31 26.68 -20.39
C SER D 632 -18.57 27.17 -18.97
N GLY D 633 -17.59 26.93 -18.08
CA GLY D 633 -17.73 27.36 -16.68
C GLY D 633 -18.79 26.55 -15.95
N ALA D 634 -18.83 25.24 -16.21
CA ALA D 634 -19.83 24.36 -15.54
C ALA D 634 -19.54 24.33 -14.04
N SER D 635 -20.59 24.41 -13.21
CA SER D 635 -20.42 24.39 -11.73
C SER D 635 -21.59 23.62 -11.10
N VAL D 636 -21.38 23.07 -9.90
CA VAL D 636 -22.45 22.29 -9.21
C VAL D 636 -23.00 23.12 -8.05
N GLY D 637 -24.32 23.35 -8.03
CA GLY D 637 -24.94 24.16 -6.96
C GLY D 637 -26.06 23.41 -6.26
N ILE D 638 -26.34 23.76 -5.00
CA ILE D 638 -27.38 23.09 -4.24
C ILE D 638 -28.72 23.13 -4.96
N ASP D 639 -28.93 24.11 -5.84
CA ASP D 639 -30.19 24.23 -6.57
C ASP D 639 -30.28 23.31 -7.77
N ASP D 640 -29.17 22.68 -8.17
CA ASP D 640 -29.21 21.76 -9.30
C ASP D 640 -29.91 20.45 -8.95
N MET D 641 -29.91 20.08 -7.67
CA MET D 641 -30.60 18.88 -7.21
C MET D 641 -32.06 19.25 -6.97
N VAL D 642 -32.90 19.04 -7.96
CA VAL D 642 -34.29 19.46 -7.91
C VAL D 642 -35.14 18.29 -7.44
N ILE D 643 -35.79 18.46 -6.30
CA ILE D 643 -36.70 17.46 -5.77
C ILE D 643 -38.07 17.64 -6.43
N PRO D 644 -38.69 16.58 -6.94
CA PRO D 644 -40.02 16.73 -7.54
C PRO D 644 -41.04 17.22 -6.52
N GLU D 645 -41.97 18.06 -6.98
CA GLU D 645 -42.96 18.65 -6.08
C GLU D 645 -43.92 17.61 -5.55
N LYS D 646 -44.18 16.55 -6.32
CA LYS D 646 -45.16 15.54 -5.93
C LYS D 646 -44.58 14.45 -5.05
N LYS D 647 -43.33 14.58 -4.61
CA LYS D 647 -42.71 13.53 -3.81
C LYS D 647 -43.46 13.28 -2.52
N HIS D 648 -43.83 14.36 -1.82
CA HIS D 648 -44.50 14.21 -0.54
C HIS D 648 -45.89 13.58 -0.69
N GLU D 649 -46.57 13.85 -1.80
CA GLU D 649 -47.86 13.23 -2.04
C GLU D 649 -47.73 11.72 -2.21
N ILE D 650 -46.73 11.28 -2.97
CA ILE D 650 -46.50 9.85 -3.13
C ILE D 650 -46.12 9.22 -1.80
N ILE D 651 -45.28 9.90 -1.01
CA ILE D 651 -44.91 9.36 0.30
C ILE D 651 -46.15 9.20 1.19
N SER D 652 -47.01 10.22 1.20
CA SER D 652 -48.22 10.17 2.03
C SER D 652 -49.16 9.06 1.58
N GLU D 653 -49.33 8.89 0.27
CA GLU D 653 -50.19 7.81 -0.22
C GLU D 653 -49.63 6.45 0.15
N ALA D 654 -48.31 6.27 0.01
CA ALA D 654 -47.69 5.01 0.40
C ALA D 654 -47.87 4.74 1.89
N GLU D 655 -47.71 5.79 2.70
CA GLU D 655 -47.94 5.65 4.16
C GLU D 655 -49.36 5.13 4.37
N ALA D 656 -50.32 5.64 3.60
CA ALA D 656 -51.73 5.22 3.73
C ALA D 656 -51.86 3.73 3.42
N GLU D 657 -51.16 3.26 2.38
CA GLU D 657 -51.19 1.82 2.03
C GLU D 657 -50.60 1.01 3.20
N VAL D 658 -49.46 1.44 3.72
CA VAL D 658 -48.80 0.71 4.84
C VAL D 658 -49.80 0.60 6.01
N ALA D 659 -50.42 1.72 6.38
CA ALA D 659 -51.34 1.71 7.54
C ALA D 659 -52.52 0.76 7.27
N GLU D 660 -53.12 0.86 6.07
CA GLU D 660 -54.31 0.05 5.76
C GLU D 660 -53.93 -1.45 5.74
N ILE D 661 -52.79 -1.78 5.12
CA ILE D 661 -52.38 -3.22 5.01
C ILE D 661 -52.13 -3.76 6.43
N GLN D 662 -51.51 -2.95 7.29
CA GLN D 662 -51.25 -3.39 8.69
C GLN D 662 -52.59 -3.60 9.41
N GLU D 663 -53.54 -2.68 9.21
CA GLU D 663 -54.88 -2.86 9.82
C GLU D 663 -55.49 -4.16 9.29
N GLN D 664 -55.34 -4.42 7.99
CA GLN D 664 -55.82 -5.70 7.42
C GLN D 664 -55.13 -6.84 8.17
N PHE D 665 -53.86 -6.64 8.53
CA PHE D 665 -53.12 -7.66 9.26
C PHE D 665 -53.60 -7.77 10.70
N GLN D 666 -53.88 -6.63 11.33
CA GLN D 666 -54.39 -6.64 12.71
C GLN D 666 -55.74 -7.32 12.78
N SER D 667 -56.57 -7.19 11.73
CA SER D 667 -57.84 -7.89 11.71
C SER D 667 -57.66 -9.41 11.68
N GLY D 668 -56.53 -9.90 11.21
CA GLY D 668 -56.17 -11.31 11.33
C GLY D 668 -56.30 -12.14 10.06
N LEU D 669 -56.67 -11.54 8.94
CA LEU D 669 -56.80 -12.30 7.69
C LEU D 669 -55.54 -12.27 6.84
N VAL D 670 -54.47 -11.64 7.31
CA VAL D 670 -53.21 -11.54 6.56
C VAL D 670 -52.10 -12.14 7.40
N THR D 671 -51.32 -13.03 6.78
CA THR D 671 -50.17 -13.60 7.46
C THR D 671 -48.98 -12.64 7.39
N ALA D 672 -47.96 -12.93 8.18
CA ALA D 672 -46.78 -12.05 8.24
C ALA D 672 -46.08 -11.98 6.90
N GLY D 673 -45.91 -13.11 6.22
CA GLY D 673 -45.24 -13.11 4.93
C GLY D 673 -45.98 -12.30 3.89
N GLU D 674 -47.31 -12.43 3.85
CA GLU D 674 -48.10 -11.71 2.87
C GLU D 674 -47.96 -10.20 3.05
N ARG D 675 -48.15 -9.71 4.28
CA ARG D 675 -48.06 -8.27 4.52
C ARG D 675 -46.64 -7.77 4.30
N TYR D 676 -45.63 -8.55 4.69
CA TYR D 676 -44.25 -8.13 4.49
C TYR D 676 -43.94 -7.97 3.00
N ASN D 677 -44.30 -8.98 2.20
CA ASN D 677 -44.05 -8.91 0.77
C ASN D 677 -44.83 -7.77 0.12
N LYS D 678 -46.09 -7.59 0.53
CA LYS D 678 -46.90 -6.52 -0.05
C LYS D 678 -46.33 -5.14 0.28
N VAL D 679 -45.90 -4.94 1.53
CA VAL D 679 -45.32 -3.66 1.91
C VAL D 679 -44.04 -3.40 1.12
N ILE D 680 -43.20 -4.42 0.97
CA ILE D 680 -41.99 -4.27 0.17
C ILE D 680 -42.34 -3.88 -1.27
N ASP D 681 -43.33 -4.56 -1.84
CA ASP D 681 -43.71 -4.28 -3.24
C ASP D 681 -44.21 -2.86 -3.40
N ILE D 682 -45.06 -2.40 -2.48
CA ILE D 682 -45.63 -1.06 -2.63
C ILE D 682 -44.58 0.01 -2.39
N TRP D 683 -43.63 -0.24 -1.47
CA TRP D 683 -42.55 0.72 -1.30
C TRP D 683 -41.68 0.78 -2.55
N ALA D 684 -41.41 -0.37 -3.18
CA ALA D 684 -40.65 -0.35 -4.43
C ALA D 684 -41.41 0.41 -5.51
N ALA D 685 -42.73 0.21 -5.59
CA ALA D 685 -43.53 0.92 -6.59
C ALA D 685 -43.50 2.42 -6.35
N ALA D 686 -43.63 2.86 -5.09
CA ALA D 686 -43.59 4.29 -4.80
C ALA D 686 -42.22 4.88 -5.12
N ASN D 687 -41.15 4.12 -4.82
CA ASN D 687 -39.81 4.59 -5.17
C ASN D 687 -39.66 4.74 -6.68
N ASP D 688 -40.16 3.78 -7.45
CA ASP D 688 -40.09 3.88 -8.89
C ASP D 688 -40.88 5.09 -9.41
N ARG D 689 -42.07 5.32 -8.85
CA ARG D 689 -42.88 6.44 -9.29
C ARG D 689 -42.22 7.77 -8.99
N VAL D 690 -41.66 7.92 -7.79
CA VAL D 690 -41.01 9.17 -7.43
C VAL D 690 -39.73 9.38 -8.25
N SER D 691 -39.01 8.30 -8.54
CA SER D 691 -37.83 8.43 -9.39
C SER D 691 -38.21 8.87 -10.80
N LYS D 692 -39.30 8.32 -11.33
CA LYS D 692 -39.78 8.72 -12.65
C LYS D 692 -40.20 10.19 -12.64
N ALA D 693 -40.88 10.63 -11.58
CA ALA D 693 -41.27 12.04 -11.50
C ALA D 693 -40.06 12.95 -11.45
N MET D 694 -39.05 12.57 -10.66
CA MET D 694 -37.82 13.36 -10.58
C MET D 694 -37.13 13.46 -11.93
N MET D 695 -36.99 12.32 -12.63
CA MET D 695 -36.31 12.34 -13.91
C MET D 695 -37.10 13.14 -14.95
N ASP D 696 -38.43 13.02 -14.94
CA ASP D 696 -39.23 13.78 -15.89
C ASP D 696 -39.12 15.27 -15.63
N ASN D 697 -39.11 15.67 -14.36
CA ASN D 697 -38.94 17.09 -14.04
C ASN D 697 -37.56 17.59 -14.48
N LEU D 698 -36.52 16.79 -14.26
CA LEU D 698 -35.16 17.23 -14.48
C LEU D 698 -34.68 17.10 -15.93
N GLN D 699 -35.39 16.32 -16.75
CA GLN D 699 -34.94 16.10 -18.12
C GLN D 699 -35.18 17.33 -18.99
N THR D 700 -36.44 17.66 -19.24
CA THR D 700 -36.78 18.84 -20.02
C THR D 700 -37.10 20.00 -19.09
N GLU D 701 -36.16 20.35 -18.21
CA GLU D 701 -36.43 21.41 -17.25
C GLU D 701 -36.56 22.76 -17.93
N THR D 702 -35.83 22.99 -19.01
CA THR D 702 -35.83 24.28 -19.68
C THR D 702 -37.08 24.39 -20.56
N VAL D 703 -38.03 25.20 -20.11
CA VAL D 703 -39.11 25.66 -20.97
C VAL D 703 -38.71 27.03 -21.50
N ILE D 704 -38.43 27.10 -22.80
CA ILE D 704 -37.83 28.30 -23.37
C ILE D 704 -38.69 28.83 -24.51
N ASN D 705 -38.86 30.15 -24.55
CA ASN D 705 -39.62 30.75 -25.63
C ASN D 705 -38.83 30.69 -26.94
N ARG D 706 -39.56 30.83 -28.04
CA ARG D 706 -39.01 30.73 -29.39
C ARG D 706 -39.22 32.04 -30.11
N ASP D 707 -38.98 32.03 -31.42
CA ASP D 707 -39.38 33.16 -32.25
C ASP D 707 -40.88 33.38 -32.16
N GLY D 708 -41.64 32.31 -31.98
CA GLY D 708 -43.07 32.41 -31.75
C GLY D 708 -43.52 31.55 -30.59
N GLN D 709 -44.29 32.14 -29.67
CA GLN D 709 -44.88 31.44 -28.52
C GLN D 709 -43.73 30.89 -27.65
N GLU D 710 -43.89 29.72 -27.06
CA GLU D 710 -42.88 29.13 -26.20
C GLU D 710 -42.75 27.63 -26.48
N GLU D 711 -41.56 27.11 -26.26
CA GLU D 711 -41.29 25.68 -26.47
C GLU D 711 -40.64 25.11 -25.22
N LYS D 712 -40.30 23.83 -25.29
CA LYS D 712 -39.55 23.14 -24.24
C LYS D 712 -38.50 22.29 -24.92
N GLN D 713 -37.29 22.27 -24.35
CA GLN D 713 -36.16 21.55 -24.91
C GLN D 713 -35.49 20.72 -23.82
N VAL D 714 -34.38 20.08 -24.20
CA VAL D 714 -33.56 19.38 -23.22
C VAL D 714 -32.90 20.39 -22.29
N SER D 715 -32.86 20.08 -21.00
CA SER D 715 -32.39 21.03 -20.02
C SER D 715 -30.87 21.18 -20.08
N PHE D 716 -30.41 22.36 -19.68
CA PHE D 716 -28.99 22.64 -19.51
C PHE D 716 -28.56 22.56 -18.05
N ASN D 717 -29.32 21.84 -17.23
CA ASN D 717 -28.94 21.61 -15.85
C ASN D 717 -27.61 20.89 -15.78
N SER D 718 -26.72 21.37 -14.90
CA SER D 718 -25.35 20.86 -14.87
C SER D 718 -25.30 19.39 -14.48
N ILE D 719 -26.08 18.99 -13.47
CA ILE D 719 -26.10 17.59 -13.07
C ILE D 719 -26.69 16.72 -14.16
N TYR D 720 -27.76 17.19 -14.81
CA TYR D 720 -28.34 16.43 -15.91
C TYR D 720 -27.36 16.34 -17.08
N MET D 721 -26.62 17.41 -17.36
CA MET D 721 -25.64 17.34 -18.43
C MET D 721 -24.53 16.35 -18.10
N MET D 722 -24.09 16.33 -16.85
CA MET D 722 -23.08 15.37 -16.42
C MET D 722 -23.56 13.94 -16.62
N ALA D 723 -24.83 13.68 -16.27
CA ALA D 723 -25.34 12.31 -16.40
C ALA D 723 -25.57 11.95 -17.86
N ASP D 724 -26.19 12.85 -18.63
CA ASP D 724 -26.54 12.57 -20.02
C ASP D 724 -25.30 12.41 -20.90
N SER D 725 -24.29 13.25 -20.70
CA SER D 725 -23.09 13.16 -21.51
C SER D 725 -22.34 11.85 -21.29
N GLY D 726 -22.55 11.18 -20.16
CA GLY D 726 -21.72 10.07 -19.79
C GLY D 726 -20.41 10.45 -19.16
N ALA D 727 -20.20 11.74 -18.85
CA ALA D 727 -18.95 12.18 -18.24
C ALA D 727 -18.80 11.60 -16.84
N ARG D 728 -19.86 11.66 -16.04
CA ARG D 728 -19.82 11.13 -14.68
C ARG D 728 -21.25 11.00 -14.16
N GLY D 729 -21.51 9.90 -13.46
CA GLY D 729 -22.79 9.70 -12.83
C GLY D 729 -23.74 8.86 -13.67
N SER D 730 -24.88 8.56 -13.07
CA SER D 730 -25.89 7.72 -13.70
C SER D 730 -27.27 8.12 -13.17
N ALA D 731 -28.27 7.31 -13.50
CA ALA D 731 -29.62 7.57 -13.00
C ALA D 731 -29.76 7.19 -11.54
N ALA D 732 -29.11 6.10 -11.13
CA ALA D 732 -29.23 5.64 -9.75
C ALA D 732 -28.65 6.67 -8.77
N GLN D 733 -27.49 7.23 -9.12
CA GLN D 733 -26.87 8.28 -8.26
C GLN D 733 -27.81 9.49 -8.17
N ILE D 734 -28.25 10.00 -9.32
CA ILE D 734 -29.13 11.21 -9.34
C ILE D 734 -30.43 10.90 -8.60
N ARG D 735 -30.96 9.68 -8.79
CA ARG D 735 -32.24 9.30 -8.13
C ARG D 735 -32.04 9.39 -6.61
N GLN D 736 -30.91 8.92 -6.10
CA GLN D 736 -30.61 9.05 -4.66
C GLN D 736 -30.45 10.52 -4.27
N LEU D 737 -29.77 11.32 -5.12
CA LEU D 737 -29.50 12.74 -4.78
C LEU D 737 -30.78 13.57 -4.71
N ALA D 738 -31.71 13.40 -5.66
CA ALA D 738 -32.92 14.27 -5.68
C ALA D 738 -34.17 13.46 -5.34
N GLY D 739 -34.10 12.13 -5.43
CA GLY D 739 -35.27 11.28 -5.10
C GLY D 739 -35.01 10.44 -3.87
N MET D 740 -35.84 9.43 -3.62
CA MET D 740 -35.69 8.64 -2.40
C MET D 740 -34.39 7.85 -2.44
N ARG D 741 -33.78 7.67 -1.27
CA ARG D 741 -32.62 6.80 -1.14
C ARG D 741 -33.00 5.34 -1.40
N GLY D 742 -34.24 4.99 -1.14
CA GLY D 742 -34.79 3.69 -1.54
C GLY D 742 -34.74 2.65 -0.45
N LEU D 743 -35.16 1.45 -0.83
CA LEU D 743 -35.12 0.29 0.04
C LEU D 743 -33.73 -0.33 0.02
N MET D 744 -33.16 -0.53 1.20
CA MET D 744 -31.90 -1.25 1.29
C MET D 744 -31.73 -1.78 2.70
N ALA D 745 -31.09 -2.94 2.80
CA ALA D 745 -30.72 -3.55 4.07
C ALA D 745 -29.73 -4.67 3.83
N LYS D 746 -28.60 -4.66 4.54
CA LYS D 746 -27.67 -5.77 4.40
C LYS D 746 -27.11 -6.24 5.75
N PRO D 747 -27.94 -6.50 6.76
CA PRO D 747 -27.40 -7.17 7.95
C PRO D 747 -27.17 -8.64 7.73
N ASP D 748 -28.10 -9.31 7.03
CA ASP D 748 -27.92 -10.69 6.60
C ASP D 748 -28.45 -10.92 5.20
N GLY D 749 -28.93 -9.88 4.52
CA GLY D 749 -29.51 -9.99 3.19
C GLY D 749 -30.98 -9.66 3.11
N SER D 750 -31.66 -9.48 4.23
CA SER D 750 -33.08 -9.14 4.21
C SER D 750 -33.27 -7.68 3.81
N ILE D 751 -34.53 -7.24 3.86
CA ILE D 751 -34.89 -5.87 3.50
C ILE D 751 -35.70 -5.27 4.64
N ILE D 752 -35.27 -4.10 5.11
CA ILE D 752 -36.04 -3.39 6.13
C ILE D 752 -37.34 -2.87 5.53
N GLU D 753 -38.42 -2.98 6.31
CA GLU D 753 -39.75 -2.63 5.82
C GLU D 753 -39.83 -1.15 5.42
N THR D 754 -39.62 -0.25 6.38
CA THR D 754 -39.69 1.18 6.09
C THR D 754 -38.39 1.63 5.42
N PRO D 755 -38.46 2.26 4.25
CA PRO D 755 -37.24 2.65 3.53
C PRO D 755 -36.77 4.03 3.95
N ILE D 756 -35.69 4.47 3.30
CA ILE D 756 -35.17 5.82 3.50
C ILE D 756 -35.85 6.73 2.48
N THR D 757 -36.77 7.56 2.96
CA THR D 757 -37.54 8.45 2.10
C THR D 757 -36.84 9.78 1.87
N ALA D 758 -35.61 9.93 2.34
CA ALA D 758 -34.85 11.17 2.20
C ALA D 758 -33.72 10.99 1.20
N ASN D 759 -33.43 12.04 0.46
CA ASN D 759 -32.29 12.07 -0.45
C ASN D 759 -31.07 12.62 0.29
N PHE D 760 -30.03 12.98 -0.45
CA PHE D 760 -28.87 13.62 0.13
C PHE D 760 -28.96 15.14 0.13
N ARG D 761 -29.78 15.72 -0.74
CA ARG D 761 -30.01 17.16 -0.67
C ARG D 761 -30.71 17.53 0.63
N GLU D 762 -31.73 16.77 1.01
CA GLU D 762 -32.23 16.81 2.38
C GLU D 762 -31.37 15.92 3.26
N GLY D 763 -31.40 16.19 4.56
CA GLY D 763 -30.62 15.38 5.47
C GLY D 763 -31.22 14.02 5.72
N LEU D 764 -30.40 13.13 6.24
CA LEU D 764 -30.85 11.85 6.76
C LEU D 764 -31.01 11.94 8.27
N ASN D 765 -31.86 11.08 8.81
CA ASN D 765 -31.95 10.93 10.25
C ASN D 765 -30.77 10.14 10.78
N VAL D 766 -30.66 10.09 12.11
CA VAL D 766 -29.68 9.21 12.73
C VAL D 766 -29.99 7.76 12.39
N LEU D 767 -31.27 7.39 12.43
CA LEU D 767 -31.66 6.01 12.14
C LEU D 767 -31.39 5.65 10.69
N GLN D 768 -31.70 6.54 9.75
CA GLN D 768 -31.47 6.23 8.34
C GLN D 768 -29.98 6.11 8.03
N TYR D 769 -29.17 7.00 8.59
CA TYR D 769 -27.72 6.89 8.41
C TYR D 769 -27.17 5.60 9.02
N PHE D 770 -27.66 5.23 10.20
CA PHE D 770 -27.24 3.98 10.81
C PHE D 770 -27.62 2.79 9.95
N ILE D 771 -28.79 2.86 9.31
CA ILE D 771 -29.22 1.79 8.41
C ILE D 771 -28.29 1.70 7.20
N SER D 772 -27.93 2.85 6.62
CA SER D 772 -27.09 2.85 5.43
C SER D 772 -25.65 2.41 5.73
N THR D 773 -25.21 2.57 6.98
CA THR D 773 -23.86 2.14 7.33
C THR D 773 -23.69 0.63 7.15
N HIS D 774 -24.76 -0.15 7.29
CA HIS D 774 -24.66 -1.59 7.10
C HIS D 774 -24.22 -1.93 5.69
N GLY D 775 -24.92 -1.37 4.69
CA GLY D 775 -24.54 -1.62 3.31
C GLY D 775 -23.18 -1.03 2.97
N ALA D 776 -22.87 0.14 3.53
CA ALA D 776 -21.55 0.72 3.29
C ALA D 776 -20.44 -0.21 3.76
N ARG D 777 -20.57 -0.72 5.00
CA ARG D 777 -19.57 -1.63 5.54
C ARG D 777 -19.50 -2.93 4.76
N LYS D 778 -20.66 -3.47 4.36
CA LYS D 778 -20.68 -4.71 3.60
C LYS D 778 -19.92 -4.54 2.29
N GLY D 779 -20.17 -3.46 1.57
CA GLY D 779 -19.44 -3.21 0.33
C GLY D 779 -17.95 -3.02 0.55
N LEU D 780 -17.58 -2.25 1.58
CA LEU D 780 -16.18 -1.97 1.82
C LEU D 780 -15.42 -3.22 2.26
N ALA D 781 -16.09 -4.12 2.99
CA ALA D 781 -15.44 -5.37 3.37
C ALA D 781 -15.37 -6.35 2.21
N ASP D 782 -16.38 -6.33 1.34
CA ASP D 782 -16.33 -7.17 0.14
C ASP D 782 -15.18 -6.75 -0.76
N THR D 783 -14.95 -5.45 -0.89
CA THR D 783 -13.86 -4.97 -1.74
C THR D 783 -12.50 -5.49 -1.29
N ALA D 784 -12.23 -5.48 0.01
CA ALA D 784 -10.90 -5.81 0.53
C ALA D 784 -10.68 -7.31 0.72
N LEU D 785 -11.67 -8.12 0.37
CA LEU D 785 -11.55 -9.60 0.55
C LEU D 785 -11.60 -10.31 -0.80
N LYS D 786 -12.41 -9.83 -1.74
CA LYS D 786 -12.56 -10.49 -3.06
C LYS D 786 -11.28 -10.33 -3.88
N THR D 787 -10.42 -9.36 -3.54
CA THR D 787 -9.21 -9.09 -4.36
C THR D 787 -8.31 -10.33 -4.42
N ALA D 788 -8.14 -11.03 -3.30
CA ALA D 788 -7.31 -12.26 -3.29
C ALA D 788 -7.94 -13.30 -4.21
N ASN D 789 -9.19 -13.67 -3.95
CA ASN D 789 -9.89 -14.65 -4.78
C ASN D 789 -9.73 -14.38 -6.27
N SER D 790 -9.70 -13.12 -6.68
CA SER D 790 -9.47 -12.79 -8.09
C SER D 790 -8.01 -12.97 -8.51
N GLY D 791 -7.06 -12.59 -7.65
CA GLY D 791 -5.66 -12.78 -7.98
C GLY D 791 -5.25 -14.23 -8.05
N TYR D 792 -5.80 -15.08 -7.18
CA TYR D 792 -5.51 -16.51 -7.26
C TYR D 792 -6.04 -17.10 -8.56
N LEU D 793 -7.24 -16.69 -8.97
CA LEU D 793 -7.79 -17.15 -10.24
C LEU D 793 -6.92 -16.71 -11.41
N THR D 794 -6.45 -15.46 -11.39
CA THR D 794 -5.58 -14.99 -12.46
C THR D 794 -4.27 -15.77 -12.49
N ARG D 795 -3.69 -16.07 -11.33
CA ARG D 795 -2.47 -16.86 -11.28
C ARG D 795 -2.70 -18.24 -11.90
N ARG D 796 -3.79 -18.90 -11.52
CA ARG D 796 -4.07 -20.23 -12.04
C ARG D 796 -4.28 -20.19 -13.56
N LEU D 797 -5.00 -19.20 -14.06
CA LEU D 797 -5.23 -19.09 -15.50
C LEU D 797 -3.92 -18.85 -16.23
N VAL D 798 -3.07 -17.95 -15.73
CA VAL D 798 -1.81 -17.66 -16.39
C VAL D 798 -0.94 -18.91 -16.40
N ASP D 799 -0.90 -19.63 -15.29
CA ASP D 799 -0.02 -20.80 -15.21
C ASP D 799 -0.53 -21.94 -16.09
N VAL D 800 -1.84 -22.02 -16.32
CA VAL D 800 -2.34 -23.07 -17.19
C VAL D 800 -2.20 -22.69 -18.66
N ALA D 801 -2.18 -21.39 -18.97
CA ALA D 801 -2.23 -20.97 -20.37
C ALA D 801 -0.92 -20.41 -20.90
N GLN D 802 0.12 -20.30 -20.08
CA GLN D 802 1.35 -19.66 -20.52
C GLN D 802 2.02 -20.34 -21.70
N ASP D 803 1.80 -21.64 -21.90
CA ASP D 803 2.45 -22.37 -22.99
C ASP D 803 1.59 -22.41 -24.25
N LEU D 804 1.15 -21.26 -24.74
CA LEU D 804 0.37 -21.19 -25.97
C LEU D 804 0.91 -20.06 -26.84
N VAL D 805 1.49 -20.42 -27.97
CA VAL D 805 2.05 -19.48 -28.92
C VAL D 805 1.53 -19.84 -30.31
N VAL D 806 1.29 -18.82 -31.13
CA VAL D 806 0.94 -19.03 -32.53
C VAL D 806 2.18 -19.49 -33.27
N THR D 807 2.24 -20.78 -33.61
CA THR D 807 3.42 -21.37 -34.22
C THR D 807 3.20 -21.83 -35.66
N GLU D 808 2.03 -21.57 -36.24
CA GLU D 808 1.73 -22.00 -37.59
C GLU D 808 0.97 -20.91 -38.30
N ASP D 809 0.97 -20.97 -39.64
CA ASP D 809 0.24 -20.02 -40.46
C ASP D 809 -1.17 -20.50 -40.75
N ASP D 810 -1.32 -21.75 -41.20
CA ASP D 810 -2.62 -22.34 -41.47
C ASP D 810 -2.51 -23.85 -41.39
N CYS D 811 -3.39 -24.47 -40.61
CA CYS D 811 -3.35 -25.92 -40.45
C CYS D 811 -4.14 -26.63 -41.54
N GLY D 812 -5.07 -25.92 -42.18
CA GLY D 812 -5.85 -26.48 -43.26
C GLY D 812 -7.04 -27.33 -42.84
N THR D 813 -7.30 -27.45 -41.54
CA THR D 813 -8.40 -28.27 -41.06
C THR D 813 -9.75 -27.69 -41.46
N HIS D 814 -10.75 -28.55 -41.64
CA HIS D 814 -12.10 -28.12 -41.98
C HIS D 814 -13.02 -28.07 -40.77
N GLU D 815 -12.52 -28.37 -39.58
CA GLU D 815 -13.35 -28.33 -38.38
C GLU D 815 -13.66 -26.90 -37.99
N GLY D 816 -14.77 -26.73 -37.27
CA GLY D 816 -15.20 -25.43 -36.83
C GLY D 816 -16.29 -25.53 -35.80
N ILE D 817 -16.83 -24.37 -35.43
CA ILE D 817 -17.89 -24.27 -34.43
C ILE D 817 -19.00 -23.39 -35.00
N MET D 818 -20.24 -23.76 -34.72
CA MET D 818 -21.38 -22.97 -35.18
C MET D 818 -21.56 -21.74 -34.29
N MET D 819 -21.81 -20.60 -34.91
CA MET D 819 -21.98 -19.34 -34.19
C MET D 819 -23.36 -18.79 -34.48
N THR D 820 -24.14 -18.56 -33.43
CA THR D 820 -25.49 -18.04 -33.53
C THR D 820 -25.66 -16.91 -32.52
N PRO D 821 -26.58 -15.99 -32.76
CA PRO D 821 -26.82 -14.92 -31.79
C PRO D 821 -27.36 -15.47 -30.48
N VAL D 822 -27.05 -14.78 -29.39
CA VAL D 822 -27.43 -15.20 -28.05
C VAL D 822 -28.83 -14.64 -27.79
N ILE D 823 -29.83 -15.50 -27.96
CA ILE D 823 -31.23 -15.14 -27.72
C ILE D 823 -31.69 -15.93 -26.50
N GLU D 824 -32.14 -15.21 -25.47
CA GLU D 824 -32.62 -15.83 -24.24
C GLU D 824 -34.12 -15.61 -24.14
N GLY D 825 -34.90 -16.68 -24.32
CA GLY D 825 -36.33 -16.56 -24.35
C GLY D 825 -36.79 -15.70 -25.50
N GLY D 826 -37.25 -14.48 -25.20
CA GLY D 826 -37.67 -13.56 -26.22
C GLY D 826 -36.76 -12.35 -26.38
N ASP D 827 -35.68 -12.31 -25.60
CA ASP D 827 -34.77 -11.17 -25.57
C ASP D 827 -33.40 -11.60 -26.05
N VAL D 828 -32.76 -10.74 -26.85
CA VAL D 828 -31.43 -11.02 -27.38
C VAL D 828 -30.39 -10.13 -26.72
N LYS D 829 -29.23 -10.70 -26.39
CA LYS D 829 -28.12 -9.93 -25.85
C LYS D 829 -26.96 -9.76 -26.81
N GLU D 830 -26.65 -10.74 -27.64
CA GLU D 830 -25.47 -10.66 -28.48
C GLU D 830 -25.81 -10.96 -29.93
N PRO D 831 -25.71 -9.97 -30.82
CA PRO D 831 -25.95 -10.23 -32.25
C PRO D 831 -24.86 -11.10 -32.84
N LEU D 832 -25.14 -11.61 -34.04
CA LEU D 832 -24.17 -12.48 -34.72
C LEU D 832 -22.90 -11.73 -35.08
N ARG D 833 -23.00 -10.43 -35.36
CA ARG D 833 -21.83 -9.67 -35.79
C ARG D 833 -20.76 -9.64 -34.70
N ASP D 834 -21.16 -9.43 -33.45
CA ASP D 834 -20.19 -9.39 -32.36
C ASP D 834 -19.49 -10.72 -32.17
N ARG D 835 -20.24 -11.82 -32.24
CA ARG D 835 -19.67 -13.14 -32.05
C ARG D 835 -18.90 -13.63 -33.25
N VAL D 836 -19.05 -12.99 -34.41
CA VAL D 836 -18.45 -13.45 -35.64
C VAL D 836 -17.30 -12.57 -36.13
N LEU D 837 -17.30 -11.28 -35.79
CA LEU D 837 -16.31 -10.35 -36.32
C LEU D 837 -14.89 -10.80 -36.01
N GLY D 838 -14.02 -10.70 -37.01
CA GLY D 838 -12.63 -11.10 -36.87
C GLY D 838 -12.41 -12.60 -36.71
N ARG D 839 -13.22 -13.41 -37.38
CA ARG D 839 -13.07 -14.86 -37.35
C ARG D 839 -12.97 -15.37 -38.77
N VAL D 840 -12.42 -16.57 -38.91
CA VAL D 840 -12.19 -17.19 -40.21
C VAL D 840 -13.25 -18.26 -40.42
N THR D 841 -13.87 -18.24 -41.60
CA THR D 841 -14.98 -19.15 -41.87
C THR D 841 -14.48 -20.56 -42.12
N ALA D 842 -15.05 -21.53 -41.41
CA ALA D 842 -14.69 -22.92 -41.64
C ALA D 842 -15.39 -23.48 -42.86
N GLU D 843 -16.53 -22.91 -43.23
CA GLU D 843 -17.33 -23.37 -44.36
C GLU D 843 -17.92 -22.17 -45.10
N ASP D 844 -18.34 -22.41 -46.34
CA ASP D 844 -18.96 -21.37 -47.13
C ASP D 844 -20.31 -20.97 -46.53
N VAL D 845 -20.64 -19.69 -46.67
CA VAL D 845 -21.85 -19.11 -46.13
C VAL D 845 -22.85 -18.97 -47.28
N LEU D 846 -23.96 -19.69 -47.19
CA LEU D 846 -24.98 -19.65 -48.22
C LEU D 846 -26.12 -18.74 -47.79
N LYS D 847 -26.64 -17.94 -48.72
CA LYS D 847 -27.84 -17.17 -48.46
C LYS D 847 -29.05 -18.09 -48.51
N PRO D 848 -30.21 -17.62 -48.04
CA PRO D 848 -31.44 -18.42 -48.19
C PRO D 848 -31.67 -18.92 -49.62
N GLY D 849 -31.27 -18.15 -50.62
CA GLY D 849 -31.23 -18.66 -51.98
C GLY D 849 -30.19 -19.77 -52.09
N THR D 850 -30.63 -20.95 -52.53
CA THR D 850 -29.77 -22.12 -52.52
C THR D 850 -28.69 -22.02 -53.58
N ALA D 851 -27.59 -22.76 -53.37
CA ALA D 851 -26.45 -22.75 -54.33
C ALA D 851 -25.67 -21.43 -54.21
N ASP D 852 -26.37 -20.31 -54.05
CA ASP D 852 -25.71 -18.98 -53.96
C ASP D 852 -24.84 -18.93 -52.69
N ILE D 853 -23.61 -18.41 -52.80
CA ILE D 853 -22.72 -18.28 -51.61
C ILE D 853 -22.27 -16.82 -51.51
N LEU D 854 -22.66 -16.12 -50.43
CA LEU D 854 -22.28 -14.69 -50.24
C LEU D 854 -20.77 -14.58 -49.98
N VAL D 855 -20.19 -15.49 -49.18
CA VAL D 855 -18.75 -15.32 -48.81
C VAL D 855 -17.96 -16.60 -49.14
N PRO D 856 -16.62 -16.53 -49.30
CA PRO D 856 -15.79 -17.71 -49.55
C PRO D 856 -15.42 -18.42 -48.24
N ARG D 857 -14.55 -19.43 -48.30
CA ARG D 857 -14.18 -20.21 -47.10
C ARG D 857 -12.84 -19.70 -46.53
N ASN D 858 -12.39 -20.29 -45.42
CA ASN D 858 -11.11 -19.88 -44.77
C ASN D 858 -10.87 -18.38 -45.02
N THR D 859 -11.88 -17.55 -44.77
CA THR D 859 -11.74 -16.09 -44.95
C THR D 859 -12.01 -15.36 -43.63
N LEU D 860 -11.09 -14.49 -43.21
CA LEU D 860 -11.33 -13.69 -41.98
C LEU D 860 -12.49 -12.73 -42.26
N LEU D 861 -13.39 -12.55 -41.29
CA LEU D 861 -14.58 -11.68 -41.50
C LEU D 861 -14.35 -10.34 -40.82
N HIS D 862 -14.37 -9.25 -41.58
CA HIS D 862 -14.13 -7.89 -41.02
C HIS D 862 -15.43 -7.08 -41.06
N GLU D 863 -15.32 -5.75 -40.95
CA GLU D 863 -16.51 -4.90 -40.92
C GLU D 863 -17.28 -4.96 -42.24
N GLN D 864 -16.58 -5.01 -43.37
CA GLN D 864 -17.26 -5.07 -44.66
C GLN D 864 -18.02 -6.38 -44.83
N TRP D 865 -17.36 -7.50 -44.53
CA TRP D 865 -18.02 -8.80 -44.65
C TRP D 865 -19.17 -8.94 -43.66
N CYS D 866 -18.98 -8.44 -42.44
CA CYS D 866 -20.04 -8.49 -41.45
C CYS D 866 -21.24 -7.64 -41.89
N ASP D 867 -20.98 -6.47 -42.45
CA ASP D 867 -22.07 -5.66 -42.98
C ASP D 867 -22.77 -6.35 -44.14
N LEU D 868 -22.00 -7.00 -45.01
CA LEU D 868 -22.60 -7.69 -46.14
C LEU D 868 -23.50 -8.83 -45.68
N LEU D 869 -23.05 -9.60 -44.69
CA LEU D 869 -23.89 -10.69 -44.19
C LEU D 869 -25.02 -10.18 -43.30
N GLU D 870 -24.92 -8.96 -42.77
CA GLU D 870 -26.02 -8.38 -42.02
C GLU D 870 -27.13 -7.89 -42.94
N GLU D 871 -26.78 -7.47 -44.16
CA GLU D 871 -27.80 -7.08 -45.13
C GLU D 871 -28.70 -8.27 -45.48
N ASN D 872 -28.09 -9.44 -45.66
CA ASN D 872 -28.86 -10.67 -45.89
C ASN D 872 -29.37 -11.19 -44.56
N SER D 873 -29.92 -12.40 -44.55
CA SER D 873 -30.56 -12.97 -43.37
C SER D 873 -29.85 -14.24 -42.90
N VAL D 874 -28.53 -14.23 -42.88
CA VAL D 874 -27.79 -15.37 -42.37
C VAL D 874 -27.81 -15.35 -40.85
N ASP D 875 -28.12 -16.50 -40.25
CA ASP D 875 -28.25 -16.61 -38.81
C ASP D 875 -27.16 -17.46 -38.15
N ALA D 876 -26.60 -18.43 -38.87
CA ALA D 876 -25.55 -19.28 -38.34
C ALA D 876 -24.34 -19.25 -39.27
N VAL D 877 -23.16 -19.08 -38.69
CA VAL D 877 -21.91 -19.08 -39.43
C VAL D 877 -20.96 -20.07 -38.74
N LYS D 878 -20.33 -20.92 -39.53
CA LYS D 878 -19.36 -21.88 -39.02
C LYS D 878 -17.97 -21.24 -39.08
N VAL D 879 -17.34 -21.10 -37.92
CA VAL D 879 -16.03 -20.46 -37.81
C VAL D 879 -15.09 -21.42 -37.10
N ARG D 880 -13.83 -21.44 -37.54
CA ARG D 880 -12.85 -22.32 -36.93
C ARG D 880 -12.35 -21.74 -35.60
N SER D 881 -12.05 -22.63 -34.68
CA SER D 881 -11.67 -22.26 -33.32
C SER D 881 -10.35 -22.90 -32.96
N VAL D 882 -9.79 -22.48 -31.82
CA VAL D 882 -8.50 -23.02 -31.39
C VAL D 882 -8.67 -24.40 -30.76
N VAL D 883 -9.90 -24.75 -30.38
CA VAL D 883 -10.13 -26.07 -29.80
C VAL D 883 -10.09 -27.15 -30.87
N SER D 884 -10.12 -26.76 -32.14
CA SER D 884 -10.00 -27.69 -33.25
C SER D 884 -8.84 -27.36 -34.18
N CYS D 885 -7.80 -26.69 -33.63
CA CYS D 885 -6.65 -26.25 -34.47
C CYS D 885 -6.08 -27.41 -35.28
N ASP D 886 -5.96 -28.59 -34.66
CA ASP D 886 -5.38 -29.78 -35.35
C ASP D 886 -3.86 -29.61 -35.41
N THR D 887 -3.32 -28.62 -34.70
CA THR D 887 -1.84 -28.43 -34.64
C THR D 887 -1.36 -28.67 -33.21
N ASP D 888 -0.37 -29.56 -33.04
CA ASP D 888 0.13 -29.90 -31.68
C ASP D 888 1.12 -28.83 -31.21
N PHE D 889 1.25 -28.64 -29.89
CA PHE D 889 2.26 -27.70 -29.34
C PHE D 889 2.07 -26.30 -29.93
N GLY D 890 0.82 -25.83 -30.04
CA GLY D 890 0.57 -24.46 -30.53
C GLY D 890 -0.70 -24.34 -31.34
N VAL D 891 -1.02 -23.14 -31.83
CA VAL D 891 -2.21 -22.94 -32.63
C VAL D 891 -1.80 -22.36 -33.97
N CYS D 892 -2.70 -22.43 -34.95
CA CYS D 892 -2.45 -21.80 -36.24
C CYS D 892 -2.91 -20.34 -36.19
N ALA D 893 -2.41 -19.53 -37.12
CA ALA D 893 -2.82 -18.14 -37.19
C ALA D 893 -4.19 -18.00 -37.86
N HIS D 894 -4.73 -19.08 -38.42
CA HIS D 894 -6.04 -19.01 -39.06
C HIS D 894 -7.15 -19.52 -38.15
N CYS D 895 -6.85 -20.50 -37.29
CA CYS D 895 -7.81 -20.94 -36.30
C CYS D 895 -8.01 -19.90 -35.21
N TYR D 896 -7.02 -19.05 -34.99
CA TYR D 896 -7.14 -17.85 -34.17
C TYR D 896 -7.37 -16.70 -35.12
N GLY D 897 -8.42 -15.93 -34.90
CA GLY D 897 -8.74 -14.84 -35.79
C GLY D 897 -7.74 -13.71 -35.70
N ARG D 898 -8.20 -12.51 -36.01
CA ARG D 898 -7.37 -11.33 -35.80
C ARG D 898 -7.18 -11.08 -34.32
N ASP D 899 -6.01 -10.55 -33.95
CA ASP D 899 -5.82 -10.10 -32.59
C ASP D 899 -6.60 -8.82 -32.36
N LEU D 900 -7.21 -8.71 -31.19
CA LEU D 900 -8.12 -7.59 -30.94
C LEU D 900 -7.38 -6.26 -30.84
N ALA D 901 -6.07 -6.29 -30.62
CA ALA D 901 -5.32 -5.05 -30.43
C ALA D 901 -4.97 -4.40 -31.76
N ARG D 902 -5.00 -5.15 -32.85
CA ARG D 902 -4.70 -4.64 -34.19
C ARG D 902 -5.61 -5.32 -35.19
N GLY D 903 -6.15 -4.54 -36.13
CA GLY D 903 -7.16 -5.08 -37.02
C GLY D 903 -6.68 -6.21 -37.92
N HIS D 904 -5.38 -6.38 -38.05
CA HIS D 904 -4.84 -7.41 -38.93
C HIS D 904 -4.88 -8.78 -38.26
N ILE D 905 -4.68 -9.83 -39.07
CA ILE D 905 -4.63 -11.18 -38.53
C ILE D 905 -3.37 -11.35 -37.70
N ILE D 906 -3.43 -12.23 -36.70
CA ILE D 906 -2.34 -12.35 -35.75
C ILE D 906 -1.12 -13.00 -36.40
N ASN D 907 0.06 -12.61 -35.93
CA ASN D 907 1.32 -13.10 -36.47
C ASN D 907 1.86 -14.25 -35.62
N LYS D 908 2.78 -15.01 -36.21
CA LYS D 908 3.43 -16.09 -35.50
C LYS D 908 4.34 -15.56 -34.40
N GLY D 909 4.38 -16.27 -33.29
CA GLY D 909 5.20 -15.86 -32.16
C GLY D 909 4.50 -15.05 -31.10
N GLU D 910 3.18 -14.92 -31.18
CA GLU D 910 2.42 -14.14 -30.21
C GLU D 910 1.94 -15.06 -29.10
N ALA D 911 2.18 -14.68 -27.86
CA ALA D 911 1.75 -15.47 -26.71
C ALA D 911 0.28 -15.23 -26.41
N ILE D 912 -0.59 -16.03 -27.03
CA ILE D 912 -2.03 -15.82 -26.92
C ILE D 912 -2.54 -16.30 -25.57
N GLY D 913 -1.84 -17.25 -24.94
CA GLY D 913 -2.29 -17.76 -23.67
C GLY D 913 -2.24 -16.73 -22.55
N VAL D 914 -1.14 -15.98 -22.49
CA VAL D 914 -1.03 -14.92 -21.50
C VAL D 914 -2.04 -13.81 -21.78
N ILE D 915 -2.27 -13.49 -23.04
CA ILE D 915 -3.27 -12.49 -23.39
C ILE D 915 -4.65 -12.94 -22.91
N ALA D 916 -5.00 -14.21 -23.16
CA ALA D 916 -6.30 -14.71 -22.75
C ALA D 916 -6.46 -14.72 -21.24
N ALA D 917 -5.42 -15.16 -20.53
CA ALA D 917 -5.48 -15.19 -19.07
C ALA D 917 -5.65 -13.79 -18.50
N GLN D 918 -4.88 -12.83 -19.02
CA GLN D 918 -4.97 -11.45 -18.52
C GLN D 918 -6.31 -10.83 -18.85
N SER D 919 -6.85 -11.10 -20.05
CA SER D 919 -8.11 -10.48 -20.44
C SER D 919 -9.27 -11.06 -19.65
N ILE D 920 -9.22 -12.36 -19.33
CA ILE D 920 -10.25 -12.92 -18.47
C ILE D 920 -10.12 -12.43 -17.03
N GLY D 921 -8.89 -12.32 -16.53
CA GLY D 921 -8.69 -12.01 -15.13
C GLY D 921 -8.62 -10.56 -14.74
N GLU D 922 -8.51 -9.65 -15.71
CA GLU D 922 -8.47 -8.23 -15.38
C GLU D 922 -9.77 -7.76 -14.73
N PRO D 923 -10.96 -8.10 -15.25
CA PRO D 923 -12.17 -7.90 -14.44
C PRO D 923 -12.22 -8.93 -13.32
N GLY D 924 -13.28 -8.93 -12.52
CA GLY D 924 -13.31 -9.83 -11.39
C GLY D 924 -13.15 -9.06 -10.11
N THR D 925 -12.28 -8.07 -10.13
CA THR D 925 -12.25 -7.08 -9.06
C THR D 925 -13.55 -6.28 -9.02
N GLN D 926 -14.22 -6.15 -10.18
CA GLN D 926 -15.49 -5.45 -10.27
C GLN D 926 -16.67 -6.42 -10.38
N LEU D 927 -16.43 -7.72 -10.32
CA LEU D 927 -17.52 -8.68 -10.27
C LEU D 927 -18.06 -8.77 -8.84
N THR D 928 -19.38 -8.73 -8.71
CA THR D 928 -20.02 -8.56 -7.40
C THR D 928 -19.96 -9.80 -6.52
N MET D 929 -19.17 -10.82 -6.84
CA MET D 929 -19.06 -12.03 -6.01
C MET D 929 -20.38 -12.80 -5.89
N ALA D 942 -42.86 -17.42 -11.26
CA ALA D 942 -43.95 -17.11 -12.18
C ALA D 942 -44.88 -18.30 -12.35
N ALA D 943 -45.96 -18.34 -11.57
CA ALA D 943 -46.92 -19.43 -11.65
C ALA D 943 -47.71 -19.41 -12.96
N GLU D 944 -47.67 -18.31 -13.71
CA GLU D 944 -48.39 -18.26 -14.97
C GLU D 944 -47.67 -19.10 -16.02
N SER D 945 -48.42 -19.99 -16.66
CA SER D 945 -47.87 -20.85 -17.71
C SER D 945 -48.05 -20.26 -19.10
N SER D 946 -48.69 -19.10 -19.22
CA SER D 946 -48.88 -18.47 -20.52
C SER D 946 -47.55 -17.95 -21.05
N ILE D 947 -47.37 -18.06 -22.37
CA ILE D 947 -46.16 -17.60 -23.04
C ILE D 947 -46.54 -16.40 -23.89
N GLN D 948 -45.96 -15.24 -23.57
CA GLN D 948 -46.21 -14.02 -24.31
C GLN D 948 -45.24 -13.88 -25.47
N VAL D 949 -45.71 -13.22 -26.52
CA VAL D 949 -44.91 -13.01 -27.74
C VAL D 949 -44.79 -11.51 -27.96
N LYS D 950 -43.55 -11.04 -28.14
CA LYS D 950 -43.30 -9.61 -28.25
C LYS D 950 -43.78 -9.07 -29.60
N ASN D 951 -43.46 -9.76 -30.69
CA ASN D 951 -43.72 -9.26 -32.03
C ASN D 951 -44.42 -10.32 -32.86
N LYS D 952 -45.04 -9.88 -33.95
CA LYS D 952 -45.82 -10.76 -34.81
C LYS D 952 -44.93 -11.62 -35.69
N GLY D 953 -44.32 -12.65 -35.11
CA GLY D 953 -43.51 -13.59 -35.87
C GLY D 953 -44.10 -14.99 -35.85
N SER D 954 -44.19 -15.62 -37.02
CA SER D 954 -44.78 -16.95 -37.12
C SER D 954 -43.99 -17.96 -36.30
N ILE D 955 -44.71 -18.78 -35.53
CA ILE D 955 -44.05 -19.76 -34.68
C ILE D 955 -43.46 -20.87 -35.54
N LYS D 956 -42.27 -21.33 -35.14
CA LYS D 956 -41.57 -22.42 -35.81
C LYS D 956 -41.26 -23.49 -34.77
N LEU D 957 -42.17 -24.46 -34.63
CA LEU D 957 -42.02 -25.53 -33.65
C LEU D 957 -41.15 -26.63 -34.25
N SER D 958 -39.98 -26.84 -33.67
CA SER D 958 -39.04 -27.86 -34.13
C SER D 958 -38.81 -28.89 -33.04
N ASN D 959 -38.43 -30.10 -33.48
CA ASN D 959 -38.19 -31.24 -32.60
C ASN D 959 -39.43 -31.54 -31.75
N VAL D 960 -40.52 -31.86 -32.45
CA VAL D 960 -41.80 -32.11 -31.82
C VAL D 960 -42.43 -33.36 -32.42
N LYS D 961 -43.36 -33.94 -31.68
CA LYS D 961 -44.11 -35.12 -32.11
C LYS D 961 -45.59 -34.76 -32.18
N SER D 962 -46.20 -35.03 -33.33
CA SER D 962 -47.60 -34.68 -33.55
C SER D 962 -48.50 -35.81 -33.06
N VAL D 963 -49.32 -35.52 -32.05
CA VAL D 963 -50.27 -36.48 -31.50
C VAL D 963 -51.65 -35.83 -31.52
N VAL D 964 -52.63 -36.56 -32.05
CA VAL D 964 -53.99 -36.04 -32.13
C VAL D 964 -54.60 -35.99 -30.74
N ASN D 965 -55.15 -34.83 -30.38
CA ASN D 965 -55.77 -34.62 -29.09
C ASN D 965 -57.29 -34.68 -29.24
N SER D 966 -58.00 -34.37 -28.15
CA SER D 966 -59.46 -34.35 -28.18
C SER D 966 -60.00 -33.20 -29.03
N SER D 967 -59.18 -32.22 -29.36
CA SER D 967 -59.60 -31.10 -30.18
C SER D 967 -58.68 -30.94 -31.39
N GLY D 968 -58.82 -29.83 -32.12
CA GLY D 968 -57.98 -29.60 -33.28
C GLY D 968 -56.52 -29.38 -32.95
N LYS D 969 -56.21 -29.02 -31.71
CA LYS D 969 -54.83 -28.81 -31.30
C LYS D 969 -54.12 -30.15 -31.12
N LEU D 970 -52.80 -30.10 -31.05
CA LEU D 970 -51.95 -31.27 -30.88
C LEU D 970 -51.17 -31.17 -29.58
N VAL D 971 -50.79 -32.33 -29.05
CA VAL D 971 -50.02 -32.41 -27.81
C VAL D 971 -48.68 -33.07 -28.13
N ILE D 972 -47.60 -32.45 -27.66
CA ILE D 972 -46.26 -32.93 -27.94
C ILE D 972 -45.82 -33.90 -26.86
N THR D 973 -45.35 -35.08 -27.26
CA THR D 973 -44.90 -36.11 -26.35
C THR D 973 -43.38 -36.16 -26.22
N SER D 974 -42.65 -35.23 -26.83
CA SER D 974 -41.20 -35.21 -26.80
C SER D 974 -40.73 -34.24 -25.72
N ARG D 975 -39.80 -34.69 -24.87
CA ARG D 975 -39.32 -33.86 -23.78
C ARG D 975 -38.57 -32.63 -24.30
N ASN D 976 -37.76 -32.81 -25.34
CA ASN D 976 -36.98 -31.72 -25.91
C ASN D 976 -37.75 -31.09 -27.07
N THR D 977 -38.10 -29.82 -26.92
CA THR D 977 -38.84 -29.09 -27.95
C THR D 977 -38.25 -27.70 -28.10
N GLU D 978 -38.41 -27.14 -29.30
CA GLU D 978 -37.87 -25.83 -29.64
C GLU D 978 -38.93 -24.98 -30.32
N LEU D 979 -38.97 -23.70 -29.96
CA LEU D 979 -39.87 -22.73 -30.57
C LEU D 979 -39.04 -21.60 -31.17
N LYS D 980 -39.54 -21.05 -32.28
CA LYS D 980 -38.83 -19.98 -32.97
C LYS D 980 -39.85 -19.03 -33.58
N LEU D 981 -39.39 -17.82 -33.91
CA LEU D 981 -40.22 -16.79 -34.51
C LEU D 981 -39.63 -16.41 -35.86
N ILE D 982 -40.39 -16.60 -36.92
CA ILE D 982 -40.04 -16.19 -38.27
C ILE D 982 -41.08 -15.18 -38.72
N ASP D 983 -40.67 -13.94 -38.95
CA ASP D 983 -41.59 -12.87 -39.32
C ASP D 983 -41.40 -12.42 -40.76
N GLU D 984 -40.18 -12.01 -41.13
CA GLU D 984 -39.92 -11.56 -42.49
C GLU D 984 -38.74 -12.32 -43.09
N PHE D 985 -37.79 -12.69 -42.22
CA PHE D 985 -36.56 -13.40 -42.69
C PHE D 985 -36.30 -14.65 -41.85
N GLY D 986 -35.15 -15.30 -42.04
CA GLY D 986 -34.81 -16.54 -41.31
C GLY D 986 -34.56 -16.32 -39.83
N ARG D 987 -34.23 -15.09 -39.42
CA ARG D 987 -33.86 -14.83 -38.00
C ARG D 987 -35.04 -15.18 -37.09
N THR D 988 -34.76 -15.77 -35.93
CA THR D 988 -35.83 -16.16 -34.97
C THR D 988 -35.93 -15.11 -33.86
N LYS D 989 -37.07 -14.44 -33.75
CA LYS D 989 -37.26 -13.37 -32.73
C LYS D 989 -37.27 -13.97 -31.32
N GLU D 990 -37.92 -15.13 -31.13
CA GLU D 990 -38.05 -15.69 -29.75
C GLU D 990 -37.74 -17.20 -29.76
N SER D 991 -37.42 -17.75 -28.58
CA SER D 991 -37.11 -19.21 -28.47
C SER D 991 -37.95 -19.83 -27.35
N TYR D 992 -37.78 -19.37 -26.10
CA TYR D 992 -38.51 -19.93 -24.98
C TYR D 992 -38.26 -21.43 -24.84
N LYS D 993 -39.26 -22.15 -24.32
CA LYS D 993 -39.13 -23.59 -24.10
C LYS D 993 -40.52 -24.18 -23.90
N VAL D 994 -40.67 -25.44 -24.29
CA VAL D 994 -41.95 -26.13 -24.19
C VAL D 994 -41.74 -27.50 -23.57
N PRO D 995 -42.34 -27.77 -22.42
CA PRO D 995 -42.20 -29.09 -21.79
C PRO D 995 -43.12 -30.11 -22.47
N TYR D 996 -43.01 -31.36 -22.02
CA TYR D 996 -43.84 -32.42 -22.56
C TYR D 996 -45.29 -32.25 -22.10
N GLY D 997 -46.20 -32.79 -22.91
CA GLY D 997 -47.61 -32.68 -22.59
C GLY D 997 -48.20 -31.30 -22.79
N ALA D 998 -47.61 -30.48 -23.64
CA ALA D 998 -48.09 -29.13 -23.87
C ALA D 998 -49.07 -29.09 -25.05
N VAL D 999 -49.98 -28.13 -25.00
CA VAL D 999 -50.98 -27.92 -26.04
C VAL D 999 -50.73 -26.55 -26.66
N LEU D 1000 -50.52 -26.53 -27.97
CA LEU D 1000 -50.23 -25.28 -28.67
C LEU D 1000 -51.52 -24.55 -29.00
N ALA D 1001 -51.59 -23.26 -28.68
CA ALA D 1001 -52.77 -22.48 -28.98
C ALA D 1001 -52.93 -22.28 -30.48
N LYS D 1002 -51.82 -22.02 -31.18
CA LYS D 1002 -51.83 -21.81 -32.63
C LYS D 1002 -50.93 -22.84 -33.28
N GLY D 1003 -51.33 -23.31 -34.47
CA GLY D 1003 -50.57 -24.32 -35.16
C GLY D 1003 -49.24 -23.80 -35.68
N ASP D 1004 -48.34 -24.74 -35.96
CA ASP D 1004 -47.02 -24.39 -36.46
C ASP D 1004 -47.13 -23.74 -37.84
N GLY D 1005 -46.33 -22.70 -38.05
CA GLY D 1005 -46.34 -21.95 -39.29
C GLY D 1005 -47.39 -20.86 -39.37
N GLU D 1006 -48.23 -20.70 -38.36
CA GLU D 1006 -49.24 -19.66 -38.35
C GLU D 1006 -48.64 -18.34 -37.88
N GLN D 1007 -48.91 -17.28 -38.63
CA GLN D 1007 -48.37 -15.95 -38.31
C GLN D 1007 -49.18 -15.37 -37.16
N VAL D 1008 -48.73 -15.65 -35.94
CA VAL D 1008 -49.38 -15.11 -34.76
C VAL D 1008 -49.19 -13.60 -34.71
N ALA D 1009 -50.26 -12.88 -34.40
CA ALA D 1009 -50.22 -11.42 -34.37
C ALA D 1009 -49.35 -10.86 -33.25
N GLY D 1010 -48.95 -11.69 -32.29
CA GLY D 1010 -48.11 -11.20 -31.20
C GLY D 1010 -48.93 -10.71 -30.03
N GLY D 1011 -48.34 -10.81 -28.85
CA GLY D 1011 -49.02 -10.44 -27.63
C GLY D 1011 -50.08 -11.41 -27.18
N GLU D 1012 -50.10 -12.62 -27.75
CA GLU D 1012 -51.08 -13.64 -27.40
C GLU D 1012 -50.38 -14.96 -27.17
N THR D 1013 -50.99 -15.80 -26.34
CA THR D 1013 -50.41 -17.09 -26.01
C THR D 1013 -50.38 -17.99 -27.24
N VAL D 1014 -49.24 -18.66 -27.45
CA VAL D 1014 -49.10 -19.59 -28.57
C VAL D 1014 -49.14 -21.05 -28.13
N ALA D 1015 -48.81 -21.34 -26.87
CA ALA D 1015 -48.87 -22.70 -26.35
C ALA D 1015 -49.18 -22.65 -24.88
N ASN D 1016 -50.05 -23.55 -24.42
CA ASN D 1016 -50.48 -23.60 -23.04
C ASN D 1016 -50.30 -25.00 -22.49
N TRP D 1017 -49.82 -25.09 -21.25
CA TRP D 1017 -49.60 -26.36 -20.59
C TRP D 1017 -49.69 -26.15 -19.09
N ASP D 1018 -49.81 -27.26 -18.37
CA ASP D 1018 -49.87 -27.19 -16.91
C ASP D 1018 -48.49 -26.81 -16.37
N PRO D 1019 -48.38 -25.74 -15.57
CA PRO D 1019 -47.09 -25.37 -15.00
C PRO D 1019 -46.66 -26.24 -13.83
N HIS D 1020 -47.47 -27.21 -13.42
CA HIS D 1020 -47.16 -28.06 -12.28
C HIS D 1020 -47.01 -29.53 -12.64
N THR D 1021 -47.67 -30.00 -13.69
CA THR D 1021 -47.67 -31.42 -14.03
C THR D 1021 -47.54 -31.59 -15.54
N MET D 1022 -46.95 -32.71 -15.94
CA MET D 1022 -46.86 -33.08 -17.35
C MET D 1022 -47.86 -34.18 -17.62
N PRO D 1023 -48.93 -33.92 -18.38
CA PRO D 1023 -49.95 -34.96 -18.59
C PRO D 1023 -49.43 -36.13 -19.40
N VAL D 1024 -50.03 -37.29 -19.16
CA VAL D 1024 -49.69 -38.52 -19.86
C VAL D 1024 -50.75 -38.77 -20.92
N ILE D 1025 -50.31 -38.82 -22.18
CA ILE D 1025 -51.25 -38.96 -23.29
C ILE D 1025 -51.55 -40.44 -23.52
N THR D 1026 -52.83 -40.74 -23.74
CA THR D 1026 -53.30 -42.09 -23.99
C THR D 1026 -53.17 -42.40 -25.48
N GLU D 1027 -52.40 -43.44 -25.81
CA GLU D 1027 -52.18 -43.78 -27.21
C GLU D 1027 -53.42 -44.40 -27.84
N VAL D 1028 -54.24 -45.09 -27.05
CA VAL D 1028 -55.43 -45.77 -27.54
C VAL D 1028 -56.66 -45.05 -26.97
N SER D 1029 -57.61 -44.74 -27.85
CA SER D 1029 -58.83 -44.06 -27.45
C SER D 1029 -59.90 -45.08 -27.13
N GLY D 1030 -60.52 -44.94 -25.96
CA GLY D 1030 -61.57 -45.84 -25.53
C GLY D 1030 -61.60 -45.92 -24.02
N PHE D 1031 -62.24 -46.99 -23.54
CA PHE D 1031 -62.38 -47.19 -22.10
C PHE D 1031 -61.03 -47.41 -21.44
N VAL D 1032 -60.88 -46.88 -20.24
CA VAL D 1032 -59.66 -47.06 -19.47
C VAL D 1032 -59.70 -48.42 -18.77
N ARG D 1033 -58.66 -49.22 -18.97
CA ARG D 1033 -58.58 -50.56 -18.39
C ARG D 1033 -57.73 -50.49 -17.13
N PHE D 1034 -58.36 -50.67 -15.98
CA PHE D 1034 -57.69 -50.68 -14.69
C PHE D 1034 -57.54 -52.12 -14.23
N THR D 1035 -56.30 -52.51 -13.92
CA THR D 1035 -55.98 -53.87 -13.52
C THR D 1035 -55.51 -53.89 -12.08
N ASP D 1036 -56.02 -54.84 -11.30
CA ASP D 1036 -55.67 -55.01 -9.89
C ASP D 1036 -55.95 -53.74 -9.09
N MET D 1037 -57.22 -53.35 -9.08
CA MET D 1037 -57.68 -52.20 -8.33
C MET D 1037 -58.08 -52.65 -6.93
N ILE D 1038 -57.27 -52.31 -5.94
CA ILE D 1038 -57.50 -52.70 -4.55
C ILE D 1038 -58.05 -51.49 -3.80
N ASP D 1039 -59.18 -51.69 -3.13
CA ASP D 1039 -59.85 -50.62 -2.39
C ASP D 1039 -59.46 -50.68 -0.92
N GLY D 1040 -59.12 -49.53 -0.35
CA GLY D 1040 -58.69 -49.42 1.03
C GLY D 1040 -57.19 -49.35 1.21
N GLN D 1041 -56.42 -49.80 0.23
CA GLN D 1041 -54.96 -49.70 0.26
C GLN D 1041 -54.42 -48.87 -0.89
N THR D 1042 -54.88 -49.12 -2.12
CA THR D 1042 -54.47 -48.35 -3.28
C THR D 1042 -55.56 -47.39 -3.76
N ILE D 1043 -56.51 -47.06 -2.88
CA ILE D 1043 -57.59 -46.13 -3.20
C ILE D 1043 -57.62 -45.05 -2.14
N THR D 1044 -57.60 -43.79 -2.56
CA THR D 1044 -57.63 -42.64 -1.66
C THR D 1044 -58.71 -41.68 -2.15
N ARG D 1045 -59.82 -41.63 -1.44
CA ARG D 1045 -60.92 -40.73 -1.81
C ARG D 1045 -60.50 -39.29 -1.59
N GLN D 1046 -60.85 -38.43 -2.55
CA GLN D 1046 -60.51 -37.02 -2.48
C GLN D 1046 -61.71 -36.18 -2.03
N SER D 1054 -64.79 -41.38 -10.56
CA SER D 1054 -64.39 -40.54 -9.44
C SER D 1054 -62.87 -40.40 -9.38
N SER D 1055 -62.39 -39.40 -8.63
CA SER D 1055 -60.96 -39.16 -8.48
C SER D 1055 -60.41 -40.08 -7.40
N LEU D 1056 -59.70 -41.13 -7.82
CA LEU D 1056 -59.12 -42.09 -6.91
C LEU D 1056 -57.69 -42.38 -7.31
N VAL D 1057 -56.82 -42.54 -6.30
CA VAL D 1057 -55.42 -42.85 -6.58
C VAL D 1057 -55.31 -44.25 -7.17
N VAL D 1058 -54.25 -44.48 -7.94
CA VAL D 1058 -54.07 -45.77 -8.60
C VAL D 1058 -53.43 -46.78 -7.66
N LEU D 1059 -52.20 -46.50 -7.22
CA LEU D 1059 -51.48 -47.42 -6.36
C LEU D 1059 -50.30 -46.67 -5.73
N ASP D 1060 -49.74 -47.28 -4.69
CA ASP D 1060 -48.57 -46.75 -4.00
C ASP D 1060 -47.49 -47.83 -3.99
N SER D 1061 -46.32 -47.50 -4.53
CA SER D 1061 -45.22 -48.45 -4.57
C SER D 1061 -44.73 -48.80 -3.17
N ALA D 1062 -44.64 -47.80 -2.28
CA ALA D 1062 -44.20 -48.05 -0.92
C ALA D 1062 -45.18 -48.94 -0.17
N GLU D 1063 -46.49 -48.69 -0.34
CA GLU D 1063 -47.49 -49.52 0.32
C GLU D 1063 -47.46 -50.94 -0.21
N ARG D 1064 -47.30 -51.12 -1.51
CA ARG D 1064 -47.26 -52.45 -2.11
C ARG D 1064 -45.93 -53.14 -1.83
N ARG D 1072 -47.51 -51.63 -9.33
CA ARG D 1072 -48.07 -50.78 -10.37
C ARG D 1072 -48.40 -51.60 -11.63
N PRO D 1073 -49.61 -52.17 -11.67
CA PRO D 1073 -50.01 -52.95 -12.84
C PRO D 1073 -50.05 -52.09 -14.10
N ALA D 1074 -49.70 -52.70 -15.23
CA ALA D 1074 -49.66 -52.03 -16.52
C ALA D 1074 -50.67 -52.67 -17.45
N LEU D 1075 -51.49 -51.84 -18.09
CA LEU D 1075 -52.49 -52.32 -19.02
C LEU D 1075 -52.71 -51.28 -20.11
N LYS D 1076 -53.20 -51.75 -21.25
CA LYS D 1076 -53.48 -50.88 -22.38
C LYS D 1076 -54.91 -50.38 -22.33
N ILE D 1077 -55.13 -49.22 -22.96
CA ILE D 1077 -56.47 -48.63 -23.01
C ILE D 1077 -57.37 -49.48 -23.90
N VAL D 1078 -58.58 -49.78 -23.42
CA VAL D 1078 -59.50 -50.61 -24.17
C VAL D 1078 -59.96 -49.86 -25.42
N ASP D 1079 -60.29 -50.63 -26.46
CA ASP D 1079 -60.76 -50.03 -27.71
C ASP D 1079 -62.14 -49.40 -27.53
N ALA D 1080 -63.13 -50.20 -27.14
CA ALA D 1080 -64.47 -49.72 -26.86
C ALA D 1080 -64.90 -49.92 -25.42
N GLN D 1081 -65.02 -51.17 -24.97
CA GLN D 1081 -65.36 -51.45 -23.58
C GLN D 1081 -64.24 -52.19 -22.87
N GLY D 1082 -63.75 -53.28 -23.48
CA GLY D 1082 -62.71 -54.07 -22.87
C GLY D 1082 -61.77 -54.75 -23.84
N ASN D 1083 -61.83 -54.36 -25.11
CA ASN D 1083 -60.98 -54.97 -26.11
C ASN D 1083 -59.52 -54.62 -25.87
N ASP D 1084 -58.64 -55.55 -26.27
CA ASP D 1084 -57.21 -55.39 -26.09
C ASP D 1084 -56.58 -54.81 -27.35
N VAL D 1085 -55.81 -53.73 -27.18
CA VAL D 1085 -55.15 -53.08 -28.30
C VAL D 1085 -53.64 -53.07 -28.11
N ALA D 1094 -49.49 -50.98 -25.57
CA ALA D 1094 -49.49 -49.81 -24.69
C ALA D 1094 -49.38 -50.23 -23.24
N GLN D 1095 -48.39 -49.67 -22.54
CA GLN D 1095 -48.15 -49.95 -21.13
C GLN D 1095 -48.39 -48.69 -20.31
N TYR D 1096 -49.22 -48.81 -19.29
CA TYR D 1096 -49.52 -47.70 -18.39
C TYR D 1096 -48.74 -47.89 -17.10
N PHE D 1097 -47.85 -46.97 -16.79
CA PHE D 1097 -47.01 -47.04 -15.61
C PHE D 1097 -47.52 -46.05 -14.56
N LEU D 1098 -47.64 -46.52 -13.32
CA LEU D 1098 -48.14 -45.68 -12.23
C LEU D 1098 -47.03 -45.47 -11.20
N PRO D 1099 -46.33 -44.34 -11.22
CA PRO D 1099 -45.33 -44.07 -10.19
C PRO D 1099 -45.96 -43.68 -8.86
N GLY D 1100 -45.13 -43.29 -7.90
CA GLY D 1100 -45.65 -42.92 -6.59
C GLY D 1100 -46.62 -41.76 -6.68
N LYS D 1101 -47.71 -41.85 -5.91
CA LYS D 1101 -48.75 -40.84 -5.78
C LYS D 1101 -49.49 -40.58 -7.09
N ALA D 1102 -49.30 -41.42 -8.11
CA ALA D 1102 -50.02 -41.26 -9.36
C ALA D 1102 -51.49 -41.61 -9.17
N ILE D 1103 -52.37 -40.75 -9.65
CA ILE D 1103 -53.81 -40.90 -9.48
C ILE D 1103 -54.48 -40.75 -10.84
N VAL D 1104 -55.45 -41.62 -11.11
CA VAL D 1104 -56.26 -41.56 -12.32
C VAL D 1104 -57.70 -41.33 -11.91
N GLN D 1105 -58.27 -40.21 -12.35
CA GLN D 1105 -59.64 -39.85 -12.02
C GLN D 1105 -60.66 -40.45 -12.98
N LEU D 1106 -60.22 -41.18 -13.99
CA LEU D 1106 -61.11 -41.78 -14.98
C LEU D 1106 -61.34 -43.23 -14.62
N GLU D 1107 -62.57 -43.58 -14.29
CA GLU D 1107 -62.91 -44.95 -13.95
C GLU D 1107 -62.99 -45.81 -15.20
N ASP D 1108 -63.10 -47.13 -14.98
CA ASP D 1108 -63.22 -48.06 -16.09
C ASP D 1108 -64.50 -47.82 -16.87
N GLY D 1109 -64.42 -47.93 -18.19
CA GLY D 1109 -65.56 -47.68 -19.04
C GLY D 1109 -65.85 -46.23 -19.34
N VAL D 1110 -64.93 -45.33 -19.01
CA VAL D 1110 -65.15 -43.91 -19.26
C VAL D 1110 -65.16 -43.58 -20.75
N GLN D 1111 -64.57 -44.45 -21.58
CA GLN D 1111 -64.49 -44.24 -23.03
C GLN D 1111 -63.82 -42.91 -23.36
N ILE D 1112 -62.65 -42.70 -22.80
CA ILE D 1112 -61.90 -41.45 -23.01
C ILE D 1112 -61.27 -41.47 -24.39
N SER D 1113 -61.22 -40.31 -25.03
CA SER D 1113 -60.62 -40.19 -26.35
C SER D 1113 -59.11 -40.02 -26.25
N SER D 1114 -58.45 -40.16 -27.38
CA SER D 1114 -57.00 -40.02 -27.42
C SER D 1114 -56.60 -38.56 -27.20
N GLY D 1115 -55.42 -38.38 -26.60
CA GLY D 1115 -54.91 -37.05 -26.32
C GLY D 1115 -55.45 -36.41 -25.07
N ASP D 1116 -56.25 -37.12 -24.27
CA ASP D 1116 -56.81 -36.59 -23.05
C ASP D 1116 -56.08 -37.18 -21.84
N THR D 1117 -56.13 -36.44 -20.73
CA THR D 1117 -55.44 -36.85 -19.51
C THR D 1117 -56.18 -36.28 -18.31
N LEU D 1118 -56.15 -37.03 -17.22
CA LEU D 1118 -56.66 -36.59 -15.93
C LEU D 1118 -55.50 -36.09 -15.07
N ALA D 1119 -55.84 -35.51 -13.92
CA ALA D 1119 -54.81 -35.01 -13.01
C ALA D 1119 -53.92 -36.15 -12.54
N ARG D 1120 -52.61 -35.92 -12.61
CA ARG D 1120 -51.64 -36.96 -12.27
C ARG D 1120 -51.21 -36.93 -10.81
N ILE D 1121 -51.31 -35.77 -10.15
CA ILE D 1121 -50.94 -35.62 -8.74
C ILE D 1121 -49.49 -36.03 -8.52
N PRO D 1122 -48.52 -35.24 -8.96
CA PRO D 1122 -47.11 -35.62 -8.78
C PRO D 1122 -46.76 -35.81 -7.31
N GLN D 1123 -45.88 -36.77 -7.06
CA GLN D 1123 -45.43 -37.07 -5.71
C GLN D 1123 -44.58 -35.93 -5.15
N GLY D 1133 -24.95 -18.08 -8.48
CA GLY D 1133 -24.30 -17.23 -9.46
C GLY D 1133 -23.08 -16.52 -8.92
N GLY D 1134 -23.04 -15.20 -9.09
CA GLY D 1134 -21.92 -14.41 -8.62
C GLY D 1134 -20.67 -14.68 -9.44
N LEU D 1135 -19.53 -14.36 -8.85
CA LEU D 1135 -18.31 -14.79 -9.52
C LEU D 1135 -17.30 -15.48 -8.62
N PRO D 1136 -17.73 -16.32 -7.64
CA PRO D 1136 -17.04 -17.59 -7.38
C PRO D 1136 -17.68 -18.72 -8.17
N ARG D 1137 -17.97 -18.47 -9.45
CA ARG D 1137 -18.56 -19.47 -10.33
C ARG D 1137 -17.72 -19.57 -11.59
N VAL D 1138 -17.09 -18.46 -11.96
CA VAL D 1138 -16.06 -18.52 -13.00
C VAL D 1138 -14.94 -19.45 -12.56
N ALA D 1139 -14.59 -19.40 -11.27
CA ALA D 1139 -13.64 -20.37 -10.73
C ALA D 1139 -14.20 -21.78 -10.77
N ASP D 1140 -15.48 -21.96 -10.43
CA ASP D 1140 -16.08 -23.28 -10.44
C ASP D 1140 -16.11 -23.87 -11.83
N LEU D 1141 -16.43 -23.06 -12.84
CA LEU D 1141 -16.47 -23.55 -14.21
C LEU D 1141 -15.08 -23.93 -14.71
N PHE D 1142 -14.07 -23.13 -14.37
CA PHE D 1142 -12.71 -23.43 -14.84
C PHE D 1142 -12.07 -24.56 -14.06
N GLU D 1143 -12.49 -24.76 -12.81
CA GLU D 1143 -12.01 -25.90 -12.02
C GLU D 1143 -12.73 -27.19 -12.38
N ALA D 1144 -13.76 -27.13 -13.22
CA ALA D 1144 -14.48 -28.30 -13.70
C ALA D 1144 -15.06 -29.12 -12.54
N ARG D 1145 -15.56 -28.43 -11.53
CA ARG D 1145 -16.16 -29.09 -10.38
C ARG D 1145 -17.51 -29.68 -10.75
N ARG D 1146 -17.79 -30.89 -10.26
CA ARG D 1146 -19.07 -31.51 -10.50
C ARG D 1146 -20.13 -30.92 -9.58
N PRO D 1147 -21.37 -30.82 -10.05
CA PRO D 1147 -22.46 -30.31 -9.20
C PRO D 1147 -22.93 -31.37 -8.23
N LYS D 1148 -23.77 -30.94 -7.28
CA LYS D 1148 -24.26 -31.85 -6.25
C LYS D 1148 -25.28 -32.84 -6.82
N GLU D 1149 -26.10 -32.40 -7.77
CA GLU D 1149 -27.16 -33.21 -8.37
C GLU D 1149 -27.00 -33.21 -9.88
N PRO D 1150 -26.05 -33.99 -10.40
CA PRO D 1150 -25.86 -34.03 -11.85
C PRO D 1150 -27.04 -34.70 -12.54
N ALA D 1151 -27.25 -34.32 -13.80
CA ALA D 1151 -28.27 -34.92 -14.64
C ALA D 1151 -27.69 -36.13 -15.35
N ILE D 1152 -28.34 -37.28 -15.20
CA ILE D 1152 -27.87 -38.50 -15.85
C ILE D 1152 -28.34 -38.50 -17.30
N LEU D 1153 -27.44 -38.92 -18.19
CA LEU D 1153 -27.73 -38.99 -19.62
C LEU D 1153 -27.71 -40.45 -20.06
N ALA D 1154 -28.01 -40.66 -21.34
CA ALA D 1154 -28.19 -42.01 -21.87
C ALA D 1154 -27.29 -42.21 -23.08
N GLU D 1155 -27.51 -43.31 -23.80
CA GLU D 1155 -26.72 -43.71 -24.96
C GLU D 1155 -27.61 -43.75 -26.20
N ILE D 1156 -27.06 -44.30 -27.29
CA ILE D 1156 -27.64 -44.12 -28.63
C ILE D 1156 -29.09 -44.56 -28.70
N SER D 1157 -29.43 -45.67 -28.04
CA SER D 1157 -30.81 -46.18 -28.02
C SER D 1157 -31.20 -46.45 -26.58
N GLY D 1158 -31.92 -45.50 -25.97
CA GLY D 1158 -32.40 -45.65 -24.61
C GLY D 1158 -33.79 -46.24 -24.53
N ILE D 1159 -33.91 -47.53 -24.84
CA ILE D 1159 -35.21 -48.18 -24.80
C ILE D 1159 -35.72 -48.25 -23.36
N VAL D 1160 -37.04 -48.21 -23.20
CA VAL D 1160 -37.62 -48.24 -21.86
C VAL D 1160 -37.44 -49.61 -21.24
N SER D 1161 -36.88 -49.64 -20.03
CA SER D 1161 -36.74 -50.89 -19.30
C SER D 1161 -37.09 -50.77 -17.81
N PHE D 1162 -37.32 -49.57 -17.29
CA PHE D 1162 -37.66 -49.35 -15.89
C PHE D 1162 -36.63 -49.95 -14.96
N GLY D 1163 -37.00 -51.02 -14.24
CA GLY D 1163 -36.10 -51.64 -13.30
C GLY D 1163 -35.67 -53.04 -13.69
N LYS D 1164 -34.50 -53.46 -13.20
CA LYS D 1164 -33.99 -54.81 -13.49
C LYS D 1164 -33.15 -55.23 -12.28
N GLU D 1165 -33.77 -56.04 -11.41
CA GLU D 1165 -33.12 -56.52 -10.18
C GLU D 1165 -32.61 -55.36 -9.34
N THR D 1166 -33.46 -54.35 -9.15
CA THR D 1166 -33.06 -53.16 -8.41
C THR D 1166 -32.72 -53.50 -6.96
N LYS D 1167 -33.66 -54.16 -6.27
CA LYS D 1167 -33.50 -54.56 -4.87
C LYS D 1167 -33.04 -53.38 -3.99
N GLY D 1168 -32.20 -53.67 -3.01
CA GLY D 1168 -31.76 -52.63 -2.09
C GLY D 1168 -30.91 -51.57 -2.74
N LYS D 1169 -29.95 -52.00 -3.57
CA LYS D 1169 -28.99 -51.07 -4.16
C LYS D 1169 -29.69 -50.15 -5.16
N ARG D 1170 -29.69 -48.85 -4.86
CA ARG D 1170 -30.36 -47.85 -5.67
C ARG D 1170 -31.80 -48.25 -5.99
N ARG D 1171 -32.23 -48.05 -7.23
CA ARG D 1171 -33.56 -48.41 -7.68
C ARG D 1171 -33.65 -48.16 -9.17
N LEU D 1172 -34.64 -48.78 -9.80
CA LEU D 1172 -34.95 -48.57 -11.21
C LEU D 1172 -33.74 -48.78 -12.11
N VAL D 1173 -33.22 -50.00 -12.14
CA VAL D 1173 -32.06 -50.33 -12.96
C VAL D 1173 -32.54 -50.37 -14.41
N ILE D 1174 -32.22 -49.34 -15.17
CA ILE D 1174 -32.65 -49.24 -16.56
C ILE D 1174 -31.73 -50.08 -17.43
N THR D 1175 -32.32 -50.87 -18.32
CA THR D 1175 -31.57 -51.76 -19.22
C THR D 1175 -32.01 -51.52 -20.66
N PRO D 1176 -31.55 -50.44 -21.28
CA PRO D 1176 -31.87 -50.21 -22.68
C PRO D 1176 -31.12 -51.15 -23.60
N VAL D 1177 -31.83 -52.04 -24.29
CA VAL D 1177 -31.19 -53.08 -25.08
C VAL D 1177 -30.28 -52.47 -26.13
N ASP D 1178 -30.80 -51.50 -26.90
CA ASP D 1178 -30.03 -50.78 -27.91
C ASP D 1178 -29.37 -51.75 -28.90
N GLY D 1179 -30.06 -52.84 -29.19
CA GLY D 1179 -29.50 -53.87 -30.06
C GLY D 1179 -28.46 -54.76 -29.39
N SER D 1180 -27.45 -54.16 -28.77
CA SER D 1180 -26.42 -54.91 -28.06
C SER D 1180 -25.80 -53.99 -27.02
N ASP D 1181 -25.13 -54.60 -26.05
CA ASP D 1181 -24.45 -53.89 -24.98
C ASP D 1181 -25.37 -52.91 -24.25
N PRO D 1182 -26.31 -53.41 -23.45
CA PRO D 1182 -27.23 -52.50 -22.74
C PRO D 1182 -26.49 -51.68 -21.70
N TYR D 1183 -27.09 -50.55 -21.34
CA TYR D 1183 -26.50 -49.66 -20.34
C TYR D 1183 -27.19 -49.80 -19.00
N GLU D 1184 -26.72 -50.73 -18.17
CA GLU D 1184 -27.30 -50.94 -16.84
C GLU D 1184 -26.88 -49.78 -15.94
N GLU D 1185 -27.80 -48.84 -15.71
CA GLU D 1185 -27.55 -47.71 -14.83
C GLU D 1185 -28.53 -47.76 -13.65
N MET D 1186 -28.06 -47.29 -12.51
CA MET D 1186 -28.82 -47.33 -11.26
C MET D 1186 -29.03 -45.92 -10.73
N ILE D 1187 -30.22 -45.66 -10.22
CA ILE D 1187 -30.61 -44.36 -9.68
C ILE D 1187 -31.04 -44.58 -8.24
N PRO D 1188 -30.57 -43.77 -7.28
CA PRO D 1188 -30.94 -43.99 -5.87
C PRO D 1188 -32.40 -43.76 -5.56
N LYS D 1189 -33.24 -43.45 -6.55
CA LYS D 1189 -34.67 -43.21 -6.47
C LYS D 1189 -35.00 -41.88 -5.80
N TRP D 1190 -33.97 -41.18 -5.30
CA TRP D 1190 -34.19 -39.82 -4.74
C TRP D 1190 -34.28 -38.82 -5.91
N ARG D 1191 -34.04 -39.30 -7.13
CA ARG D 1191 -34.11 -38.42 -8.33
C ARG D 1191 -35.19 -38.96 -9.28
N GLN D 1192 -36.09 -38.08 -9.74
CA GLN D 1192 -37.20 -38.50 -10.64
C GLN D 1192 -36.65 -38.82 -12.03
N LEU D 1193 -37.37 -39.63 -12.81
CA LEU D 1193 -36.93 -39.97 -14.19
C LEU D 1193 -37.66 -39.03 -15.16
N ASN D 1194 -36.91 -38.27 -15.97
CA ASN D 1194 -37.52 -37.28 -16.91
C ASN D 1194 -38.38 -38.00 -17.94
N VAL D 1195 -37.94 -39.16 -18.45
CA VAL D 1195 -38.68 -39.85 -19.53
C VAL D 1195 -39.27 -41.17 -19.01
N PHE D 1196 -40.47 -41.55 -19.46
CA PHE D 1196 -41.08 -42.80 -19.05
C PHE D 1196 -41.05 -43.83 -20.18
N GLU D 1197 -41.40 -43.41 -21.40
CA GLU D 1197 -41.44 -44.31 -22.53
C GLU D 1197 -40.05 -44.49 -23.13
N GLY D 1198 -39.95 -45.38 -24.11
CA GLY D 1198 -38.67 -45.56 -24.80
C GLY D 1198 -38.25 -44.34 -25.58
N GLU D 1199 -39.16 -43.81 -26.40
CA GLU D 1199 -39.01 -42.56 -27.13
C GLU D 1199 -37.79 -42.54 -28.04
N ARG D 1200 -37.13 -43.68 -28.25
CA ARG D 1200 -35.89 -43.77 -29.01
C ARG D 1200 -34.87 -42.75 -28.50
N VAL D 1201 -34.53 -42.90 -27.22
CA VAL D 1201 -33.64 -41.95 -26.57
C VAL D 1201 -32.24 -42.02 -27.21
N GLU D 1202 -31.74 -40.86 -27.61
CA GLU D 1202 -30.45 -40.75 -28.25
C GLU D 1202 -29.37 -40.47 -27.22
N ARG D 1203 -28.11 -40.58 -27.64
CA ARG D 1203 -26.99 -40.38 -26.74
C ARG D 1203 -26.92 -38.95 -26.26
N GLY D 1204 -26.75 -38.78 -24.95
CA GLY D 1204 -26.70 -37.46 -24.34
C GLY D 1204 -28.04 -36.90 -23.93
N ASP D 1205 -29.14 -37.60 -24.21
CA ASP D 1205 -30.46 -37.12 -23.83
C ASP D 1205 -30.61 -37.11 -22.32
N VAL D 1206 -31.46 -36.20 -21.84
CA VAL D 1206 -31.62 -35.97 -20.40
C VAL D 1206 -32.58 -37.03 -19.86
N ILE D 1207 -32.02 -38.08 -19.25
CA ILE D 1207 -32.84 -39.10 -18.61
C ILE D 1207 -33.49 -38.53 -17.35
N SER D 1208 -32.73 -37.82 -16.54
CA SER D 1208 -33.23 -37.13 -15.35
C SER D 1208 -32.70 -35.71 -15.35
N ASP D 1209 -33.50 -34.78 -14.83
CA ASP D 1209 -33.23 -33.36 -14.92
C ASP D 1209 -32.26 -32.93 -13.81
N GLY D 1210 -31.52 -31.86 -14.10
CA GLY D 1210 -30.56 -31.31 -13.16
C GLY D 1210 -29.42 -30.62 -13.88
N PRO D 1211 -28.56 -29.94 -13.13
CA PRO D 1211 -27.36 -29.33 -13.75
C PRO D 1211 -26.34 -30.41 -14.11
N GLU D 1212 -26.01 -30.50 -15.39
CA GLU D 1212 -25.12 -31.55 -15.86
C GLU D 1212 -23.66 -31.14 -15.72
N ALA D 1213 -22.83 -32.11 -15.35
CA ALA D 1213 -21.41 -31.85 -15.20
C ALA D 1213 -20.75 -31.75 -16.58
N PRO D 1214 -19.73 -30.90 -16.72
CA PRO D 1214 -19.03 -30.81 -18.02
C PRO D 1214 -18.34 -32.09 -18.43
N HIS D 1215 -18.00 -32.96 -17.48
CA HIS D 1215 -17.35 -34.22 -17.83
C HIS D 1215 -18.28 -35.11 -18.65
N ASP D 1216 -19.57 -35.10 -18.30
CA ASP D 1216 -20.56 -35.93 -19.01
C ASP D 1216 -20.87 -35.30 -20.38
N ILE D 1217 -20.93 -33.97 -20.43
CA ILE D 1217 -21.25 -33.25 -21.70
C ILE D 1217 -20.29 -33.75 -22.80
N LEU D 1218 -18.99 -33.49 -22.62
CA LEU D 1218 -17.99 -33.89 -23.66
C LEU D 1218 -18.06 -35.40 -23.85
N ARG D 1219 -18.20 -36.16 -22.76
CA ARG D 1219 -18.20 -37.63 -22.84
C ARG D 1219 -19.36 -38.12 -23.72
N LEU D 1220 -20.54 -37.48 -23.60
CA LEU D 1220 -21.72 -37.98 -24.35
C LEU D 1220 -22.12 -37.00 -25.47
N ARG D 1221 -21.33 -35.95 -25.70
CA ARG D 1221 -21.67 -34.94 -26.75
C ARG D 1221 -20.41 -34.67 -27.59
N GLY D 1222 -19.40 -34.04 -27.00
CA GLY D 1222 -18.14 -33.80 -27.74
C GLY D 1222 -17.37 -32.60 -27.23
N VAL D 1223 -16.19 -32.34 -27.79
CA VAL D 1223 -15.34 -31.20 -27.34
C VAL D 1223 -16.08 -29.88 -27.60
N HIS D 1224 -16.64 -29.71 -28.80
CA HIS D 1224 -17.32 -28.43 -29.14
C HIS D 1224 -18.50 -28.21 -28.20
N ALA D 1225 -19.24 -29.29 -27.90
CA ALA D 1225 -20.39 -29.19 -26.96
C ALA D 1225 -19.89 -28.66 -25.61
N VAL D 1226 -18.77 -29.19 -25.12
CA VAL D 1226 -18.28 -28.78 -23.80
C VAL D 1226 -17.71 -27.37 -23.85
N THR D 1227 -17.17 -26.96 -25.01
CA THR D 1227 -16.69 -25.59 -25.14
C THR D 1227 -17.85 -24.60 -25.19
N ARG D 1228 -18.94 -24.98 -25.87
CA ARG D 1228 -20.12 -24.13 -25.91
C ARG D 1228 -20.72 -23.95 -24.53
N TYR D 1229 -20.77 -25.02 -23.74
CA TYR D 1229 -21.31 -24.93 -22.39
C TYR D 1229 -20.45 -24.02 -21.52
N ILE D 1230 -19.13 -24.18 -21.60
CA ILE D 1230 -18.24 -23.38 -20.77
C ILE D 1230 -18.25 -21.92 -21.20
N VAL D 1231 -18.23 -21.66 -22.51
CA VAL D 1231 -18.22 -20.28 -23.00
C VAL D 1231 -19.52 -19.58 -22.62
N ASN D 1232 -20.65 -20.24 -22.82
CA ASN D 1232 -21.94 -19.62 -22.53
C ASN D 1232 -22.13 -19.40 -21.03
N GLU D 1233 -21.69 -20.35 -20.20
CA GLU D 1233 -21.89 -20.23 -18.77
C GLU D 1233 -21.04 -19.11 -18.17
N VAL D 1234 -19.78 -19.02 -18.58
CA VAL D 1234 -18.90 -18.00 -18.02
C VAL D 1234 -19.26 -16.63 -18.56
N GLN D 1235 -19.73 -16.55 -19.81
CA GLN D 1235 -20.11 -15.26 -20.37
C GLN D 1235 -21.37 -14.70 -19.72
N ASP D 1236 -22.23 -15.57 -19.18
CA ASP D 1236 -23.42 -15.12 -18.49
C ASP D 1236 -23.07 -14.28 -17.26
N VAL D 1237 -22.05 -14.70 -16.51
CA VAL D 1237 -21.60 -13.93 -15.35
C VAL D 1237 -21.07 -12.57 -15.80
N TYR D 1238 -20.27 -12.55 -16.86
CA TYR D 1238 -19.62 -11.31 -17.28
C TYR D 1238 -20.60 -10.35 -17.95
N ARG D 1239 -21.48 -10.89 -18.81
CA ARG D 1239 -22.42 -10.03 -19.52
C ARG D 1239 -23.42 -9.40 -18.57
N LEU D 1240 -23.74 -10.09 -17.47
CA LEU D 1240 -24.70 -9.55 -16.51
C LEU D 1240 -24.16 -8.31 -15.83
N GLN D 1241 -22.85 -8.24 -15.62
CA GLN D 1241 -22.23 -7.09 -14.99
C GLN D 1241 -21.80 -6.02 -16.00
N GLY D 1242 -21.88 -6.31 -17.29
CA GLY D 1242 -21.52 -5.34 -18.30
C GLY D 1242 -20.05 -5.34 -18.66
N VAL D 1243 -19.45 -6.52 -18.83
CA VAL D 1243 -18.05 -6.68 -19.18
C VAL D 1243 -17.97 -7.36 -20.54
N LYS D 1244 -17.21 -6.78 -21.46
CA LYS D 1244 -17.05 -7.31 -22.80
C LYS D 1244 -15.72 -8.04 -22.90
N ILE D 1245 -15.78 -9.35 -23.10
CA ILE D 1245 -14.60 -10.19 -23.32
C ILE D 1245 -14.87 -11.04 -24.55
N ASN D 1246 -13.92 -11.08 -25.49
CA ASN D 1246 -14.10 -11.89 -26.67
C ASN D 1246 -14.09 -13.37 -26.31
N ASP D 1247 -14.88 -14.15 -27.04
CA ASP D 1247 -15.02 -15.58 -26.76
C ASP D 1247 -13.74 -16.35 -27.08
N LYS D 1248 -12.84 -15.78 -27.87
CA LYS D 1248 -11.59 -16.47 -28.20
C LYS D 1248 -10.76 -16.75 -26.96
N HIS D 1249 -10.77 -15.82 -26.00
CA HIS D 1249 -9.94 -15.97 -24.82
C HIS D 1249 -10.43 -17.10 -23.93
N ILE D 1250 -11.74 -17.28 -23.83
CA ILE D 1250 -12.27 -18.39 -23.06
C ILE D 1250 -11.98 -19.72 -23.75
N GLU D 1251 -12.04 -19.75 -25.08
CA GLU D 1251 -11.77 -20.98 -25.81
C GLU D 1251 -10.29 -21.35 -25.77
N VAL D 1252 -9.42 -20.35 -25.59
CA VAL D 1252 -7.99 -20.63 -25.45
C VAL D 1252 -7.74 -21.41 -24.17
N ILE D 1253 -8.49 -21.10 -23.12
CA ILE D 1253 -8.27 -21.74 -21.82
C ILE D 1253 -9.00 -23.08 -21.74
N VAL D 1254 -10.08 -23.24 -22.52
CA VAL D 1254 -10.72 -24.55 -22.62
C VAL D 1254 -9.79 -25.52 -23.34
N ARG D 1255 -9.05 -25.05 -24.34
CA ARG D 1255 -8.13 -25.92 -25.07
C ARG D 1255 -7.05 -26.46 -24.15
N GLN D 1256 -6.53 -25.63 -23.25
CA GLN D 1256 -5.55 -26.09 -22.28
C GLN D 1256 -6.14 -27.07 -21.28
N MET D 1257 -7.48 -27.11 -21.18
CA MET D 1257 -8.16 -28.05 -20.30
C MET D 1257 -8.42 -29.38 -20.97
N LEU D 1258 -8.21 -29.49 -22.29
CA LEU D 1258 -8.59 -30.65 -23.06
C LEU D 1258 -7.38 -31.48 -23.50
N ARG D 1259 -6.30 -31.42 -22.74
CA ARG D 1259 -5.16 -32.28 -22.98
C ARG D 1259 -5.30 -33.53 -22.10
N LYS D 1260 -4.27 -34.38 -22.09
CA LYS D 1260 -4.21 -35.57 -21.24
C LYS D 1260 -5.37 -36.53 -21.56
N ALA D 1261 -5.30 -37.11 -22.76
CA ALA D 1261 -6.26 -38.14 -23.16
C ALA D 1261 -5.90 -39.49 -22.57
N THR D 1262 -6.92 -40.31 -22.30
CA THR D 1262 -6.72 -41.66 -21.83
C THR D 1262 -6.66 -42.64 -23.00
N ILE D 1263 -6.23 -43.86 -22.72
CA ILE D 1263 -6.06 -44.90 -23.73
C ILE D 1263 -7.02 -46.03 -23.44
N VAL D 1264 -7.76 -46.45 -24.46
CA VAL D 1264 -8.70 -47.57 -24.34
C VAL D 1264 -8.37 -48.63 -25.37
N ASN D 1265 -7.13 -48.63 -25.86
CA ASN D 1265 -6.67 -49.58 -26.85
C ASN D 1265 -5.19 -49.86 -26.59
N ALA D 1266 -4.54 -50.45 -27.59
CA ALA D 1266 -3.13 -50.82 -27.45
C ALA D 1266 -2.53 -50.97 -28.84
N GLY D 1267 -1.35 -51.59 -28.90
CA GLY D 1267 -0.62 -51.78 -30.14
C GLY D 1267 0.49 -50.79 -30.37
N SER D 1268 0.48 -49.66 -29.68
CA SER D 1268 1.48 -48.60 -29.88
C SER D 1268 2.13 -48.20 -28.56
N SER D 1269 2.40 -49.19 -27.70
CA SER D 1269 3.09 -48.96 -26.41
C SER D 1269 2.29 -48.05 -25.49
N ASP D 1270 0.98 -47.95 -25.72
CA ASP D 1270 0.08 -47.24 -24.82
C ASP D 1270 -1.07 -48.18 -24.46
N PHE D 1271 -1.39 -48.27 -23.17
CA PHE D 1271 -2.48 -49.13 -22.74
C PHE D 1271 -3.00 -48.66 -21.39
N LEU D 1272 -4.21 -48.10 -21.39
CA LEU D 1272 -4.95 -47.75 -20.19
C LEU D 1272 -4.15 -46.83 -19.28
N GLU D 1273 -3.85 -45.64 -19.80
CA GLU D 1273 -3.07 -44.67 -19.03
C GLU D 1273 -3.41 -43.27 -19.52
N GLY D 1274 -3.19 -42.29 -18.64
CA GLY D 1274 -3.38 -40.89 -18.99
C GLY D 1274 -2.12 -40.29 -19.58
N GLU D 1275 -2.22 -39.74 -20.79
CA GLU D 1275 -1.06 -39.24 -21.51
C GLU D 1275 -1.49 -38.12 -22.45
N GLN D 1276 -0.50 -37.37 -22.94
CA GLN D 1276 -0.74 -36.17 -23.73
C GLN D 1276 -1.48 -36.49 -25.03
N VAL D 1277 -2.39 -35.61 -25.42
CA VAL D 1277 -3.12 -35.79 -26.67
C VAL D 1277 -2.19 -35.63 -27.87
N GLU D 1278 -1.31 -34.64 -27.82
CA GLU D 1278 -0.42 -34.37 -28.94
C GLU D 1278 0.51 -35.55 -29.22
N TYR D 1279 0.99 -36.20 -28.16
CA TYR D 1279 1.85 -37.36 -28.34
C TYR D 1279 1.09 -38.51 -28.99
N SER D 1280 -0.19 -38.68 -28.65
CA SER D 1280 -0.99 -39.74 -29.26
C SER D 1280 -1.20 -39.48 -30.74
N ARG D 1281 -1.59 -38.26 -31.11
CA ARG D 1281 -1.85 -37.96 -32.52
C ARG D 1281 -0.57 -38.07 -33.34
N VAL D 1282 0.55 -37.62 -32.79
CA VAL D 1282 1.82 -37.73 -33.49
C VAL D 1282 2.21 -39.21 -33.67
N LYS D 1283 2.06 -40.00 -32.61
CA LYS D 1283 2.41 -41.42 -32.70
C LYS D 1283 1.46 -42.17 -33.63
N ILE D 1284 0.16 -41.86 -33.55
CA ILE D 1284 -0.82 -42.54 -34.40
C ILE D 1284 -0.54 -42.25 -35.87
N ALA D 1285 -0.24 -40.98 -36.18
CA ALA D 1285 0.05 -40.62 -37.57
C ALA D 1285 1.24 -41.38 -38.12
N ASN D 1286 2.29 -41.53 -37.30
CA ASN D 1286 3.46 -42.30 -37.72
C ASN D 1286 3.10 -43.77 -37.92
N ARG D 1287 2.35 -44.35 -36.98
CA ARG D 1287 1.95 -45.74 -37.11
C ARG D 1287 1.01 -45.94 -38.30
N GLU D 1288 0.07 -45.02 -38.49
CA GLU D 1288 -0.84 -45.11 -39.63
C GLU D 1288 -0.13 -44.85 -40.94
N LEU D 1289 0.94 -44.04 -40.91
CA LEU D 1289 1.71 -43.79 -42.13
C LEU D 1289 2.35 -45.06 -42.64
N GLU D 1290 2.88 -45.89 -41.74
CA GLU D 1290 3.47 -47.16 -42.13
C GLU D 1290 2.38 -48.16 -42.50
N ALA D 1291 2.81 -49.39 -42.79
CA ALA D 1291 1.86 -50.43 -43.21
C ALA D 1291 0.89 -50.77 -42.07
N ASN D 1292 1.38 -50.86 -40.84
CA ASN D 1292 0.56 -51.28 -39.70
C ASN D 1292 -0.34 -50.12 -39.27
N GLY D 1293 -1.37 -49.89 -40.07
CA GLY D 1293 -2.34 -48.86 -39.75
C GLY D 1293 -3.23 -49.21 -38.58
N LYS D 1294 -3.45 -50.51 -38.35
CA LYS D 1294 -4.28 -50.96 -37.23
C LYS D 1294 -3.57 -50.81 -35.89
N VAL D 1295 -2.29 -50.47 -35.89
CA VAL D 1295 -1.56 -50.30 -34.62
C VAL D 1295 -2.11 -49.12 -33.84
N GLY D 1296 -2.54 -48.06 -34.53
CA GLY D 1296 -3.02 -46.86 -33.89
C GLY D 1296 -4.09 -47.11 -32.84
N ALA D 1297 -3.92 -46.53 -31.66
CA ALA D 1297 -4.74 -46.83 -30.50
C ALA D 1297 -5.85 -45.81 -30.35
N THR D 1298 -7.08 -46.30 -30.17
CA THR D 1298 -8.19 -45.41 -29.87
C THR D 1298 -8.05 -44.82 -28.47
N TYR D 1299 -8.50 -43.58 -28.31
CA TYR D 1299 -8.30 -42.84 -27.07
C TYR D 1299 -9.60 -42.17 -26.66
N SER D 1300 -9.68 -41.81 -25.38
CA SER D 1300 -10.80 -41.08 -24.82
C SER D 1300 -10.29 -39.79 -24.22
N ARG D 1301 -10.79 -38.65 -24.71
CA ARG D 1301 -10.33 -37.36 -24.25
C ARG D 1301 -10.87 -37.04 -22.87
N ASP D 1302 -10.05 -36.37 -22.06
CA ASP D 1302 -10.38 -36.02 -20.68
C ASP D 1302 -10.57 -34.52 -20.54
N LEU D 1303 -11.04 -34.11 -19.36
CA LEU D 1303 -11.22 -32.71 -19.03
C LEU D 1303 -10.71 -32.49 -17.61
N LEU D 1304 -9.66 -31.68 -17.47
CA LEU D 1304 -9.06 -31.39 -16.18
C LEU D 1304 -9.37 -29.96 -15.77
N GLY D 1305 -9.24 -29.67 -14.47
CA GLY D 1305 -9.31 -28.30 -14.02
C GLY D 1305 -8.05 -27.53 -14.36
N ILE D 1306 -8.12 -26.21 -14.20
CA ILE D 1306 -6.95 -25.39 -14.50
C ILE D 1306 -5.83 -25.65 -13.51
N THR D 1307 -6.19 -25.91 -12.24
CA THR D 1307 -5.18 -26.28 -11.25
C THR D 1307 -4.61 -27.66 -11.48
N LYS D 1308 -5.44 -28.63 -11.84
CA LYS D 1308 -4.99 -30.00 -12.09
C LYS D 1308 -4.29 -30.16 -13.42
N ALA D 1309 -4.64 -29.36 -14.43
CA ALA D 1309 -3.98 -29.44 -15.72
C ALA D 1309 -2.61 -28.77 -15.69
N SER D 1310 -2.45 -27.71 -14.90
CA SER D 1310 -1.17 -27.01 -14.85
C SER D 1310 -0.14 -27.78 -14.05
N LEU D 1311 -0.57 -28.68 -13.16
CA LEU D 1311 0.35 -29.54 -12.43
C LEU D 1311 0.63 -30.85 -13.15
N ALA D 1312 0.01 -31.07 -14.31
CA ALA D 1312 0.22 -32.29 -15.09
C ALA D 1312 1.07 -32.04 -16.33
N THR D 1313 1.75 -30.90 -16.41
CA THR D 1313 2.59 -30.60 -17.56
C THR D 1313 3.82 -31.50 -17.56
N GLU D 1314 4.43 -31.62 -18.74
CA GLU D 1314 5.61 -32.47 -18.90
C GLU D 1314 6.90 -31.80 -18.45
N SER D 1315 6.86 -30.52 -18.12
CA SER D 1315 8.02 -29.80 -17.61
C SER D 1315 7.90 -29.74 -16.09
N PHE D 1316 8.92 -30.25 -15.40
CA PHE D 1316 8.91 -30.23 -13.94
C PHE D 1316 9.37 -28.90 -13.36
N ILE D 1317 10.18 -28.14 -14.10
CA ILE D 1317 10.62 -26.84 -13.59
C ILE D 1317 9.42 -25.92 -13.41
N SER D 1318 8.55 -25.86 -14.41
CA SER D 1318 7.23 -25.31 -14.18
C SER D 1318 6.37 -26.35 -13.46
N ALA D 1319 5.29 -25.87 -12.84
CA ALA D 1319 4.41 -26.68 -11.99
C ALA D 1319 5.08 -27.01 -10.66
N ALA D 1320 6.38 -26.72 -10.55
CA ALA D 1320 7.05 -26.65 -9.27
C ALA D 1320 7.24 -25.21 -8.81
N SER D 1321 7.11 -24.26 -9.72
CA SER D 1321 7.11 -22.84 -9.41
C SER D 1321 5.71 -22.29 -9.19
N PHE D 1322 4.68 -23.13 -9.30
CA PHE D 1322 3.30 -22.70 -9.22
C PHE D 1322 2.63 -23.18 -7.94
N GLN D 1323 2.53 -24.51 -7.76
CA GLN D 1323 1.85 -25.08 -6.58
C GLN D 1323 2.89 -25.47 -5.52
N GLU D 1324 2.92 -26.75 -5.13
CA GLU D 1324 3.86 -27.21 -4.06
C GLU D 1324 5.06 -27.91 -4.69
N THR D 1325 6.27 -27.43 -4.44
CA THR D 1325 7.51 -28.01 -5.02
C THR D 1325 7.71 -29.44 -4.49
N THR D 1326 7.45 -29.67 -3.20
CA THR D 1326 7.74 -31.01 -2.61
C THR D 1326 6.96 -32.10 -3.34
N ARG D 1327 5.67 -31.85 -3.61
CA ARG D 1327 4.82 -32.87 -4.29
C ARG D 1327 5.38 -33.12 -5.70
N VAL D 1328 5.78 -32.06 -6.40
CA VAL D 1328 6.26 -32.21 -7.81
C VAL D 1328 7.71 -32.70 -7.81
N LEU D 1329 8.56 -32.11 -6.96
CA LEU D 1329 9.98 -32.46 -6.98
C LEU D 1329 10.21 -33.90 -6.59
N THR D 1330 9.34 -34.46 -5.74
CA THR D 1330 9.48 -35.84 -5.32
C THR D 1330 9.24 -36.80 -6.49
N GLU D 1331 8.16 -36.57 -7.25
CA GLU D 1331 7.85 -37.44 -8.37
C GLU D 1331 8.89 -37.30 -9.48
N ALA D 1332 9.36 -36.08 -9.71
CA ALA D 1332 10.35 -35.86 -10.77
C ALA D 1332 11.66 -36.56 -10.46
N ALA D 1333 12.09 -36.54 -9.19
CA ALA D 1333 13.33 -37.21 -8.81
C ALA D 1333 13.22 -38.72 -9.02
N VAL D 1334 12.09 -39.32 -8.64
CA VAL D 1334 11.93 -40.76 -8.79
C VAL D 1334 11.87 -41.14 -10.27
N ALA D 1335 11.14 -40.38 -11.07
CA ALA D 1335 11.00 -40.70 -12.48
C ALA D 1335 12.25 -40.36 -13.29
N GLY D 1336 13.05 -39.41 -12.82
CA GLY D 1336 14.24 -39.02 -13.55
C GLY D 1336 13.97 -38.33 -14.87
N LYS D 1337 13.13 -37.30 -14.85
CA LYS D 1337 12.68 -36.65 -16.07
C LYS D 1337 13.59 -35.48 -16.43
N ARG D 1338 13.36 -34.92 -17.62
CA ARG D 1338 14.05 -33.73 -18.11
C ARG D 1338 13.03 -32.66 -18.45
N ASP D 1339 13.48 -31.41 -18.44
CA ASP D 1339 12.60 -30.28 -18.70
C ASP D 1339 12.61 -29.85 -20.17
N GLU D 1340 13.80 -29.69 -20.75
CA GLU D 1340 13.99 -29.31 -22.15
C GLU D 1340 13.59 -27.87 -22.44
N LEU D 1341 13.01 -27.18 -21.45
CA LEU D 1341 12.84 -25.73 -21.47
C LEU D 1341 12.17 -25.24 -22.74
N ARG D 1342 10.91 -25.64 -22.90
CA ARG D 1342 10.15 -25.30 -24.10
C ARG D 1342 9.08 -24.23 -23.87
N GLY D 1343 8.82 -23.83 -22.64
CA GLY D 1343 7.78 -22.86 -22.34
C GLY D 1343 8.33 -21.52 -21.93
N LEU D 1344 7.42 -20.60 -21.63
CA LEU D 1344 7.78 -19.24 -21.22
C LEU D 1344 8.31 -19.20 -19.79
N LYS D 1345 7.66 -19.91 -18.86
CA LYS D 1345 8.09 -19.88 -17.46
C LYS D 1345 9.48 -20.46 -17.30
N GLU D 1346 9.77 -21.56 -18.01
CA GLU D 1346 11.05 -22.23 -17.86
C GLU D 1346 12.20 -21.33 -18.29
N ASN D 1347 12.03 -20.62 -19.41
CA ASN D 1347 13.09 -19.75 -19.90
C ASN D 1347 13.23 -18.49 -19.07
N VAL D 1348 12.14 -18.03 -18.46
CA VAL D 1348 12.21 -16.88 -17.56
C VAL D 1348 13.06 -17.21 -16.34
N ILE D 1349 12.86 -18.40 -15.77
CA ILE D 1349 13.62 -18.79 -14.58
C ILE D 1349 15.11 -18.91 -14.92
N VAL D 1350 15.42 -19.55 -16.04
CA VAL D 1350 16.81 -19.75 -16.43
C VAL D 1350 17.47 -18.42 -16.81
N GLY D 1351 16.72 -17.54 -17.45
CA GLY D 1351 17.24 -16.27 -17.88
C GLY D 1351 17.49 -16.15 -19.38
N ARG D 1352 16.80 -16.97 -20.18
CA ARG D 1352 17.01 -16.98 -21.65
C ARG D 1352 15.89 -16.17 -22.32
N LEU D 1353 16.06 -15.83 -23.60
CA LEU D 1353 15.00 -15.11 -24.36
C LEU D 1353 13.80 -16.05 -24.53
N ILE D 1354 12.58 -15.51 -24.45
CA ILE D 1354 11.36 -16.37 -24.57
C ILE D 1354 11.19 -16.84 -26.02
N PRO D 1355 10.66 -18.06 -26.26
CA PRO D 1355 10.41 -18.53 -27.63
C PRO D 1355 9.16 -17.84 -28.23
N ALA D 1356 8.86 -16.63 -27.78
CA ALA D 1356 7.73 -15.87 -28.29
C ALA D 1356 8.16 -14.44 -28.54
N GLY D 1357 7.41 -13.76 -29.39
CA GLY D 1357 7.71 -12.38 -29.70
C GLY D 1357 9.01 -12.24 -30.46
N THR D 1358 9.84 -11.27 -30.04
CA THR D 1358 11.11 -11.04 -30.71
C THR D 1358 12.09 -12.18 -30.46
N GLY D 1359 11.85 -12.99 -29.44
CA GLY D 1359 12.66 -14.16 -29.20
C GLY D 1359 12.22 -15.41 -29.92
N TYR D 1360 11.11 -15.34 -30.64
CA TYR D 1360 10.61 -16.52 -31.35
C TYR D 1360 11.55 -16.94 -32.47
N ALA D 1361 12.10 -15.97 -33.21
CA ALA D 1361 13.02 -16.30 -34.29
C ALA D 1361 14.30 -16.93 -33.76
N TYR D 1362 14.83 -16.41 -32.65
CA TYR D 1362 16.08 -16.93 -32.11
C TYR D 1362 15.94 -18.37 -31.67
N HIS D 1363 14.78 -18.73 -31.10
CA HIS D 1363 14.56 -20.11 -30.66
C HIS D 1363 14.41 -21.04 -31.86
N GLN D 1364 13.84 -20.54 -32.95
CA GLN D 1364 13.68 -21.37 -34.14
C GLN D 1364 15.01 -21.73 -34.77
N ASP D 1365 15.94 -20.77 -34.84
CA ASP D 1365 17.24 -21.03 -35.44
C ASP D 1365 18.01 -22.09 -34.66
N ARG D 1366 17.93 -22.02 -33.33
CA ARG D 1366 18.60 -23.03 -32.51
C ARG D 1366 18.00 -24.42 -32.71
N MET D 1367 16.69 -24.49 -32.98
CA MET D 1367 16.05 -25.78 -33.19
C MET D 1367 16.60 -26.47 -34.43
N ARG D 1368 16.84 -25.71 -35.50
CA ARG D 1368 17.40 -26.32 -36.71
C ARG D 1368 18.81 -26.86 -36.46
N ARG D 1369 19.63 -26.11 -35.71
CA ARG D 1369 20.99 -26.58 -35.41
C ARG D 1369 20.97 -27.86 -34.60
N ARG D 1370 20.06 -27.96 -33.62
CA ARG D 1370 19.93 -29.20 -32.87
C ARG D 1370 19.48 -30.35 -33.76
N ALA D 1371 18.54 -30.09 -34.67
CA ALA D 1371 18.08 -31.12 -35.57
C ALA D 1371 19.16 -31.49 -36.59
N ALA D 1372 19.95 -30.51 -37.02
CA ALA D 1372 21.03 -30.75 -37.97
C ALA D 1372 22.34 -31.12 -37.30
N GLY D 1373 22.38 -31.16 -35.98
CA GLY D 1373 23.60 -31.49 -35.26
C GLY D 1373 24.50 -30.30 -35.01
N ALA E 1 12.53 12.25 -35.72
CA ALA E 1 11.73 11.70 -34.62
C ALA E 1 10.47 11.04 -35.16
N ARG E 2 10.29 9.75 -34.85
CA ARG E 2 9.13 9.00 -35.41
C ARG E 2 8.23 8.50 -34.28
N VAL E 3 7.10 9.18 -34.04
CA VAL E 3 6.13 8.73 -32.99
C VAL E 3 5.54 7.38 -33.40
N THR E 4 5.22 7.19 -34.68
CA THR E 4 4.58 5.94 -35.14
C THR E 4 5.46 5.24 -36.17
N VAL E 5 5.66 3.92 -36.04
CA VAL E 5 6.55 3.16 -36.97
C VAL E 5 5.68 2.40 -37.98
N GLN E 6 4.37 2.64 -37.99
CA GLN E 6 3.45 1.89 -38.89
C GLN E 6 4.12 1.68 -40.25
N ASP E 7 4.49 2.77 -40.94
CA ASP E 7 5.10 2.64 -42.26
C ASP E 7 6.23 1.62 -42.25
N ALA E 8 7.12 1.70 -41.26
CA ALA E 8 8.20 0.74 -41.15
C ALA E 8 7.67 -0.67 -40.92
N VAL E 9 6.61 -0.81 -40.12
CA VAL E 9 6.02 -2.12 -39.89
C VAL E 9 5.47 -2.69 -41.20
N GLU E 10 4.77 -1.86 -41.96
CA GLU E 10 4.17 -2.33 -43.21
C GLU E 10 5.20 -2.58 -44.32
N LYS E 11 6.38 -1.97 -44.24
CA LYS E 11 7.39 -2.23 -45.26
C LYS E 11 7.77 -3.71 -45.30
N ILE E 12 8.02 -4.30 -44.14
CA ILE E 12 8.11 -5.75 -43.99
C ILE E 12 7.24 -6.15 -42.80
N GLY E 13 6.09 -6.74 -43.09
CA GLY E 13 5.03 -6.79 -42.09
C GLY E 13 5.06 -7.97 -41.15
N ASN E 14 5.67 -7.77 -39.98
CA ASN E 14 5.52 -8.71 -38.88
C ASN E 14 5.42 -8.05 -37.51
N ARG E 15 5.93 -6.82 -37.34
CA ARG E 15 6.00 -6.08 -36.08
C ARG E 15 7.04 -6.70 -35.14
N PHE E 16 7.55 -7.88 -35.50
CA PHE E 16 8.63 -8.50 -34.68
C PHE E 16 9.96 -8.48 -35.44
N ASP E 17 9.95 -8.86 -36.72
CA ASP E 17 11.20 -8.94 -37.52
C ASP E 17 11.81 -7.54 -37.66
N LEU E 18 10.98 -6.51 -37.83
CA LEU E 18 11.49 -5.13 -38.05
C LEU E 18 12.33 -4.68 -36.84
N VAL E 19 11.90 -5.05 -35.64
CA VAL E 19 12.63 -4.65 -34.40
C VAL E 19 14.06 -5.21 -34.50
N LEU E 20 14.19 -6.44 -35.00
CA LEU E 20 15.54 -7.06 -35.15
C LEU E 20 16.30 -6.36 -36.28
N VAL E 21 15.71 -6.29 -37.48
CA VAL E 21 16.37 -5.63 -38.61
C VAL E 21 16.91 -4.27 -38.20
N ALA E 22 16.09 -3.49 -37.49
CA ALA E 22 16.50 -2.17 -37.06
C ALA E 22 17.62 -2.26 -36.02
N ALA E 23 17.61 -3.30 -35.18
CA ALA E 23 18.70 -3.47 -34.22
C ALA E 23 20.01 -3.78 -34.95
N ARG E 24 19.95 -4.63 -35.98
CA ARG E 24 21.15 -4.92 -36.76
C ARG E 24 21.70 -3.66 -37.43
N ARG E 25 20.82 -2.89 -38.08
CA ARG E 25 21.25 -1.68 -38.75
C ARG E 25 21.78 -0.64 -37.75
N ALA E 26 21.14 -0.54 -36.59
CA ALA E 26 21.59 0.41 -35.57
C ALA E 26 22.94 0.00 -35.00
N ARG E 27 23.18 -1.30 -34.82
CA ARG E 27 24.52 -1.75 -34.44
C ARG E 27 25.54 -1.36 -35.49
N GLN E 28 25.19 -1.54 -36.77
CA GLN E 28 26.11 -1.18 -37.84
C GLN E 28 26.47 0.30 -37.78
N MET E 29 25.47 1.16 -37.58
CA MET E 29 25.72 2.60 -37.55
C MET E 29 26.34 3.09 -36.24
N GLN E 30 26.20 2.33 -35.15
CA GLN E 30 26.67 2.78 -33.85
C GLN E 30 28.05 2.25 -33.49
N VAL E 31 28.27 0.93 -33.60
CA VAL E 31 29.57 0.36 -33.28
C VAL E 31 30.64 0.84 -34.26
N GLY E 32 30.35 0.88 -35.55
CA GLY E 32 31.25 1.42 -36.53
C GLY E 32 31.12 0.74 -37.88
N GLY E 33 31.81 1.31 -38.85
CA GLY E 33 31.81 0.78 -40.20
C GLY E 33 30.50 0.91 -40.94
N LYS E 34 29.79 2.02 -40.75
CA LYS E 34 28.55 2.27 -41.48
C LYS E 34 28.18 3.74 -41.32
N ASP E 35 27.56 4.28 -42.36
CA ASP E 35 27.06 5.64 -42.37
C ASP E 35 25.60 5.64 -42.82
N PRO E 36 24.78 6.56 -42.31
CA PRO E 36 23.36 6.54 -42.67
C PRO E 36 23.14 6.77 -44.15
N LEU E 37 22.12 6.12 -44.69
CA LEU E 37 21.71 6.31 -46.07
C LEU E 37 20.66 7.39 -46.24
N VAL E 38 20.25 8.02 -45.15
CA VAL E 38 19.29 9.12 -45.17
C VAL E 38 19.92 10.29 -44.43
N PRO E 39 19.50 11.53 -44.69
CA PRO E 39 20.05 12.65 -43.92
C PRO E 39 19.82 12.47 -42.43
N GLU E 40 20.81 12.90 -41.64
CA GLU E 40 20.79 12.74 -40.20
C GLU E 40 20.35 14.06 -39.57
N GLU E 41 19.23 14.02 -38.84
CA GLU E 41 18.61 15.22 -38.26
C GLU E 41 18.87 15.36 -36.78
N ASN E 42 20.09 15.05 -36.33
CA ASN E 42 20.49 15.09 -34.93
C ASN E 42 19.74 14.08 -34.09
N ASP E 43 19.24 13.02 -34.71
CA ASP E 43 18.50 11.98 -34.00
C ASP E 43 19.33 10.71 -33.87
N LYS E 44 18.87 9.80 -33.01
CA LYS E 44 19.64 8.64 -32.62
C LYS E 44 19.60 7.56 -33.71
N THR E 45 20.55 6.62 -33.62
CA THR E 45 20.68 5.61 -34.66
C THR E 45 19.46 4.70 -34.75
N THR E 46 18.74 4.55 -33.65
CA THR E 46 17.52 3.74 -33.66
C THR E 46 16.49 4.30 -34.64
N VAL E 47 16.17 5.59 -34.51
CA VAL E 47 15.18 6.17 -35.40
C VAL E 47 15.75 6.38 -36.80
N ILE E 48 17.07 6.51 -36.91
CA ILE E 48 17.70 6.57 -38.23
C ILE E 48 17.46 5.26 -38.99
N ALA E 49 17.67 4.13 -38.30
CA ALA E 49 17.42 2.83 -38.91
C ALA E 49 15.94 2.67 -39.24
N LEU E 50 15.05 3.12 -38.34
CA LEU E 50 13.62 3.02 -38.62
C LEU E 50 13.22 3.84 -39.83
N ARG E 51 13.79 5.04 -39.98
CA ARG E 51 13.49 5.88 -41.14
C ARG E 51 14.06 5.29 -42.42
N GLU E 52 15.24 4.68 -42.35
CA GLU E 52 15.80 4.00 -43.50
C GLU E 52 14.90 2.83 -43.93
N ILE E 53 14.38 2.09 -42.96
CA ILE E 53 13.44 1.01 -43.29
C ILE E 53 12.18 1.58 -43.94
N GLU E 54 11.65 2.68 -43.39
CA GLU E 54 10.44 3.27 -43.94
C GLU E 54 10.66 3.77 -45.36
N GLU E 55 11.84 4.33 -45.65
CA GLU E 55 12.15 4.80 -46.99
C GLU E 55 12.32 3.66 -47.99
N GLY E 56 12.39 2.41 -47.52
CA GLY E 56 12.46 1.27 -48.40
C GLY E 56 13.84 0.86 -48.85
N LEU E 57 14.90 1.46 -48.30
CA LEU E 57 16.26 1.14 -48.70
C LEU E 57 17.03 0.36 -47.65
N ILE E 58 16.34 -0.32 -46.75
CA ILE E 58 16.96 -1.22 -45.77
C ILE E 58 15.97 -2.33 -45.44
N ASN E 59 16.44 -3.58 -45.56
CA ASN E 59 15.61 -4.76 -45.21
C ASN E 59 16.58 -5.88 -44.83
N ASN E 60 16.09 -6.99 -44.28
CA ASN E 60 17.00 -8.06 -43.81
C ASN E 60 17.80 -8.61 -45.00
N GLN E 61 17.16 -8.77 -46.17
CA GLN E 61 17.85 -9.38 -47.33
C GLN E 61 19.05 -8.53 -47.75
N ILE E 62 18.88 -7.20 -47.83
CA ILE E 62 19.99 -6.31 -48.28
C ILE E 62 21.13 -6.37 -47.25
N LEU E 63 20.79 -6.46 -45.96
CA LEU E 63 21.83 -6.59 -44.91
C LEU E 63 22.62 -7.87 -45.19
N ASP E 64 21.92 -8.94 -45.55
CA ASP E 64 22.60 -10.23 -45.87
C ASP E 64 23.49 -10.06 -47.09
N VAL E 65 23.02 -9.35 -48.12
CA VAL E 65 23.80 -9.22 -49.39
C VAL E 65 24.96 -8.24 -49.16
N ARG E 66 24.68 -7.02 -48.69
CA ARG E 66 25.76 -6.09 -48.38
C ARG E 66 26.84 -6.76 -47.54
N GLU E 67 26.44 -7.57 -46.56
CA GLU E 67 27.43 -8.30 -45.76
C GLU E 67 28.24 -9.25 -46.64
N ARG E 68 27.58 -9.95 -47.55
CA ARG E 68 28.28 -10.85 -48.46
C ARG E 68 29.26 -10.09 -49.34
N GLN E 69 28.84 -8.95 -49.89
CA GLN E 69 29.70 -8.17 -50.76
C GLN E 69 30.92 -7.65 -49.99
N GLU E 70 30.71 -7.17 -48.77
CA GLU E 70 31.83 -6.65 -48.00
C GLU E 70 32.75 -7.77 -47.49
N GLN E 71 32.22 -8.98 -47.33
CA GLN E 71 33.08 -10.11 -46.99
C GLN E 71 33.90 -10.56 -48.19
N GLN E 72 33.30 -10.53 -49.38
CA GLN E 72 34.04 -10.87 -50.59
C GLN E 72 35.09 -9.80 -50.93
N GLU E 73 34.82 -8.55 -50.56
CA GLU E 73 35.80 -7.49 -50.81
C GLU E 73 37.07 -7.70 -49.99
N GLN E 74 36.95 -8.32 -48.82
CA GLN E 74 38.10 -8.60 -47.98
C GLN E 74 38.57 -10.05 -48.15
N THR F 1 19.57 4.45 34.88
CA THR F 1 20.29 5.20 33.87
C THR F 1 19.76 6.63 33.76
N ALA F 2 20.63 7.61 34.01
CA ALA F 2 20.22 9.01 33.90
C ALA F 2 19.89 9.37 32.46
N GLY F 3 20.68 8.89 31.50
CA GLY F 3 20.43 9.08 30.09
C GLY F 3 20.67 7.79 29.34
N THR F 4 19.89 7.58 28.27
CA THR F 4 19.98 6.36 27.48
C THR F 4 20.21 6.71 26.02
N PRO F 5 21.20 6.11 25.36
CA PRO F 5 21.41 6.39 23.93
C PRO F 5 20.31 5.78 23.09
N SER F 6 20.02 6.44 21.97
CA SER F 6 19.02 5.92 21.05
C SER F 6 19.50 4.62 20.43
N GLY F 7 18.56 3.73 20.15
CA GLY F 7 18.87 2.45 19.54
C GLY F 7 19.56 2.58 18.20
N ASN F 8 20.65 1.84 18.00
CA ASN F 8 21.37 1.89 16.74
C ASN F 8 20.54 1.29 15.62
N GLY F 9 20.72 1.82 14.42
CA GLY F 9 20.01 1.33 13.25
C GLY F 9 20.31 -0.12 12.93
N VAL F 10 19.27 -0.93 12.82
CA VAL F 10 19.39 -2.35 12.50
C VAL F 10 18.38 -2.70 11.43
N ASP F 11 18.60 -3.85 10.78
CA ASP F 11 17.72 -4.30 9.71
C ASP F 11 17.72 -5.82 9.67
N TYR F 12 16.68 -6.36 9.04
CA TYR F 12 16.54 -7.80 8.84
C TYR F 12 15.68 -8.01 7.61
N GLN F 13 16.02 -9.01 6.80
CA GLN F 13 15.31 -9.25 5.54
C GLN F 13 13.90 -9.75 5.80
N ASP F 14 12.92 -8.97 5.34
CA ASP F 14 11.51 -9.33 5.45
C ASP F 14 11.00 -9.80 4.09
N ASP F 15 10.02 -10.70 4.13
CA ASP F 15 9.43 -11.30 2.93
C ASP F 15 10.48 -11.98 2.08
N GLU F 16 11.41 -12.67 2.76
CA GLU F 16 12.47 -13.40 2.07
C GLU F 16 12.74 -14.67 2.87
N LEU F 17 12.75 -15.81 2.18
CA LEU F 17 12.95 -17.10 2.84
C LEU F 17 14.30 -17.25 3.54
N PRO F 18 15.46 -16.93 2.91
CA PRO F 18 16.71 -16.96 3.67
C PRO F 18 16.89 -15.71 4.52
N VAL F 19 16.31 -15.70 5.72
CA VAL F 19 16.17 -14.49 6.51
C VAL F 19 17.52 -13.83 6.77
N TYR F 20 17.51 -12.49 6.78
CA TYR F 20 18.62 -11.58 7.00
C TYR F 20 19.56 -11.48 5.79
N GLN F 21 19.51 -12.47 4.88
CA GLN F 21 20.33 -12.49 3.69
C GLN F 21 21.71 -11.85 3.92
N GLY F 22 21.97 -10.71 3.29
CA GLY F 22 23.20 -9.98 3.51
C GLY F 22 23.18 -8.65 2.81
N GLU F 23 24.36 -8.03 2.73
CA GLU F 23 24.53 -6.77 2.02
C GLU F 23 25.97 -6.63 1.55
N THR F 24 26.15 -6.27 0.27
CA THR F 24 27.48 -6.03 -0.25
C THR F 24 28.00 -4.68 0.21
N THR F 25 29.32 -4.57 0.30
CA THR F 25 29.97 -3.34 0.72
C THR F 25 31.13 -3.05 -0.23
N GLN F 26 31.47 -1.77 -0.33
CA GLN F 26 32.57 -1.34 -1.17
C GLN F 26 33.84 -1.15 -0.34
N SER F 27 34.94 -1.70 -0.84
CA SER F 27 36.23 -1.59 -0.18
C SER F 27 37.17 -0.79 -1.07
N LEU F 28 38.43 -0.70 -0.65
CA LEU F 28 39.41 0.02 -1.44
C LEU F 28 39.72 -0.73 -2.74
N GLN F 29 39.95 -2.04 -2.64
CA GLN F 29 40.27 -2.82 -3.82
C GLN F 29 39.06 -2.97 -4.73
N ASP F 30 37.86 -3.07 -4.15
CA ASP F 30 36.65 -3.14 -4.96
C ASP F 30 36.44 -1.86 -5.75
N TYR F 31 36.72 -0.71 -5.13
CA TYR F 31 36.59 0.57 -5.81
C TYR F 31 37.71 0.82 -6.80
N LEU F 32 38.89 0.24 -6.58
CA LEU F 32 39.99 0.34 -7.53
C LEU F 32 39.78 -0.58 -8.74
N MET F 33 39.23 -1.76 -8.52
CA MET F 33 38.94 -2.66 -9.63
C MET F 33 37.80 -2.13 -10.49
N TRP F 34 36.87 -1.38 -9.88
CA TRP F 34 35.83 -0.73 -10.65
C TRP F 34 36.41 0.28 -11.62
N GLN F 35 37.41 1.03 -11.18
CA GLN F 35 38.05 2.01 -12.06
C GLN F 35 38.90 1.32 -13.12
N VAL F 36 39.49 0.18 -12.79
CA VAL F 36 40.28 -0.58 -13.77
C VAL F 36 39.39 -1.03 -14.92
N GLU F 37 38.18 -1.49 -14.61
CA GLU F 37 37.25 -1.96 -15.64
C GLU F 37 36.82 -0.84 -16.59
N LEU F 38 36.80 0.41 -16.13
CA LEU F 38 36.30 1.52 -16.93
C LEU F 38 37.40 2.35 -17.56
N THR F 39 38.64 1.88 -17.56
CA THR F 39 39.69 2.56 -18.28
C THR F 39 40.17 1.71 -19.44
N PRO F 40 40.63 2.33 -20.53
CA PRO F 40 41.09 1.54 -21.68
C PRO F 40 42.39 0.80 -21.41
N PHE F 41 42.30 -0.51 -21.24
CA PHE F 41 43.44 -1.37 -20.99
C PHE F 41 43.37 -2.58 -21.91
N THR F 42 44.52 -3.12 -22.25
CA THR F 42 44.57 -4.34 -23.04
C THR F 42 44.39 -5.54 -22.12
N ASP F 43 44.44 -6.75 -22.69
CA ASP F 43 44.28 -7.96 -21.89
C ASP F 43 45.43 -8.12 -20.91
N THR F 44 46.67 -8.01 -21.40
CA THR F 44 47.82 -8.10 -20.52
C THR F 44 47.87 -6.94 -19.55
N ASP F 45 47.51 -5.75 -20.00
CA ASP F 45 47.45 -4.59 -19.11
C ASP F 45 46.42 -4.79 -18.01
N ARG F 46 45.26 -5.36 -18.36
CA ARG F 46 44.25 -5.65 -17.35
C ARG F 46 44.75 -6.69 -16.35
N ALA F 47 45.46 -7.71 -16.84
CA ALA F 47 46.00 -8.73 -15.95
C ALA F 47 47.01 -8.12 -14.97
N ILE F 48 47.90 -7.26 -15.47
CA ILE F 48 48.86 -6.59 -14.60
C ILE F 48 48.14 -5.68 -13.62
N ALA F 49 47.11 -4.97 -14.06
CA ALA F 49 46.36 -4.10 -13.17
C ALA F 49 45.72 -4.89 -12.04
N THR F 50 45.11 -6.03 -12.34
CA THR F 50 44.54 -6.86 -11.30
C THR F 50 45.63 -7.37 -10.36
N SER F 51 46.78 -7.76 -10.91
CA SER F 51 47.87 -8.26 -10.08
C SER F 51 48.36 -7.22 -9.09
N ILE F 52 48.49 -5.96 -9.53
CA ILE F 52 49.03 -4.97 -8.60
C ILE F 52 47.93 -4.38 -7.71
N VAL F 53 46.66 -4.45 -8.13
CA VAL F 53 45.58 -4.02 -7.25
C VAL F 53 45.36 -5.02 -6.12
N ASP F 54 45.54 -6.32 -6.39
CA ASP F 54 45.41 -7.31 -5.32
C ASP F 54 46.43 -7.07 -4.20
N ALA F 55 47.57 -6.45 -4.52
CA ALA F 55 48.64 -6.23 -3.56
C ALA F 55 48.52 -4.91 -2.81
N VAL F 56 47.45 -4.15 -3.02
CA VAL F 56 47.28 -2.87 -2.36
C VAL F 56 46.75 -3.10 -0.95
N ASP F 57 47.40 -2.47 0.05
CA ASP F 57 46.99 -2.65 1.45
C ASP F 57 45.76 -1.78 1.75
N ASP F 58 45.24 -1.86 2.98
CA ASP F 58 44.07 -1.02 3.37
C ASP F 58 44.46 0.46 3.27
N THR F 59 45.70 0.78 3.66
CA THR F 59 46.20 2.18 3.55
C THR F 59 46.21 2.58 2.07
N GLY F 60 46.22 1.60 1.17
CA GLY F 60 46.25 1.88 -0.27
C GLY F 60 47.67 1.83 -0.82
N TYR F 61 48.63 1.40 0.01
CA TYR F 61 50.04 1.31 -0.44
C TYR F 61 50.29 -0.05 -1.11
N LEU F 62 51.41 -0.17 -1.83
CA LEU F 62 51.73 -1.41 -2.53
C LEU F 62 52.68 -2.24 -1.67
N THR F 63 52.14 -3.26 -1.00
CA THR F 63 52.93 -4.03 -0.05
C THR F 63 53.98 -4.90 -0.76
N ILE F 64 53.67 -5.38 -1.96
CA ILE F 64 54.59 -6.26 -2.66
C ILE F 64 55.48 -5.44 -3.58
N GLN F 65 56.65 -5.99 -3.89
CA GLN F 65 57.62 -5.29 -4.72
C GLN F 65 57.22 -5.33 -6.20
N ILE F 66 57.75 -4.38 -6.97
CA ILE F 66 57.50 -4.35 -8.41
C ILE F 66 58.13 -5.56 -9.07
N GLU F 67 59.35 -5.91 -8.68
CA GLU F 67 60.00 -7.09 -9.22
C GLU F 67 59.22 -8.35 -8.89
N ASP F 68 58.62 -8.39 -7.70
CA ASP F 68 57.77 -9.53 -7.35
C ASP F 68 56.51 -9.55 -8.21
N ILE F 69 55.99 -8.38 -8.59
CA ILE F 69 54.87 -8.32 -9.51
C ILE F 69 55.27 -8.90 -10.86
N VAL F 70 56.44 -8.51 -11.36
CA VAL F 70 56.92 -9.05 -12.64
C VAL F 70 57.08 -10.56 -12.55
N ASP F 71 57.60 -11.05 -11.41
CA ASP F 71 57.75 -12.49 -11.21
C ASP F 71 56.41 -13.20 -11.21
N SER F 72 55.40 -12.58 -10.58
CA SER F 72 54.09 -13.22 -10.46
C SER F 72 53.46 -13.46 -11.83
N ILE F 73 53.64 -12.49 -12.74
CA ILE F 73 53.08 -12.62 -14.11
C ILE F 73 53.74 -13.82 -14.79
N GLY F 74 55.07 -13.93 -14.68
CA GLY F 74 55.80 -15.04 -15.33
C GLY F 74 55.50 -15.09 -16.82
N ASP F 75 55.41 -13.93 -17.46
CA ASP F 75 55.06 -13.87 -18.91
C ASP F 75 56.13 -13.07 -19.65
N ASP F 76 56.48 -13.48 -20.87
CA ASP F 76 57.52 -12.78 -21.66
C ASP F 76 57.00 -11.39 -22.08
N GLU F 77 57.90 -10.42 -22.23
CA GLU F 77 57.52 -9.05 -22.65
C GLU F 77 56.66 -8.40 -21.56
N ILE F 78 56.79 -8.85 -20.31
CA ILE F 78 56.05 -8.25 -19.21
C ILE F 78 57.06 -7.78 -18.18
N GLY F 79 58.22 -7.32 -18.64
CA GLY F 79 59.23 -6.79 -17.76
C GLY F 79 58.75 -5.57 -16.99
N LEU F 80 59.62 -5.10 -16.09
CA LEU F 80 59.25 -4.00 -15.21
C LEU F 80 59.03 -2.70 -15.95
N GLU F 81 59.45 -2.60 -17.21
CA GLU F 81 59.28 -1.36 -17.96
C GLU F 81 57.80 -1.04 -18.17
N GLU F 82 57.00 -2.05 -18.50
CA GLU F 82 55.57 -1.85 -18.71
C GLU F 82 54.77 -2.02 -17.42
N VAL F 83 55.27 -2.84 -16.50
CA VAL F 83 54.66 -2.93 -15.18
C VAL F 83 54.68 -1.57 -14.50
N GLU F 84 55.78 -0.83 -14.67
CA GLU F 84 55.86 0.52 -14.12
C GLU F 84 54.84 1.45 -14.76
N ALA F 85 54.64 1.35 -16.08
CA ALA F 85 53.66 2.21 -16.75
C ALA F 85 52.26 1.94 -16.24
N VAL F 86 51.89 0.66 -16.14
CA VAL F 86 50.57 0.32 -15.60
C VAL F 86 50.46 0.77 -14.15
N LEU F 87 51.56 0.67 -13.39
CA LEU F 87 51.54 1.09 -11.99
C LEU F 87 51.26 2.59 -11.87
N LYS F 88 51.92 3.40 -12.72
CA LYS F 88 51.67 4.84 -12.69
C LYS F 88 50.25 5.17 -13.10
N ARG F 89 49.74 4.47 -14.13
CA ARG F 89 48.36 4.67 -14.54
C ARG F 89 47.40 4.39 -13.37
N ILE F 90 47.66 3.33 -12.61
CA ILE F 90 46.80 3.00 -11.49
C ILE F 90 46.98 4.00 -10.35
N GLN F 91 48.21 4.45 -10.12
CA GLN F 91 48.45 5.46 -9.10
C GLN F 91 47.70 6.75 -9.39
N ARG F 92 47.47 7.07 -10.65
CA ARG F 92 46.69 8.26 -11.00
C ARG F 92 45.19 7.96 -11.03
N PHE F 93 44.67 7.35 -9.96
CA PHE F 93 43.26 7.01 -9.85
C PHE F 93 42.59 7.97 -8.86
N ASP F 94 41.32 7.71 -8.55
CA ASP F 94 40.54 8.65 -7.75
C ASP F 94 41.15 8.94 -6.39
N PRO F 95 41.55 7.94 -5.59
CA PRO F 95 42.39 8.26 -4.43
C PRO F 95 43.83 8.51 -4.87
N VAL F 96 44.11 9.73 -5.31
CA VAL F 96 45.40 10.06 -5.93
C VAL F 96 46.53 9.74 -4.96
N GLY F 97 47.56 9.06 -5.46
CA GLY F 97 48.64 8.58 -4.64
C GLY F 97 48.47 7.16 -4.13
N VAL F 98 47.38 6.48 -4.50
CA VAL F 98 47.17 5.11 -4.07
C VAL F 98 48.14 4.18 -4.81
N ALA F 99 48.34 3.00 -4.24
CA ALA F 99 49.23 1.98 -4.82
C ALA F 99 50.63 2.52 -5.04
N ALA F 100 51.15 3.24 -4.06
CA ALA F 100 52.48 3.83 -4.16
C ALA F 100 53.51 2.94 -3.46
N LYS F 101 54.73 2.94 -4.00
CA LYS F 101 55.78 2.08 -3.48
C LYS F 101 56.16 2.47 -2.05
N ASP F 102 56.30 3.75 -1.78
CA ASP F 102 56.70 4.22 -0.45
C ASP F 102 56.19 5.65 -0.26
N LEU F 103 56.60 6.25 0.86
CA LEU F 103 56.09 7.57 1.21
C LEU F 103 56.53 8.64 0.21
N ARG F 104 57.76 8.55 -0.28
CA ARG F 104 58.23 9.50 -1.27
C ARG F 104 57.39 9.43 -2.54
N ASP F 105 57.00 8.22 -2.94
CA ASP F 105 56.20 8.05 -4.15
C ASP F 105 54.84 8.71 -4.01
N CYS F 106 54.21 8.57 -2.84
CA CYS F 106 52.92 9.21 -2.61
C CYS F 106 53.01 10.72 -2.82
N LEU F 107 54.00 11.36 -2.19
CA LEU F 107 54.10 12.81 -2.27
C LEU F 107 54.48 13.26 -3.68
N LEU F 108 55.36 12.51 -4.35
CA LEU F 108 55.74 12.88 -5.71
C LEU F 108 54.57 12.76 -6.67
N ILE F 109 53.76 11.71 -6.54
CA ILE F 109 52.60 11.55 -7.41
C ILE F 109 51.54 12.60 -7.10
N GLN F 110 51.33 12.90 -5.82
CA GLN F 110 50.32 13.89 -5.44
C GLN F 110 50.70 15.28 -5.95
N LEU F 111 51.99 15.64 -5.87
CA LEU F 111 52.44 16.95 -6.32
C LEU F 111 52.47 17.08 -7.84
N SER F 112 52.43 15.97 -8.58
CA SER F 112 52.46 16.06 -10.04
C SER F 112 51.20 16.71 -10.58
N GLN F 113 50.05 16.43 -9.95
CA GLN F 113 48.77 16.95 -10.41
C GLN F 113 48.45 18.22 -9.61
N PHE F 114 49.00 19.33 -10.07
CA PHE F 114 48.71 20.64 -9.48
C PHE F 114 48.68 21.68 -10.60
N ALA F 115 48.53 22.95 -10.23
CA ALA F 115 48.36 24.00 -11.22
C ALA F 115 49.65 24.30 -11.96
N LYS F 116 50.78 23.79 -11.47
CA LYS F 116 52.11 24.04 -12.02
C LYS F 116 52.51 25.50 -11.86
N GLU F 117 51.64 26.30 -11.25
CA GLU F 117 51.92 27.68 -10.89
C GLU F 117 51.81 27.89 -9.39
N THR F 118 51.82 26.81 -8.62
CA THR F 118 51.75 26.89 -7.16
C THR F 118 52.95 27.67 -6.64
N PRO F 119 52.74 28.54 -5.64
CA PRO F 119 53.84 29.41 -5.16
C PRO F 119 55.10 28.66 -4.78
N TRP F 120 55.00 27.46 -4.23
CA TRP F 120 56.17 26.70 -3.82
C TRP F 120 56.06 25.26 -4.26
N LEU F 121 55.57 25.03 -5.48
CA LEU F 121 55.51 23.69 -6.03
C LEU F 121 56.91 23.14 -6.28
N GLU F 122 57.66 23.81 -7.16
CA GLU F 122 59.00 23.33 -7.50
C GLU F 122 59.94 23.41 -6.30
N GLU F 123 59.66 24.29 -5.34
CA GLU F 123 60.49 24.38 -4.14
C GLU F 123 60.38 23.10 -3.31
N ALA F 124 59.21 22.47 -3.31
CA ALA F 124 58.97 21.26 -2.55
C ALA F 124 58.68 20.05 -3.42
N ARG F 125 58.69 20.20 -4.76
CA ARG F 125 58.43 19.07 -5.62
C ARG F 125 59.49 17.99 -5.47
N LEU F 126 60.76 18.37 -5.55
CA LEU F 126 61.84 17.40 -5.47
C LEU F 126 62.81 17.76 -4.37
N ILE F 127 63.02 19.05 -4.14
CA ILE F 127 64.06 19.51 -3.21
C ILE F 127 63.80 18.97 -1.81
N ILE F 128 62.55 18.97 -1.38
CA ILE F 128 62.18 18.48 -0.06
C ILE F 128 61.71 17.03 -0.10
N SER F 129 60.91 16.67 -1.09
CA SER F 129 60.34 15.32 -1.14
C SER F 129 61.37 14.30 -1.63
N ASP F 130 61.89 14.51 -2.84
CA ASP F 130 62.78 13.55 -3.48
C ASP F 130 64.20 13.60 -2.92
N HIS F 131 64.50 14.58 -2.08
CA HIS F 131 65.83 14.69 -1.50
C HIS F 131 65.71 15.28 -0.10
N LEU F 132 66.62 14.87 0.78
CA LEU F 132 66.64 15.31 2.17
C LEU F 132 65.30 15.12 2.85
N ASP F 133 64.66 13.97 2.62
CA ASP F 133 63.41 13.67 3.33
C ASP F 133 63.66 13.47 4.83
N LEU F 134 64.78 12.83 5.18
CA LEU F 134 65.12 12.65 6.59
C LEU F 134 65.36 13.99 7.28
N LEU F 135 65.93 14.95 6.55
CA LEU F 135 66.10 16.29 7.11
C LEU F 135 64.74 16.91 7.43
N ALA F 136 63.78 16.79 6.52
CA ALA F 136 62.43 17.29 6.80
C ALA F 136 61.80 16.54 7.95
N ASN F 137 62.15 15.26 8.13
CA ASN F 137 61.71 14.53 9.31
C ASN F 137 62.28 15.15 10.58
N HIS F 138 63.55 15.58 10.54
CA HIS F 138 64.19 16.24 11.66
C HIS F 138 63.85 17.74 11.60
N ASP F 139 64.55 18.56 12.38
CA ASP F 139 64.25 19.98 12.43
C ASP F 139 64.56 20.67 11.10
N PHE F 140 65.47 20.08 10.30
CA PHE F 140 65.84 20.61 8.99
C PHE F 140 66.42 22.01 9.07
N ARG F 141 67.14 22.31 10.16
CA ARG F 141 67.83 23.59 10.25
C ARG F 141 68.93 23.70 9.21
N THR F 142 69.69 22.62 9.01
CA THR F 142 70.75 22.64 8.00
C THR F 142 70.20 22.52 6.60
N LEU F 143 68.94 22.08 6.46
CA LEU F 143 68.33 21.95 5.13
C LEU F 143 68.27 23.28 4.43
N MET F 144 68.11 24.38 5.18
CA MET F 144 68.11 25.70 4.58
C MET F 144 69.43 25.98 3.87
N ARG F 145 70.54 25.59 4.49
CA ARG F 145 71.84 25.73 3.83
C ARG F 145 71.97 24.74 2.69
N VAL F 146 71.43 23.53 2.84
CA VAL F 146 71.56 22.51 1.80
C VAL F 146 70.85 22.94 0.52
N THR F 147 69.63 23.46 0.64
CA THR F 147 68.86 23.88 -0.51
C THR F 147 69.14 25.32 -0.92
N ARG F 148 70.07 26.00 -0.26
CA ARG F 148 70.44 27.37 -0.58
C ARG F 148 69.22 28.29 -0.56
N LEU F 149 68.35 28.11 0.43
CA LEU F 149 67.15 28.92 0.58
C LEU F 149 67.01 29.35 2.03
N LYS F 150 66.31 30.47 2.23
CA LYS F 150 66.10 30.98 3.58
C LYS F 150 65.16 30.06 4.36
N GLU F 151 65.17 30.23 5.68
CA GLU F 151 64.28 29.45 6.53
C GLU F 151 62.84 29.90 6.37
N GLU F 152 62.64 31.17 6.00
CA GLU F 152 61.29 31.71 5.90
C GLU F 152 60.48 31.01 4.80
N VAL F 153 61.10 30.79 3.64
CA VAL F 153 60.38 30.12 2.55
C VAL F 153 60.15 28.66 2.88
N LEU F 154 61.12 28.02 3.54
CA LEU F 154 60.95 26.63 3.95
C LEU F 154 59.83 26.49 4.96
N LYS F 155 59.60 27.53 5.77
CA LYS F 155 58.55 27.47 6.79
C LYS F 155 57.18 27.22 6.18
N GLU F 156 56.97 27.62 4.92
CA GLU F 156 55.73 27.33 4.22
C GLU F 156 55.88 26.24 3.15
N ALA F 157 57.10 25.96 2.70
CA ALA F 157 57.30 24.78 1.86
C ALA F 157 56.94 23.52 2.62
N VAL F 158 57.39 23.41 3.87
CA VAL F 158 56.98 22.27 4.70
C VAL F 158 55.49 22.35 5.01
N ASN F 159 54.92 23.54 5.03
CA ASN F 159 53.46 23.65 5.20
C ASN F 159 52.73 23.02 4.03
N LEU F 160 53.18 23.29 2.80
CA LEU F 160 52.61 22.62 1.64
C LEU F 160 52.83 21.12 1.69
N ILE F 161 54.03 20.70 2.11
CA ILE F 161 54.31 19.27 2.25
C ILE F 161 53.31 18.61 3.18
N GLN F 162 53.05 19.24 4.32
CA GLN F 162 52.04 18.72 5.25
C GLN F 162 50.64 18.83 4.69
N SER F 163 50.39 19.81 3.81
CA SER F 163 49.08 19.90 3.16
C SER F 163 48.84 18.71 2.25
N LEU F 164 49.90 18.17 1.66
CA LEU F 164 49.76 16.94 0.90
C LEU F 164 49.31 15.79 1.80
N ASP F 165 48.49 14.89 1.23
CA ASP F 165 47.86 13.84 2.03
C ASP F 165 48.89 12.81 2.49
N PRO F 166 48.93 12.49 3.79
CA PRO F 166 49.93 11.52 4.26
C PRO F 166 49.74 10.11 3.72
N ARG F 167 48.56 9.52 3.93
CA ARG F 167 48.28 8.14 3.53
C ARG F 167 47.00 8.12 2.71
N PRO F 168 47.12 8.22 1.38
CA PRO F 168 45.93 8.23 0.54
C PRO F 168 45.42 6.82 0.27
N GLY F 169 44.11 6.72 0.17
CA GLY F 169 43.46 5.44 -0.03
C GLY F 169 42.70 4.92 1.17
N GLN F 170 42.90 5.51 2.36
CA GLN F 170 42.10 5.18 3.52
C GLN F 170 40.94 6.14 3.71
N SER F 171 40.80 7.09 2.79
CA SER F 171 39.67 8.06 2.85
C SER F 171 38.41 7.39 2.30
N ILE F 172 38.53 6.68 1.17
CA ILE F 172 37.37 5.97 0.55
C ILE F 172 36.91 4.88 1.53
N GLN F 173 37.82 4.38 2.36
CA GLN F 173 37.47 3.26 3.29
C GLN F 173 36.29 3.69 4.17
N THR F 174 35.32 2.79 4.37
CA THR F 174 34.12 3.11 5.19
C THR F 174 34.47 3.05 6.68
N GLY F 175 34.34 1.87 7.30
CA GLY F 175 34.59 1.75 8.72
C GLY F 175 33.34 1.59 9.55
N GLU F 176 32.35 0.85 9.04
CA GLU F 176 31.14 0.63 9.80
C GLU F 176 31.35 -0.11 11.13
N PRO F 177 32.19 -1.17 11.23
CA PRO F 177 32.28 -1.90 12.51
C PRO F 177 33.09 -1.11 13.53
N GLU F 178 32.42 -0.64 14.57
CA GLU F 178 33.11 0.12 15.61
C GLU F 178 33.84 -0.77 16.61
N TYR F 179 33.63 -2.09 16.55
CA TYR F 179 34.29 -3.03 17.45
C TYR F 179 34.00 -2.69 18.92
N VAL F 180 32.77 -2.26 19.20
CA VAL F 180 32.43 -1.90 20.57
C VAL F 180 32.44 -3.16 21.44
N ILE F 181 32.51 -2.92 22.76
CA ILE F 181 32.64 -3.99 23.75
C ILE F 181 31.39 -3.98 24.61
N PRO F 182 30.76 -5.13 24.87
CA PRO F 182 29.64 -5.17 25.81
C PRO F 182 30.07 -5.24 27.27
N ASP F 183 31.34 -5.52 27.56
CA ASP F 183 31.87 -5.56 28.92
C ASP F 183 31.11 -6.56 29.79
N VAL F 184 31.32 -7.84 29.45
CA VAL F 184 30.59 -8.94 30.07
C VAL F 184 30.69 -8.94 31.59
N LEU F 185 31.75 -8.33 32.14
CA LEU F 185 31.99 -8.35 33.58
C LEU F 185 32.15 -6.92 34.10
N VAL F 186 31.02 -6.29 34.45
CA VAL F 186 31.10 -4.98 35.07
C VAL F 186 31.52 -5.12 36.53
N ARG F 187 32.41 -4.25 36.97
CA ARG F 187 32.79 -4.21 38.38
C ARG F 187 32.70 -2.76 38.85
N LYS F 188 32.36 -2.58 40.12
CA LYS F 188 32.09 -1.27 40.68
C LYS F 188 32.96 -1.06 41.92
N VAL F 189 32.91 0.15 42.44
CA VAL F 189 33.70 0.52 43.62
C VAL F 189 32.80 0.54 44.85
N ASN F 190 33.17 -0.27 45.83
CA ASN F 190 32.46 -0.36 47.11
C ASN F 190 33.51 -0.33 48.21
N ASP F 191 33.05 -0.65 49.43
CA ASP F 191 33.97 -0.66 50.58
C ASP F 191 35.01 -1.77 50.45
N ARG F 192 34.75 -2.75 49.56
CA ARG F 192 35.72 -3.82 49.31
C ARG F 192 35.85 -4.13 47.82
N TRP F 193 35.27 -3.27 46.97
CA TRP F 193 35.30 -3.47 45.50
C TRP F 193 34.66 -4.80 45.11
N VAL F 194 33.32 -4.88 45.18
CA VAL F 194 32.60 -6.12 44.75
C VAL F 194 32.59 -6.18 43.23
N VAL F 195 32.42 -7.38 42.66
CA VAL F 195 32.37 -7.55 41.18
C VAL F 195 31.11 -8.32 40.82
N GLU F 196 30.61 -8.16 39.58
CA GLU F 196 29.36 -8.84 39.15
C GLU F 196 29.51 -9.33 37.71
N LEU F 197 28.61 -10.22 37.27
CA LEU F 197 28.66 -10.75 35.88
C LEU F 197 27.36 -10.37 35.16
N ASN F 198 27.47 -9.57 34.09
CA ASN F 198 26.29 -9.12 33.35
C ASN F 198 26.21 -9.88 32.04
N SER F 199 25.14 -9.64 31.30
CA SER F 199 24.85 -10.22 29.99
C SER F 199 24.79 -11.74 30.02
N ASP F 200 24.55 -12.35 31.18
CA ASP F 200 24.50 -13.81 31.27
C ASP F 200 23.40 -14.39 30.38
N SER F 201 22.20 -13.81 30.49
CA SER F 201 21.02 -14.24 29.73
C SER F 201 20.69 -15.71 29.95
N LEU F 202 21.25 -16.33 30.99
CA LEU F 202 20.98 -17.72 31.30
C LEU F 202 19.52 -17.92 31.69
N PRO F 203 18.93 -17.10 32.58
CA PRO F 203 17.48 -17.22 32.79
C PRO F 203 16.67 -16.98 31.52
N ARG F 204 17.11 -16.05 30.67
CA ARG F 204 16.41 -15.82 29.41
C ARG F 204 16.50 -17.04 28.50
N LEU F 205 17.67 -17.66 28.42
CA LEU F 205 17.80 -18.88 27.64
C LEU F 205 17.07 -20.04 28.31
N LYS F 206 17.04 -20.05 29.64
CA LYS F 206 16.29 -21.08 30.35
C LYS F 206 14.80 -21.00 30.05
N ILE F 207 14.25 -19.78 30.07
CA ILE F 207 12.81 -19.62 29.84
C ILE F 207 12.46 -19.97 28.41
N ASN F 208 13.27 -19.52 27.45
CA ASN F 208 13.00 -19.83 26.05
C ASN F 208 13.15 -21.32 25.78
N GLN F 209 14.19 -21.95 26.33
CA GLN F 209 14.39 -23.38 26.15
C GLN F 209 13.24 -24.16 26.76
N GLN F 210 12.77 -23.74 27.93
CA GLN F 210 11.56 -24.32 28.50
C GLN F 210 10.39 -24.21 27.53
N TYR F 211 10.00 -22.97 27.20
CA TYR F 211 8.80 -22.74 26.41
C TYR F 211 8.86 -23.42 25.04
N ALA F 212 10.07 -23.71 24.56
CA ALA F 212 10.16 -24.41 23.28
C ALA F 212 10.20 -25.92 23.48
N ALA F 213 11.25 -26.44 24.11
CA ALA F 213 11.43 -27.87 24.23
C ALA F 213 10.45 -28.48 25.22
N MET F 214 10.46 -27.98 26.46
CA MET F 214 9.56 -28.50 27.46
C MET F 214 8.12 -28.13 27.12
N GLY F 215 7.93 -27.03 26.41
CA GLY F 215 6.59 -26.69 25.93
C GLY F 215 6.05 -27.72 24.96
N ASN F 216 6.88 -28.11 23.98
CA ASN F 216 6.47 -29.16 23.03
C ASN F 216 6.24 -30.48 23.75
N SER F 217 7.12 -30.81 24.71
CA SER F 217 6.97 -32.06 25.45
C SER F 217 5.68 -32.06 26.27
N ALA F 218 5.36 -30.93 26.92
CA ALA F 218 4.17 -30.86 27.74
C ALA F 218 2.91 -30.83 26.88
N ARG F 219 3.00 -30.28 25.68
CA ARG F 219 1.88 -30.33 24.75
C ARG F 219 1.52 -31.78 24.47
N ASN F 220 0.35 -32.20 24.92
CA ASN F 220 -0.06 -33.59 24.87
C ASN F 220 -0.67 -33.98 23.53
N ASP F 221 -0.55 -33.12 22.51
CA ASP F 221 -1.04 -33.49 21.19
C ASP F 221 -0.29 -34.69 20.64
N ALA F 222 1.03 -34.71 20.80
CA ALA F 222 1.84 -35.85 20.37
C ALA F 222 1.65 -37.03 21.31
N ASP F 223 1.62 -38.23 20.74
CA ASP F 223 1.46 -39.43 21.54
C ASP F 223 2.68 -39.68 22.41
N GLY F 224 2.47 -40.35 23.53
CA GLY F 224 3.56 -40.62 24.45
C GLY F 224 4.00 -39.37 25.17
N GLN F 225 5.28 -39.34 25.55
CA GLN F 225 5.84 -38.20 26.27
C GLN F 225 7.26 -37.94 25.76
N PHE F 226 7.57 -36.68 25.49
CA PHE F 226 8.89 -36.29 24.99
C PHE F 226 9.77 -35.85 26.16
N ILE F 227 9.97 -36.77 27.09
CA ILE F 227 10.79 -36.49 28.26
C ILE F 227 12.28 -36.61 27.97
N ARG F 228 12.67 -37.29 26.90
CA ARG F 228 14.07 -37.47 26.55
C ARG F 228 14.48 -36.80 25.26
N SER F 229 13.53 -36.48 24.37
CA SER F 229 13.90 -35.90 23.08
C SER F 229 14.49 -34.51 23.22
N ASN F 230 13.82 -33.64 23.99
CA ASN F 230 14.27 -32.26 24.12
C ASN F 230 14.29 -31.82 25.57
N LEU F 231 13.47 -32.46 26.40
CA LEU F 231 13.42 -32.14 27.82
C LEU F 231 14.78 -32.37 28.48
N GLN F 232 15.41 -33.50 28.18
CA GLN F 232 16.81 -33.70 28.56
C GLN F 232 17.77 -33.27 27.46
N GLU F 233 17.55 -32.10 26.88
CA GLU F 233 18.54 -31.39 26.08
C GLU F 233 18.59 -29.95 26.57
N ALA F 234 17.42 -29.42 26.91
CA ALA F 234 17.37 -28.09 27.52
C ALA F 234 18.12 -28.06 28.84
N ARG F 235 18.00 -29.14 29.62
CA ARG F 235 18.74 -29.23 30.88
C ARG F 235 20.23 -29.20 30.64
N TRP F 236 20.71 -29.91 29.63
CA TRP F 236 22.13 -29.89 29.30
C TRP F 236 22.58 -28.50 28.88
N LEU F 237 21.76 -27.81 28.08
CA LEU F 237 22.11 -26.46 27.66
C LEU F 237 22.22 -25.52 28.85
N ILE F 238 21.24 -25.58 29.76
CA ILE F 238 21.27 -24.73 30.94
C ILE F 238 22.47 -25.04 31.81
N LYS F 239 22.77 -26.34 31.99
CA LYS F 239 23.91 -26.72 32.81
C LYS F 239 25.22 -26.22 32.20
N SER F 240 25.37 -26.33 30.88
CA SER F 240 26.58 -25.85 30.23
C SER F 240 26.75 -24.35 30.42
N LEU F 241 25.67 -23.59 30.17
CA LEU F 241 25.77 -22.14 30.32
C LEU F 241 26.08 -21.74 31.76
N GLU F 242 25.42 -22.39 32.73
CA GLU F 242 25.65 -22.04 34.13
C GLU F 242 27.06 -22.40 34.56
N SER F 243 27.58 -23.53 34.08
CA SER F 243 28.95 -23.91 34.41
C SER F 243 29.95 -22.90 33.85
N ALA F 244 29.76 -22.49 32.59
CA ALA F 244 30.65 -21.50 32.01
C ALA F 244 30.59 -20.19 32.78
N ASN F 245 29.39 -19.76 33.15
CA ASN F 245 29.22 -18.51 33.89
C ASN F 245 29.91 -18.59 35.25
N ASP F 246 29.73 -19.71 35.96
CA ASP F 246 30.36 -19.84 37.27
C ASP F 246 31.87 -19.85 37.17
N THR F 247 32.42 -20.57 36.18
CA THR F 247 33.87 -20.59 36.02
C THR F 247 34.41 -19.20 35.72
N LEU F 248 33.76 -18.48 34.81
CA LEU F 248 34.22 -17.12 34.48
C LEU F 248 34.14 -16.22 35.71
N LEU F 249 33.04 -16.31 36.46
CA LEU F 249 32.85 -15.44 37.62
C LEU F 249 33.91 -15.73 38.68
N ARG F 250 34.19 -17.01 38.94
CA ARG F 250 35.18 -17.36 39.95
C ARG F 250 36.57 -16.89 39.53
N VAL F 251 36.93 -17.09 38.27
CA VAL F 251 38.25 -16.68 37.81
C VAL F 251 38.40 -15.17 37.91
N SER F 252 37.37 -14.43 37.45
CA SER F 252 37.43 -12.98 37.53
C SER F 252 37.48 -12.50 38.97
N ARG F 253 36.78 -13.20 39.87
CA ARG F 253 36.85 -12.86 41.29
C ARG F 253 38.26 -13.00 41.81
N CYS F 254 38.93 -14.10 41.45
CA CYS F 254 40.31 -14.29 41.91
C CYS F 254 41.21 -13.19 41.38
N ILE F 255 41.05 -12.84 40.09
CA ILE F 255 41.86 -11.76 39.51
C ILE F 255 41.60 -10.45 40.24
N VAL F 256 40.34 -10.16 40.58
CA VAL F 256 40.01 -8.88 41.21
C VAL F 256 40.58 -8.82 42.61
N GLU F 257 40.39 -9.88 43.40
CA GLU F 257 40.96 -9.88 44.75
C GLU F 257 42.48 -9.82 44.73
N GLN F 258 43.12 -10.36 43.69
CA GLN F 258 44.57 -10.27 43.64
C GLN F 258 45.04 -8.88 43.18
N GLN F 259 44.32 -8.26 42.25
CA GLN F 259 44.73 -6.98 41.66
C GLN F 259 43.94 -5.79 42.18
N GLN F 260 43.33 -5.93 43.36
CA GLN F 260 42.65 -4.80 43.98
C GLN F 260 43.57 -3.60 44.14
N ALA F 261 44.87 -3.84 44.28
CA ALA F 261 45.82 -2.73 44.38
C ALA F 261 45.84 -1.88 43.11
N PHE F 262 45.61 -2.50 41.95
CA PHE F 262 45.56 -1.73 40.70
C PHE F 262 44.41 -0.74 40.70
N PHE F 263 43.22 -1.22 41.07
CA PHE F 263 42.03 -0.36 41.06
C PHE F 263 42.10 0.69 42.17
N GLU F 264 42.65 0.33 43.32
CA GLU F 264 42.76 1.28 44.42
C GLU F 264 43.92 2.23 44.19
N GLN F 265 43.69 3.51 44.49
CA GLN F 265 44.70 4.58 44.35
C GLN F 265 45.21 4.58 42.91
N GLY F 266 46.52 4.66 42.69
CA GLY F 266 47.08 4.69 41.35
C GLY F 266 46.87 3.39 40.59
N GLU F 267 46.96 3.45 39.26
CA GLU F 267 46.68 2.27 38.46
C GLU F 267 47.88 1.32 38.43
N GLU F 268 49.10 1.85 38.27
CA GLU F 268 50.29 1.01 38.07
C GLU F 268 50.73 0.37 39.38
N TYR F 269 49.87 -0.49 39.91
CA TYR F 269 50.16 -1.30 41.08
C TYR F 269 49.86 -2.77 40.80
N MET F 270 50.36 -3.25 39.66
CA MET F 270 50.13 -4.61 39.23
C MET F 270 51.14 -5.56 39.85
N LYS F 271 50.64 -6.67 40.39
CA LYS F 271 51.50 -7.78 40.77
C LYS F 271 51.73 -8.68 39.56
N PRO F 272 52.93 -9.27 39.45
CA PRO F 272 53.19 -10.17 38.32
C PRO F 272 52.40 -11.46 38.44
N MET F 273 51.12 -11.40 38.10
CA MET F 273 50.22 -12.51 38.29
C MET F 273 50.43 -13.60 37.23
N VAL F 274 51.00 -14.72 37.67
CA VAL F 274 51.24 -15.86 36.80
C VAL F 274 49.97 -16.72 36.77
N LEU F 275 49.83 -17.52 35.71
CA LEU F 275 48.66 -18.38 35.57
C LEU F 275 48.53 -19.34 36.75
N ALA F 276 49.66 -19.81 37.28
CA ALA F 276 49.62 -20.74 38.40
C ALA F 276 49.07 -20.07 39.67
N ASP F 277 49.25 -18.76 39.80
CA ASP F 277 48.78 -18.07 41.00
C ASP F 277 47.27 -18.17 41.13
N ILE F 278 46.54 -17.97 40.03
CA ILE F 278 45.09 -18.15 40.06
C ILE F 278 44.72 -19.63 39.95
N ALA F 279 45.58 -20.43 39.31
CA ALA F 279 45.31 -21.87 39.19
C ALA F 279 45.21 -22.50 40.58
N GLN F 280 46.12 -22.15 41.48
CA GLN F 280 46.04 -22.63 42.85
C GLN F 280 44.86 -22.02 43.59
N ALA F 281 44.54 -20.75 43.29
CA ALA F 281 43.44 -20.09 43.98
C ALA F 281 42.11 -20.77 43.69
N VAL F 282 41.86 -21.15 42.44
CA VAL F 282 40.64 -21.85 42.09
C VAL F 282 40.79 -23.36 42.13
N GLU F 283 41.97 -23.87 42.47
CA GLU F 283 42.24 -25.31 42.51
C GLU F 283 41.90 -25.96 41.17
N MET F 284 42.35 -25.34 40.09
CA MET F 284 42.04 -25.79 38.73
C MET F 284 43.25 -25.51 37.84
N HIS F 285 43.36 -26.28 36.75
CA HIS F 285 44.51 -26.16 35.83
C HIS F 285 44.62 -24.74 35.25
N GLU F 286 45.84 -24.28 34.99
CA GLU F 286 46.05 -22.92 34.41
C GLU F 286 45.49 -22.86 32.99
N SER F 287 45.63 -23.93 32.21
CA SER F 287 45.21 -23.89 30.78
C SER F 287 43.73 -23.55 30.67
N THR F 288 42.88 -24.19 31.49
CA THR F 288 41.42 -23.95 31.41
C THR F 288 41.13 -22.49 31.79
N ILE F 289 41.77 -21.99 32.84
CA ILE F 289 41.59 -20.57 33.27
C ILE F 289 42.12 -19.65 32.17
N SER F 290 43.25 -20.01 31.55
CA SER F 290 43.86 -19.16 30.50
C SER F 290 42.87 -19.02 29.33
N ARG F 291 42.50 -20.14 28.70
CA ARG F 291 41.51 -20.09 27.63
C ARG F 291 40.35 -19.19 28.00
N VAL F 292 39.92 -19.23 29.26
CA VAL F 292 38.77 -18.44 29.69
C VAL F 292 39.07 -16.95 29.60
N THR F 293 40.25 -16.53 30.04
CA THR F 293 40.58 -15.12 30.16
C THR F 293 41.20 -14.53 28.89
N THR F 294 40.96 -15.12 27.73
CA THR F 294 41.67 -14.67 26.52
C THR F 294 41.03 -13.43 25.90
N GLN F 295 39.69 -13.38 25.84
CA GLN F 295 39.00 -12.28 25.18
C GLN F 295 37.83 -11.76 26.03
N LYS F 296 37.80 -12.11 27.30
CA LYS F 296 36.77 -11.63 28.21
C LYS F 296 37.19 -10.26 28.72
N TYR F 297 36.23 -9.34 28.75
CA TYR F 297 36.51 -7.95 29.05
C TYR F 297 35.73 -7.53 30.28
N LEU F 298 36.35 -6.68 31.10
CA LEU F 298 35.70 -6.14 32.29
C LEU F 298 35.55 -4.63 32.16
N HIS F 299 34.46 -4.12 32.74
CA HIS F 299 34.13 -2.70 32.70
C HIS F 299 34.63 -2.07 34.00
N SER F 300 35.52 -1.12 33.87
CA SER F 300 36.14 -0.46 35.01
C SER F 300 35.84 1.03 34.99
N PRO F 301 35.66 1.63 36.18
CA PRO F 301 35.54 3.11 36.21
C PRO F 301 36.80 3.80 35.75
N ARG F 302 37.96 3.22 36.01
CA ARG F 302 39.23 3.80 35.57
C ARG F 302 40.17 2.74 35.00
N GLY F 303 39.98 1.49 35.40
CA GLY F 303 40.93 0.45 35.01
C GLY F 303 40.80 0.10 33.53
N ILE F 304 41.83 -0.56 33.01
CA ILE F 304 41.80 -0.96 31.61
C ILE F 304 40.80 -2.10 31.43
N PHE F 305 40.33 -2.26 30.20
CA PHE F 305 39.34 -3.28 29.88
C PHE F 305 40.06 -4.44 29.21
N GLU F 306 40.44 -5.45 30.02
CA GLU F 306 41.20 -6.63 29.49
C GLU F 306 41.72 -7.49 30.65
N LEU F 307 41.30 -8.75 30.75
CA LEU F 307 41.76 -9.67 31.82
C LEU F 307 43.23 -10.04 31.66
N LYS F 308 43.72 -10.25 30.43
CA LYS F 308 45.11 -10.73 30.21
C LYS F 308 46.15 -9.73 30.71
N TYR F 309 45.80 -8.44 30.78
CA TYR F 309 46.79 -7.39 31.17
C TYR F 309 47.34 -7.68 32.57
N PHE F 310 46.52 -8.20 33.48
CA PHE F 310 46.94 -8.40 34.89
C PHE F 310 48.06 -9.45 35.04
N PHE F 311 48.23 -10.35 34.09
CA PHE F 311 49.22 -11.46 34.26
C PHE F 311 50.64 -10.92 34.44
N SER F 312 51.09 -10.00 33.59
CA SER F 312 52.43 -9.37 33.72
C SER F 312 53.42 -10.21 34.54
N SER F 313 53.90 -11.36 34.04
CA SER F 313 54.91 -12.15 34.74
C SER F 313 56.27 -11.51 34.44
N HIS F 314 56.68 -10.58 35.32
CA HIS F 314 57.82 -9.71 35.06
C HIS F 314 58.63 -9.46 36.35
N VAL F 315 58.96 -10.52 37.08
CA VAL F 315 59.68 -10.44 38.35
C VAL F 315 60.85 -9.45 38.31
N ASN F 316 61.45 -9.30 37.13
CA ASN F 316 62.48 -8.31 36.76
C ASN F 316 63.64 -8.24 37.76
N THR F 317 63.76 -9.22 38.65
CA THR F 317 64.79 -9.23 39.69
C THR F 317 64.79 -7.91 40.46
N GLU F 318 63.60 -7.45 40.82
CA GLU F 318 63.46 -6.17 41.51
C GLU F 318 64.04 -6.27 42.91
N GLY F 319 64.48 -5.13 43.45
CA GLY F 319 65.21 -5.12 44.71
C GLY F 319 64.53 -5.91 45.81
N GLY F 320 63.39 -5.42 46.30
CA GLY F 320 62.70 -6.12 47.38
C GLY F 320 61.60 -7.03 46.88
N GLY F 321 61.90 -8.31 46.76
CA GLY F 321 60.93 -9.23 46.19
C GLY F 321 60.88 -9.10 44.68
N GLU F 322 59.67 -8.94 44.16
CA GLU F 322 59.44 -8.89 42.72
C GLU F 322 58.51 -7.72 42.37
N ALA F 323 58.37 -7.46 41.08
CA ALA F 323 57.55 -6.36 40.57
C ALA F 323 56.99 -6.76 39.22
N SER F 324 56.40 -5.79 38.51
CA SER F 324 55.79 -6.02 37.21
C SER F 324 56.32 -5.00 36.23
N SER F 325 56.60 -5.44 34.99
CA SER F 325 57.15 -4.54 33.98
C SER F 325 56.11 -3.54 33.50
N THR F 326 54.84 -3.96 33.45
CA THR F 326 53.79 -3.04 33.00
C THR F 326 53.69 -1.84 33.92
N ALA F 327 53.76 -2.05 35.24
CA ALA F 327 53.90 -0.96 36.18
C ALA F 327 55.21 -0.22 35.97
N ILE F 328 56.29 -0.96 35.74
CA ILE F 328 57.58 -0.35 35.44
C ILE F 328 57.51 0.41 34.13
N ARG F 329 56.77 -0.12 33.15
CA ARG F 329 56.60 0.58 31.87
C ARG F 329 55.85 1.89 32.06
N ALA F 330 54.79 1.87 32.87
CA ALA F 330 54.07 3.11 33.17
C ALA F 330 54.95 4.10 33.90
N LEU F 331 55.77 3.61 34.83
CA LEU F 331 56.70 4.48 35.54
C LEU F 331 57.69 5.13 34.58
N VAL F 332 58.22 4.34 33.64
CA VAL F 332 59.17 4.86 32.67
C VAL F 332 58.51 5.89 31.78
N LYS F 333 57.27 5.61 31.34
CA LYS F 333 56.54 6.57 30.52
C LYS F 333 56.34 7.89 31.25
N LYS F 334 55.92 7.80 32.53
CA LYS F 334 55.68 9.01 33.31
C LYS F 334 56.98 9.78 33.54
N LEU F 335 58.07 9.08 33.81
CA LEU F 335 59.35 9.73 34.06
C LEU F 335 59.88 10.42 32.81
N ILE F 336 59.83 9.74 31.67
CA ILE F 336 60.33 10.26 30.41
C ILE F 336 59.47 11.45 29.97
N ALA F 337 58.16 11.35 30.21
CA ALA F 337 57.27 12.45 29.83
C ALA F 337 57.57 13.72 30.62
N ALA F 338 57.86 13.59 31.91
CA ALA F 338 58.15 14.74 32.77
C ALA F 338 59.66 14.90 32.88
N GLU F 339 60.25 15.59 31.91
CA GLU F 339 61.68 15.85 31.91
C GLU F 339 61.95 17.25 31.39
N ASN F 340 63.23 17.58 31.29
CA ASN F 340 63.66 18.87 30.78
C ASN F 340 63.41 18.94 29.28
N PRO F 341 63.42 20.14 28.69
CA PRO F 341 63.27 20.24 27.23
C PRO F 341 64.32 19.44 26.47
N ALA F 342 65.54 19.36 27.01
CA ALA F 342 66.54 18.48 26.42
C ALA F 342 66.09 17.02 26.49
N LYS F 343 65.54 16.63 27.64
CA LYS F 343 64.98 15.29 27.89
C LYS F 343 66.01 14.21 27.53
N PRO F 344 67.10 14.08 28.28
CA PRO F 344 68.08 13.04 27.95
C PRO F 344 67.49 11.64 28.00
N LEU F 345 66.95 11.23 29.15
CA LEU F 345 66.29 9.93 29.30
C LEU F 345 67.17 8.79 28.77
N SER F 346 68.47 8.88 29.04
CA SER F 346 69.40 7.87 28.57
C SER F 346 69.06 6.52 29.19
N ASP F 347 69.15 5.47 28.38
CA ASP F 347 68.82 4.13 28.87
C ASP F 347 69.68 3.75 30.07
N SER F 348 70.92 4.22 30.10
CA SER F 348 71.75 4.05 31.28
C SER F 348 71.26 4.93 32.43
N LYS F 349 70.97 6.19 32.14
CA LYS F 349 70.50 7.11 33.18
C LYS F 349 69.13 6.70 33.70
N LEU F 350 68.23 6.31 32.79
CA LEU F 350 66.90 5.87 33.21
C LEU F 350 66.98 4.60 34.06
N THR F 351 67.82 3.66 33.66
CA THR F 351 68.00 2.45 34.45
C THR F 351 68.59 2.75 35.82
N SER F 352 69.55 3.69 35.87
CA SER F 352 70.13 4.08 37.16
C SER F 352 69.08 4.72 38.06
N MET F 353 68.23 5.58 37.49
CA MET F 353 67.17 6.19 38.28
C MET F 353 66.18 5.14 38.78
N LEU F 354 65.82 4.18 37.92
CA LEU F 354 64.91 3.12 38.34
C LEU F 354 65.52 2.28 39.45
N SER F 355 66.81 1.95 39.34
CA SER F 355 67.49 1.19 40.39
C SER F 355 67.54 1.97 41.68
N GLU F 356 67.77 3.28 41.61
CA GLU F 356 67.72 4.12 42.80
C GLU F 356 66.33 4.09 43.42
N GLN F 357 65.29 4.09 42.59
CA GLN F 357 63.93 3.96 43.09
C GLN F 357 63.67 2.59 43.70
N GLY F 358 64.51 1.60 43.40
CA GLY F 358 64.37 0.26 43.95
C GLY F 358 64.07 -0.83 42.94
N ILE F 359 64.02 -0.53 41.66
CA ILE F 359 63.74 -1.51 40.62
C ILE F 359 65.06 -1.85 39.94
N MET F 360 65.65 -2.98 40.32
CA MET F 360 66.93 -3.41 39.76
C MET F 360 66.67 -3.99 38.38
N VAL F 361 66.68 -3.12 37.37
CA VAL F 361 66.45 -3.51 35.99
C VAL F 361 67.69 -3.20 35.18
N ALA F 362 67.98 -4.07 34.21
CA ALA F 362 69.14 -3.90 33.36
C ALA F 362 68.99 -2.66 32.49
N ARG F 363 70.13 -2.15 32.01
CA ARG F 363 70.12 -0.96 31.18
C ARG F 363 69.38 -1.18 29.86
N ARG F 364 69.51 -2.35 29.25
CA ARG F 364 68.86 -2.64 27.98
C ARG F 364 67.39 -3.00 28.16
N THR F 365 67.02 -3.48 29.35
CA THR F 365 65.62 -3.80 29.61
C THR F 365 64.74 -2.57 29.52
N VAL F 366 65.22 -1.45 30.05
CA VAL F 366 64.46 -0.19 29.96
C VAL F 366 64.36 0.27 28.51
N ALA F 367 65.40 0.02 27.71
CA ALA F 367 65.39 0.44 26.31
C ALA F 367 64.29 -0.27 25.53
N LYS F 368 64.09 -1.57 25.79
CA LYS F 368 63.02 -2.29 25.11
C LYS F 368 61.66 -1.80 25.56
N TYR F 369 61.54 -1.43 26.84
CA TYR F 369 60.28 -0.87 27.33
C TYR F 369 59.97 0.45 26.64
N ARG F 370 60.98 1.31 26.49
CA ARG F 370 60.78 2.60 25.85
C ARG F 370 60.45 2.42 24.36
N GLU F 371 61.19 1.55 23.67
CA GLU F 371 60.97 1.36 22.25
C GLU F 371 59.65 0.66 21.96
N SER F 372 59.00 0.09 22.98
CA SER F 372 57.72 -0.57 22.77
C SER F 372 56.67 0.42 22.31
N LEU F 373 56.63 1.61 22.93
CA LEU F 373 55.62 2.60 22.53
C LEU F 373 56.15 4.04 22.51
N SER F 374 57.45 4.24 22.33
CA SER F 374 58.00 5.59 22.35
C SER F 374 59.35 5.58 21.62
N ILE F 375 59.94 6.77 21.50
CA ILE F 375 61.24 6.93 20.84
C ILE F 375 62.14 7.72 21.76
N PRO F 376 63.46 7.51 21.69
CA PRO F 376 64.38 8.22 22.58
C PRO F 376 64.40 9.70 22.26
N PRO F 377 64.13 10.55 23.25
CA PRO F 377 64.15 12.00 23.00
C PRO F 377 65.56 12.54 22.85
N SER F 378 66.18 12.30 21.69
CA SER F 378 67.56 12.71 21.41
C SER F 378 68.53 12.16 22.45
N ASN F 379 68.28 10.93 22.91
CA ASN F 379 69.15 10.33 23.90
C ASN F 379 70.47 9.87 23.28
N GLN F 380 70.48 9.67 21.96
CA GLN F 380 71.68 9.23 21.26
C GLN F 380 72.73 10.34 21.21
MG MG J . -6.16 7.01 -6.62
ZN ZN K . 48.25 -21.76 5.89
ZN ZN L . -5.69 -24.07 -37.10
#